data_7E3L
#
_entry.id   7E3L
#
_cell.length_a   1.00
_cell.length_b   1.00
_cell.length_c   1.00
_cell.angle_alpha   90.00
_cell.angle_beta   90.00
_cell.angle_gamma   90.00
#
_symmetry.space_group_name_H-M   'P 1'
#
loop_
_entity.id
_entity.type
_entity.pdbx_description
1 polymer 'Spike glycoprotein'
2 polymer '58G6 heavy chain'
3 polymer '58G6 light chain'
4 non-polymer 2-acetamido-2-deoxy-beta-D-glucopyranose
#
loop_
_entity_poly.entity_id
_entity_poly.type
_entity_poly.pdbx_seq_one_letter_code
_entity_poly.pdbx_strand_id
1 'polypeptide(L)'
;MFVFLVLLPLVSSQCVNLTTRTQLPPAYTNSFTRGVYYPDKVFRSSVLHSTQDLFLPFFSNVTWFHAIHVSGTNGTKRFD
NPVLPFNDGVYFASTEKSNIIRGWIFGTTLDSKTQSLLIVNNATNVVIKVCEFQFCNDPFLGVYYHKNNKSWMESEFRVY
SSANNCTFEYVSQPFLMDLEGKQGNFKNLREFVFKNIDGYFKIYSKHTPINLVRDLPQGFSALEPLVDLPIGINITRFQT
LLALHRSYLTPGDSSSGWTAGAAAYYVGYLQPRTFLLKYNENGTITDAVDCALDPLSETKCTLKSFTVEKGIYQTSNFRV
QPTESIVRFPNITNLCPFGEVFNATRFASVYAWNRKRISNCVADYSVLYNSASFSTFKCYGVSPTKLNDLCFTNVYADSF
VIRGDEVRQIAPGQTGKIADYNYKLPDDFTGCVIAWNSNNLDSKVGGNYNYLYRLFRKSNLKPFERDISTEIYQAGSTPC
NGVEGFNCYFPLQSYGFQPTNGVGYQPYRVVVLSFELLHAPATVCGPKKSTNLVKNKCVNFNFNGLTGTGVLTESNKKFL
PFQQFGRDIADTTDAVRDPQTLEILDITPCSFGGVSVITPGTNTSNQVAVLYQDVNCTEVPVAIHADQLTPTWRVYSTGS
NVFQTRAGCLIGAEHVNNSYECDIPIGAGICASYQTQTNSPGSASSVASQSIIAYTMSLGAENSVAYSNNSIAIPTNFTI
SVTTEILPVSMTKTSVDCTMYICGDSTECSNLLLQYGSFCTQLNRALTGIAVEQDKNTQEVFAQVKQIYKTPPIKDFGGF
NFSQILPDPSKPSKRSFIEDLLFNKVTLADAGFIKQYGDCLGDIAARDLICAQKFNGLTVLPPLLTDEMIAQYTSALLAG
TITSGWTFGAGAALQIPFAMQMAYRFNGIGVTQNVLYENQKLIANQFNSAIGKIQDSLSSTASALGKLQDVVNQNAQALN
TLVKQLSSNFGAISSVLNDILSRLDPPEAEVQIDRLITGRLQSLQTYVTQQLIRAAEIRASANLAATKMSECVLGQSKRV
DFCGKGYHLMSFPQSAPHGVVFLHVTYVPAQEKNFTTAPAICHDGKAHFPREGVFVSNGTHWFVTQRNFYEPQIITTDNT
FVSGNCDVVIGIVNNTVYDPLQPELDSFKEELDKYFKNHTSPDVDLGDISGINASVVNIQKEIDRLNEVAKNLNESLIDL
QELGKYEQGSGYIPEAPRDGQAYVRKDGEWVFLSTFLSGLEVLFQGPGGWSHPQFEKGGGSGGGSGGSAWSHPQFEKGGS
HHHHHHHH
;
A,B,C
2 'polypeptide(L)'
;QMQLVQSGPEVKKPGTSVKVSCKASGFTFSSSAVQWVRQARGQHLEWIGWIVVGSGNTNYAQKFQERVTLTRDMSTRTAY
MELSSLRSEDTAVYYCAAPNCNSTTCHDGFDIWGQGTVVTVSSASTKGPSVFPLAPSSKSTSGGTAALGCLVKDYFPEPV
TVSWNSGALTSGVHTFPAVLQSSGLYSLSSVVTVPSSSLGTQTYICNVNHKPSNTKVDKKV
;
H,F,D
3 'polypeptide(L)'
;EIVLTQSPGTLSLSPGERATLSCRASQSVRSSYLGWYQQKPGQAPRLLIYGASSRATGIPDRFSGSGSGTDFTLTISRLE
SEDFAVYYCQQYDNSPWTFGQGTKVEIKRTVAAPSVFIFPPSDEQLKSGTASVVCLLNNFYPREAKVQWKVDNALQSGNS
QESVTEQDSKDSTYSLSSTLTLSKADYEKHKVYACEVTHQGLSSPVTKSFNRGEC
;
L,G,E
#
loop_
_chem_comp.id
_chem_comp.type
_chem_comp.name
_chem_comp.formula
NAG D-saccharide, beta linking 2-acetamido-2-deoxy-beta-D-glucopyranose 'C8 H15 N O6'
#
# COMPACT_ATOMS: atom_id res chain seq x y z
N ALA A 27 33.78 46.05 25.61
CA ALA A 27 35.15 45.55 25.60
C ALA A 27 35.25 44.28 24.77
N TYR A 28 36.36 44.11 24.05
CA TYR A 28 36.54 42.97 23.17
C TYR A 28 38.00 42.55 23.19
N THR A 29 38.26 41.36 22.64
CA THR A 29 39.62 40.84 22.52
C THR A 29 39.63 39.82 21.40
N ASN A 30 40.82 39.29 21.10
CA ASN A 30 41.08 38.51 19.90
C ASN A 30 41.47 37.09 20.28
N SER A 31 40.57 36.14 20.04
CA SER A 31 40.80 34.74 20.37
C SER A 31 41.81 34.11 19.42
N PHE A 32 43.10 34.19 19.76
CA PHE A 32 44.17 33.85 18.83
C PHE A 32 44.07 32.43 18.28
N THR A 33 44.24 31.44 19.14
CA THR A 33 44.46 30.07 18.68
C THR A 33 43.70 29.04 19.50
N ARG A 34 42.97 29.45 20.52
CA ARG A 34 42.39 28.54 21.47
C ARG A 34 41.01 28.05 21.01
N GLY A 35 40.55 26.98 21.65
CA GLY A 35 39.22 26.46 21.36
C GLY A 35 39.19 25.17 20.57
N VAL A 36 40.08 24.23 20.89
CA VAL A 36 40.17 22.97 20.17
C VAL A 36 39.96 21.83 21.15
N TYR A 37 39.07 20.91 20.80
CA TYR A 37 38.69 19.82 21.68
C TYR A 37 38.58 18.54 20.87
N TYR A 38 38.99 17.42 21.48
CA TYR A 38 38.95 16.13 20.81
C TYR A 38 37.52 15.81 20.42
N PRO A 39 37.17 15.92 19.14
CA PRO A 39 35.75 15.83 18.76
C PRO A 39 35.14 14.46 18.96
N ASP A 40 35.94 13.41 19.13
CA ASP A 40 35.42 12.07 19.35
C ASP A 40 36.40 11.31 20.22
N LYS A 41 36.19 10.00 20.32
CA LYS A 41 36.91 9.16 21.27
C LYS A 41 38.02 8.31 20.66
N VAL A 42 38.21 8.37 19.34
CA VAL A 42 39.17 7.47 18.71
C VAL A 42 40.58 7.93 19.03
N PHE A 43 41.55 7.06 18.78
CA PHE A 43 42.96 7.37 19.02
C PHE A 43 43.71 7.24 17.71
N ARG A 44 44.38 8.33 17.30
CA ARG A 44 45.13 8.36 16.06
C ARG A 44 46.54 8.82 16.35
N SER A 45 47.51 8.26 15.62
CA SER A 45 48.92 8.54 15.87
C SER A 45 49.53 9.20 14.63
N SER A 46 50.10 10.38 14.83
CA SER A 46 50.92 11.09 13.83
C SER A 46 50.20 11.32 12.51
N VAL A 47 48.89 11.20 12.46
CA VAL A 47 48.15 11.37 11.21
C VAL A 47 47.44 12.73 11.27
N LEU A 48 47.35 13.38 10.11
CA LEU A 48 46.63 14.66 9.98
C LEU A 48 45.18 14.37 9.60
N HIS A 49 44.29 14.40 10.59
CA HIS A 49 42.87 14.17 10.34
C HIS A 49 42.15 15.47 10.02
N SER A 50 41.05 15.36 9.29
CA SER A 50 40.26 16.53 8.90
C SER A 50 38.80 16.27 9.21
N THR A 51 38.29 16.89 10.27
CA THR A 51 36.94 16.66 10.75
C THR A 51 36.16 17.97 10.77
N GLN A 52 34.86 17.87 10.48
CA GLN A 52 33.96 19.01 10.46
C GLN A 52 33.03 18.97 11.66
N ASP A 53 33.15 19.96 12.54
CA ASP A 53 32.25 20.09 13.67
C ASP A 53 32.19 21.56 14.09
N LEU A 54 31.63 21.81 15.26
CA LEU A 54 31.47 23.17 15.77
C LEU A 54 32.73 23.53 16.56
N PHE A 55 33.52 24.43 16.00
CA PHE A 55 34.74 24.93 16.63
C PHE A 55 34.65 26.43 16.77
N LEU A 56 35.53 26.98 17.61
CA LEU A 56 35.61 28.43 17.73
C LEU A 56 36.47 28.99 16.60
N PRO A 57 35.88 29.77 15.70
CA PRO A 57 36.66 30.33 14.59
C PRO A 57 37.87 31.09 15.10
N PHE A 58 38.99 30.93 14.40
CA PHE A 58 40.23 31.52 14.86
C PHE A 58 40.16 33.04 14.81
N PHE A 59 40.96 33.67 15.66
CA PHE A 59 41.08 35.13 15.70
C PHE A 59 39.72 35.82 15.81
N SER A 60 38.83 35.26 16.62
CA SER A 60 37.48 35.80 16.71
C SER A 60 37.43 36.86 17.80
N ASN A 61 36.22 37.29 18.15
CA ASN A 61 35.99 38.35 19.13
C ASN A 61 35.44 37.75 20.42
N VAL A 62 36.22 37.80 21.48
CA VAL A 62 35.75 37.39 22.80
C VAL A 62 35.39 38.64 23.58
N THR A 63 34.30 38.56 24.33
CA THR A 63 33.77 39.71 25.06
C THR A 63 34.41 39.79 26.43
N TRP A 64 35.35 40.72 26.59
CA TRP A 64 35.99 40.92 27.88
C TRP A 64 34.96 41.34 28.92
N PHE A 65 34.92 40.65 30.05
CA PHE A 65 33.94 40.92 31.08
C PHE A 65 34.61 41.22 32.41
N HIS A 66 33.81 41.79 33.32
CA HIS A 66 34.12 41.86 34.74
C HIS A 66 32.89 42.36 35.50
N ASN A 81 28.66 38.76 34.47
CA ASN A 81 27.65 39.08 35.47
C ASN A 81 26.21 38.92 34.95
N PRO A 82 25.88 39.50 33.78
CA PRO A 82 24.48 39.41 33.31
C PRO A 82 24.23 38.13 32.52
N VAL A 83 23.00 37.98 32.02
CA VAL A 83 22.69 36.81 31.19
C VAL A 83 23.29 37.01 29.80
N LEU A 84 23.42 35.90 29.08
CA LEU A 84 23.93 35.89 27.72
C LEU A 84 23.22 34.80 26.93
N PRO A 85 23.14 34.95 25.61
CA PRO A 85 22.55 33.91 24.77
C PRO A 85 23.46 32.69 24.65
N PHE A 86 22.90 31.65 24.05
CA PHE A 86 23.50 30.33 23.96
C PHE A 86 23.32 29.77 22.56
N ASN A 87 23.68 30.57 21.55
CA ASN A 87 23.34 30.27 20.15
C ASN A 87 23.57 28.80 19.80
N ASP A 88 24.81 28.34 19.85
CA ASP A 88 25.08 26.93 19.66
C ASP A 88 26.21 26.39 20.53
N GLY A 89 26.78 27.20 21.40
CA GLY A 89 27.89 26.77 22.22
C GLY A 89 28.58 27.97 22.82
N VAL A 90 29.58 27.68 23.64
CA VAL A 90 30.29 28.72 24.39
C VAL A 90 31.73 28.29 24.52
N TYR A 91 32.63 29.28 24.61
CA TYR A 91 34.02 29.04 24.95
C TYR A 91 34.33 29.76 26.25
N PHE A 92 33.51 29.53 27.27
CA PHE A 92 33.74 30.17 28.55
C PHE A 92 35.15 29.86 29.03
N ALA A 93 35.87 30.91 29.42
CA ALA A 93 37.21 30.77 29.94
C ALA A 93 37.31 31.56 31.23
N SER A 94 38.52 31.70 31.77
CA SER A 94 38.76 32.57 32.91
C SER A 94 40.25 32.61 33.22
N THR A 95 40.74 33.75 33.71
CA THR A 95 42.11 33.85 34.20
C THR A 95 42.01 34.33 35.65
N GLU A 96 41.79 33.38 36.54
CA GLU A 96 41.41 33.67 37.91
C GLU A 96 42.60 33.54 38.84
N LYS A 97 42.42 34.06 40.04
CA LYS A 97 43.40 34.03 41.13
C LYS A 97 42.87 33.34 42.38
N SER A 98 41.66 33.69 42.83
CA SER A 98 41.14 33.13 44.08
C SER A 98 39.78 32.47 43.89
N ASN A 99 39.58 31.84 42.73
CA ASN A 99 38.37 31.06 42.45
C ASN A 99 37.09 31.87 42.64
N ILE A 100 37.12 33.17 42.31
CA ILE A 100 35.94 34.01 42.47
C ILE A 100 34.78 33.47 41.65
N ILE A 101 35.06 32.95 40.46
CA ILE A 101 34.03 32.39 39.59
C ILE A 101 33.67 31.01 40.14
N ARG A 102 32.40 30.82 40.48
CA ARG A 102 31.98 29.55 41.07
C ARG A 102 31.23 28.64 40.09
N GLY A 103 30.15 29.12 39.48
CA GLY A 103 29.35 28.20 38.70
C GLY A 103 28.51 28.89 37.65
N TRP A 104 27.65 28.10 37.02
CA TRP A 104 26.83 28.53 35.90
C TRP A 104 25.35 28.42 36.24
N ILE A 105 24.54 28.91 35.31
CA ILE A 105 23.09 28.75 35.31
C ILE A 105 22.65 28.71 33.86
N PHE A 106 21.77 27.78 33.53
CA PHE A 106 21.37 27.57 32.14
C PHE A 106 19.85 27.69 32.05
N GLY A 107 19.30 27.31 30.91
CA GLY A 107 17.86 27.22 30.80
C GLY A 107 17.27 28.15 29.78
N THR A 108 16.01 27.90 29.39
CA THR A 108 15.35 28.75 28.41
C THR A 108 14.73 29.98 29.07
N THR A 109 13.79 29.78 29.99
CA THR A 109 13.12 30.89 30.65
C THR A 109 13.84 31.37 31.90
N LEU A 110 14.91 30.68 32.31
CA LEU A 110 15.77 31.11 33.41
C LEU A 110 15.04 31.22 34.74
N ASP A 111 13.82 30.71 34.85
CA ASP A 111 13.12 30.72 36.12
C ASP A 111 12.09 29.59 36.11
N SER A 112 11.13 29.64 37.04
CA SER A 112 10.14 28.59 37.18
C SER A 112 9.33 28.41 35.90
N LYS A 113 8.54 27.33 35.88
CA LYS A 113 7.73 26.83 34.78
C LYS A 113 8.56 26.12 33.71
N THR A 114 9.88 26.01 33.89
CA THR A 114 10.76 25.28 32.98
C THR A 114 12.04 24.94 33.74
N GLN A 115 12.46 23.68 33.63
CA GLN A 115 13.69 23.25 34.28
C GLN A 115 14.89 24.05 33.81
N SER A 116 15.91 24.11 34.67
CA SER A 116 17.07 24.96 34.44
C SER A 116 18.26 24.35 35.17
N LEU A 117 19.19 23.77 34.42
CA LEU A 117 20.40 23.16 34.98
C LEU A 117 21.17 24.15 35.86
N LEU A 118 21.99 23.62 36.76
CA LEU A 118 22.76 24.46 37.68
C LEU A 118 24.02 23.72 38.10
N ILE A 119 25.18 24.21 37.67
CA ILE A 119 26.47 23.69 38.08
C ILE A 119 27.08 24.65 39.10
N VAL A 120 27.48 24.12 40.26
CA VAL A 120 27.93 24.96 41.37
C VAL A 120 29.03 24.22 42.12
N ASN A 121 30.05 24.97 42.55
CA ASN A 121 31.08 24.48 43.47
C ASN A 121 31.01 25.39 44.71
N ASN A 122 30.26 24.96 45.72
CA ASN A 122 30.21 25.70 46.98
C ASN A 122 31.20 25.15 48.00
N ALA A 123 32.46 25.01 47.59
CA ALA A 123 33.55 24.54 48.43
C ALA A 123 33.27 23.18 49.06
N THR A 124 32.26 22.46 48.59
CA THR A 124 32.02 21.08 48.97
C THR A 124 32.11 20.11 47.81
N ASN A 125 31.37 20.36 46.73
CA ASN A 125 31.30 19.42 45.61
C ASN A 125 30.55 20.08 44.47
N VAL A 126 30.61 19.43 43.31
CA VAL A 126 30.08 20.00 42.07
C VAL A 126 28.62 19.58 42.00
N VAL A 127 27.77 20.35 42.69
CA VAL A 127 26.39 19.94 42.88
C VAL A 127 25.55 20.26 41.66
N ILE A 128 25.41 19.29 40.77
CA ILE A 128 24.57 19.45 39.59
C ILE A 128 23.12 19.17 39.98
N LYS A 129 22.21 20.04 39.54
CA LYS A 129 20.79 19.84 39.71
C LYS A 129 20.07 20.29 38.46
N VAL A 130 18.82 19.85 38.32
CA VAL A 130 17.96 20.31 37.23
C VAL A 130 16.64 20.79 37.82
N CYS A 131 16.68 21.31 39.05
CA CYS A 131 15.46 21.76 39.70
C CYS A 131 15.04 23.13 39.14
N GLU A 132 13.78 23.24 38.76
CA GLU A 132 13.26 24.43 38.10
C GLU A 132 13.10 25.62 39.05
N PHE A 133 14.21 26.21 39.48
CA PHE A 133 14.18 27.24 40.51
C PHE A 133 13.35 28.45 40.07
N GLN A 134 13.07 29.29 41.06
CA GLN A 134 12.68 30.67 40.85
C GLN A 134 13.90 31.51 41.20
N PHE A 135 14.57 32.03 40.17
CA PHE A 135 15.92 32.54 40.33
C PHE A 135 15.94 33.99 40.78
N CYS A 136 17.10 34.40 41.29
CA CYS A 136 17.35 35.78 41.73
C CYS A 136 18.28 36.45 40.74
N ASN A 137 18.02 37.71 40.45
CA ASN A 137 18.81 38.44 39.47
C ASN A 137 20.20 38.84 39.98
N ASP A 138 20.70 38.37 41.13
CA ASP A 138 22.06 38.69 41.53
C ASP A 138 22.58 37.73 42.58
N PRO A 139 22.78 36.45 42.26
CA PRO A 139 23.19 35.47 43.26
C PRO A 139 24.71 35.38 43.37
N PHE A 140 25.16 34.68 44.41
CA PHE A 140 26.56 34.34 44.59
C PHE A 140 26.74 33.38 45.76
N ASN A 164 12.62 23.70 43.57
CA ASN A 164 11.32 23.20 43.01
C ASN A 164 11.45 21.74 42.60
N ASN A 165 10.63 21.29 41.65
CA ASN A 165 10.64 19.86 41.20
C ASN A 165 11.97 19.57 40.49
N CYS A 166 12.65 18.48 40.86
CA CYS A 166 13.93 18.09 40.19
C CYS A 166 13.73 16.80 39.40
N THR A 167 14.41 16.67 38.24
CA THR A 167 14.30 15.43 37.43
C THR A 167 15.68 14.83 37.22
N PHE A 168 16.61 15.09 38.12
CA PHE A 168 18.01 14.70 38.01
C PHE A 168 18.78 15.39 39.11
N GLU A 169 19.92 14.81 39.47
CA GLU A 169 20.84 15.43 40.43
C GLU A 169 22.17 14.71 40.35
N TYR A 170 23.15 15.29 41.04
CA TYR A 170 24.46 14.69 41.28
C TYR A 170 25.18 15.59 42.27
N VAL A 171 25.97 14.96 43.13
CA VAL A 171 26.85 15.66 44.06
C VAL A 171 28.13 14.86 44.16
N SER A 172 29.26 15.53 43.96
CA SER A 172 30.56 14.90 44.13
C SER A 172 30.98 14.86 45.60
N PHE A 186 47.02 36.60 38.48
CA PHE A 186 46.24 35.65 37.70
C PHE A 186 47.09 34.44 37.36
N LYS A 187 46.70 33.26 37.87
CA LYS A 187 47.49 32.06 37.61
C LYS A 187 46.68 30.83 37.26
N ASN A 188 45.35 30.92 37.11
CA ASN A 188 44.57 29.76 36.69
C ASN A 188 43.79 30.09 35.43
N LEU A 189 43.92 29.26 34.41
CA LEU A 189 43.08 29.36 33.21
C LEU A 189 42.24 28.09 33.10
N ARG A 190 40.95 28.19 33.43
CA ARG A 190 40.05 27.05 33.34
C ARG A 190 39.17 27.23 32.11
N GLU A 191 39.67 26.78 30.97
CA GLU A 191 38.91 26.87 29.73
C GLU A 191 37.83 25.79 29.71
N PHE A 192 36.69 26.13 29.10
CA PHE A 192 35.54 25.24 29.08
C PHE A 192 34.79 25.37 27.77
N VAL A 193 34.13 24.29 27.37
CA VAL A 193 33.24 24.29 26.21
C VAL A 193 32.01 23.46 26.55
N PHE A 194 30.83 23.98 26.21
CA PHE A 194 29.56 23.36 26.52
C PHE A 194 28.77 23.24 25.24
N LYS A 195 28.05 22.13 25.04
CA LYS A 195 27.22 22.10 23.83
C LYS A 195 26.23 20.94 23.87
N ASN A 196 25.25 21.02 22.99
CA ASN A 196 24.28 19.94 22.81
C ASN A 196 24.29 19.43 21.37
N TYR A 200 22.16 15.67 23.50
CA TYR A 200 22.15 16.17 24.87
C TYR A 200 23.46 16.85 25.24
N PHE A 201 23.72 17.00 26.54
CA PHE A 201 24.69 17.98 27.01
C PHE A 201 26.08 17.37 27.13
N LYS A 202 27.08 18.06 26.56
CA LYS A 202 28.47 17.63 26.64
C LYS A 202 29.31 18.77 27.19
N ILE A 203 30.43 18.42 27.82
CA ILE A 203 31.35 19.41 28.40
C ILE A 203 32.78 18.99 28.16
N TYR A 204 33.64 19.98 27.86
CA TYR A 204 35.07 19.79 27.74
C TYR A 204 35.77 20.86 28.57
N SER A 205 36.96 20.55 29.09
CA SER A 205 37.61 21.46 30.01
C SER A 205 39.12 21.39 29.86
N LYS A 206 39.80 22.33 30.54
CA LYS A 206 41.26 22.37 30.59
C LYS A 206 41.77 23.37 31.63
N HIS A 207 42.71 22.97 32.47
CA HIS A 207 43.12 23.74 33.63
C HIS A 207 44.61 24.06 33.51
N THR A 208 44.94 25.17 32.86
CA THR A 208 46.33 25.46 32.56
C THR A 208 46.89 26.56 33.47
N PRO A 209 48.13 26.38 33.96
CA PRO A 209 48.79 27.46 34.69
C PRO A 209 49.28 28.56 33.76
N ILE A 210 49.09 29.81 34.18
CA ILE A 210 49.48 30.98 33.41
C ILE A 210 50.01 32.05 34.36
N ASN A 211 50.37 33.20 33.79
CA ASN A 211 50.89 34.32 34.56
C ASN A 211 50.71 35.64 33.80
N ASP A 215 43.90 40.60 28.01
CA ASP A 215 45.05 39.80 28.37
C ASP A 215 44.72 38.31 28.32
N LEU A 216 44.47 37.80 27.11
CA LEU A 216 44.24 36.38 26.92
C LEU A 216 45.46 35.73 26.26
N PRO A 217 46.19 34.88 26.96
CA PRO A 217 47.50 34.42 26.46
C PRO A 217 47.38 33.63 25.16
N GLN A 218 48.23 33.96 24.20
CA GLN A 218 48.32 33.21 22.96
C GLN A 218 48.86 31.81 23.24
N GLY A 219 48.98 31.01 22.18
CA GLY A 219 49.42 29.64 22.29
C GLY A 219 48.30 28.65 22.00
N PHE A 220 48.61 27.37 22.23
CA PHE A 220 47.75 26.26 21.82
C PHE A 220 47.56 25.27 22.95
N SER A 221 46.32 24.80 23.10
CA SER A 221 46.00 23.79 24.11
C SER A 221 44.67 23.14 23.77
N ALA A 222 44.67 21.81 23.59
CA ALA A 222 43.45 21.08 23.31
C ALA A 222 42.59 20.96 24.57
N LEU A 223 41.38 20.44 24.40
CA LEU A 223 40.42 20.27 25.48
C LEU A 223 39.93 18.83 25.55
N GLU A 224 40.16 18.18 26.71
CA GLU A 224 39.70 16.81 26.95
C GLU A 224 38.21 16.79 27.32
N PRO A 225 37.46 15.80 26.83
CA PRO A 225 36.04 15.66 27.21
C PRO A 225 35.85 15.03 28.57
N LEU A 226 35.49 15.85 29.56
CA LEU A 226 35.39 15.32 30.93
C LEU A 226 33.99 14.86 31.33
N VAL A 227 32.91 15.40 30.76
CA VAL A 227 31.56 14.97 31.16
C VAL A 227 30.62 14.89 29.97
N ASP A 228 29.67 13.96 30.06
CA ASP A 228 28.47 13.92 29.23
C ASP A 228 27.25 13.75 30.13
N LEU A 229 26.18 14.47 29.83
CA LEU A 229 24.96 14.49 30.63
C LEU A 229 23.77 14.26 29.70
N PRO A 230 22.99 13.19 29.92
CA PRO A 230 21.81 12.86 29.09
C PRO A 230 20.52 13.43 29.69
N ILE A 231 20.39 14.76 29.66
CA ILE A 231 19.32 15.43 30.38
C ILE A 231 18.22 15.96 29.47
N GLY A 232 18.43 16.02 28.17
CA GLY A 232 17.39 16.41 27.25
C GLY A 232 16.72 17.75 27.52
N ILE A 233 17.32 18.56 28.40
CA ILE A 233 16.74 19.86 28.72
C ILE A 233 16.83 20.75 27.48
N ASN A 234 15.92 21.71 27.39
CA ASN A 234 15.91 22.69 26.31
C ASN A 234 16.54 23.99 26.81
N ILE A 235 17.65 24.39 26.19
CA ILE A 235 18.42 25.55 26.63
C ILE A 235 18.45 26.59 25.52
N THR A 236 18.38 27.87 25.92
CA THR A 236 18.56 28.96 24.98
C THR A 236 19.34 30.13 25.57
N ARG A 237 19.61 30.14 26.88
CA ARG A 237 20.30 31.25 27.51
C ARG A 237 21.08 30.71 28.71
N PHE A 238 21.97 31.54 29.24
CA PHE A 238 22.74 31.15 30.40
C PHE A 238 23.27 32.39 31.09
N GLN A 239 23.93 32.18 32.23
CA GLN A 239 24.37 33.26 33.08
C GLN A 239 25.63 32.80 33.80
N THR A 240 25.98 33.45 34.90
CA THR A 240 27.21 33.10 35.59
C THR A 240 27.08 33.44 37.06
N LEU A 241 27.65 32.58 37.90
CA LEU A 241 27.71 32.80 39.33
C LEU A 241 29.04 33.46 39.72
N LEU A 242 29.06 34.03 40.91
CA LEU A 242 30.27 34.62 41.49
C LEU A 242 30.19 34.64 43.00
N ALA A 263 39.06 39.46 38.96
CA ALA A 263 39.10 38.38 37.97
C ALA A 263 38.17 38.68 36.80
N ALA A 264 38.45 38.06 35.66
CA ALA A 264 37.70 38.30 34.44
C ALA A 264 37.55 37.01 33.67
N TYR A 265 36.58 36.98 32.76
CA TYR A 265 36.37 35.83 31.90
C TYR A 265 36.01 36.32 30.49
N TYR A 266 35.84 35.39 29.56
CA TYR A 266 35.58 35.72 28.17
C TYR A 266 34.63 34.69 27.58
N VAL A 267 33.85 35.11 26.58
CA VAL A 267 32.76 34.30 26.01
C VAL A 267 32.92 34.22 24.49
N GLY A 268 33.40 33.09 23.99
CA GLY A 268 33.37 32.82 22.57
C GLY A 268 31.99 32.41 22.07
N TYR A 269 31.95 31.92 20.83
CA TYR A 269 30.73 31.33 20.25
C TYR A 269 31.10 30.37 19.14
N LEU A 270 30.86 29.08 19.35
CA LEU A 270 31.19 28.06 18.36
C LEU A 270 30.43 28.27 17.06
N GLN A 271 31.01 27.77 15.97
CA GLN A 271 30.40 27.78 14.65
C GLN A 271 30.79 26.50 13.93
N PRO A 272 29.98 26.06 12.95
CA PRO A 272 30.28 24.82 12.18
C PRO A 272 31.39 24.95 11.14
N ARG A 273 32.62 24.78 11.59
CA ARG A 273 33.77 25.04 10.72
C ARG A 273 34.70 23.83 10.66
N THR A 274 35.09 23.46 9.45
CA THR A 274 36.01 22.34 9.25
C THR A 274 37.42 22.75 9.65
N PHE A 275 38.08 21.90 10.44
CA PHE A 275 39.47 22.12 10.81
C PHE A 275 40.34 20.98 10.29
N LEU A 276 41.61 21.02 10.67
CA LEU A 276 42.59 20.00 10.32
C LEU A 276 43.45 19.77 11.55
N LEU A 277 43.34 18.61 12.16
CA LEU A 277 44.00 18.30 13.42
C LEU A 277 45.27 17.51 13.14
N LYS A 278 46.29 17.79 13.93
CA LYS A 278 47.58 17.12 13.86
C LYS A 278 47.77 16.30 15.12
N TYR A 279 47.31 15.05 15.08
CA TYR A 279 47.61 14.12 16.16
C TYR A 279 49.10 13.82 16.16
N ASN A 280 49.72 13.89 17.32
CA ASN A 280 51.12 13.51 17.44
C ASN A 280 51.21 12.00 17.55
N GLU A 281 52.37 11.47 17.95
CA GLU A 281 52.51 10.03 18.04
C GLU A 281 51.82 9.47 19.28
N ASN A 282 51.67 10.27 20.33
CA ASN A 282 50.99 9.82 21.54
C ASN A 282 49.48 9.88 21.44
N GLY A 283 48.94 10.36 20.33
CA GLY A 283 47.51 10.60 20.25
C GLY A 283 47.08 11.93 20.81
N THR A 284 48.01 12.87 20.95
CA THR A 284 47.72 14.19 21.50
C THR A 284 47.68 15.22 20.38
N ILE A 285 46.57 15.93 20.27
CA ILE A 285 46.47 16.99 19.27
C ILE A 285 47.54 18.03 19.57
N THR A 286 48.39 18.32 18.59
CA THR A 286 49.44 19.31 18.78
C THR A 286 49.23 20.58 17.97
N ASP A 287 48.36 20.57 16.96
CA ASP A 287 48.22 21.75 16.12
C ASP A 287 47.04 21.56 15.17
N ALA A 288 46.40 22.66 14.82
CA ALA A 288 45.26 22.63 13.92
C ALA A 288 45.33 23.81 12.95
N VAL A 289 44.57 23.70 11.87
CA VAL A 289 44.54 24.69 10.80
C VAL A 289 43.09 24.95 10.42
N ASP A 290 42.61 26.17 10.63
CA ASP A 290 41.25 26.51 10.26
C ASP A 290 41.14 26.49 8.74
N CYS A 291 40.36 25.55 8.22
CA CYS A 291 40.28 25.26 6.80
C CYS A 291 39.47 26.30 6.02
N ALA A 292 39.12 27.43 6.63
CA ALA A 292 38.45 28.48 5.86
C ALA A 292 38.94 29.88 6.21
N LEU A 293 40.07 30.01 6.91
CA LEU A 293 40.50 31.32 7.38
C LEU A 293 40.94 32.21 6.22
N ASP A 294 41.89 31.74 5.41
CA ASP A 294 42.39 32.53 4.30
C ASP A 294 42.96 31.58 3.24
N PRO A 295 43.13 32.06 2.01
CA PRO A 295 43.58 31.18 0.92
C PRO A 295 44.76 30.28 1.26
N LEU A 296 45.79 30.81 1.92
CA LEU A 296 46.90 29.95 2.34
C LEU A 296 46.39 28.76 3.15
N SER A 297 45.42 29.01 4.02
CA SER A 297 44.91 27.95 4.88
C SER A 297 44.07 26.97 4.08
N GLU A 298 43.28 27.47 3.13
CA GLU A 298 42.55 26.56 2.25
C GLU A 298 43.52 25.67 1.48
N THR A 299 44.68 26.21 1.10
CA THR A 299 45.67 25.41 0.41
C THR A 299 46.23 24.34 1.33
N LYS A 300 46.70 24.73 2.51
CA LYS A 300 47.21 23.76 3.48
C LYS A 300 46.17 22.68 3.76
N CYS A 301 44.89 23.02 3.68
CA CYS A 301 43.84 22.07 4.01
C CYS A 301 43.56 21.12 2.87
N THR A 302 43.57 21.63 1.63
CA THR A 302 43.34 20.74 0.50
C THR A 302 44.53 19.83 0.24
N LEU A 303 45.73 20.26 0.58
CA LEU A 303 46.91 19.41 0.39
C LEU A 303 47.07 18.36 1.48
N LYS A 304 46.28 18.42 2.56
CA LYS A 304 46.46 17.55 3.71
C LYS A 304 47.89 17.63 4.23
N SER A 305 48.47 18.82 4.20
CA SER A 305 49.84 19.01 4.63
C SER A 305 49.97 20.32 5.39
N PHE A 306 51.01 20.39 6.22
CA PHE A 306 51.35 21.61 6.94
C PHE A 306 52.44 22.41 6.25
N THR A 307 52.90 21.96 5.08
CA THR A 307 53.87 22.68 4.27
C THR A 307 53.55 22.38 2.82
N VAL A 308 53.63 23.41 1.98
CA VAL A 308 53.36 23.27 0.55
C VAL A 308 54.54 23.83 -0.24
N GLU A 309 55.15 23.00 -1.06
CA GLU A 309 56.22 23.46 -1.93
C GLU A 309 55.68 24.44 -2.97
N LYS A 310 56.55 25.32 -3.44
CA LYS A 310 56.19 26.36 -4.39
C LYS A 310 55.40 25.79 -5.56
N GLY A 311 54.36 26.51 -5.96
CA GLY A 311 53.56 26.09 -7.10
C GLY A 311 52.30 26.92 -7.24
N ILE A 312 51.33 26.35 -7.96
CA ILE A 312 50.01 26.94 -8.13
C ILE A 312 48.97 25.84 -8.00
N TYR A 313 48.19 25.87 -6.93
CA TYR A 313 47.21 24.84 -6.62
C TYR A 313 45.80 25.43 -6.77
N GLN A 314 44.84 24.58 -7.11
CA GLN A 314 43.45 24.99 -7.23
C GLN A 314 42.71 24.55 -5.98
N THR A 315 41.97 25.47 -5.36
CA THR A 315 41.33 25.19 -4.09
C THR A 315 39.80 25.19 -4.17
N SER A 316 39.19 26.30 -4.62
CA SER A 316 37.75 26.41 -4.46
C SER A 316 37.06 26.88 -5.73
N ASN A 317 35.77 27.19 -5.63
CA ASN A 317 34.92 27.48 -6.78
C ASN A 317 34.19 28.81 -6.59
N PHE A 318 34.73 29.85 -7.19
CA PHE A 318 34.05 31.15 -7.22
C PHE A 318 32.71 31.05 -7.93
N ARG A 319 31.66 31.58 -7.31
CA ARG A 319 30.33 31.56 -7.93
C ARG A 319 29.48 32.72 -7.42
N VAL A 320 29.12 33.64 -8.33
CA VAL A 320 28.22 34.74 -7.95
C VAL A 320 26.88 34.15 -7.51
N GLN A 321 26.19 34.86 -6.62
CA GLN A 321 24.86 34.39 -6.24
C GLN A 321 23.75 35.28 -6.79
N PRO A 322 22.60 34.68 -7.12
CA PRO A 322 21.45 35.45 -7.64
C PRO A 322 20.87 36.37 -6.60
N THR A 323 20.95 37.68 -6.84
CA THR A 323 20.60 38.66 -5.82
C THR A 323 19.09 38.71 -5.56
N GLU A 324 18.29 38.75 -6.62
CA GLU A 324 16.85 38.98 -6.45
C GLU A 324 16.06 38.31 -7.56
N SER A 325 14.87 37.83 -7.20
CA SER A 325 13.99 37.17 -8.16
C SER A 325 13.12 38.21 -8.86
N ILE A 326 12.62 37.83 -10.04
CA ILE A 326 11.82 38.72 -10.87
C ILE A 326 10.77 37.88 -11.58
N VAL A 327 9.61 38.47 -11.84
CA VAL A 327 8.48 37.77 -12.44
C VAL A 327 7.80 38.67 -13.46
N ARG A 328 7.48 38.13 -14.63
CA ARG A 328 6.89 38.94 -15.69
C ARG A 328 5.77 38.20 -16.40
N PHE A 329 4.63 38.88 -16.59
CA PHE A 329 3.45 38.31 -17.21
C PHE A 329 2.76 39.37 -18.07
N PRO A 330 2.03 39.02 -19.18
CA PRO A 330 1.46 40.06 -20.04
C PRO A 330 0.47 40.97 -19.30
N ASN A 331 0.38 42.24 -19.71
CA ASN A 331 -0.56 43.21 -19.06
C ASN A 331 -1.92 42.54 -18.85
N ILE A 332 -2.30 42.33 -17.58
CA ILE A 332 -3.58 41.61 -17.27
C ILE A 332 -4.77 42.44 -17.76
N THR A 333 -5.60 41.88 -18.65
CA THR A 333 -6.81 42.59 -19.14
C THR A 333 -7.95 41.57 -19.23
N ASN A 334 -8.94 41.83 -20.10
CA ASN A 334 -10.09 40.89 -20.31
C ASN A 334 -10.64 40.42 -18.96
N LEU A 335 -11.18 41.33 -18.15
CA LEU A 335 -11.67 40.97 -16.80
C LEU A 335 -13.09 40.40 -16.91
N CYS A 336 -13.57 39.73 -15.85
CA CYS A 336 -14.88 39.12 -15.87
C CYS A 336 -15.96 40.17 -15.57
N PRO A 337 -17.15 40.02 -16.15
CA PRO A 337 -18.21 40.99 -15.88
C PRO A 337 -19.00 40.61 -14.63
N PHE A 338 -18.39 40.89 -13.48
CA PHE A 338 -19.09 40.81 -12.22
C PHE A 338 -19.94 42.03 -11.96
N GLY A 339 -19.70 43.13 -12.67
CA GLY A 339 -20.54 44.29 -12.54
C GLY A 339 -21.96 44.04 -13.02
N GLU A 340 -22.14 43.02 -13.86
CA GLU A 340 -23.45 42.67 -14.37
C GLU A 340 -24.17 41.66 -13.49
N VAL A 341 -23.48 41.03 -12.54
CA VAL A 341 -24.09 40.06 -11.66
C VAL A 341 -24.51 40.68 -10.34
N PHE A 342 -23.72 41.62 -9.84
CA PHE A 342 -23.95 42.26 -8.55
C PHE A 342 -24.65 43.61 -8.65
N ASN A 343 -24.27 44.43 -9.64
CA ASN A 343 -24.87 45.74 -9.83
C ASN A 343 -26.04 45.70 -10.82
N ALA A 344 -26.70 44.57 -10.96
CA ALA A 344 -27.83 44.47 -11.87
C ALA A 344 -29.03 45.23 -11.31
N THR A 345 -29.84 45.77 -12.21
CA THR A 345 -30.99 46.58 -11.80
C THR A 345 -32.00 45.74 -11.04
N ARG A 346 -32.44 44.64 -11.63
CA ARG A 346 -33.51 43.83 -11.08
C ARG A 346 -33.01 42.43 -10.75
N PHE A 347 -33.35 41.98 -9.55
CA PHE A 347 -33.01 40.63 -9.10
C PHE A 347 -34.23 39.75 -9.19
N ALA A 348 -34.02 38.48 -9.51
CA ALA A 348 -35.14 37.56 -9.71
C ALA A 348 -35.65 37.05 -8.37
N SER A 349 -36.84 36.45 -8.41
CA SER A 349 -37.40 35.82 -7.23
C SER A 349 -36.64 34.54 -6.91
N VAL A 350 -36.75 34.09 -5.67
CA VAL A 350 -35.98 32.93 -5.24
C VAL A 350 -36.48 31.66 -5.92
N TYR A 351 -37.77 31.60 -6.26
CA TYR A 351 -38.30 30.40 -6.90
C TYR A 351 -37.93 30.28 -8.37
N ALA A 352 -37.48 31.37 -8.99
CA ALA A 352 -37.06 31.38 -10.39
C ALA A 352 -35.73 32.10 -10.52
N TRP A 353 -34.77 31.71 -9.67
CA TRP A 353 -33.47 32.35 -9.62
C TRP A 353 -32.80 32.33 -10.98
N ASN A 354 -31.95 33.32 -11.22
CA ASN A 354 -31.33 33.54 -12.52
C ASN A 354 -29.89 33.03 -12.50
N ARG A 355 -29.52 32.25 -13.51
CA ARG A 355 -28.18 31.71 -13.63
C ARG A 355 -27.44 32.39 -14.78
N LYS A 356 -26.16 32.67 -14.57
CA LYS A 356 -25.29 33.24 -15.59
C LYS A 356 -23.98 32.49 -15.59
N ARG A 357 -23.54 32.07 -16.78
CA ARG A 357 -22.33 31.28 -16.95
C ARG A 357 -21.19 32.19 -17.34
N ILE A 358 -20.15 32.23 -16.52
CA ILE A 358 -19.03 33.15 -16.68
C ILE A 358 -17.82 32.34 -17.10
N SER A 359 -17.24 32.70 -18.25
CA SER A 359 -16.09 31.96 -18.76
C SER A 359 -15.31 32.86 -19.72
N ASN A 360 -14.07 32.47 -19.98
CA ASN A 360 -13.18 33.15 -20.92
C ASN A 360 -12.83 34.56 -20.43
N CYS A 361 -12.48 34.67 -19.16
CA CYS A 361 -12.22 35.97 -18.59
C CYS A 361 -11.36 35.85 -17.33
N VAL A 362 -10.69 36.94 -16.99
CA VAL A 362 -9.75 36.99 -15.88
C VAL A 362 -10.52 37.49 -14.67
N ALA A 363 -10.97 36.56 -13.83
CA ALA A 363 -11.76 36.94 -12.67
C ALA A 363 -10.87 37.60 -11.63
N ASP A 364 -11.34 38.73 -11.08
CA ASP A 364 -10.63 39.42 -10.01
C ASP A 364 -11.40 39.15 -8.71
N TYR A 365 -11.11 37.99 -8.11
CA TYR A 365 -11.87 37.54 -6.95
C TYR A 365 -11.55 38.34 -5.70
N SER A 366 -10.27 38.68 -5.50
CA SER A 366 -9.88 39.34 -4.25
C SER A 366 -10.37 40.77 -4.18
N VAL A 367 -10.82 41.34 -5.31
CA VAL A 367 -11.38 42.69 -5.28
C VAL A 367 -12.82 42.66 -4.80
N LEU A 368 -13.58 41.65 -5.21
CA LEU A 368 -14.92 41.48 -4.68
C LEU A 368 -14.90 41.02 -3.24
N TYR A 369 -13.75 40.57 -2.74
CA TYR A 369 -13.66 40.12 -1.36
C TYR A 369 -13.79 41.30 -0.40
N ASN A 370 -13.06 42.39 -0.66
CA ASN A 370 -12.91 43.47 0.30
C ASN A 370 -13.80 44.67 0.01
N SER A 371 -15.01 44.44 -0.49
CA SER A 371 -15.86 45.55 -0.87
C SER A 371 -16.37 46.35 0.33
N ALA A 372 -16.31 45.77 1.54
CA ALA A 372 -16.89 46.35 2.75
C ALA A 372 -18.38 46.60 2.61
N SER A 373 -19.02 45.93 1.66
CA SER A 373 -20.42 46.13 1.34
C SER A 373 -21.29 44.92 1.67
N PHE A 374 -20.72 43.73 1.72
CA PHE A 374 -21.49 42.49 1.83
C PHE A 374 -21.58 42.09 3.30
N SER A 375 -22.80 41.94 3.78
CA SER A 375 -23.01 41.52 5.17
C SER A 375 -22.47 40.12 5.39
N THR A 376 -22.72 39.20 4.46
CA THR A 376 -22.35 37.79 4.61
C THR A 376 -21.43 37.39 3.48
N PHE A 377 -20.31 36.77 3.82
CA PHE A 377 -19.36 36.28 2.84
C PHE A 377 -18.78 34.96 3.35
N LYS A 378 -19.15 33.86 2.71
CA LYS A 378 -18.64 32.55 3.07
C LYS A 378 -18.10 31.85 1.83
N CYS A 379 -17.18 30.91 2.04
CA CYS A 379 -16.53 30.20 0.95
C CYS A 379 -16.32 28.75 1.38
N TYR A 380 -17.08 27.83 0.80
CA TYR A 380 -17.07 26.43 1.20
C TYR A 380 -16.19 25.63 0.25
N GLY A 381 -15.14 25.01 0.78
CA GLY A 381 -14.26 24.19 0.01
C GLY A 381 -13.08 24.92 -0.61
N VAL A 382 -13.15 26.25 -0.70
CA VAL A 382 -12.06 27.07 -1.19
C VAL A 382 -11.79 28.18 -0.18
N SER A 383 -10.55 28.30 0.26
CA SER A 383 -10.21 29.38 1.17
C SER A 383 -10.29 30.69 0.40
N PRO A 384 -10.83 31.81 0.95
CA PRO A 384 -11.01 33.04 0.16
C PRO A 384 -9.73 33.88 0.05
N THR A 385 -8.67 33.54 0.81
CA THR A 385 -7.41 34.23 0.68
C THR A 385 -6.54 33.67 -0.44
N LYS A 386 -6.97 32.59 -1.10
CA LYS A 386 -6.21 31.89 -2.13
C LYS A 386 -7.02 31.76 -3.40
N LEU A 387 -7.92 32.70 -3.63
CA LEU A 387 -8.86 32.56 -4.74
C LEU A 387 -8.22 32.82 -6.09
N ASN A 388 -7.13 33.58 -6.14
CA ASN A 388 -6.55 33.96 -7.42
C ASN A 388 -5.53 32.97 -7.97
N ASP A 389 -5.26 31.89 -7.25
CA ASP A 389 -4.27 30.91 -7.71
C ASP A 389 -4.87 29.54 -8.01
N LEU A 390 -6.16 29.34 -7.75
CA LEU A 390 -6.86 28.14 -8.15
C LEU A 390 -7.84 28.53 -9.24
N CYS A 391 -7.70 27.94 -10.43
CA CYS A 391 -8.53 28.39 -11.54
C CYS A 391 -9.20 27.22 -12.24
N PHE A 392 -10.44 27.44 -12.66
CA PHE A 392 -11.40 26.41 -12.97
C PHE A 392 -11.90 26.56 -14.40
N THR A 393 -12.80 25.65 -14.77
CA THR A 393 -13.32 25.66 -16.13
C THR A 393 -14.44 26.67 -16.28
N ASN A 394 -15.50 26.54 -15.48
CA ASN A 394 -16.63 27.44 -15.56
C ASN A 394 -17.02 27.89 -14.16
N VAL A 395 -17.52 29.11 -14.09
CA VAL A 395 -18.05 29.69 -12.86
C VAL A 395 -19.49 30.08 -13.11
N TYR A 396 -20.40 29.54 -12.30
CA TYR A 396 -21.82 29.80 -12.43
C TYR A 396 -22.26 30.78 -11.35
N ALA A 397 -23.04 31.78 -11.73
CA ALA A 397 -23.54 32.77 -10.80
C ALA A 397 -25.05 32.70 -10.74
N ASP A 398 -25.60 32.58 -9.53
CA ASP A 398 -27.03 32.48 -9.31
C ASP A 398 -27.46 33.63 -8.40
N SER A 399 -28.45 34.39 -8.81
CA SER A 399 -28.88 35.57 -8.07
C SER A 399 -30.37 35.52 -7.79
N PHE A 400 -30.76 35.93 -6.58
CA PHE A 400 -32.15 35.96 -6.16
C PHE A 400 -32.26 36.84 -4.92
N VAL A 401 -33.48 36.96 -4.40
CA VAL A 401 -33.78 37.82 -3.26
C VAL A 401 -34.56 37.02 -2.22
N ILE A 402 -34.08 37.04 -0.98
CA ILE A 402 -34.79 36.43 0.14
C ILE A 402 -34.77 37.40 1.32
N ARG A 403 -35.33 36.99 2.46
CA ARG A 403 -35.37 37.82 3.64
C ARG A 403 -34.28 37.42 4.62
N GLY A 404 -33.95 38.35 5.53
CA GLY A 404 -32.71 38.25 6.27
C GLY A 404 -32.62 37.02 7.14
N ASP A 405 -33.74 36.56 7.67
CA ASP A 405 -33.73 35.41 8.57
C ASP A 405 -33.50 34.09 7.84
N GLU A 406 -33.68 34.06 6.53
CA GLU A 406 -33.51 32.82 5.77
C GLU A 406 -32.14 32.69 5.15
N VAL A 407 -31.25 33.67 5.33
CA VAL A 407 -29.91 33.56 4.77
C VAL A 407 -29.17 32.39 5.38
N ARG A 408 -29.49 32.05 6.64
CA ARG A 408 -28.89 30.88 7.27
C ARG A 408 -29.15 29.61 6.47
N GLN A 409 -30.27 29.55 5.76
CA GLN A 409 -30.63 28.33 5.04
C GLN A 409 -29.82 28.13 3.77
N ILE A 410 -29.18 29.17 3.26
CA ILE A 410 -28.44 29.06 1.99
C ILE A 410 -27.05 28.55 2.35
N ALA A 411 -26.95 27.24 2.51
CA ALA A 411 -25.73 26.57 2.91
C ALA A 411 -25.94 25.07 2.81
N PRO A 412 -24.90 24.29 2.52
CA PRO A 412 -25.09 22.84 2.37
C PRO A 412 -25.57 22.20 3.66
N GLY A 413 -26.45 21.22 3.51
CA GLY A 413 -26.96 20.45 4.64
C GLY A 413 -28.06 21.11 5.43
N GLN A 414 -28.58 22.25 4.98
CA GLN A 414 -29.60 22.98 5.69
C GLN A 414 -30.97 22.73 5.06
N THR A 415 -32.01 22.81 5.89
CA THR A 415 -33.38 22.55 5.46
C THR A 415 -34.30 23.63 6.02
N GLY A 416 -35.44 23.78 5.34
CA GLY A 416 -36.42 24.79 5.72
C GLY A 416 -37.48 24.91 4.65
N LYS A 417 -37.78 26.15 4.27
CA LYS A 417 -38.68 26.38 3.16
C LYS A 417 -37.92 26.76 1.90
N ILE A 418 -36.88 27.58 2.05
CA ILE A 418 -36.06 27.95 0.90
C ILE A 418 -35.24 26.77 0.42
N ALA A 419 -34.65 26.02 1.36
CA ALA A 419 -33.74 24.95 0.99
C ALA A 419 -34.46 23.68 0.56
N ASP A 420 -35.79 23.62 0.67
CA ASP A 420 -36.52 22.42 0.29
C ASP A 420 -37.42 22.60 -0.91
N TYR A 421 -37.99 23.79 -1.11
CA TYR A 421 -38.88 24.02 -2.22
C TYR A 421 -38.37 25.03 -3.24
N ASN A 422 -37.30 25.77 -2.94
CA ASN A 422 -36.85 26.83 -3.83
C ASN A 422 -35.44 26.62 -4.37
N TYR A 423 -34.46 26.39 -3.50
CA TYR A 423 -33.06 26.37 -3.92
C TYR A 423 -32.26 25.50 -2.98
N LYS A 424 -31.64 24.44 -3.52
CA LYS A 424 -30.85 23.51 -2.73
C LYS A 424 -29.44 23.41 -3.26
N LEU A 425 -28.47 23.36 -2.36
CA LEU A 425 -27.05 23.18 -2.60
C LEU A 425 -26.61 21.80 -2.16
N PRO A 426 -25.73 21.14 -2.91
CA PRO A 426 -25.36 19.76 -2.57
C PRO A 426 -24.52 19.70 -1.30
N ASP A 427 -24.19 18.47 -0.91
CA ASP A 427 -23.38 18.24 0.28
C ASP A 427 -21.94 18.68 0.07
N ASP A 428 -21.42 18.58 -1.15
CA ASP A 428 -20.04 18.91 -1.45
C ASP A 428 -19.95 20.14 -2.36
N PHE A 429 -20.73 21.16 -2.02
CA PHE A 429 -20.66 22.43 -2.73
C PHE A 429 -19.29 23.05 -2.57
N THR A 430 -18.71 23.49 -3.69
CA THR A 430 -17.42 24.18 -3.70
C THR A 430 -17.63 25.53 -4.37
N GLY A 431 -17.58 26.59 -3.58
CA GLY A 431 -17.90 27.91 -4.07
C GLY A 431 -18.13 28.86 -2.92
N CYS A 432 -18.79 29.97 -3.22
CA CYS A 432 -19.00 31.02 -2.26
C CYS A 432 -20.46 31.47 -2.25
N VAL A 433 -20.88 32.05 -1.13
CA VAL A 433 -22.20 32.65 -0.97
C VAL A 433 -22.03 34.06 -0.44
N ILE A 434 -22.64 35.03 -1.12
CA ILE A 434 -22.48 36.45 -0.79
C ILE A 434 -23.86 37.08 -0.70
N ALA A 435 -24.09 37.84 0.37
CA ALA A 435 -25.39 38.46 0.58
C ALA A 435 -25.21 39.82 1.23
N TRP A 436 -26.17 40.72 1.00
CA TRP A 436 -26.14 42.03 1.62
C TRP A 436 -27.55 42.60 1.66
N ASN A 437 -27.73 43.64 2.46
CA ASN A 437 -29.05 44.19 2.76
C ASN A 437 -29.40 45.28 1.76
N SER A 438 -30.48 45.07 1.02
CA SER A 438 -30.88 46.01 -0.02
C SER A 438 -32.27 46.57 0.22
N ASN A 439 -32.53 47.01 1.46
CA ASN A 439 -33.84 47.54 1.79
C ASN A 439 -34.19 48.77 0.96
N ASN A 440 -33.21 49.49 0.45
CA ASN A 440 -33.49 50.69 -0.34
C ASN A 440 -34.15 50.40 -1.67
N LEU A 441 -33.78 49.29 -2.30
CA LEU A 441 -34.22 48.98 -3.66
C LEU A 441 -35.34 47.96 -3.74
N ASP A 442 -35.50 47.11 -2.73
CA ASP A 442 -36.43 46.01 -2.82
C ASP A 442 -37.62 46.12 -1.87
N SER A 443 -37.82 47.28 -1.24
CA SER A 443 -38.97 47.48 -0.36
C SER A 443 -39.57 48.85 -0.58
N LYS A 444 -40.88 48.95 -0.37
CA LYS A 444 -41.63 50.18 -0.56
C LYS A 444 -42.52 50.42 0.66
N VAL A 445 -42.81 51.70 0.94
CA VAL A 445 -43.68 52.09 2.03
C VAL A 445 -45.02 51.40 1.87
N GLY A 446 -45.35 50.53 2.83
CA GLY A 446 -46.50 49.66 2.73
C GLY A 446 -46.19 48.26 2.23
N GLY A 447 -45.04 48.08 1.59
CA GLY A 447 -44.65 46.77 1.11
C GLY A 447 -44.21 46.76 -0.34
N ASN A 448 -43.48 45.71 -0.73
CA ASN A 448 -43.21 45.41 -2.13
C ASN A 448 -43.79 44.04 -2.43
N TYR A 449 -44.63 43.96 -3.45
CA TYR A 449 -45.37 42.74 -3.75
C TYR A 449 -45.02 42.17 -5.11
N ASN A 450 -43.75 42.27 -5.51
CA ASN A 450 -43.26 41.71 -6.75
C ASN A 450 -42.29 40.56 -6.55
N TYR A 451 -41.94 40.24 -5.30
CA TYR A 451 -41.03 39.16 -5.00
C TYR A 451 -41.79 38.03 -4.30
N LEU A 452 -41.67 36.82 -4.84
CA LEU A 452 -42.46 35.68 -4.40
C LEU A 452 -41.54 34.57 -3.95
N TYR A 453 -42.15 33.50 -3.45
CA TYR A 453 -41.42 32.28 -3.12
C TYR A 453 -42.40 31.13 -3.01
N ARG A 454 -42.00 29.98 -3.53
CA ARG A 454 -42.86 28.80 -3.53
C ARG A 454 -43.04 28.28 -2.11
N LEU A 455 -44.27 27.90 -1.79
CA LEU A 455 -44.61 27.46 -0.44
C LEU A 455 -45.15 26.04 -0.39
N PHE A 456 -45.75 25.55 -1.47
CA PHE A 456 -46.35 24.21 -1.51
C PHE A 456 -45.72 23.41 -2.64
N ARG A 457 -45.28 22.20 -2.34
CA ARG A 457 -44.70 21.33 -3.35
C ARG A 457 -44.85 19.88 -2.90
N LYS A 458 -44.90 18.97 -3.88
CA LYS A 458 -45.04 17.55 -3.56
C LYS A 458 -43.82 17.00 -2.85
N SER A 459 -42.62 17.38 -3.28
CA SER A 459 -41.40 16.79 -2.75
C SER A 459 -40.26 17.80 -2.82
N ASN A 460 -39.21 17.51 -2.06
CA ASN A 460 -38.06 18.40 -1.99
C ASN A 460 -37.30 18.42 -3.31
N LEU A 461 -36.75 19.58 -3.64
CA LEU A 461 -36.02 19.75 -4.89
C LEU A 461 -34.67 19.04 -4.83
N LYS A 462 -34.25 18.52 -5.96
CA LYS A 462 -32.90 18.03 -6.12
C LYS A 462 -31.95 19.22 -6.27
N PRO A 463 -30.66 19.02 -5.99
CA PRO A 463 -29.72 20.15 -6.04
C PRO A 463 -29.71 20.84 -7.39
N PHE A 464 -29.71 22.18 -7.35
CA PHE A 464 -29.64 23.04 -8.54
C PHE A 464 -30.78 22.76 -9.52
N GLU A 465 -31.97 22.55 -8.99
CA GLU A 465 -33.15 22.38 -9.83
C GLU A 465 -34.05 23.59 -9.70
N ARG A 466 -34.61 24.01 -10.83
CA ARG A 466 -35.40 25.24 -10.94
C ARG A 466 -36.79 24.88 -11.45
N ASP A 467 -37.81 25.30 -10.71
CA ASP A 467 -39.19 25.04 -11.11
C ASP A 467 -39.96 26.35 -11.16
N ILE A 468 -40.71 26.56 -12.24
CA ILE A 468 -41.55 27.73 -12.42
C ILE A 468 -43.02 27.33 -12.63
N SER A 469 -43.33 26.05 -12.46
CA SER A 469 -44.70 25.59 -12.66
C SER A 469 -45.63 26.20 -11.62
N THR A 470 -46.79 26.64 -12.07
CA THR A 470 -47.75 27.33 -11.20
C THR A 470 -49.10 26.62 -11.14
N GLU A 471 -49.13 25.31 -11.37
CA GLU A 471 -50.36 24.55 -11.22
C GLU A 471 -50.79 24.56 -9.75
N ILE A 472 -52.10 24.42 -9.54
CA ILE A 472 -52.65 24.52 -8.20
C ILE A 472 -52.27 23.29 -7.38
N TYR A 473 -51.72 23.53 -6.19
CA TYR A 473 -51.30 22.42 -5.30
C TYR A 473 -52.51 21.71 -4.71
N GLN A 474 -52.53 20.38 -4.83
CA GLN A 474 -53.63 19.56 -4.25
C GLN A 474 -53.19 19.12 -2.84
N ALA A 475 -53.74 19.75 -1.80
CA ALA A 475 -53.39 19.39 -0.40
C ALA A 475 -54.35 18.33 0.13
N GLY A 476 -55.35 17.96 -0.67
CA GLY A 476 -56.29 16.90 -0.27
C GLY A 476 -56.24 15.73 -1.23
N SER A 477 -57.21 14.81 -1.16
CA SER A 477 -57.29 13.73 -2.17
C SER A 477 -58.36 14.13 -3.19
N THR A 478 -58.63 15.44 -3.28
CA THR A 478 -59.72 15.93 -4.18
C THR A 478 -59.13 16.57 -5.43
N PRO A 479 -59.45 16.09 -6.65
CA PRO A 479 -58.98 16.72 -7.90
C PRO A 479 -59.29 18.23 -7.90
N CYS A 480 -58.31 19.06 -8.25
CA CYS A 480 -58.52 20.53 -8.15
C CYS A 480 -59.14 21.12 -9.43
N ASN A 481 -58.84 20.56 -10.61
CA ASN A 481 -59.34 21.14 -11.85
C ASN A 481 -59.15 22.65 -11.89
N GLY A 482 -58.01 23.13 -11.40
CA GLY A 482 -57.59 24.50 -11.62
C GLY A 482 -58.47 25.58 -11.04
N VAL A 483 -59.31 25.25 -10.06
CA VAL A 483 -60.13 26.24 -9.38
C VAL A 483 -59.76 26.24 -7.90
N GLU A 484 -59.38 27.41 -7.40
CA GLU A 484 -58.90 27.52 -5.99
C GLU A 484 -60.05 27.32 -5.01
N GLY A 485 -59.74 26.92 -3.79
CA GLY A 485 -60.73 26.67 -2.75
C GLY A 485 -60.16 25.89 -1.58
N PHE A 486 -60.93 24.92 -1.10
CA PHE A 486 -60.49 24.10 0.02
C PHE A 486 -59.58 22.98 -0.48
N ASN A 487 -58.40 22.85 0.13
CA ASN A 487 -57.40 21.85 -0.22
C ASN A 487 -56.87 22.01 -1.64
N CYS A 488 -57.10 23.18 -2.25
CA CYS A 488 -56.53 23.51 -3.56
C CYS A 488 -55.99 24.93 -3.44
N TYR A 489 -54.72 25.05 -3.08
CA TYR A 489 -54.10 26.34 -2.83
C TYR A 489 -53.14 26.71 -3.94
N PHE A 490 -52.99 28.00 -4.16
CA PHE A 490 -51.97 28.50 -5.08
C PHE A 490 -50.60 28.39 -4.42
N PRO A 491 -49.57 27.94 -5.15
CA PRO A 491 -48.30 27.59 -4.50
C PRO A 491 -47.37 28.76 -4.23
N LEU A 492 -47.64 29.95 -4.75
CA LEU A 492 -46.71 31.07 -4.64
C LEU A 492 -47.22 32.11 -3.65
N GLN A 493 -46.39 32.39 -2.65
CA GLN A 493 -46.75 33.40 -1.62
C GLN A 493 -45.82 34.60 -1.82
N SER A 494 -46.34 35.82 -1.71
CA SER A 494 -45.55 37.02 -1.89
C SER A 494 -44.83 37.40 -0.60
N TYR A 495 -43.81 38.24 -0.75
CA TYR A 495 -43.07 38.76 0.40
C TYR A 495 -43.61 40.13 0.80
N GLY A 496 -43.79 40.33 2.09
CA GLY A 496 -44.23 41.62 2.59
C GLY A 496 -43.08 42.54 2.93
N PHE A 497 -42.39 43.04 1.91
CA PHE A 497 -41.16 43.80 2.11
C PHE A 497 -41.51 45.23 2.45
N GLN A 498 -41.53 45.53 3.75
CA GLN A 498 -41.88 46.82 4.31
C GLN A 498 -40.64 47.49 4.88
N PRO A 499 -40.42 48.79 4.63
CA PRO A 499 -39.16 49.41 5.03
C PRO A 499 -39.00 49.62 6.51
N THR A 500 -40.06 49.47 7.30
CA THR A 500 -39.99 49.71 8.73
C THR A 500 -39.87 48.43 9.55
N ASN A 501 -39.61 47.28 8.91
CA ASN A 501 -39.36 46.06 9.64
C ASN A 501 -38.01 46.13 10.36
N GLY A 502 -37.68 45.05 11.05
CA GLY A 502 -36.33 44.86 11.55
C GLY A 502 -35.41 44.38 10.46
N VAL A 503 -34.19 44.03 10.85
CA VAL A 503 -33.29 43.40 9.89
C VAL A 503 -33.65 41.94 9.70
N GLY A 504 -34.48 41.38 10.58
CA GLY A 504 -34.90 40.00 10.42
C GLY A 504 -35.77 39.77 9.19
N TYR A 505 -36.72 40.66 8.94
CA TYR A 505 -37.61 40.55 7.79
C TYR A 505 -37.20 41.46 6.65
N GLN A 506 -36.05 42.11 6.77
CA GLN A 506 -35.60 43.05 5.77
C GLN A 506 -35.00 42.29 4.57
N PRO A 507 -35.25 42.75 3.35
CA PRO A 507 -34.80 41.99 2.17
C PRO A 507 -33.29 41.90 2.07
N TYR A 508 -32.82 40.77 1.54
CA TYR A 508 -31.40 40.51 1.31
C TYR A 508 -31.22 39.97 -0.09
N ARG A 509 -30.20 40.47 -0.80
CA ARG A 509 -29.85 39.99 -2.13
C ARG A 509 -28.71 38.99 -2.02
N VAL A 510 -28.85 37.85 -2.69
CA VAL A 510 -27.91 36.74 -2.54
C VAL A 510 -27.36 36.36 -3.89
N VAL A 511 -26.04 36.15 -3.96
CA VAL A 511 -25.36 35.68 -5.17
C VAL A 511 -24.50 34.48 -4.80
N VAL A 512 -24.71 33.36 -5.48
CA VAL A 512 -24.02 32.11 -5.18
C VAL A 512 -23.13 31.76 -6.37
N LEU A 513 -21.84 31.59 -6.11
CA LEU A 513 -20.85 31.27 -7.13
C LEU A 513 -20.52 29.78 -7.04
N SER A 514 -20.67 29.06 -8.13
CA SER A 514 -20.38 27.64 -8.18
C SER A 514 -19.17 27.41 -9.08
N PHE A 515 -18.04 27.04 -8.48
CA PHE A 515 -16.80 26.82 -9.21
C PHE A 515 -16.77 25.38 -9.68
N GLU A 516 -17.13 25.16 -10.95
CA GLU A 516 -17.13 23.82 -11.51
C GLU A 516 -15.78 23.55 -12.15
N LEU A 517 -15.25 22.36 -11.89
CA LEU A 517 -14.04 21.89 -12.55
C LEU A 517 -14.35 20.57 -13.24
N LEU A 518 -14.42 20.60 -14.56
CA LEU A 518 -14.40 19.40 -15.38
C LEU A 518 -13.02 19.27 -16.01
N HIS A 519 -12.77 18.17 -16.70
CA HIS A 519 -11.44 17.94 -17.27
C HIS A 519 -11.30 18.73 -18.58
N ALA A 520 -11.17 20.04 -18.40
CA ALA A 520 -10.98 21.01 -19.47
C ALA A 520 -9.90 21.97 -19.01
N PRO A 521 -9.24 22.67 -19.92
CA PRO A 521 -7.98 23.33 -19.56
C PRO A 521 -8.13 24.59 -18.72
N ALA A 522 -9.30 24.78 -18.08
CA ALA A 522 -9.47 25.79 -17.03
C ALA A 522 -9.23 27.20 -17.55
N THR A 523 -10.16 27.64 -18.40
CA THR A 523 -10.10 28.94 -19.03
C THR A 523 -10.23 30.12 -18.06
N VAL A 524 -10.96 29.97 -16.95
CA VAL A 524 -11.24 31.08 -16.06
C VAL A 524 -10.16 31.07 -14.99
N CYS A 525 -9.07 31.78 -15.28
CA CYS A 525 -7.94 31.91 -14.30
C CYS A 525 -7.84 33.36 -13.82
N GLY A 526 -7.17 33.57 -12.68
CA GLY A 526 -7.11 34.93 -12.08
C GLY A 526 -5.93 35.74 -12.61
N PRO A 527 -5.69 36.96 -12.09
CA PRO A 527 -4.57 37.80 -12.51
C PRO A 527 -3.20 37.30 -12.00
N LYS A 528 -2.12 37.75 -12.63
CA LYS A 528 -0.76 37.31 -12.24
C LYS A 528 0.13 38.54 -12.02
N LYS A 529 0.72 38.66 -10.83
CA LYS A 529 1.56 39.85 -10.48
C LYS A 529 2.78 39.89 -11.41
N SER A 530 3.18 41.09 -11.84
CA SER A 530 4.31 41.22 -12.76
C SER A 530 5.24 42.28 -12.19
N THR A 531 6.34 41.84 -11.58
CA THR A 531 7.26 42.78 -10.95
C THR A 531 7.94 43.66 -12.00
N ASN A 532 8.57 44.73 -11.52
CA ASN A 532 9.34 45.60 -12.39
C ASN A 532 10.50 44.84 -13.00
N LEU A 533 11.06 45.40 -14.08
CA LEU A 533 12.16 44.79 -14.81
C LEU A 533 13.49 45.41 -14.41
N VAL A 534 14.44 44.55 -14.01
CA VAL A 534 15.78 44.96 -13.62
C VAL A 534 16.78 44.32 -14.57
N LYS A 535 17.83 45.05 -14.91
CA LYS A 535 18.82 44.57 -15.87
C LYS A 535 20.22 44.61 -15.27
N ASN A 536 21.11 43.83 -15.88
CA ASN A 536 22.55 43.87 -15.62
C ASN A 536 22.89 43.43 -14.19
N LYS A 537 22.14 42.46 -13.67
CA LYS A 537 22.43 41.86 -12.37
C LYS A 537 22.04 40.40 -12.42
N CYS A 538 22.86 39.54 -11.81
CA CYS A 538 22.51 38.13 -11.78
C CYS A 538 21.22 37.99 -10.99
N VAL A 539 20.11 37.84 -11.71
CA VAL A 539 18.78 37.77 -11.13
C VAL A 539 18.16 36.41 -11.42
N ASN A 540 17.11 36.09 -10.67
CA ASN A 540 16.38 34.84 -10.81
C ASN A 540 15.06 35.12 -11.53
N PHE A 541 15.12 35.16 -12.85
CA PHE A 541 13.96 35.53 -13.64
C PHE A 541 12.95 34.40 -13.72
N ASN A 542 11.68 34.80 -13.92
CA ASN A 542 10.58 33.91 -14.30
C ASN A 542 9.71 34.70 -15.26
N PHE A 543 10.00 34.57 -16.56
CA PHE A 543 9.11 35.10 -17.56
C PHE A 543 7.93 34.15 -17.74
N ASN A 544 6.91 34.65 -18.46
CA ASN A 544 5.54 34.12 -18.35
C ASN A 544 5.48 32.61 -18.21
N GLY A 545 6.23 31.89 -19.02
CA GLY A 545 6.25 30.45 -18.87
C GLY A 545 7.49 29.90 -18.21
N LEU A 546 8.66 30.38 -18.65
CA LEU A 546 9.93 29.77 -18.31
C LEU A 546 10.64 30.53 -17.20
N THR A 547 11.51 29.82 -16.49
CA THR A 547 12.23 30.33 -15.33
C THR A 547 13.74 30.31 -15.62
N GLY A 548 14.52 30.66 -14.61
CA GLY A 548 15.96 30.50 -14.67
C GLY A 548 16.70 31.74 -14.22
N THR A 549 18.00 31.57 -14.00
CA THR A 549 18.85 32.62 -13.47
C THR A 549 19.79 33.13 -14.55
N GLY A 550 19.94 34.44 -14.62
CA GLY A 550 20.75 35.01 -15.67
C GLY A 550 21.11 36.46 -15.46
N VAL A 551 21.54 37.11 -16.54
CA VAL A 551 21.89 38.52 -16.54
C VAL A 551 21.30 39.17 -17.79
N LEU A 552 20.12 39.76 -17.64
CA LEU A 552 19.36 40.26 -18.78
C LEU A 552 19.96 41.53 -19.35
N THR A 553 20.20 41.55 -20.67
CA THR A 553 20.77 42.69 -21.35
C THR A 553 20.03 42.95 -22.65
N GLU A 554 19.80 44.22 -22.95
CA GLU A 554 19.11 44.60 -24.18
C GLU A 554 19.86 44.12 -25.41
N SER A 555 19.18 43.30 -26.23
CA SER A 555 19.79 42.67 -27.39
C SER A 555 19.43 43.43 -28.66
N ASN A 556 19.83 42.87 -29.80
CA ASN A 556 19.44 43.39 -31.11
C ASN A 556 18.94 42.29 -32.05
N LYS A 557 18.57 41.14 -31.51
CA LYS A 557 18.03 40.08 -32.35
C LYS A 557 16.61 40.42 -32.79
N LYS A 558 16.25 39.97 -33.97
CA LYS A 558 14.95 40.28 -34.55
C LYS A 558 14.13 39.00 -34.64
N PHE A 559 13.27 38.79 -33.63
CA PHE A 559 12.38 37.65 -33.64
C PHE A 559 11.35 37.79 -34.75
N LEU A 560 10.59 36.74 -34.97
CA LEU A 560 9.42 36.91 -35.79
C LEU A 560 8.25 37.37 -34.93
N PRO A 561 7.26 38.03 -35.53
CA PRO A 561 6.16 38.59 -34.73
C PRO A 561 5.54 37.63 -33.71
N PHE A 562 5.59 36.33 -33.96
CA PHE A 562 4.93 35.38 -33.08
C PHE A 562 5.90 34.58 -32.23
N GLN A 563 7.19 34.62 -32.51
CA GLN A 563 8.13 33.82 -31.75
C GLN A 563 8.35 34.42 -30.37
N GLN A 564 8.76 33.59 -29.44
CA GLN A 564 8.94 34.06 -28.07
C GLN A 564 10.32 33.83 -27.51
N PHE A 565 10.92 32.67 -27.75
CA PHE A 565 12.22 32.35 -27.17
C PHE A 565 13.32 32.52 -28.20
N GLY A 566 14.53 32.22 -27.79
CA GLY A 566 15.61 31.96 -28.73
C GLY A 566 16.49 30.88 -28.15
N ARG A 567 17.03 30.04 -29.02
CA ARG A 567 17.85 28.94 -28.55
C ARG A 567 19.18 28.89 -29.28
N ASP A 568 20.12 28.17 -28.68
CA ASP A 568 21.47 28.03 -29.21
C ASP A 568 21.61 26.73 -29.98
N ILE A 569 22.78 26.57 -30.61
CA ILE A 569 23.05 25.38 -31.40
C ILE A 569 22.99 24.13 -30.55
N ALA A 570 23.08 24.26 -29.23
CA ALA A 570 23.02 23.14 -28.30
C ALA A 570 21.70 23.08 -27.55
N ASP A 571 20.66 23.76 -28.08
CA ASP A 571 19.31 23.72 -27.51
C ASP A 571 19.32 24.23 -26.07
N THR A 572 19.72 25.49 -25.91
CA THR A 572 19.68 26.19 -24.63
C THR A 572 19.02 27.55 -24.79
N THR A 573 18.25 27.96 -23.80
CA THR A 573 17.58 29.25 -23.83
C THR A 573 18.61 30.38 -23.84
N ASP A 574 18.41 31.35 -24.73
CA ASP A 574 19.38 32.44 -24.87
C ASP A 574 18.75 33.82 -25.01
N ALA A 575 17.47 33.94 -25.34
CA ALA A 575 16.86 35.24 -25.54
C ALA A 575 15.36 35.12 -25.30
N VAL A 576 14.81 36.09 -24.58
CA VAL A 576 13.41 36.08 -24.18
C VAL A 576 12.77 37.40 -24.57
N ARG A 577 11.59 37.34 -25.16
CA ARG A 577 10.83 38.53 -25.51
C ARG A 577 10.03 38.97 -24.29
N ASP A 578 10.20 40.23 -23.90
CA ASP A 578 9.51 40.74 -22.72
C ASP A 578 8.00 40.80 -22.96
N PRO A 579 7.20 39.93 -22.36
CA PRO A 579 5.79 39.81 -22.74
C PRO A 579 4.95 41.04 -22.43
N GLN A 580 5.51 42.06 -21.78
CA GLN A 580 4.78 43.31 -21.55
C GLN A 580 5.14 44.36 -22.58
N THR A 581 6.42 44.70 -22.67
CA THR A 581 6.93 45.59 -23.71
C THR A 581 7.82 44.73 -24.61
N LEU A 582 7.47 44.63 -25.88
CA LEU A 582 8.07 43.64 -26.75
C LEU A 582 9.51 43.96 -27.13
N GLU A 583 10.42 43.92 -26.15
CA GLU A 583 11.84 44.11 -26.39
C GLU A 583 12.57 42.81 -26.02
N ILE A 584 13.43 42.36 -26.93
CA ILE A 584 14.06 41.03 -26.82
C ILE A 584 15.34 41.15 -26.03
N LEU A 585 15.39 40.48 -24.88
CA LEU A 585 16.55 40.49 -24.00
C LEU A 585 17.37 39.22 -24.17
N ASP A 586 18.68 39.33 -23.94
CA ASP A 586 19.57 38.19 -23.96
C ASP A 586 19.59 37.53 -22.57
N ILE A 587 20.34 36.44 -22.44
CA ILE A 587 20.48 35.78 -21.15
C ILE A 587 21.91 35.25 -21.01
N THR A 588 22.70 35.91 -20.15
CA THR A 588 24.07 35.48 -19.89
C THR A 588 24.20 34.95 -18.47
N PRO A 589 24.52 33.68 -18.28
CA PRO A 589 24.66 33.12 -16.92
C PRO A 589 25.77 33.80 -16.14
N CYS A 590 25.44 34.27 -14.95
CA CYS A 590 26.38 35.07 -14.17
C CYS A 590 27.59 34.24 -13.75
N SER A 591 28.75 34.91 -13.73
CA SER A 591 30.06 34.27 -13.80
C SER A 591 30.35 33.33 -12.64
N PHE A 592 30.90 32.17 -12.96
CA PHE A 592 31.52 31.27 -11.99
C PHE A 592 32.93 30.93 -12.48
N GLY A 593 33.64 30.12 -11.73
CA GLY A 593 34.96 29.69 -12.16
C GLY A 593 35.89 29.37 -10.99
N GLY A 594 36.95 28.62 -11.30
CA GLY A 594 37.87 28.16 -10.28
C GLY A 594 38.68 29.26 -9.62
N VAL A 595 39.28 28.89 -8.48
CA VAL A 595 40.10 29.78 -7.67
C VAL A 595 41.44 29.12 -7.39
N SER A 596 42.53 29.69 -7.90
CA SER A 596 43.86 29.15 -7.68
C SER A 596 44.65 30.04 -6.74
N VAL A 597 45.62 29.45 -6.05
CA VAL A 597 46.39 30.13 -5.00
C VAL A 597 47.86 29.99 -5.34
N ILE A 598 48.40 30.97 -6.08
CA ILE A 598 49.83 30.98 -6.38
C ILE A 598 50.61 31.15 -5.09
N THR A 599 51.65 30.32 -4.90
CA THR A 599 52.44 30.45 -3.69
C THR A 599 53.89 29.98 -3.82
N PRO A 600 54.85 30.77 -3.35
CA PRO A 600 56.17 30.22 -3.04
C PRO A 600 56.06 29.25 -1.88
N GLY A 601 57.02 28.35 -1.78
CA GLY A 601 56.98 27.35 -0.73
C GLY A 601 56.87 28.00 0.64
N THR A 602 56.06 27.39 1.51
CA THR A 602 55.97 27.84 2.89
C THR A 602 57.32 27.88 3.59
N ASN A 603 58.29 27.12 3.08
CA ASN A 603 59.65 27.20 3.58
C ASN A 603 60.30 28.55 3.30
N THR A 604 59.70 29.38 2.45
CA THR A 604 60.25 30.70 2.15
C THR A 604 59.45 31.84 2.76
N SER A 605 58.14 31.91 2.52
CA SER A 605 57.35 33.01 3.04
C SER A 605 55.89 32.61 3.07
N ASN A 606 55.14 33.30 3.95
CA ASN A 606 53.72 33.07 4.11
C ASN A 606 52.86 33.91 3.17
N GLN A 607 53.44 34.51 2.15
CA GLN A 607 52.67 35.37 1.25
C GLN A 607 52.25 34.59 0.03
N VAL A 608 51.05 34.88 -0.46
CA VAL A 608 50.45 34.18 -1.59
C VAL A 608 49.83 35.22 -2.52
N ALA A 609 49.23 34.74 -3.61
CA ALA A 609 48.48 35.62 -4.49
C ALA A 609 47.38 34.82 -5.16
N VAL A 610 46.19 35.34 -5.15
CA VAL A 610 45.05 34.56 -5.62
C VAL A 610 44.81 34.87 -7.09
N LEU A 611 44.21 33.91 -7.79
CA LEU A 611 43.86 34.09 -9.19
C LEU A 611 42.45 33.55 -9.36
N TYR A 612 41.49 34.45 -9.60
CA TYR A 612 40.14 34.02 -9.93
C TYR A 612 40.07 33.77 -11.43
N GLN A 613 39.61 32.59 -11.81
CA GLN A 613 39.66 32.20 -13.21
C GLN A 613 38.45 32.72 -13.97
N ASP A 614 38.73 33.44 -15.06
CA ASP A 614 37.74 33.85 -16.05
C ASP A 614 36.64 34.71 -15.42
N VAL A 615 37.04 35.86 -14.89
CA VAL A 615 36.10 36.88 -14.43
C VAL A 615 36.61 38.25 -14.87
N ASN A 616 35.70 39.20 -14.99
CA ASN A 616 36.10 40.54 -15.40
C ASN A 616 36.83 41.29 -14.29
N CYS A 617 37.08 40.65 -13.15
CA CYS A 617 37.89 41.23 -12.07
C CYS A 617 37.29 42.51 -11.51
N THR A 618 36.02 42.76 -11.80
CA THR A 618 35.24 43.81 -11.15
C THR A 618 34.04 43.24 -10.40
N GLU A 619 33.94 41.93 -10.26
CA GLU A 619 32.82 41.29 -9.61
C GLU A 619 33.16 40.74 -8.23
N VAL A 620 34.37 40.96 -7.73
CA VAL A 620 34.73 40.49 -6.41
C VAL A 620 34.11 41.40 -5.36
N ASN A 641 47.95 46.33 -7.43
CA ASN A 641 47.56 45.38 -6.39
C ASN A 641 46.51 44.42 -6.93
N VAL A 642 45.79 44.84 -7.97
CA VAL A 642 44.75 44.04 -8.60
C VAL A 642 45.04 44.09 -10.10
N PHE A 643 45.62 43.03 -10.62
CA PHE A 643 46.00 42.96 -12.02
C PHE A 643 44.93 42.18 -12.78
N GLN A 644 44.71 42.56 -14.03
CA GLN A 644 43.77 41.87 -14.91
C GLN A 644 44.55 41.28 -16.07
N THR A 645 44.62 39.95 -16.12
CA THR A 645 45.39 39.24 -17.12
C THR A 645 44.47 38.64 -18.17
N ARG A 646 45.09 38.12 -19.23
CA ARG A 646 44.33 37.35 -20.21
C ARG A 646 43.90 35.99 -19.70
N ALA A 647 44.33 35.61 -18.49
CA ALA A 647 43.89 34.36 -17.88
C ALA A 647 42.74 34.55 -16.91
N GLY A 648 42.74 35.63 -16.15
CA GLY A 648 41.69 35.89 -15.17
C GLY A 648 41.93 37.16 -14.40
N CYS A 649 41.61 37.15 -13.11
CA CYS A 649 41.74 38.30 -12.24
C CYS A 649 42.80 37.95 -11.20
N LEU A 650 44.02 38.44 -11.43
CA LEU A 650 45.12 38.21 -10.50
C LEU A 650 45.05 39.23 -9.36
N ILE A 651 45.14 38.75 -8.12
CA ILE A 651 45.00 39.60 -6.96
C ILE A 651 46.22 39.38 -6.06
N GLY A 652 47.00 40.44 -5.86
CA GLY A 652 48.14 40.39 -4.98
C GLY A 652 49.50 40.29 -5.62
N ALA A 653 49.69 40.75 -6.84
CA ALA A 653 51.00 40.63 -7.47
C ALA A 653 51.30 41.83 -8.37
N GLU A 654 52.51 42.35 -8.26
CA GLU A 654 52.95 43.48 -9.07
C GLU A 654 53.14 43.06 -10.52
N HIS A 655 52.92 44.00 -11.43
CA HIS A 655 53.05 43.76 -12.86
C HIS A 655 54.33 44.38 -13.40
N VAL A 656 55.31 43.55 -13.71
CA VAL A 656 56.62 44.03 -14.15
C VAL A 656 56.59 44.16 -15.67
N ASN A 657 57.45 45.04 -16.20
CA ASN A 657 57.66 45.15 -17.63
C ASN A 657 58.75 44.21 -18.16
N ASN A 658 59.43 43.48 -17.28
CA ASN A 658 60.56 42.65 -17.68
C ASN A 658 60.07 41.33 -18.29
N SER A 659 60.99 40.39 -18.44
CA SER A 659 60.69 39.05 -18.95
C SER A 659 61.82 38.10 -18.53
N TYR A 660 61.49 37.12 -17.71
CA TYR A 660 62.44 36.12 -17.25
C TYR A 660 61.88 34.73 -17.56
N GLU A 661 62.71 33.71 -17.33
CA GLU A 661 62.26 32.34 -17.53
C GLU A 661 61.08 32.04 -16.62
N CYS A 662 60.18 31.20 -17.13
CA CYS A 662 58.94 30.90 -16.42
C CYS A 662 59.20 30.04 -15.19
N ASP A 663 58.87 30.56 -14.01
CA ASP A 663 59.03 29.81 -12.77
C ASP A 663 57.73 29.11 -12.37
N ILE A 664 56.63 29.84 -12.28
CA ILE A 664 55.32 29.25 -12.00
C ILE A 664 54.41 29.56 -13.18
N PRO A 665 53.95 28.56 -13.93
CA PRO A 665 53.10 28.82 -15.08
C PRO A 665 51.71 29.26 -14.65
N ILE A 666 51.09 30.11 -15.45
CA ILE A 666 49.73 30.55 -15.17
C ILE A 666 48.86 30.23 -16.37
N GLY A 667 49.22 30.78 -17.51
CA GLY A 667 48.45 30.61 -18.74
C GLY A 667 48.66 31.80 -19.65
N ALA A 668 48.40 31.58 -20.93
CA ALA A 668 48.46 32.63 -21.94
C ALA A 668 49.81 33.35 -21.96
N GLY A 669 50.84 32.74 -21.39
CA GLY A 669 52.16 33.32 -21.41
C GLY A 669 52.57 34.05 -20.15
N ILE A 670 51.69 34.16 -19.16
CA ILE A 670 52.01 34.86 -17.93
C ILE A 670 52.68 33.90 -16.97
N CYS A 671 53.73 34.36 -16.30
CA CYS A 671 54.40 33.58 -15.27
C CYS A 671 54.72 34.47 -14.09
N ALA A 672 54.53 33.94 -12.89
CA ALA A 672 54.71 34.68 -11.65
C ALA A 672 55.91 34.12 -10.89
N SER A 673 56.51 34.98 -10.06
CA SER A 673 57.69 34.57 -9.33
C SER A 673 57.89 35.46 -8.11
N TYR A 674 58.58 34.93 -7.12
CA TYR A 674 58.79 35.61 -5.84
C TYR A 674 60.17 36.26 -5.87
N GLN A 675 60.21 37.59 -5.99
CA GLN A 675 61.48 38.28 -6.12
C GLN A 675 61.40 39.62 -5.42
N THR A 676 62.55 40.27 -5.29
CA THR A 676 62.63 41.60 -4.69
C THR A 676 61.97 42.64 -5.57
N SER A 689 60.92 42.80 1.96
CA SER A 689 61.17 43.71 0.85
C SER A 689 60.75 43.09 -0.48
N GLN A 690 60.75 41.77 -0.53
CA GLN A 690 60.37 41.07 -1.75
C GLN A 690 58.85 40.87 -1.81
N SER A 691 58.38 40.43 -2.97
CA SER A 691 56.97 40.27 -3.23
C SER A 691 56.80 39.25 -4.35
N ILE A 692 55.60 39.21 -4.94
CA ILE A 692 55.26 38.31 -6.04
C ILE A 692 54.98 39.16 -7.27
N ILE A 693 55.71 38.88 -8.35
CA ILE A 693 55.60 39.60 -9.60
C ILE A 693 55.01 38.69 -10.66
N ALA A 694 54.36 39.29 -11.66
CA ALA A 694 53.74 38.55 -12.76
C ALA A 694 54.16 39.17 -14.09
N TYR A 695 54.97 38.45 -14.87
CA TYR A 695 55.52 38.96 -16.11
C TYR A 695 55.08 38.08 -17.28
N THR A 696 55.53 38.45 -18.47
CA THR A 696 55.33 37.66 -19.68
C THR A 696 56.65 36.95 -20.00
N MET A 697 56.67 35.64 -19.77
CA MET A 697 57.92 34.87 -19.77
C MET A 697 58.70 35.08 -21.07
N SER A 698 60.03 35.05 -20.94
CA SER A 698 60.92 35.15 -22.08
C SER A 698 61.42 33.76 -22.46
N LEU A 699 61.66 33.57 -23.75
CA LEU A 699 61.99 32.24 -24.28
C LEU A 699 63.48 31.95 -24.36
N GLY A 700 64.34 32.90 -24.05
CA GLY A 700 65.77 32.67 -24.08
C GLY A 700 66.52 33.82 -24.70
N ALA A 701 67.83 33.85 -24.46
CA ALA A 701 68.68 34.90 -24.99
C ALA A 701 68.76 34.78 -26.51
N GLU A 702 68.26 35.78 -27.22
CA GLU A 702 68.36 35.78 -28.67
C GLU A 702 69.82 35.78 -29.09
N ASN A 703 70.06 35.33 -30.32
CA ASN A 703 71.43 35.11 -30.76
C ASN A 703 71.46 35.08 -32.28
N SER A 704 72.37 35.85 -32.86
CA SER A 704 72.51 35.97 -34.30
C SER A 704 73.85 35.36 -34.67
N VAL A 705 73.82 34.21 -35.35
CA VAL A 705 75.05 33.56 -35.76
C VAL A 705 75.68 34.35 -36.89
N ALA A 706 76.99 34.59 -36.78
CA ALA A 706 77.71 35.39 -37.77
C ALA A 706 77.85 34.57 -39.04
N TYR A 707 76.75 34.47 -39.78
CA TYR A 707 76.75 33.75 -41.03
C TYR A 707 77.41 34.58 -42.12
N SER A 708 78.04 33.89 -43.07
CA SER A 708 78.56 34.51 -44.28
C SER A 708 78.46 33.49 -45.39
N ASN A 709 79.14 33.75 -46.51
CA ASN A 709 79.26 32.76 -47.56
C ASN A 709 80.64 32.12 -47.67
N ASN A 710 81.61 32.55 -46.87
CA ASN A 710 82.91 31.89 -46.93
C ASN A 710 83.58 31.77 -45.57
N SER A 711 82.81 31.77 -44.49
CA SER A 711 83.36 31.72 -43.14
C SER A 711 82.82 30.49 -42.43
N ILE A 712 83.72 29.65 -41.93
CA ILE A 712 83.34 28.44 -41.22
C ILE A 712 84.01 28.45 -39.85
N ALA A 713 83.30 27.93 -38.85
CA ALA A 713 83.81 27.90 -37.48
C ALA A 713 84.08 26.44 -37.09
N ILE A 714 85.30 26.17 -36.66
CA ILE A 714 85.70 24.79 -36.34
C ILE A 714 86.08 24.68 -34.87
N PRO A 715 85.65 23.64 -34.16
CA PRO A 715 86.04 23.48 -32.75
C PRO A 715 87.48 23.05 -32.62
N THR A 716 88.02 23.24 -31.41
CA THR A 716 89.39 22.83 -31.12
C THR A 716 89.50 21.92 -29.90
N ASN A 717 88.55 22.01 -28.98
CA ASN A 717 88.59 21.20 -27.76
C ASN A 717 87.25 20.49 -27.60
N PHE A 718 87.17 19.60 -26.62
CA PHE A 718 85.97 18.80 -26.40
C PHE A 718 85.74 18.56 -24.92
N THR A 719 84.51 18.20 -24.58
CA THR A 719 84.14 17.87 -23.21
C THR A 719 83.31 16.59 -23.17
N ILE A 720 83.58 15.76 -22.17
CA ILE A 720 82.96 14.45 -22.03
C ILE A 720 81.86 14.58 -20.98
N SER A 721 80.65 14.92 -21.41
CA SER A 721 79.54 15.00 -20.47
C SER A 721 79.00 13.62 -20.14
N VAL A 722 78.28 13.55 -19.02
CA VAL A 722 77.62 12.31 -18.58
C VAL A 722 76.20 12.61 -18.12
N THR A 723 75.21 12.37 -18.98
CA THR A 723 73.84 12.71 -18.66
C THR A 723 73.14 11.50 -18.02
N THR A 724 71.96 11.74 -17.45
CA THR A 724 71.19 10.70 -16.75
C THR A 724 69.79 10.64 -17.34
N GLU A 725 69.22 9.43 -17.37
CA GLU A 725 67.86 9.26 -17.89
C GLU A 725 67.11 8.19 -17.09
N ILE A 726 65.95 8.55 -16.55
CA ILE A 726 65.20 7.72 -15.62
C ILE A 726 63.91 7.24 -16.28
N LEU A 727 63.62 5.93 -16.18
CA LEU A 727 62.40 5.37 -16.78
C LEU A 727 61.67 4.41 -15.83
N PRO A 728 60.36 4.55 -15.67
CA PRO A 728 59.57 3.56 -14.93
C PRO A 728 59.40 2.27 -15.72
N VAL A 729 59.34 1.14 -15.01
CA VAL A 729 59.19 -0.13 -15.73
C VAL A 729 58.01 -0.98 -15.25
N SER A 730 57.59 -0.86 -14.00
CA SER A 730 56.55 -1.77 -13.53
C SER A 730 55.77 -1.19 -12.36
N MET A 731 54.46 -1.46 -12.35
CA MET A 731 53.58 -1.13 -11.23
C MET A 731 53.69 -2.17 -10.12
N THR A 732 52.77 -2.11 -9.16
CA THR A 732 52.66 -3.09 -8.08
C THR A 732 51.50 -4.04 -8.35
N LYS A 733 51.79 -5.34 -8.30
CA LYS A 733 50.84 -6.41 -8.60
C LYS A 733 49.78 -6.53 -7.52
N THR A 734 48.58 -6.01 -7.77
CA THR A 734 47.47 -6.04 -6.82
C THR A 734 46.38 -7.01 -7.26
N SER A 735 45.77 -7.70 -6.30
CA SER A 735 44.64 -8.60 -6.53
C SER A 735 43.51 -8.28 -5.55
N VAL A 736 42.27 -8.53 -6.00
CA VAL A 736 41.05 -8.11 -5.30
C VAL A 736 40.05 -9.26 -5.25
N ASP A 737 39.87 -9.85 -4.06
CA ASP A 737 38.85 -10.88 -3.85
C ASP A 737 37.45 -10.29 -4.02
N CYS A 738 36.70 -10.85 -4.97
CA CYS A 738 35.39 -10.36 -5.35
C CYS A 738 34.43 -10.32 -4.15
N THR A 739 34.24 -11.49 -3.53
CA THR A 739 33.23 -11.65 -2.50
C THR A 739 33.64 -10.92 -1.24
N MET A 740 34.80 -11.30 -0.69
CA MET A 740 35.28 -10.67 0.53
C MET A 740 35.39 -9.17 0.37
N TYR A 741 35.49 -8.66 -0.86
CA TYR A 741 35.46 -7.21 -0.98
C TYR A 741 34.05 -6.70 -0.77
N ILE A 742 33.12 -7.10 -1.63
CA ILE A 742 31.82 -6.44 -1.55
C ILE A 742 31.11 -6.77 -0.24
N CYS A 743 30.92 -8.06 0.04
CA CYS A 743 30.12 -8.47 1.19
C CYS A 743 30.78 -9.58 2.00
N GLY A 744 32.02 -9.37 2.43
CA GLY A 744 32.74 -10.40 3.13
C GLY A 744 31.96 -11.04 4.27
N ASP A 745 31.64 -12.32 4.09
CA ASP A 745 30.99 -13.16 5.11
C ASP A 745 29.58 -12.69 5.45
N SER A 746 28.75 -12.62 4.41
CA SER A 746 27.31 -12.32 4.57
C SER A 746 26.58 -13.15 3.51
N THR A 747 26.04 -14.29 3.96
CA THR A 747 25.41 -15.24 3.04
C THR A 747 24.27 -14.61 2.26
N GLU A 748 23.44 -13.80 2.92
CA GLU A 748 22.36 -13.11 2.22
C GLU A 748 22.92 -12.32 1.04
N CYS A 749 24.03 -11.60 1.27
CA CYS A 749 24.63 -10.84 0.19
C CYS A 749 25.19 -11.73 -0.90
N SER A 750 25.84 -12.83 -0.54
CA SER A 750 26.38 -13.68 -1.59
C SER A 750 25.26 -14.20 -2.48
N ASN A 751 24.16 -14.63 -1.86
CA ASN A 751 23.05 -15.19 -2.63
C ASN A 751 22.35 -14.13 -3.47
N LEU A 752 22.27 -12.89 -2.97
CA LEU A 752 21.76 -11.81 -3.80
C LEU A 752 22.71 -11.51 -4.96
N LEU A 753 24.00 -11.40 -4.67
CA LEU A 753 24.98 -11.01 -5.68
C LEU A 753 25.02 -12.01 -6.83
N LEU A 754 24.82 -13.30 -6.53
CA LEU A 754 24.84 -14.32 -7.59
C LEU A 754 23.95 -13.97 -8.77
N GLN A 755 22.94 -13.11 -8.57
CA GLN A 755 22.05 -12.73 -9.67
C GLN A 755 22.70 -11.82 -10.70
N TYR A 756 23.79 -11.13 -10.37
CA TYR A 756 24.38 -10.23 -11.35
C TYR A 756 25.31 -10.93 -12.33
N GLY A 757 25.60 -12.21 -12.15
CA GLY A 757 26.35 -12.96 -13.12
C GLY A 757 27.85 -12.92 -12.89
N SER A 758 28.61 -12.79 -13.98
CA SER A 758 30.05 -12.99 -13.96
C SER A 758 30.84 -11.69 -13.93
N PHE A 759 30.23 -10.59 -13.47
CA PHE A 759 30.92 -9.31 -13.51
C PHE A 759 32.18 -9.31 -12.66
N CYS A 760 32.06 -9.76 -11.42
CA CYS A 760 33.21 -9.82 -10.54
C CYS A 760 34.30 -10.73 -11.12
N THR A 761 33.91 -11.93 -11.57
CA THR A 761 34.89 -12.86 -12.13
C THR A 761 35.63 -12.21 -13.28
N GLN A 762 34.92 -11.39 -14.06
CA GLN A 762 35.52 -10.71 -15.18
C GLN A 762 36.59 -9.76 -14.68
N LEU A 763 36.26 -9.01 -13.62
CA LEU A 763 37.22 -8.06 -13.07
C LEU A 763 38.45 -8.79 -12.55
N ASN A 764 38.26 -9.95 -11.92
CA ASN A 764 39.38 -10.75 -11.45
C ASN A 764 40.28 -11.14 -12.62
N ARG A 765 39.69 -11.52 -13.74
CA ARG A 765 40.49 -11.93 -14.90
C ARG A 765 41.31 -10.75 -15.41
N ALA A 766 40.73 -9.56 -15.40
CA ALA A 766 41.46 -8.38 -15.86
C ALA A 766 42.67 -8.12 -14.96
N LEU A 767 42.46 -8.15 -13.65
CA LEU A 767 43.56 -7.85 -12.75
C LEU A 767 44.65 -8.90 -12.81
N THR A 768 44.32 -10.15 -13.10
CA THR A 768 45.40 -11.13 -13.27
C THR A 768 46.17 -10.88 -14.57
N GLY A 769 45.47 -10.46 -15.62
CA GLY A 769 46.18 -10.09 -16.84
C GLY A 769 47.24 -9.03 -16.59
N ILE A 770 46.85 -7.98 -15.84
CA ILE A 770 47.81 -6.93 -15.49
C ILE A 770 48.96 -7.51 -14.67
N ALA A 771 48.63 -8.31 -13.66
CA ALA A 771 49.65 -8.82 -12.75
C ALA A 771 50.67 -9.69 -13.46
N VAL A 772 50.31 -10.31 -14.58
CA VAL A 772 51.30 -11.07 -15.33
C VAL A 772 52.09 -10.18 -16.28
N GLU A 773 51.40 -9.21 -16.89
CA GLU A 773 52.08 -8.28 -17.78
C GLU A 773 53.24 -7.56 -17.08
N GLN A 774 53.15 -7.37 -15.76
CA GLN A 774 54.27 -6.70 -15.07
C GLN A 774 55.56 -7.51 -15.16
N ASP A 775 55.52 -8.78 -14.78
CA ASP A 775 56.72 -9.59 -14.88
C ASP A 775 57.19 -9.73 -16.31
N LYS A 776 56.26 -9.76 -17.27
CA LYS A 776 56.74 -9.79 -18.65
C LYS A 776 57.54 -8.53 -18.96
N ASN A 777 57.10 -7.39 -18.44
CA ASN A 777 57.81 -6.13 -18.68
C ASN A 777 59.23 -6.19 -18.15
N THR A 778 59.37 -6.52 -16.86
CA THR A 778 60.71 -6.56 -16.27
C THR A 778 61.60 -7.59 -16.95
N GLN A 779 61.03 -8.76 -17.27
CA GLN A 779 61.80 -9.79 -17.96
C GLN A 779 62.35 -9.26 -19.27
N GLU A 780 61.51 -8.56 -20.03
CA GLU A 780 61.93 -8.09 -21.34
C GLU A 780 62.96 -6.99 -21.24
N VAL A 781 62.86 -6.13 -20.22
CA VAL A 781 63.81 -5.04 -20.12
C VAL A 781 65.18 -5.56 -19.70
N PHE A 782 65.24 -6.39 -18.66
CA PHE A 782 66.55 -6.73 -18.12
C PHE A 782 67.14 -8.00 -18.72
N ALA A 783 66.37 -9.08 -18.82
CA ALA A 783 66.95 -10.35 -19.21
C ALA A 783 67.30 -10.41 -20.69
N GLN A 784 68.26 -9.59 -21.12
CA GLN A 784 68.71 -9.61 -22.51
C GLN A 784 70.06 -10.28 -22.70
N VAL A 785 70.75 -10.63 -21.63
CA VAL A 785 72.07 -11.25 -21.72
C VAL A 785 71.94 -12.73 -21.45
N LYS A 786 72.65 -13.54 -22.25
CA LYS A 786 72.53 -14.99 -22.12
C LYS A 786 73.31 -15.52 -20.93
N GLN A 787 74.51 -15.02 -20.69
CA GLN A 787 75.35 -15.48 -19.59
C GLN A 787 75.45 -14.42 -18.50
N ILE A 788 76.30 -14.68 -17.53
CA ILE A 788 76.53 -13.77 -16.41
C ILE A 788 78.02 -13.45 -16.39
N TYR A 789 78.41 -12.37 -17.07
CA TYR A 789 79.82 -12.03 -17.16
C TYR A 789 80.34 -11.55 -15.81
N LYS A 790 81.66 -11.43 -15.71
CA LYS A 790 82.30 -10.97 -14.48
C LYS A 790 83.55 -10.18 -14.83
N THR A 791 83.71 -9.01 -14.21
CA THR A 791 84.89 -8.21 -14.43
C THR A 791 86.14 -8.97 -13.97
N PRO A 792 87.29 -8.71 -14.60
CA PRO A 792 88.53 -9.28 -14.10
C PRO A 792 88.93 -8.64 -12.79
N PRO A 793 89.71 -9.33 -11.95
CA PRO A 793 90.10 -8.75 -10.66
C PRO A 793 90.92 -7.48 -10.80
N ILE A 794 91.90 -7.46 -11.70
CA ILE A 794 92.73 -6.28 -11.91
C ILE A 794 91.88 -5.19 -12.55
N LYS A 795 92.39 -3.96 -12.56
CA LYS A 795 91.61 -2.80 -12.98
C LYS A 795 92.42 -1.92 -13.92
N ASP A 796 93.04 -2.53 -14.93
CA ASP A 796 93.82 -1.81 -15.92
C ASP A 796 92.88 -1.34 -17.02
N PHE A 797 92.28 -0.16 -16.81
CA PHE A 797 91.33 0.39 -17.77
C PHE A 797 91.79 1.73 -18.32
N GLY A 798 93.05 1.80 -18.74
CA GLY A 798 93.57 3.01 -19.37
C GLY A 798 93.49 4.26 -18.52
N GLY A 799 93.08 4.11 -17.28
CA GLY A 799 92.97 5.23 -16.36
C GLY A 799 91.58 5.61 -15.95
N PHE A 800 90.57 4.85 -16.35
CA PHE A 800 89.20 5.17 -15.94
C PHE A 800 88.88 4.42 -14.64
N ASN A 801 87.90 4.94 -13.92
CA ASN A 801 87.60 4.46 -12.57
C ASN A 801 86.11 4.16 -12.51
N PHE A 802 85.76 2.87 -12.56
CA PHE A 802 84.38 2.44 -12.54
C PHE A 802 83.95 1.89 -11.18
N SER A 803 84.70 2.19 -10.13
CA SER A 803 84.39 1.62 -8.83
C SER A 803 83.07 2.16 -8.28
N GLN A 804 82.62 3.31 -8.79
CA GLN A 804 81.40 3.92 -8.31
C GLN A 804 80.15 3.33 -8.93
N ILE A 805 80.29 2.46 -9.93
CA ILE A 805 79.13 1.82 -10.54
C ILE A 805 79.26 0.30 -10.55
N LEU A 806 80.46 -0.25 -10.49
CA LEU A 806 80.63 -1.68 -10.35
C LEU A 806 80.20 -2.13 -8.95
N PRO A 807 79.73 -3.35 -8.81
CA PRO A 807 79.28 -3.82 -7.50
C PRO A 807 80.43 -3.92 -6.53
N ASP A 808 80.09 -3.96 -5.25
CA ASP A 808 81.06 -4.29 -4.22
C ASP A 808 80.49 -5.36 -3.31
N PRO A 809 81.29 -6.37 -2.97
CA PRO A 809 80.76 -7.52 -2.23
C PRO A 809 80.47 -7.22 -0.76
N SER A 810 80.67 -5.99 -0.29
CA SER A 810 80.63 -5.73 1.13
C SER A 810 79.23 -5.48 1.67
N LYS A 811 78.21 -5.95 0.95
CA LYS A 811 76.83 -5.77 1.39
C LYS A 811 76.03 -7.06 1.21
N SER A 813 72.78 -7.55 -0.02
CA SER A 813 72.43 -6.63 -1.09
C SER A 813 73.65 -6.26 -1.91
N LYS A 814 74.07 -7.16 -2.80
CA LYS A 814 75.31 -6.98 -3.55
C LYS A 814 75.11 -5.95 -4.67
N ARG A 815 74.72 -4.74 -4.26
CA ARG A 815 74.47 -3.65 -5.19
C ARG A 815 75.69 -2.74 -5.23
N SER A 816 75.60 -1.69 -6.03
CA SER A 816 76.67 -0.72 -6.15
C SER A 816 76.29 0.59 -5.46
N PHE A 817 77.22 1.53 -5.51
CA PHE A 817 77.09 2.78 -4.76
C PHE A 817 75.89 3.58 -5.23
N ILE A 818 75.84 3.88 -6.53
CA ILE A 818 74.76 4.70 -7.04
C ILE A 818 73.44 3.96 -6.98
N GLU A 819 73.45 2.63 -7.12
CA GLU A 819 72.23 1.87 -6.91
C GLU A 819 71.72 2.05 -5.49
N ASP A 820 72.63 2.13 -4.52
CA ASP A 820 72.23 2.37 -3.14
C ASP A 820 71.62 3.75 -2.99
N LEU A 821 72.32 4.78 -3.47
CA LEU A 821 71.78 6.13 -3.39
C LEU A 821 70.38 6.19 -3.99
N LEU A 822 70.15 5.44 -5.08
CA LEU A 822 68.82 5.45 -5.69
C LEU A 822 67.82 4.73 -4.80
N PHE A 823 68.23 3.62 -4.20
CA PHE A 823 67.29 2.87 -3.37
C PHE A 823 66.95 3.63 -2.11
N ASN A 824 67.79 4.58 -1.72
CA ASN A 824 67.51 5.40 -0.55
C ASN A 824 66.73 6.66 -0.90
N LYS A 825 66.83 7.15 -2.12
CA LYS A 825 66.07 8.36 -2.45
C LYS A 825 64.59 8.09 -2.69
N VAL A 826 64.14 6.84 -2.57
CA VAL A 826 62.74 6.48 -2.73
C VAL A 826 62.23 5.89 -1.42
N THR A 827 61.13 6.43 -0.92
CA THR A 827 60.61 6.04 0.38
C THR A 827 59.08 5.88 0.33
N LYS A 854 44.38 -3.65 2.45
CA LYS A 854 45.04 -4.95 2.41
C LYS A 854 44.23 -5.96 3.20
N PHE A 855 43.10 -5.50 3.71
CA PHE A 855 42.33 -6.26 4.69
C PHE A 855 41.08 -6.92 4.10
N ASN A 856 40.78 -6.68 2.83
CA ASN A 856 39.48 -7.02 2.25
C ASN A 856 39.69 -7.69 0.89
N GLY A 857 40.54 -8.70 0.87
CA GLY A 857 40.92 -9.35 -0.36
C GLY A 857 41.94 -8.56 -1.14
N LEU A 858 42.35 -7.40 -0.61
CA LEU A 858 43.33 -6.52 -1.24
C LEU A 858 44.73 -7.09 -1.05
N THR A 859 45.03 -8.14 -1.80
CA THR A 859 46.35 -8.75 -1.71
C THR A 859 47.34 -8.04 -2.63
N VAL A 860 48.59 -8.00 -2.19
CA VAL A 860 49.69 -7.40 -2.95
C VAL A 860 50.71 -8.51 -3.19
N LEU A 861 50.68 -9.09 -4.38
CA LEU A 861 51.58 -10.17 -4.72
C LEU A 861 53.04 -9.70 -4.76
N PRO A 862 53.99 -10.61 -4.61
CA PRO A 862 55.40 -10.24 -4.69
C PRO A 862 55.94 -10.37 -6.10
N PRO A 863 56.93 -9.56 -6.47
CA PRO A 863 57.48 -9.63 -7.83
C PRO A 863 58.35 -10.87 -8.00
N LEU A 864 58.30 -11.45 -9.20
CA LEU A 864 59.01 -12.69 -9.47
C LEU A 864 60.52 -12.53 -9.41
N LEU A 865 61.03 -11.40 -9.87
CA LEU A 865 62.47 -11.14 -9.87
C LEU A 865 62.84 -10.24 -8.70
N THR A 866 63.63 -10.76 -7.78
CA THR A 866 64.02 -10.00 -6.61
C THR A 866 65.23 -9.12 -6.89
N ASP A 867 65.33 -8.05 -6.10
CA ASP A 867 66.27 -6.97 -6.36
C ASP A 867 67.70 -7.49 -6.50
N GLU A 868 68.04 -8.56 -5.79
CA GLU A 868 69.39 -9.12 -5.94
C GLU A 868 69.60 -9.64 -7.35
N MET A 869 68.57 -10.27 -7.93
CA MET A 869 68.73 -10.81 -9.26
C MET A 869 68.74 -9.70 -10.29
N ILE A 870 67.96 -8.64 -10.06
CA ILE A 870 68.05 -7.47 -10.93
C ILE A 870 69.46 -6.87 -10.90
N ALA A 871 70.03 -6.73 -9.70
CA ALA A 871 71.38 -6.19 -9.58
C ALA A 871 72.39 -7.07 -10.30
N GLN A 872 72.18 -8.39 -10.25
CA GLN A 872 73.09 -9.30 -10.93
C GLN A 872 73.00 -9.13 -12.44
N TYR A 873 71.77 -8.99 -12.94
CA TYR A 873 71.54 -8.74 -14.35
C TYR A 873 72.31 -7.50 -14.80
N THR A 874 72.15 -6.40 -14.07
CA THR A 874 72.79 -5.15 -14.52
C THR A 874 74.30 -5.20 -14.37
N SER A 875 74.81 -5.88 -13.34
CA SER A 875 76.26 -6.06 -13.25
C SER A 875 76.77 -6.88 -14.42
N ALA A 876 75.98 -7.85 -14.88
CA ALA A 876 76.42 -8.65 -16.02
C ALA A 876 76.52 -7.78 -17.26
N LEU A 877 75.48 -7.00 -17.54
CA LEU A 877 75.52 -6.13 -18.72
C LEU A 877 76.68 -5.14 -18.64
N LEU A 878 76.92 -4.59 -17.46
CA LEU A 878 77.99 -3.59 -17.34
C LEU A 878 79.36 -4.21 -17.52
N ALA A 879 79.60 -5.38 -16.93
CA ALA A 879 80.90 -6.03 -17.11
C ALA A 879 81.09 -6.44 -18.55
N GLY A 880 80.02 -6.87 -19.21
CA GLY A 880 80.13 -7.22 -20.62
C GLY A 880 80.51 -6.02 -21.47
N THR A 881 79.83 -4.90 -21.27
CA THR A 881 80.14 -3.73 -22.07
C THR A 881 81.56 -3.26 -21.82
N ILE A 882 82.02 -3.33 -20.58
CA ILE A 882 83.34 -2.80 -20.26
C ILE A 882 84.43 -3.68 -20.85
N THR A 883 84.28 -5.00 -20.74
CA THR A 883 85.39 -5.85 -21.15
C THR A 883 85.31 -6.26 -22.60
N SER A 884 84.18 -6.09 -23.27
CA SER A 884 84.03 -6.65 -24.61
C SER A 884 83.37 -5.71 -25.60
N GLY A 885 83.10 -4.46 -25.23
CA GLY A 885 82.50 -3.61 -26.26
C GLY A 885 81.07 -4.03 -26.56
N TRP A 886 80.69 -3.87 -27.83
CA TRP A 886 79.36 -4.28 -28.26
C TRP A 886 79.28 -5.74 -28.69
N THR A 887 80.40 -6.40 -28.98
CA THR A 887 80.36 -7.71 -29.61
C THR A 887 79.54 -8.71 -28.80
N PHE A 888 79.47 -8.53 -27.49
CA PHE A 888 78.75 -9.47 -26.65
C PHE A 888 77.24 -9.42 -26.86
N GLY A 889 76.75 -8.52 -27.69
CA GLY A 889 75.34 -8.46 -27.98
C GLY A 889 75.04 -9.11 -29.31
N ALA A 890 76.09 -9.42 -30.07
CA ALA A 890 75.94 -10.10 -31.35
C ALA A 890 76.30 -11.57 -31.27
N GLY A 891 76.85 -12.03 -30.16
CA GLY A 891 77.27 -13.41 -30.02
C GLY A 891 78.16 -13.60 -28.82
N ALA A 892 79.30 -14.27 -29.02
CA ALA A 892 80.25 -14.48 -27.95
C ALA A 892 81.08 -13.21 -27.71
N ALA A 893 81.25 -12.87 -26.44
CA ALA A 893 82.03 -11.68 -26.10
C ALA A 893 83.49 -11.88 -26.44
N LEU A 894 84.06 -10.89 -27.12
CA LEU A 894 85.47 -10.91 -27.50
C LEU A 894 86.16 -9.74 -26.81
N GLN A 895 87.10 -10.04 -25.91
CA GLN A 895 87.74 -9.00 -25.14
C GLN A 895 88.61 -8.14 -26.04
N ILE A 896 88.83 -6.90 -25.61
CA ILE A 896 89.59 -5.91 -26.37
C ILE A 896 89.95 -4.76 -25.43
N PRO A 897 91.22 -4.33 -25.41
CA PRO A 897 91.63 -3.30 -24.45
C PRO A 897 90.77 -2.05 -24.54
N PHE A 898 90.42 -1.51 -23.37
CA PHE A 898 89.45 -0.43 -23.31
C PHE A 898 89.88 0.79 -24.11
N ALA A 899 91.18 1.13 -24.06
CA ALA A 899 91.63 2.28 -24.84
C ALA A 899 91.32 2.09 -26.32
N MET A 900 91.56 0.89 -26.85
CA MET A 900 91.25 0.65 -28.24
C MET A 900 89.75 0.67 -28.48
N GLN A 901 88.97 0.24 -27.50
CA GLN A 901 87.52 0.29 -27.69
C GLN A 901 87.05 1.72 -27.79
N MET A 902 87.57 2.60 -26.93
CA MET A 902 87.24 4.00 -27.05
C MET A 902 87.76 4.60 -28.34
N ALA A 903 88.86 4.06 -28.86
CA ALA A 903 89.31 4.49 -30.18
C ALA A 903 88.25 4.19 -31.23
N TYR A 904 87.66 3.00 -31.17
CA TYR A 904 86.60 2.67 -32.12
C TYR A 904 85.40 3.58 -31.91
N ARG A 905 85.03 3.83 -30.65
CA ARG A 905 83.88 4.67 -30.38
C ARG A 905 84.08 6.08 -30.95
N PHE A 906 85.26 6.66 -30.77
CA PHE A 906 85.55 7.93 -31.41
C PHE A 906 85.43 7.81 -32.91
N ASN A 907 86.27 6.96 -33.52
CA ASN A 907 86.29 6.83 -34.97
C ASN A 907 84.91 6.59 -35.56
N GLY A 908 83.95 6.17 -34.73
CA GLY A 908 82.60 6.00 -35.20
C GLY A 908 81.83 7.30 -35.41
N ILE A 909 82.26 8.38 -34.74
CA ILE A 909 81.55 9.65 -34.87
C ILE A 909 82.35 10.64 -35.72
N GLY A 910 83.29 10.16 -36.51
CA GLY A 910 84.04 11.05 -37.39
C GLY A 910 85.13 11.85 -36.71
N VAL A 911 85.89 11.23 -35.82
CA VAL A 911 87.04 11.85 -35.18
C VAL A 911 88.13 10.79 -35.11
N THR A 912 89.22 11.01 -35.84
CA THR A 912 90.25 9.98 -35.99
C THR A 912 90.82 9.56 -34.64
N GLN A 913 91.43 8.37 -34.64
CA GLN A 913 91.82 7.70 -33.41
C GLN A 913 92.91 8.47 -32.66
N ASN A 914 93.82 9.09 -33.40
CA ASN A 914 94.97 9.73 -32.77
C ASN A 914 94.56 10.81 -31.80
N VAL A 915 93.38 11.43 -31.97
CA VAL A 915 92.91 12.40 -30.99
C VAL A 915 92.75 11.76 -29.63
N LEU A 916 92.18 10.56 -29.59
CA LEU A 916 92.01 9.87 -28.32
C LEU A 916 93.36 9.44 -27.79
N TYR A 917 94.15 8.78 -28.63
CA TYR A 917 95.41 8.23 -28.14
C TYR A 917 96.32 9.32 -27.61
N GLU A 918 96.29 10.50 -28.22
CA GLU A 918 97.07 11.63 -27.74
C GLU A 918 96.46 12.32 -26.52
N ASN A 919 95.15 12.18 -26.28
CA ASN A 919 94.53 12.92 -25.17
C ASN A 919 93.94 11.97 -24.13
N GLN A 920 94.53 10.79 -23.98
CA GLN A 920 93.96 9.77 -23.12
C GLN A 920 93.86 10.23 -21.67
N LYS A 921 94.90 10.88 -21.16
CA LYS A 921 94.90 11.26 -19.75
C LYS A 921 93.87 12.36 -19.48
N LEU A 922 93.76 13.32 -20.40
CA LEU A 922 92.78 14.38 -20.24
C LEU A 922 91.36 13.82 -20.27
N ILE A 923 91.10 12.90 -21.19
CA ILE A 923 89.77 12.30 -21.27
C ILE A 923 89.47 11.51 -20.01
N ALA A 924 90.46 10.78 -19.50
CA ALA A 924 90.26 10.03 -18.27
C ALA A 924 89.86 10.97 -17.12
N ASN A 925 90.58 12.08 -16.98
CA ASN A 925 90.28 12.99 -15.89
C ASN A 925 88.89 13.60 -16.04
N GLN A 926 88.51 13.95 -17.27
CA GLN A 926 87.20 14.53 -17.49
C GLN A 926 86.09 13.54 -17.15
N PHE A 927 86.27 12.28 -17.55
CA PHE A 927 85.24 11.28 -17.29
C PHE A 927 85.10 11.01 -15.80
N ASN A 928 86.24 10.91 -15.09
CA ASN A 928 86.18 10.70 -13.64
C ASN A 928 85.46 11.85 -12.96
N SER A 929 85.81 13.09 -13.32
CA SER A 929 85.16 14.23 -12.70
C SER A 929 83.66 14.24 -12.97
N ALA A 930 83.26 13.80 -14.17
CA ALA A 930 81.83 13.77 -14.47
C ALA A 930 81.10 12.74 -13.62
N ILE A 931 81.69 11.56 -13.45
CA ILE A 931 81.09 10.56 -12.56
C ILE A 931 80.93 11.14 -11.16
N GLY A 932 81.94 11.84 -10.66
CA GLY A 932 81.84 12.43 -9.34
C GLY A 932 80.69 13.42 -9.25
N LYS A 933 80.54 14.24 -10.29
CA LYS A 933 79.45 15.21 -10.28
C LYS A 933 78.09 14.52 -10.28
N ILE A 934 77.97 13.39 -10.98
CA ILE A 934 76.70 12.65 -10.96
C ILE A 934 76.40 12.19 -9.54
N GLN A 935 77.40 11.60 -8.88
CA GLN A 935 77.21 11.17 -7.50
C GLN A 935 76.72 12.33 -6.65
N ASP A 936 77.36 13.49 -6.82
CA ASP A 936 77.03 14.65 -6.00
C ASP A 936 75.60 15.10 -6.25
N SER A 937 75.23 15.25 -7.53
CA SER A 937 73.89 15.70 -7.88
C SER A 937 72.83 14.79 -7.28
N LEU A 938 73.04 13.48 -7.34
CA LEU A 938 72.05 12.57 -6.77
C LEU A 938 72.04 12.66 -5.26
N SER A 939 73.21 12.71 -4.63
CA SER A 939 73.25 12.69 -3.17
C SER A 939 72.63 13.95 -2.61
N SER A 940 72.63 15.03 -3.40
CA SER A 940 72.16 16.32 -2.90
C SER A 940 70.68 16.55 -3.19
N THR A 941 70.30 16.54 -4.48
CA THR A 941 68.89 16.74 -4.80
C THR A 941 68.19 15.41 -5.02
N ALA A 942 66.91 15.37 -4.64
CA ALA A 942 66.11 14.16 -4.73
C ALA A 942 64.90 14.30 -5.65
N SER A 943 64.62 15.50 -6.15
CA SER A 943 63.51 15.78 -7.06
C SER A 943 63.77 15.27 -8.47
N ALA A 944 64.85 14.52 -8.68
CA ALA A 944 65.10 13.88 -9.96
C ALA A 944 64.26 12.63 -10.17
N LEU A 945 63.92 11.92 -9.09
CA LEU A 945 63.16 10.67 -9.19
C LEU A 945 61.65 10.90 -9.14
N GLY A 946 61.20 12.04 -9.63
CA GLY A 946 59.78 12.36 -9.61
C GLY A 946 58.94 11.34 -10.34
N LYS A 947 59.48 10.71 -11.38
CA LYS A 947 58.66 9.81 -12.20
C LYS A 947 58.28 8.57 -11.39
N LEU A 948 59.27 7.95 -10.76
CA LEU A 948 59.00 6.76 -9.97
C LEU A 948 58.18 7.12 -8.73
N GLN A 949 58.54 8.21 -8.07
CA GLN A 949 57.76 8.62 -6.90
C GLN A 949 56.32 8.85 -7.28
N ASP A 950 56.08 9.38 -8.50
CA ASP A 950 54.73 9.64 -8.96
C ASP A 950 53.97 8.36 -9.20
N VAL A 951 54.62 7.35 -9.79
CA VAL A 951 53.95 6.07 -9.99
C VAL A 951 53.50 5.52 -8.64
N VAL A 952 54.40 5.52 -7.66
CA VAL A 952 54.06 4.96 -6.35
C VAL A 952 52.90 5.72 -5.73
N ASN A 953 52.95 7.06 -5.80
CA ASN A 953 51.89 7.86 -5.20
C ASN A 953 50.55 7.62 -5.87
N GLN A 954 50.56 7.48 -7.20
CA GLN A 954 49.31 7.26 -7.92
C GLN A 954 48.66 5.96 -7.48
N ASN A 955 49.46 4.90 -7.34
CA ASN A 955 48.85 3.63 -6.94
C ASN A 955 48.37 3.68 -5.50
N ALA A 956 49.12 4.35 -4.62
CA ALA A 956 48.69 4.47 -3.24
C ALA A 956 47.36 5.21 -3.14
N GLN A 957 47.21 6.31 -3.88
CA GLN A 957 45.97 7.06 -3.81
C GLN A 957 44.81 6.27 -4.38
N ALA A 958 45.05 5.48 -5.43
CA ALA A 958 43.98 4.66 -5.97
C ALA A 958 43.48 3.66 -4.93
N LEU A 959 44.42 2.99 -4.25
CA LEU A 959 44.02 2.03 -3.23
C LEU A 959 43.26 2.72 -2.09
N ASN A 960 43.74 3.88 -1.66
CA ASN A 960 43.08 4.53 -0.53
C ASN A 960 41.67 4.98 -0.88
N THR A 961 41.47 5.46 -2.11
CA THR A 961 40.11 5.82 -2.51
C THR A 961 39.22 4.59 -2.57
N LEU A 962 39.75 3.48 -3.10
CA LEU A 962 38.95 2.27 -3.16
C LEU A 962 38.52 1.83 -1.76
N VAL A 963 39.42 1.90 -0.79
CA VAL A 963 39.06 1.47 0.56
C VAL A 963 38.05 2.43 1.18
N LYS A 964 38.32 3.73 1.10
CA LYS A 964 37.39 4.69 1.70
C LYS A 964 36.03 4.70 1.03
N GLN A 965 35.87 4.10 -0.15
CA GLN A 965 34.51 3.96 -0.67
C GLN A 965 33.65 3.00 0.13
N LEU A 966 34.26 2.15 0.97
CA LEU A 966 33.47 1.22 1.78
C LEU A 966 32.61 1.94 2.81
N SER A 967 33.01 3.14 3.23
CA SER A 967 32.32 3.88 4.28
C SER A 967 31.25 4.82 3.76
N SER A 968 30.64 4.52 2.63
CA SER A 968 29.60 5.38 2.07
C SER A 968 28.27 4.64 2.01
N ASN A 969 27.18 5.39 2.12
CA ASN A 969 25.86 4.82 2.27
C ASN A 969 25.18 4.53 0.94
N PHE A 970 25.53 5.30 -0.10
CA PHE A 970 24.94 5.16 -1.44
C PHE A 970 23.42 5.30 -1.41
N GLY A 971 22.87 5.97 -0.41
CA GLY A 971 21.44 6.10 -0.28
C GLY A 971 20.77 5.05 0.58
N ALA A 972 21.55 4.24 1.29
CA ALA A 972 20.99 3.24 2.18
C ALA A 972 20.93 3.80 3.60
N ILE A 973 20.64 2.94 4.57
CA ILE A 973 20.47 3.41 5.94
C ILE A 973 21.82 3.61 6.61
N SER A 974 22.60 2.54 6.73
CA SER A 974 23.90 2.58 7.37
C SER A 974 24.93 1.86 6.52
N SER A 975 26.15 2.36 6.55
CA SER A 975 27.20 1.81 5.70
C SER A 975 27.67 0.43 6.14
N VAL A 976 27.17 -0.09 7.26
CA VAL A 976 27.54 -1.41 7.75
C VAL A 976 26.45 -2.40 7.37
N LEU A 977 26.86 -3.59 6.94
CA LEU A 977 25.91 -4.60 6.49
C LEU A 977 25.24 -5.31 7.66
N ASN A 978 26.05 -5.87 8.56
CA ASN A 978 25.53 -6.57 9.73
C ASN A 978 24.56 -5.71 10.51
N ASP A 979 24.82 -4.41 10.55
CA ASP A 979 23.94 -3.51 11.29
C ASP A 979 22.55 -3.50 10.70
N ILE A 980 22.44 -3.45 9.37
CA ILE A 980 21.13 -3.48 8.73
C ILE A 980 20.52 -4.86 8.85
N LEU A 981 21.36 -5.90 8.79
CA LEU A 981 20.90 -7.27 8.91
C LEU A 981 20.20 -7.49 10.25
N SER A 982 20.69 -6.84 11.30
CA SER A 982 20.05 -6.95 12.59
C SER A 982 18.81 -6.06 12.63
N ARG A 983 18.97 -4.78 12.25
CA ARG A 983 17.85 -3.81 12.38
C ARG A 983 16.68 -4.16 11.47
N LEU A 984 16.94 -4.52 10.21
CA LEU A 984 15.83 -4.72 9.24
C LEU A 984 15.53 -6.21 9.03
N ASP A 985 14.31 -6.52 8.60
CA ASP A 985 13.93 -7.92 8.28
C ASP A 985 14.35 -8.20 6.84
N PRO A 986 14.58 -9.46 6.42
CA PRO A 986 14.91 -9.78 5.02
C PRO A 986 14.23 -8.95 3.92
N PRO A 987 12.89 -8.74 3.85
CA PRO A 987 12.28 -7.86 2.84
C PRO A 987 13.03 -6.52 2.67
N GLU A 988 13.32 -5.82 3.77
CA GLU A 988 13.98 -4.52 3.66
C GLU A 988 15.50 -4.63 3.63
N ALA A 989 16.06 -5.64 4.30
CA ALA A 989 17.47 -5.94 4.13
C ALA A 989 17.79 -6.19 2.67
N GLU A 990 16.84 -6.73 1.90
CA GLU A 990 17.06 -6.92 0.48
C GLU A 990 17.30 -5.60 -0.22
N VAL A 991 16.47 -4.60 0.06
CA VAL A 991 16.61 -3.31 -0.62
C VAL A 991 17.91 -2.64 -0.21
N GLN A 992 18.18 -2.59 1.10
CA GLN A 992 19.40 -1.96 1.58
C GLN A 992 20.64 -2.63 0.99
N ILE A 993 20.68 -3.96 1.04
CA ILE A 993 21.79 -4.70 0.45
C ILE A 993 21.94 -4.31 -1.02
N ASP A 994 20.88 -4.53 -1.81
CA ASP A 994 20.94 -4.22 -3.24
C ASP A 994 21.52 -2.84 -3.53
N ARG A 995 21.15 -1.84 -2.72
CA ARG A 995 21.76 -0.52 -2.89
C ARG A 995 23.26 -0.55 -2.63
N LEU A 996 23.66 -1.18 -1.53
CA LEU A 996 25.08 -1.23 -1.20
C LEU A 996 25.87 -1.97 -2.28
N ILE A 997 25.29 -3.05 -2.81
CA ILE A 997 25.95 -3.83 -3.85
C ILE A 997 26.13 -3.00 -5.11
N THR A 998 25.08 -2.32 -5.55
CA THR A 998 25.21 -1.47 -6.73
C THR A 998 26.33 -0.45 -6.55
N GLY A 999 26.34 0.21 -5.39
CA GLY A 999 27.36 1.23 -5.18
C GLY A 999 28.77 0.68 -5.20
N ARG A 1000 29.01 -0.36 -4.40
CA ARG A 1000 30.36 -0.90 -4.31
C ARG A 1000 30.81 -1.50 -5.64
N LEU A 1001 29.89 -2.11 -6.39
CA LEU A 1001 30.27 -2.66 -7.68
C LEU A 1001 30.68 -1.58 -8.65
N GLN A 1002 29.95 -0.46 -8.67
CA GLN A 1002 30.33 0.63 -9.55
C GLN A 1002 31.71 1.18 -9.19
N SER A 1003 31.96 1.36 -7.89
CA SER A 1003 33.28 1.85 -7.49
C SER A 1003 34.39 0.88 -7.90
N LEU A 1004 34.12 -0.42 -7.78
CA LEU A 1004 35.15 -1.39 -8.13
C LEU A 1004 35.45 -1.36 -9.63
N GLN A 1005 34.42 -1.27 -10.46
CA GLN A 1005 34.65 -1.19 -11.89
C GLN A 1005 35.45 0.05 -12.26
N THR A 1006 35.15 1.18 -11.61
CA THR A 1006 35.92 2.39 -11.91
C THR A 1006 37.40 2.19 -11.57
N TYR A 1007 37.67 1.55 -10.43
CA TYR A 1007 39.06 1.31 -10.05
C TYR A 1007 39.76 0.41 -11.06
N VAL A 1008 39.09 -0.65 -11.50
CA VAL A 1008 39.75 -1.57 -12.42
C VAL A 1008 40.01 -0.91 -13.76
N THR A 1009 39.14 -0.01 -14.20
CA THR A 1009 39.40 0.68 -15.45
C THR A 1009 40.59 1.63 -15.34
N GLN A 1010 40.66 2.37 -14.23
CA GLN A 1010 41.84 3.19 -13.99
C GLN A 1010 43.12 2.36 -14.05
N GLN A 1011 43.10 1.18 -13.44
CA GLN A 1011 44.31 0.37 -13.43
C GLN A 1011 44.66 -0.11 -14.83
N LEU A 1012 43.65 -0.48 -15.62
CA LEU A 1012 43.93 -0.93 -16.98
C LEU A 1012 44.64 0.15 -17.79
N ILE A 1013 44.14 1.39 -17.69
CA ILE A 1013 44.74 2.46 -18.48
C ILE A 1013 46.17 2.74 -18.02
N ARG A 1014 46.37 2.82 -16.70
CA ARG A 1014 47.72 3.11 -16.24
C ARG A 1014 48.70 2.00 -16.57
N ALA A 1015 48.22 0.76 -16.62
CA ALA A 1015 49.11 -0.33 -16.98
C ALA A 1015 49.46 -0.31 -18.45
N ALA A 1016 48.53 0.12 -19.31
CA ALA A 1016 48.89 0.31 -20.71
C ALA A 1016 49.97 1.36 -20.86
N GLU A 1017 49.88 2.45 -20.10
CA GLU A 1017 50.91 3.49 -20.20
C GLU A 1017 52.26 2.97 -19.71
N ILE A 1018 52.27 2.23 -18.60
CA ILE A 1018 53.53 1.69 -18.11
C ILE A 1018 54.13 0.71 -19.11
N ARG A 1019 53.30 -0.05 -19.81
CA ARG A 1019 53.85 -0.95 -20.82
C ARG A 1019 54.46 -0.18 -21.98
N ALA A 1020 53.88 0.96 -22.34
CA ALA A 1020 54.51 1.81 -23.34
C ALA A 1020 55.90 2.24 -22.89
N SER A 1021 56.00 2.72 -21.65
CA SER A 1021 57.31 3.18 -21.16
C SER A 1021 58.30 2.02 -21.02
N ALA A 1022 57.80 0.81 -20.80
CA ALA A 1022 58.70 -0.32 -20.67
C ALA A 1022 59.25 -0.74 -22.02
N ASN A 1023 58.41 -0.74 -23.05
CA ASN A 1023 58.91 -0.99 -24.40
C ASN A 1023 59.95 0.06 -24.78
N LEU A 1024 59.72 1.32 -24.41
CA LEU A 1024 60.72 2.34 -24.71
C LEU A 1024 62.03 2.06 -24.00
N ALA A 1025 61.98 1.64 -22.73
CA ALA A 1025 63.21 1.35 -22.01
C ALA A 1025 63.94 0.17 -22.62
N ALA A 1026 63.20 -0.85 -23.06
CA ALA A 1026 63.84 -2.00 -23.68
C ALA A 1026 64.56 -1.60 -24.97
N THR A 1027 63.88 -0.81 -25.80
CA THR A 1027 64.53 -0.32 -27.01
C THR A 1027 65.77 0.49 -26.69
N LYS A 1028 65.69 1.35 -25.67
CA LYS A 1028 66.83 2.21 -25.38
C LYS A 1028 67.99 1.42 -24.84
N MET A 1029 67.73 0.33 -24.12
CA MET A 1029 68.86 -0.44 -23.61
C MET A 1029 69.49 -1.26 -24.71
N SER A 1030 68.67 -1.79 -25.61
CA SER A 1030 69.22 -2.64 -26.66
C SER A 1030 69.97 -1.84 -27.70
N GLU A 1031 69.54 -0.60 -27.98
CA GLU A 1031 70.22 0.18 -28.99
C GLU A 1031 71.29 1.10 -28.42
N CYS A 1032 71.27 1.37 -27.12
CA CYS A 1032 72.13 2.37 -26.53
C CYS A 1032 73.20 1.80 -25.63
N VAL A 1033 73.00 0.62 -25.05
CA VAL A 1033 74.04 -0.03 -24.28
C VAL A 1033 74.76 -1.05 -25.15
N LEU A 1034 74.03 -2.06 -25.62
CA LEU A 1034 74.57 -3.14 -26.42
C LEU A 1034 75.19 -2.67 -27.74
N GLY A 1035 75.17 -1.38 -27.99
CA GLY A 1035 75.81 -0.83 -29.17
C GLY A 1035 75.81 0.67 -29.11
N GLN A 1036 76.44 1.29 -30.10
CA GLN A 1036 76.50 2.74 -30.21
C GLN A 1036 75.55 3.20 -31.31
N SER A 1037 74.69 4.16 -30.99
CA SER A 1037 73.67 4.62 -31.90
C SER A 1037 74.05 5.94 -32.56
N LYS A 1038 73.39 6.24 -33.68
CA LYS A 1038 73.54 7.51 -34.36
C LYS A 1038 72.22 8.26 -34.51
N ARG A 1039 71.26 7.99 -33.63
CA ARG A 1039 70.00 8.70 -33.64
C ARG A 1039 70.12 9.90 -32.70
N VAL A 1040 69.97 11.10 -33.25
CA VAL A 1040 70.27 12.30 -32.48
C VAL A 1040 69.33 12.41 -31.29
N ASP A 1041 69.89 12.84 -30.15
CA ASP A 1041 69.17 13.07 -28.90
C ASP A 1041 68.41 11.85 -28.41
N PHE A 1042 68.59 10.70 -29.03
CA PHE A 1042 67.95 9.49 -28.52
C PHE A 1042 68.70 8.97 -27.32
N CYS A 1043 69.97 9.32 -27.17
CA CYS A 1043 70.83 8.85 -26.10
C CYS A 1043 71.57 10.02 -25.47
N GLY A 1044 70.85 11.09 -25.15
CA GLY A 1044 71.46 12.22 -24.47
C GLY A 1044 72.07 13.26 -25.38
N LYS A 1045 71.96 14.54 -25.01
CA LYS A 1045 72.38 15.65 -25.85
C LYS A 1045 73.88 15.59 -26.13
N GLY A 1046 74.24 15.36 -27.38
CA GLY A 1046 75.62 15.33 -27.83
C GLY A 1046 75.88 14.10 -28.65
N TYR A 1047 77.10 14.01 -29.16
CA TYR A 1047 77.51 12.78 -29.83
C TYR A 1047 77.58 11.64 -28.83
N HIS A 1048 77.11 10.46 -29.21
CA HIS A 1048 76.95 9.37 -28.26
C HIS A 1048 78.18 8.48 -28.27
N LEU A 1049 78.71 8.16 -27.08
CA LEU A 1049 79.86 7.28 -26.99
C LEU A 1049 79.50 5.91 -26.43
N MET A 1050 78.81 5.85 -25.30
CA MET A 1050 78.27 4.62 -24.75
C MET A 1050 77.32 5.01 -23.62
N SER A 1051 76.87 4.01 -22.86
CA SER A 1051 76.01 4.27 -21.72
C SER A 1051 76.10 3.09 -20.77
N PHE A 1052 75.75 3.35 -19.51
CA PHE A 1052 75.76 2.31 -18.49
C PHE A 1052 74.42 2.30 -17.76
N PRO A 1053 73.81 1.14 -17.57
CA PRO A 1053 72.53 1.09 -16.86
C PRO A 1053 72.75 0.91 -15.36
N GLN A 1054 71.72 1.30 -14.61
CA GLN A 1054 71.71 1.11 -13.17
C GLN A 1054 70.28 0.82 -12.74
N SER A 1055 70.12 -0.15 -11.85
CA SER A 1055 68.78 -0.49 -11.40
C SER A 1055 68.24 0.59 -10.47
N ALA A 1056 66.93 0.55 -10.25
CA ALA A 1056 66.28 1.43 -9.27
C ALA A 1056 64.89 0.89 -9.00
N PRO A 1057 64.34 1.11 -7.80
CA PRO A 1057 63.05 0.51 -7.46
C PRO A 1057 61.95 0.85 -8.45
N HIS A 1058 61.46 -0.16 -9.16
CA HIS A 1058 60.48 0.01 -10.23
C HIS A 1058 61.00 0.98 -11.30
N GLY A 1059 62.10 0.62 -11.93
CA GLY A 1059 62.59 1.43 -13.02
C GLY A 1059 64.07 1.28 -13.23
N VAL A 1060 64.54 1.91 -14.30
CA VAL A 1060 65.94 1.84 -14.71
C VAL A 1060 66.47 3.25 -14.88
N VAL A 1061 67.80 3.38 -14.81
CA VAL A 1061 68.46 4.68 -14.88
C VAL A 1061 69.73 4.53 -15.72
N PHE A 1062 69.79 5.22 -16.85
CA PHE A 1062 70.93 5.19 -17.74
C PHE A 1062 71.87 6.35 -17.47
N LEU A 1063 73.15 6.13 -17.73
CA LEU A 1063 74.20 7.16 -17.69
C LEU A 1063 74.78 7.31 -19.10
N HIS A 1064 74.20 8.21 -19.88
CA HIS A 1064 74.59 8.48 -21.26
C HIS A 1064 75.91 9.24 -21.31
N VAL A 1065 76.99 8.54 -21.65
CA VAL A 1065 78.29 9.16 -21.89
C VAL A 1065 78.30 9.78 -23.28
N THR A 1066 78.38 11.11 -23.34
CA THR A 1066 78.35 11.82 -24.61
C THR A 1066 79.58 12.72 -24.74
N TYR A 1067 79.77 13.18 -25.98
CA TYR A 1067 80.93 13.97 -26.39
C TYR A 1067 80.43 15.27 -27.02
N VAL A 1068 80.93 16.40 -26.51
CA VAL A 1068 80.42 17.72 -26.87
C VAL A 1068 81.56 18.62 -27.34
N PRO A 1069 81.52 19.16 -28.55
CA PRO A 1069 82.59 20.06 -29.00
C PRO A 1069 82.57 21.36 -28.20
N ALA A 1070 83.75 21.93 -27.97
CA ALA A 1070 83.92 22.91 -26.90
C ALA A 1070 84.18 24.34 -27.39
N GLN A 1071 85.28 24.59 -28.11
CA GLN A 1071 85.68 25.96 -28.38
C GLN A 1071 86.27 26.09 -29.79
N GLU A 1072 85.70 27.02 -30.55
CA GLU A 1072 85.87 27.08 -32.00
C GLU A 1072 86.75 28.27 -32.42
N LYS A 1073 86.99 28.33 -33.74
CA LYS A 1073 87.76 29.38 -34.38
C LYS A 1073 87.14 29.70 -35.73
N ASN A 1074 87.15 31.00 -36.08
CA ASN A 1074 86.56 31.54 -37.30
C ASN A 1074 87.54 31.45 -38.48
N PHE A 1075 87.59 30.29 -39.13
CA PHE A 1075 88.44 30.14 -40.29
C PHE A 1075 87.71 30.58 -41.56
N THR A 1076 88.48 30.84 -42.62
CA THR A 1076 87.92 31.17 -43.92
C THR A 1076 88.03 29.95 -44.82
N THR A 1077 86.97 29.61 -45.53
CA THR A 1077 86.94 28.36 -46.27
C THR A 1077 86.74 28.61 -47.77
N ALA A 1078 86.69 27.51 -48.52
CA ALA A 1078 86.46 27.51 -49.96
C ALA A 1078 86.15 26.10 -50.43
N PRO A 1079 85.12 25.93 -51.28
CA PRO A 1079 84.65 24.57 -51.61
C PRO A 1079 85.66 23.69 -52.31
N ALA A 1080 86.56 24.26 -53.12
CA ALA A 1080 87.52 23.47 -53.88
C ALA A 1080 88.70 24.36 -54.23
N ILE A 1081 89.74 23.78 -54.81
CA ILE A 1081 90.89 24.59 -55.21
C ILE A 1081 91.32 24.25 -56.63
N CYS A 1082 91.82 25.27 -57.33
CA CYS A 1082 92.40 25.10 -58.65
C CYS A 1082 93.91 24.96 -58.51
N HIS A 1083 94.48 23.96 -59.20
CA HIS A 1083 95.92 23.82 -59.27
C HIS A 1083 96.45 23.93 -60.69
N ASP A 1084 95.89 23.16 -61.62
CA ASP A 1084 96.31 23.12 -63.01
C ASP A 1084 95.11 23.29 -63.93
N GLY A 1085 94.20 24.18 -63.55
CA GLY A 1085 92.97 24.31 -64.29
C GLY A 1085 91.91 23.30 -63.90
N LYS A 1086 92.30 22.25 -63.17
CA LYS A 1086 91.41 21.20 -62.72
C LYS A 1086 91.04 21.40 -61.27
N ALA A 1087 89.83 21.01 -60.91
CA ALA A 1087 89.37 21.21 -59.55
C ALA A 1087 89.83 20.09 -58.64
N HIS A 1088 90.10 20.45 -57.39
CA HIS A 1088 90.57 19.54 -56.36
C HIS A 1088 89.63 19.65 -55.18
N PHE A 1089 88.95 18.53 -54.83
CA PHE A 1089 88.03 18.46 -53.71
C PHE A 1089 88.60 17.60 -52.60
N PRO A 1090 88.33 17.92 -51.34
CA PRO A 1090 88.93 17.16 -50.24
C PRO A 1090 88.28 15.80 -50.10
N ARG A 1091 89.10 14.78 -49.86
CA ARG A 1091 88.59 13.42 -49.73
C ARG A 1091 87.64 13.30 -48.55
N GLU A 1092 88.15 13.49 -47.34
CA GLU A 1092 87.34 13.47 -46.13
C GLU A 1092 87.85 14.60 -45.23
N GLY A 1093 87.24 15.77 -45.36
CA GLY A 1093 87.71 16.93 -44.63
C GLY A 1093 87.08 18.19 -45.21
N VAL A 1094 87.76 19.31 -44.97
CA VAL A 1094 87.27 20.60 -45.44
C VAL A 1094 88.45 21.55 -45.55
N PHE A 1095 88.39 22.44 -46.53
CA PHE A 1095 89.48 23.38 -46.81
C PHE A 1095 89.31 24.60 -45.92
N VAL A 1096 90.27 24.84 -45.03
CA VAL A 1096 90.25 26.03 -44.21
C VAL A 1096 91.49 26.86 -44.52
N SER A 1097 91.48 28.08 -44.00
CA SER A 1097 92.55 29.03 -44.25
C SER A 1097 92.53 30.09 -43.16
N ASN A 1098 93.69 30.29 -42.54
CA ASN A 1098 93.88 31.34 -41.55
C ASN A 1098 94.27 32.66 -42.19
N GLY A 1099 93.92 32.85 -43.47
CA GLY A 1099 94.23 34.06 -44.19
C GLY A 1099 95.59 34.05 -44.87
N THR A 1100 96.53 33.24 -44.37
CA THR A 1100 97.88 33.18 -44.92
C THR A 1100 98.11 31.93 -45.78
N HIS A 1101 97.70 30.77 -45.29
CA HIS A 1101 97.91 29.53 -46.04
C HIS A 1101 96.61 28.76 -46.15
N TRP A 1102 96.65 27.56 -46.70
CA TRP A 1102 95.46 26.73 -46.83
C TRP A 1102 95.76 25.35 -46.31
N PHE A 1103 94.77 24.73 -45.68
CA PHE A 1103 94.93 23.38 -45.17
C PHE A 1103 93.62 22.63 -45.35
N VAL A 1104 93.70 21.31 -45.24
CA VAL A 1104 92.52 20.46 -45.18
C VAL A 1104 92.46 19.82 -43.80
N THR A 1105 91.30 19.91 -43.16
CA THR A 1105 91.16 19.43 -41.79
C THR A 1105 89.84 18.71 -41.63
N GLN A 1106 89.83 17.74 -40.73
CA GLN A 1106 88.61 16.99 -40.45
C GLN A 1106 87.54 17.92 -39.88
N ARG A 1107 86.29 17.54 -40.08
CA ARG A 1107 85.19 18.48 -39.85
C ARG A 1107 85.02 18.83 -38.38
N ASN A 1108 85.41 17.94 -37.46
CA ASN A 1108 85.02 18.10 -36.06
C ASN A 1108 86.17 18.43 -35.12
N PHE A 1109 87.40 18.62 -35.62
CA PHE A 1109 88.50 18.91 -34.71
C PHE A 1109 89.63 19.58 -35.49
N TYR A 1110 89.86 20.86 -35.24
CA TYR A 1110 90.84 21.61 -36.02
C TYR A 1110 92.22 20.98 -35.89
N GLU A 1111 92.70 20.39 -36.99
CA GLU A 1111 94.00 19.73 -37.01
C GLU A 1111 94.58 19.85 -38.40
N PRO A 1112 95.12 21.02 -38.75
CA PRO A 1112 95.43 21.32 -40.15
C PRO A 1112 96.51 20.41 -40.71
N GLN A 1113 96.42 20.16 -42.01
CA GLN A 1113 97.36 19.33 -42.74
C GLN A 1113 97.68 20.01 -44.06
N ILE A 1114 98.89 19.80 -44.56
CA ILE A 1114 99.24 20.29 -45.88
C ILE A 1114 98.40 19.58 -46.94
N ILE A 1115 98.02 20.33 -47.97
CA ILE A 1115 97.16 19.80 -49.02
C ILE A 1115 97.99 19.04 -50.04
N THR A 1116 98.20 17.74 -49.80
CA THR A 1116 98.90 16.93 -50.78
C THR A 1116 97.93 16.51 -51.87
N THR A 1117 98.43 15.81 -52.88
CA THR A 1117 97.56 15.18 -53.85
C THR A 1117 96.96 13.88 -53.34
N ASP A 1118 97.13 13.59 -52.06
CA ASP A 1118 96.50 12.43 -51.43
C ASP A 1118 95.29 12.80 -50.58
N ASN A 1119 95.33 13.95 -49.92
CA ASN A 1119 94.17 14.41 -49.17
C ASN A 1119 92.99 14.71 -50.06
N THR A 1120 93.22 14.97 -51.34
CA THR A 1120 92.17 15.42 -52.24
C THR A 1120 92.08 14.50 -53.45
N PHE A 1121 91.02 14.71 -54.22
CA PHE A 1121 90.80 14.01 -55.47
C PHE A 1121 90.34 15.02 -56.51
N VAL A 1122 90.74 14.78 -57.75
CA VAL A 1122 90.56 15.77 -58.81
C VAL A 1122 89.23 15.52 -59.51
N SER A 1123 88.76 16.56 -60.21
CA SER A 1123 87.60 16.46 -61.08
C SER A 1123 87.45 17.76 -61.85
N GLY A 1124 86.79 17.66 -63.01
CA GLY A 1124 86.39 18.75 -63.88
C GLY A 1124 87.49 19.75 -64.11
N ASN A 1125 87.09 21.00 -64.31
CA ASN A 1125 88.04 22.09 -64.42
C ASN A 1125 87.60 23.29 -63.58
N CYS A 1126 88.33 24.40 -63.68
CA CYS A 1126 88.04 25.58 -62.86
C CYS A 1126 86.75 26.28 -63.26
N ASP A 1127 86.15 25.91 -64.38
CA ASP A 1127 85.10 26.75 -64.96
C ASP A 1127 83.81 26.69 -64.16
N VAL A 1128 83.39 25.50 -63.74
CA VAL A 1128 81.99 25.28 -63.41
C VAL A 1128 81.69 25.52 -61.93
N VAL A 1129 82.61 25.16 -61.03
CA VAL A 1129 82.33 25.31 -59.61
C VAL A 1129 82.33 26.80 -59.26
N ILE A 1130 81.60 27.16 -58.22
CA ILE A 1130 81.44 28.55 -57.81
C ILE A 1130 82.26 28.79 -56.54
N GLY A 1131 83.11 29.81 -56.58
CA GLY A 1131 83.88 30.22 -55.42
C GLY A 1131 85.19 29.49 -55.24
N ILE A 1132 85.68 28.80 -56.26
CA ILE A 1132 86.96 28.12 -56.15
C ILE A 1132 88.07 29.17 -56.03
N VAL A 1133 89.22 28.73 -55.52
CA VAL A 1133 90.37 29.61 -55.30
C VAL A 1133 91.63 28.96 -55.86
N ASN A 1134 92.46 29.76 -56.51
CA ASN A 1134 93.73 29.27 -57.01
C ASN A 1134 94.63 28.89 -55.83
N ASN A 1135 95.42 27.85 -56.02
CA ASN A 1135 96.48 27.48 -55.08
C ASN A 1135 97.30 26.36 -55.70
N THR A 1136 98.27 25.88 -54.94
CA THR A 1136 99.19 24.83 -55.38
C THR A 1136 99.04 23.61 -54.49
N VAL A 1137 98.59 22.50 -55.06
CA VAL A 1137 98.53 21.23 -54.34
C VAL A 1137 99.88 20.54 -54.46
N TYR A 1138 100.57 20.40 -53.34
CA TYR A 1138 101.86 19.74 -53.35
C TYR A 1138 101.71 18.29 -53.77
N ASP A 1139 102.80 17.69 -54.23
CA ASP A 1139 102.79 16.31 -54.69
C ASP A 1139 103.96 15.55 -54.09
N PRO A 1140 103.71 14.46 -53.36
CA PRO A 1140 104.81 13.73 -52.70
C PRO A 1140 105.74 13.01 -53.66
N LEU A 1141 105.36 12.83 -54.93
CA LEU A 1141 106.21 12.08 -55.85
C LEU A 1141 107.30 12.91 -56.49
N GLN A 1142 107.12 14.23 -56.59
CA GLN A 1142 108.13 15.08 -57.21
C GLN A 1142 109.50 14.97 -56.53
N PRO A 1143 109.61 14.93 -55.19
CA PRO A 1143 110.95 14.77 -54.60
C PRO A 1143 111.67 13.52 -55.06
N GLU A 1144 111.02 12.35 -54.93
CA GLU A 1144 111.66 11.10 -55.33
C GLU A 1144 111.93 11.09 -56.83
N LEU A 1145 111.03 11.67 -57.63
CA LEU A 1145 111.23 11.70 -59.07
C LEU A 1145 112.44 12.55 -59.43
N ASP A 1146 112.68 13.63 -58.68
CA ASP A 1146 113.88 14.43 -58.91
C ASP A 1146 115.13 13.68 -58.46
N SER A 1147 115.14 13.20 -57.22
CA SER A 1147 116.27 12.45 -56.70
C SER A 1147 116.44 11.10 -57.39
N ALA B 27 30.28 -54.70 6.13
CA ALA B 27 30.95 -54.76 4.83
C ALA B 27 30.74 -53.46 4.06
N TYR B 28 31.76 -53.05 3.33
CA TYR B 28 31.72 -51.79 2.59
C TYR B 28 32.48 -51.97 1.29
N THR B 29 32.34 -50.99 0.41
CA THR B 29 33.08 -51.02 -0.85
C THR B 29 33.23 -49.59 -1.34
N ASN B 30 33.96 -49.42 -2.44
CA ASN B 30 34.46 -48.14 -2.90
C ASN B 30 33.84 -47.85 -4.27
N SER B 31 32.88 -46.92 -4.30
CA SER B 31 32.18 -46.58 -5.53
C SER B 31 33.10 -45.82 -6.48
N PHE B 32 33.83 -46.54 -7.32
CA PHE B 32 34.90 -45.95 -8.13
C PHE B 32 34.40 -44.79 -8.98
N THR B 33 33.52 -45.08 -9.93
CA THR B 33 33.21 -44.13 -10.99
C THR B 33 31.73 -44.08 -11.31
N ARG B 34 30.90 -44.89 -10.67
CA ARG B 34 29.51 -45.02 -11.08
C ARG B 34 28.65 -43.98 -10.38
N GLY B 35 27.44 -43.81 -10.90
CA GLY B 35 26.49 -42.90 -10.31
C GLY B 35 26.29 -41.62 -11.10
N VAL B 36 26.31 -41.72 -12.42
CA VAL B 36 26.17 -40.57 -13.29
C VAL B 36 24.98 -40.81 -14.21
N TYR B 37 24.11 -39.81 -14.29
CA TYR B 37 22.85 -39.92 -15.02
C TYR B 37 22.60 -38.63 -15.77
N TYR B 38 22.00 -38.73 -16.96
CA TYR B 38 21.70 -37.56 -17.76
C TYR B 38 20.84 -36.60 -16.96
N PRO B 39 21.40 -35.51 -16.45
CA PRO B 39 20.66 -34.69 -15.47
C PRO B 39 19.46 -33.99 -16.07
N ASP B 40 19.37 -33.88 -17.39
CA ASP B 40 18.25 -33.23 -18.03
C ASP B 40 18.00 -33.87 -19.38
N LYS B 41 17.17 -33.23 -20.19
CA LYS B 41 16.68 -33.81 -21.44
C LYS B 41 17.33 -33.20 -22.67
N VAL B 42 18.21 -32.22 -22.51
CA VAL B 42 18.76 -31.51 -23.66
C VAL B 42 19.75 -32.43 -24.36
N PHE B 43 20.13 -32.08 -25.59
CA PHE B 43 21.09 -32.86 -26.36
C PHE B 43 22.26 -31.96 -26.72
N ARG B 44 23.46 -32.37 -26.31
CA ARG B 44 24.68 -31.62 -26.57
C ARG B 44 25.69 -32.51 -27.25
N SER B 45 26.45 -31.94 -28.18
CA SER B 45 27.39 -32.71 -28.98
C SER B 45 28.80 -32.21 -28.73
N SER B 46 29.69 -33.11 -28.32
CA SER B 46 31.13 -32.88 -28.20
C SER B 46 31.50 -31.69 -27.33
N VAL B 47 30.58 -31.18 -26.52
CA VAL B 47 30.86 -30.04 -25.67
C VAL B 47 31.03 -30.54 -24.23
N LEU B 48 31.94 -29.92 -23.49
CA LEU B 48 32.16 -30.24 -22.08
C LEU B 48 31.26 -29.36 -21.23
N HIS B 49 30.15 -29.92 -20.77
CA HIS B 49 29.21 -29.18 -19.94
C HIS B 49 29.57 -29.27 -18.48
N SER B 50 29.16 -28.27 -17.70
CA SER B 50 29.44 -28.21 -16.27
C SER B 50 28.13 -27.91 -15.55
N THR B 51 27.56 -28.93 -14.91
CA THR B 51 26.25 -28.83 -14.27
C THR B 51 26.34 -29.19 -12.79
N GLN B 52 25.53 -28.51 -11.99
CA GLN B 52 25.44 -28.73 -10.55
C GLN B 52 24.12 -29.42 -10.20
N ASP B 53 24.21 -30.63 -9.67
CA ASP B 53 23.02 -31.32 -9.16
C ASP B 53 23.45 -32.32 -8.11
N LEU B 54 22.53 -33.21 -7.74
CA LEU B 54 22.79 -34.23 -6.73
C LEU B 54 23.38 -35.46 -7.41
N PHE B 55 24.66 -35.70 -7.18
CA PHE B 55 25.36 -36.84 -7.73
C PHE B 55 25.97 -37.65 -6.60
N LEU B 56 26.37 -38.86 -6.93
CA LEU B 56 27.09 -39.73 -5.99
C LEU B 56 28.57 -39.37 -6.00
N PRO B 57 29.08 -38.83 -4.89
CA PRO B 57 30.50 -38.46 -4.85
C PRO B 57 31.38 -39.64 -5.22
N PHE B 58 32.43 -39.36 -5.99
CA PHE B 58 33.28 -40.43 -6.49
C PHE B 58 34.03 -41.09 -5.35
N PHE B 59 34.39 -42.36 -5.56
CA PHE B 59 35.18 -43.12 -4.59
C PHE B 59 34.57 -43.09 -3.19
N SER B 60 33.24 -43.17 -3.14
CA SER B 60 32.54 -43.08 -1.86
C SER B 60 32.37 -44.48 -1.27
N ASN B 61 31.54 -44.59 -0.24
CA ASN B 61 31.31 -45.83 0.50
C ASN B 61 29.95 -46.39 0.19
N VAL B 62 29.91 -47.53 -0.48
CA VAL B 62 28.67 -48.26 -0.71
C VAL B 62 28.58 -49.38 0.31
N THR B 63 27.38 -49.60 0.83
CA THR B 63 27.14 -50.59 1.89
C THR B 63 26.84 -51.93 1.24
N TRP B 64 27.83 -52.82 1.25
CA TRP B 64 27.63 -54.16 0.70
C TRP B 64 26.57 -54.90 1.49
N PHE B 65 25.57 -55.43 0.79
CA PHE B 65 24.44 -56.09 1.43
C PHE B 65 24.28 -57.51 0.93
N HIS B 66 23.49 -58.27 1.69
CA HIS B 66 22.90 -59.54 1.25
C HIS B 66 21.89 -60.02 2.29
N ASN B 81 17.48 -56.07 3.06
CA ASN B 81 16.49 -56.69 3.92
C ASN B 81 15.88 -55.73 4.95
N PRO B 82 16.71 -54.97 5.69
CA PRO B 82 16.15 -54.10 6.72
C PRO B 82 15.73 -52.75 6.17
N VAL B 83 15.23 -51.86 7.01
CA VAL B 83 14.89 -50.52 6.56
C VAL B 83 16.16 -49.71 6.38
N LEU B 84 16.06 -48.65 5.58
CA LEU B 84 17.18 -47.75 5.35
C LEU B 84 16.64 -46.34 5.14
N PRO B 85 17.42 -45.32 5.45
CA PRO B 85 16.98 -43.93 5.21
C PRO B 85 16.99 -43.57 3.74
N PHE B 86 16.45 -42.38 3.47
CA PHE B 86 16.26 -41.85 2.13
C PHE B 86 16.68 -40.38 2.11
N ASN B 87 17.88 -40.10 2.63
CA ASN B 87 18.33 -38.73 2.90
C ASN B 87 17.98 -37.76 1.78
N ASP B 88 18.55 -37.97 0.60
CA ASP B 88 18.18 -37.19 -0.57
C ASP B 88 18.17 -37.99 -1.85
N GLY B 89 18.42 -39.28 -1.80
CA GLY B 89 18.51 -40.09 -2.99
C GLY B 89 19.17 -41.41 -2.65
N VAL B 90 19.25 -42.27 -3.65
CA VAL B 90 19.74 -43.62 -3.46
C VAL B 90 20.51 -44.02 -4.72
N TYR B 91 21.50 -44.88 -4.57
CA TYR B 91 22.15 -45.48 -5.72
C TYR B 91 21.96 -47.00 -5.67
N PHE B 92 20.71 -47.43 -5.48
CA PHE B 92 20.45 -48.86 -5.46
C PHE B 92 20.96 -49.51 -6.74
N ALA B 93 21.72 -50.58 -6.56
CA ALA B 93 22.29 -51.31 -7.68
C ALA B 93 21.98 -52.78 -7.47
N SER B 94 22.60 -53.65 -8.25
CA SER B 94 22.47 -55.08 -8.01
C SER B 94 23.43 -55.81 -8.91
N THR B 95 23.97 -56.90 -8.39
CA THR B 95 24.80 -57.83 -9.14
C THR B 95 24.16 -59.20 -9.01
N GLU B 96 23.17 -59.45 -9.85
CA GLU B 96 22.32 -60.61 -9.69
C GLU B 96 22.74 -61.72 -10.63
N LYS B 97 22.26 -62.93 -10.31
CA LYS B 97 22.48 -64.12 -11.11
C LYS B 97 21.16 -64.78 -11.51
N SER B 98 20.22 -64.93 -10.58
CA SER B 98 18.96 -65.60 -10.85
C SER B 98 17.76 -64.72 -10.50
N ASN B 99 17.90 -63.41 -10.69
CA ASN B 99 16.80 -62.44 -10.52
C ASN B 99 16.14 -62.52 -9.15
N ILE B 100 16.93 -62.81 -8.12
CA ILE B 100 16.39 -62.93 -6.77
C ILE B 100 15.73 -61.64 -6.30
N ILE B 101 16.29 -60.50 -6.68
CA ILE B 101 15.78 -59.21 -6.26
C ILE B 101 14.52 -58.88 -7.05
N ARG B 102 13.40 -58.66 -6.36
CA ARG B 102 12.14 -58.37 -7.02
C ARG B 102 11.74 -56.90 -6.99
N GLY B 103 11.64 -56.30 -5.82
CA GLY B 103 11.08 -54.97 -5.78
C GLY B 103 11.44 -54.16 -4.57
N TRP B 104 10.79 -53.01 -4.45
CA TRP B 104 11.04 -52.01 -3.43
C TRP B 104 9.81 -51.78 -2.57
N ILE B 105 10.02 -50.98 -1.53
CA ILE B 105 8.96 -50.43 -0.68
C ILE B 105 9.44 -49.09 -0.15
N PHE B 106 8.58 -48.09 -0.20
CA PHE B 106 8.96 -46.74 0.17
C PHE B 106 8.03 -46.24 1.28
N GLY B 107 8.12 -44.94 1.57
CA GLY B 107 7.18 -44.31 2.48
C GLY B 107 7.85 -43.73 3.70
N THR B 108 7.15 -42.86 4.41
CA THR B 108 7.72 -42.24 5.61
C THR B 108 7.52 -43.13 6.84
N THR B 109 6.28 -43.46 7.19
CA THR B 109 6.00 -44.27 8.36
C THR B 109 6.05 -45.76 8.06
N LEU B 110 6.25 -46.13 6.82
CA LEU B 110 6.49 -47.50 6.36
C LEU B 110 5.33 -48.46 6.62
N ASP B 111 4.16 -47.97 7.01
CA ASP B 111 3.01 -48.85 7.15
C ASP B 111 1.74 -48.00 7.08
N SER B 112 0.63 -48.55 7.52
CA SER B 112 -0.66 -47.90 7.43
C SER B 112 -0.64 -46.54 8.16
N LYS B 113 -1.72 -45.79 7.96
CA LYS B 113 -1.94 -44.41 8.40
C LYS B 113 -1.21 -43.42 7.51
N THR B 114 -0.47 -43.88 6.50
CA THR B 114 0.17 -43.00 5.54
C THR B 114 0.49 -43.81 4.29
N GLN B 115 0.14 -43.26 3.12
CA GLN B 115 0.41 -43.94 1.86
C GLN B 115 1.90 -44.22 1.69
N SER B 116 2.20 -45.25 0.90
CA SER B 116 3.56 -45.76 0.77
C SER B 116 3.67 -46.44 -0.59
N LEU B 117 4.43 -45.82 -1.51
CA LEU B 117 4.64 -46.37 -2.84
C LEU B 117 5.11 -47.82 -2.79
N LEU B 118 4.91 -48.56 -3.87
CA LEU B 118 5.27 -49.97 -3.91
C LEU B 118 5.55 -50.38 -5.34
N ILE B 119 6.82 -50.64 -5.65
CA ILE B 119 7.23 -51.15 -6.95
C ILE B 119 7.53 -52.63 -6.81
N VAL B 120 6.92 -53.45 -7.66
CA VAL B 120 7.00 -54.90 -7.52
C VAL B 120 6.99 -55.53 -8.90
N ASN B 121 7.81 -56.57 -9.08
CA ASN B 121 7.78 -57.43 -10.25
C ASN B 121 7.48 -58.83 -9.73
N ASN B 122 6.20 -59.22 -9.74
CA ASN B 122 5.81 -60.56 -9.30
C ASN B 122 5.73 -61.54 -10.47
N ALA B 123 6.80 -61.60 -11.26
CA ALA B 123 6.95 -62.52 -12.39
C ALA B 123 5.84 -62.37 -13.44
N THR B 124 5.06 -61.30 -13.38
CA THR B 124 4.11 -60.98 -14.44
C THR B 124 4.44 -59.64 -15.08
N ASN B 125 4.54 -58.58 -14.29
CA ASN B 125 4.73 -57.22 -14.80
C ASN B 125 5.01 -56.33 -13.61
N VAL B 126 5.46 -55.11 -13.90
CA VAL B 126 5.95 -54.20 -12.86
C VAL B 126 4.74 -53.41 -12.35
N VAL B 127 4.03 -54.03 -11.40
CA VAL B 127 2.76 -53.49 -10.94
C VAL B 127 3.01 -52.39 -9.89
N ILE B 128 3.05 -51.15 -10.34
CA ILE B 128 3.22 -50.03 -9.41
C ILE B 128 1.87 -49.72 -8.76
N LYS B 129 1.90 -49.51 -7.45
CA LYS B 129 0.73 -49.10 -6.70
C LYS B 129 1.13 -48.07 -5.67
N VAL B 130 0.15 -47.34 -5.14
CA VAL B 130 0.41 -46.43 -4.04
C VAL B 130 -0.57 -46.71 -2.91
N CYS B 131 -1.02 -47.97 -2.78
CA CYS B 131 -1.97 -48.29 -1.74
C CYS B 131 -1.29 -48.40 -0.40
N GLU B 132 -1.87 -47.76 0.61
CA GLU B 132 -1.28 -47.67 1.95
C GLU B 132 -1.37 -48.97 2.73
N PHE B 133 -0.58 -49.97 2.34
CA PHE B 133 -0.71 -51.30 2.91
C PHE B 133 -0.43 -51.31 4.42
N GLN B 134 -0.78 -52.44 5.03
CA GLN B 134 -0.29 -52.85 6.34
C GLN B 134 0.74 -53.95 6.07
N PHE B 135 2.01 -53.63 6.27
CA PHE B 135 3.10 -54.43 5.74
C PHE B 135 3.51 -55.55 6.69
N CYS B 136 4.23 -56.52 6.12
CA CYS B 136 4.81 -57.64 6.83
C CYS B 136 6.31 -57.45 6.91
N ASN B 137 6.89 -57.77 8.06
CA ASN B 137 8.32 -57.55 8.24
C ASN B 137 9.19 -58.57 7.51
N ASP B 138 8.67 -59.44 6.63
CA ASP B 138 9.56 -60.31 5.87
C ASP B 138 8.85 -60.90 4.64
N PRO B 139 8.46 -60.10 3.66
CA PRO B 139 7.74 -60.62 2.50
C PRO B 139 8.70 -61.03 1.40
N PHE B 140 8.15 -61.70 0.39
CA PHE B 140 8.90 -62.02 -0.83
C PHE B 140 7.96 -62.59 -1.88
N ASN B 164 -6.45 -49.29 1.94
CA ASN B 164 -7.07 -47.94 2.11
C ASN B 164 -7.37 -47.33 0.74
N ASN B 165 -8.09 -46.20 0.72
CA ASN B 165 -8.46 -45.54 -0.57
C ASN B 165 -7.16 -45.27 -1.35
N CYS B 166 -6.99 -45.90 -2.51
CA CYS B 166 -5.75 -45.75 -3.33
C CYS B 166 -5.79 -44.44 -4.12
N THR B 167 -4.70 -44.11 -4.83
CA THR B 167 -4.65 -42.82 -5.56
C THR B 167 -3.83 -42.97 -6.86
N PHE B 168 -3.37 -44.18 -7.17
CA PHE B 168 -2.55 -44.38 -8.36
C PHE B 168 -2.36 -45.87 -8.54
N GLU B 169 -2.06 -46.26 -9.78
CA GLU B 169 -1.69 -47.64 -10.09
C GLU B 169 -1.10 -47.70 -11.49
N TYR B 170 -0.57 -48.86 -11.83
CA TYR B 170 -0.13 -49.23 -13.17
C TYR B 170 0.17 -50.72 -13.16
N VAL B 171 -0.15 -51.38 -14.27
CA VAL B 171 0.19 -52.78 -14.50
C VAL B 171 0.50 -52.97 -15.97
N SER B 172 1.66 -53.54 -16.28
CA SER B 172 2.00 -53.87 -17.66
C SER B 172 1.35 -55.18 -18.07
N PHE B 186 27.42 -64.28 -10.85
CA PHE B 186 26.80 -62.96 -10.93
C PHE B 186 27.02 -62.41 -12.33
N LYS B 187 25.95 -62.20 -13.10
CA LYS B 187 26.15 -61.72 -14.47
C LYS B 187 25.19 -60.62 -14.93
N ASN B 188 24.32 -60.10 -14.08
CA ASN B 188 23.44 -58.99 -14.47
C ASN B 188 23.67 -57.82 -13.53
N LEU B 189 23.90 -56.62 -14.07
CA LEU B 189 24.01 -55.41 -13.26
C LEU B 189 22.87 -54.45 -13.59
N ARG B 190 21.90 -54.36 -12.68
CA ARG B 190 20.77 -53.46 -12.83
C ARG B 190 20.97 -52.26 -11.91
N GLU B 191 21.70 -51.26 -12.39
CA GLU B 191 21.89 -50.07 -11.59
C GLU B 191 20.64 -49.20 -11.64
N PHE B 192 20.36 -48.51 -10.52
CA PHE B 192 19.15 -47.72 -10.39
C PHE B 192 19.43 -46.49 -9.54
N VAL B 193 18.71 -45.40 -9.82
CA VAL B 193 18.75 -44.18 -9.01
C VAL B 193 17.33 -43.64 -8.87
N PHE B 194 16.96 -43.25 -7.65
CA PHE B 194 15.62 -42.77 -7.36
C PHE B 194 15.75 -41.44 -6.66
N LYS B 195 14.85 -40.49 -6.97
CA LYS B 195 14.95 -39.25 -6.21
C LYS B 195 13.71 -38.38 -6.41
N ASN B 196 13.55 -37.41 -5.51
CA ASN B 196 12.49 -36.43 -5.62
C ASN B 196 13.04 -35.01 -5.69
N TYR B 200 8.42 -34.15 -7.44
CA TYR B 200 7.91 -35.51 -7.31
C TYR B 200 8.93 -36.56 -7.75
N PHE B 201 8.45 -37.78 -8.03
CA PHE B 201 9.33 -38.95 -8.03
C PHE B 201 9.93 -39.18 -9.42
N LYS B 202 11.25 -39.40 -9.47
CA LYS B 202 11.95 -39.69 -10.71
C LYS B 202 12.78 -40.96 -10.55
N ILE B 203 13.01 -41.65 -11.67
CA ILE B 203 13.78 -42.89 -11.68
C ILE B 203 14.72 -42.91 -12.88
N TYR B 204 15.93 -43.41 -12.67
CA TYR B 204 16.91 -43.65 -13.72
C TYR B 204 17.44 -45.06 -13.56
N SER B 205 17.83 -45.68 -14.67
CA SER B 205 18.24 -47.08 -14.62
C SER B 205 19.30 -47.37 -15.67
N LYS B 206 19.86 -48.58 -15.58
CA LYS B 206 20.77 -49.12 -16.58
C LYS B 206 21.03 -50.60 -16.34
N HIS B 207 20.88 -51.42 -17.39
CA HIS B 207 20.86 -52.88 -17.24
C HIS B 207 21.96 -53.50 -18.10
N THR B 208 23.18 -53.61 -17.55
CA THR B 208 24.33 -54.08 -18.32
C THR B 208 24.76 -55.50 -17.95
N PRO B 209 25.17 -56.29 -18.94
CA PRO B 209 25.75 -57.61 -18.64
C PRO B 209 27.13 -57.48 -18.03
N ILE B 210 27.41 -58.33 -17.04
CA ILE B 210 28.65 -58.27 -16.26
C ILE B 210 29.14 -59.69 -16.00
N ASN B 211 30.23 -59.77 -15.24
CA ASN B 211 30.86 -61.03 -14.85
C ASN B 211 31.69 -60.85 -13.58
N ASP B 215 32.91 -56.91 -4.85
CA ASP B 215 32.99 -57.14 -6.29
C ASP B 215 32.06 -56.21 -7.05
N LEU B 216 32.38 -54.92 -7.02
CA LEU B 216 31.64 -53.93 -7.79
C LEU B 216 32.46 -53.48 -8.99
N PRO B 217 32.07 -53.84 -10.21
CA PRO B 217 32.94 -53.63 -11.37
C PRO B 217 33.24 -52.16 -11.61
N GLN B 218 34.52 -51.84 -11.78
CA GLN B 218 34.94 -50.50 -12.16
C GLN B 218 34.43 -50.16 -13.55
N GLY B 219 34.71 -48.95 -14.00
CA GLY B 219 34.26 -48.48 -15.29
C GLY B 219 33.19 -47.41 -15.19
N PHE B 220 32.64 -47.06 -16.36
CA PHE B 220 31.77 -45.91 -16.50
C PHE B 220 30.54 -46.28 -17.30
N SER B 221 29.38 -45.80 -16.85
CA SER B 221 28.13 -46.04 -17.57
C SER B 221 27.09 -45.02 -17.12
N ALA B 222 26.57 -44.24 -18.05
CA ALA B 222 25.54 -43.27 -17.74
C ALA B 222 24.22 -43.97 -17.45
N LEU B 223 23.24 -43.20 -16.98
CA LEU B 223 21.92 -43.71 -16.63
C LEU B 223 20.86 -42.94 -17.39
N GLU B 224 20.07 -43.64 -18.21
CA GLU B 224 18.98 -42.98 -18.92
C GLU B 224 17.79 -42.78 -18.00
N PRO B 225 17.11 -41.63 -18.09
CA PRO B 225 15.89 -41.42 -17.29
C PRO B 225 14.69 -42.13 -17.85
N LEU B 226 14.28 -43.24 -17.25
CA LEU B 226 13.19 -44.02 -17.83
C LEU B 226 11.79 -43.71 -17.30
N VAL B 227 11.63 -43.21 -16.07
CA VAL B 227 10.29 -42.93 -15.56
C VAL B 227 10.25 -41.65 -14.73
N ASP B 228 9.11 -40.98 -14.78
CA ASP B 228 8.71 -39.95 -13.83
C ASP B 228 7.29 -40.22 -13.34
N LEU B 229 7.07 -40.02 -12.05
CA LEU B 229 5.80 -40.31 -11.39
C LEU B 229 5.39 -39.09 -10.57
N PRO B 230 4.24 -38.48 -10.85
CA PRO B 230 3.74 -37.28 -10.14
C PRO B 230 2.83 -37.59 -8.96
N ILE B 231 3.38 -38.17 -7.90
CA ILE B 231 2.57 -38.69 -6.81
C ILE B 231 2.62 -37.83 -5.55
N GLY B 232 3.55 -36.87 -5.47
CA GLY B 232 3.60 -35.94 -4.36
C GLY B 232 3.68 -36.55 -2.97
N ILE B 233 3.96 -37.86 -2.88
CA ILE B 233 4.07 -38.49 -1.58
C ILE B 233 5.32 -37.96 -0.88
N ASN B 234 5.29 -37.98 0.46
CA ASN B 234 6.45 -37.60 1.26
C ASN B 234 7.16 -38.86 1.75
N ILE B 235 8.43 -39.01 1.37
CA ILE B 235 9.20 -40.21 1.68
C ILE B 235 10.41 -39.82 2.51
N THR B 236 10.77 -40.69 3.46
CA THR B 236 12.00 -40.54 4.22
C THR B 236 12.73 -41.85 4.47
N ARG B 237 12.14 -42.99 4.13
CA ARG B 237 12.76 -44.29 4.38
C ARG B 237 12.29 -45.24 3.29
N PHE B 238 12.98 -46.38 3.19
CA PHE B 238 12.59 -47.39 2.22
C PHE B 238 13.19 -48.73 2.64
N GLN B 239 12.87 -49.76 1.88
CA GLN B 239 13.24 -51.13 2.22
C GLN B 239 13.43 -51.89 0.91
N THR B 240 13.40 -53.21 0.97
CA THR B 240 13.66 -54.02 -0.22
C THR B 240 12.93 -55.34 -0.11
N LEU B 241 12.42 -55.80 -1.24
CA LEU B 241 11.77 -57.09 -1.39
C LEU B 241 12.76 -58.14 -1.89
N LEU B 242 12.36 -59.40 -1.76
CA LEU B 242 13.15 -60.51 -2.28
C LEU B 242 12.28 -61.71 -2.59
N ALA B 263 23.00 -63.34 -4.52
CA ALA B 263 22.96 -62.00 -5.10
C ALA B 263 23.18 -60.94 -4.03
N ALA B 264 23.63 -59.77 -4.46
CA ALA B 264 23.96 -58.69 -3.54
C ALA B 264 23.56 -57.36 -4.17
N TYR B 265 23.40 -56.35 -3.32
CA TYR B 265 23.10 -55.01 -3.78
C TYR B 265 23.86 -54.00 -2.93
N TYR B 266 23.76 -52.73 -3.30
CA TYR B 266 24.53 -51.66 -2.67
C TYR B 266 23.69 -50.40 -2.60
N VAL B 267 23.99 -49.56 -1.60
CA VAL B 267 23.20 -48.36 -1.31
C VAL B 267 24.15 -47.17 -1.24
N GLY B 268 24.20 -46.37 -2.30
CA GLY B 268 24.88 -45.09 -2.24
C GLY B 268 24.04 -44.06 -1.50
N TYR B 269 24.48 -42.81 -1.57
CA TYR B 269 23.70 -41.69 -1.04
C TYR B 269 24.13 -40.40 -1.75
N LEU B 270 23.23 -39.84 -2.56
CA LEU B 270 23.53 -38.66 -3.34
C LEU B 270 23.87 -37.47 -2.46
N GLN B 271 24.62 -36.53 -3.03
CA GLN B 271 24.98 -35.26 -2.42
C GLN B 271 24.99 -34.18 -3.49
N PRO B 272 24.78 -32.91 -3.11
CA PRO B 272 24.79 -31.78 -4.07
C PRO B 272 26.18 -31.34 -4.54
N ARG B 273 26.70 -32.01 -5.58
CA ARG B 273 28.07 -31.79 -6.02
C ARG B 273 28.12 -31.43 -7.49
N THR B 274 28.89 -30.40 -7.81
CA THR B 274 29.07 -29.98 -9.20
C THR B 274 29.99 -30.95 -9.92
N PHE B 275 29.59 -31.38 -11.11
CA PHE B 275 30.42 -32.25 -11.93
C PHE B 275 30.81 -31.56 -13.24
N LEU B 276 31.47 -32.32 -14.09
CA LEU B 276 31.89 -31.88 -15.42
C LEU B 276 31.65 -33.05 -16.37
N LEU B 277 30.67 -32.91 -17.25
CA LEU B 277 30.26 -33.99 -18.13
C LEU B 277 30.85 -33.79 -19.53
N LYS B 278 31.22 -34.90 -20.15
CA LYS B 278 31.78 -34.92 -21.50
C LYS B 278 30.79 -35.57 -22.46
N TYR B 279 29.91 -34.77 -23.03
CA TYR B 279 29.06 -35.25 -24.10
C TYR B 279 29.91 -35.52 -25.33
N ASN B 280 29.76 -36.70 -25.91
CA ASN B 280 30.44 -36.98 -27.16
C ASN B 280 29.64 -36.41 -28.32
N GLU B 281 29.96 -36.84 -29.55
CA GLU B 281 29.27 -36.27 -30.70
C GLU B 281 27.85 -36.80 -30.88
N ASN B 282 27.56 -38.00 -30.38
CA ASN B 282 26.20 -38.53 -30.48
C ASN B 282 25.26 -38.00 -29.41
N GLY B 283 25.75 -37.16 -28.50
CA GLY B 283 24.95 -36.76 -27.37
C GLY B 283 24.99 -37.73 -26.22
N THR B 284 26.00 -38.60 -26.17
CA THR B 284 26.14 -39.61 -25.14
C THR B 284 27.24 -39.18 -24.18
N ILE B 285 26.89 -39.10 -22.89
CA ILE B 285 27.90 -38.81 -21.88
C ILE B 285 28.91 -39.94 -21.89
N THR B 286 30.19 -39.59 -22.08
CA THR B 286 31.23 -40.60 -22.08
C THR B 286 32.18 -40.53 -20.89
N ASP B 287 32.17 -39.43 -20.13
CA ASP B 287 33.14 -39.28 -19.07
C ASP B 287 32.78 -38.07 -18.22
N ALA B 288 33.13 -38.13 -16.94
CA ALA B 288 32.85 -37.04 -16.02
C ALA B 288 34.03 -36.85 -15.09
N VAL B 289 34.08 -35.67 -14.47
CA VAL B 289 35.15 -35.27 -13.57
C VAL B 289 34.51 -34.61 -12.35
N ASP B 290 34.68 -35.21 -11.19
CA ASP B 290 34.14 -34.64 -9.96
C ASP B 290 34.89 -33.35 -9.65
N CYS B 291 34.19 -32.24 -9.72
CA CYS B 291 34.81 -30.92 -9.63
C CYS B 291 35.21 -30.56 -8.20
N ALA B 292 35.18 -31.46 -7.22
CA ALA B 292 35.69 -31.11 -5.89
C ALA B 292 36.49 -32.23 -5.24
N LEU B 293 36.90 -33.25 -5.98
CA LEU B 293 37.55 -34.40 -5.35
C LEU B 293 38.94 -34.04 -4.83
N ASP B 294 39.80 -33.50 -5.69
CA ASP B 294 41.16 -33.19 -5.29
C ASP B 294 41.70 -32.08 -6.19
N PRO B 295 42.77 -31.40 -5.77
CA PRO B 295 43.28 -30.25 -6.54
C PRO B 295 43.40 -30.46 -8.04
N LEU B 296 43.96 -31.59 -8.47
CA LEU B 296 44.02 -31.86 -9.91
C LEU B 296 42.65 -31.74 -10.54
N SER B 297 41.62 -32.24 -9.85
CA SER B 297 40.28 -32.22 -10.43
C SER B 297 39.72 -30.80 -10.42
N GLU B 298 40.01 -30.05 -9.36
CA GLU B 298 39.61 -28.66 -9.33
C GLU B 298 40.23 -27.90 -10.50
N THR B 299 41.47 -28.24 -10.84
CA THR B 299 42.14 -27.61 -11.97
C THR B 299 41.46 -27.98 -13.29
N LYS B 300 41.28 -29.29 -13.52
CA LYS B 300 40.59 -29.73 -14.73
C LYS B 300 39.23 -29.06 -14.86
N CYS B 301 38.60 -28.74 -13.73
CA CYS B 301 37.26 -28.19 -13.77
C CYS B 301 37.30 -26.70 -14.07
N THR B 302 38.27 -25.98 -13.49
CA THR B 302 38.37 -24.55 -13.76
C THR B 302 38.87 -24.25 -15.17
N LEU B 303 39.68 -25.14 -15.74
CA LEU B 303 40.14 -24.95 -17.11
C LEU B 303 39.12 -25.38 -18.16
N LYS B 304 38.02 -26.02 -17.75
CA LYS B 304 37.05 -26.57 -18.68
C LYS B 304 37.71 -27.50 -19.70
N SER B 305 38.66 -28.30 -19.22
CA SER B 305 39.39 -29.22 -20.08
C SER B 305 39.61 -30.54 -19.35
N PHE B 306 39.83 -31.58 -20.14
CA PHE B 306 40.19 -32.88 -19.59
C PHE B 306 41.70 -33.11 -19.61
N THR B 307 42.47 -32.11 -20.01
CA THR B 307 43.92 -32.16 -19.97
C THR B 307 44.41 -30.73 -19.75
N VAL B 308 45.44 -30.59 -18.93
CA VAL B 308 46.01 -29.28 -18.63
C VAL B 308 47.50 -29.32 -18.88
N GLU B 309 47.97 -28.44 -19.75
CA GLU B 309 49.41 -28.32 -20.00
C GLU B 309 50.10 -27.80 -18.75
N LYS B 310 51.39 -28.15 -18.62
CA LYS B 310 52.18 -27.76 -17.46
C LYS B 310 52.05 -26.28 -17.16
N GLY B 311 51.94 -25.95 -15.87
CA GLY B 311 51.87 -24.56 -15.48
C GLY B 311 51.53 -24.41 -14.00
N ILE B 312 51.03 -23.22 -13.66
CA ILE B 312 50.56 -22.89 -12.32
C ILE B 312 49.26 -22.11 -12.43
N TYR B 313 48.15 -22.73 -12.02
CA TYR B 313 46.84 -22.13 -12.13
C TYR B 313 46.30 -21.81 -10.73
N GLN B 314 45.48 -20.76 -10.65
CA GLN B 314 44.83 -20.37 -9.41
C GLN B 314 43.38 -20.82 -9.44
N THR B 315 42.93 -21.48 -8.37
CA THR B 315 41.58 -22.04 -8.39
C THR B 315 40.65 -21.39 -7.37
N SER B 316 40.98 -21.40 -6.09
CA SER B 316 40.01 -20.99 -5.08
C SER B 316 40.61 -20.07 -4.04
N ASN B 317 39.86 -19.79 -2.97
CA ASN B 317 40.24 -18.78 -1.98
C ASN B 317 40.18 -19.39 -0.57
N PHE B 318 41.35 -19.77 -0.06
CA PHE B 318 41.44 -20.22 1.33
C PHE B 318 41.04 -19.09 2.28
N ARG B 319 40.18 -19.41 3.24
CA ARG B 319 39.74 -18.40 4.20
C ARG B 319 39.36 -19.05 5.53
N VAL B 320 40.09 -18.70 6.60
CA VAL B 320 39.76 -19.21 7.92
C VAL B 320 38.35 -18.79 8.30
N GLN B 321 37.68 -19.60 9.14
CA GLN B 321 36.37 -19.20 9.58
C GLN B 321 36.36 -18.76 11.06
N PRO B 322 35.49 -17.82 11.42
CA PRO B 322 35.43 -17.34 12.81
C PRO B 322 34.96 -18.44 13.76
N THR B 323 35.84 -18.84 14.67
CA THR B 323 35.56 -20.02 15.49
C THR B 323 34.44 -19.75 16.51
N GLU B 324 34.47 -18.61 17.20
CA GLU B 324 33.53 -18.34 18.28
C GLU B 324 33.25 -16.86 18.41
N SER B 325 32.00 -16.52 18.73
CA SER B 325 31.64 -15.13 18.94
C SER B 325 31.87 -14.75 20.40
N ILE B 326 32.03 -13.45 20.64
CA ILE B 326 32.30 -12.94 21.98
C ILE B 326 31.59 -11.60 22.10
N VAL B 327 31.58 -11.05 23.31
CA VAL B 327 30.85 -9.83 23.64
C VAL B 327 31.40 -9.29 24.96
N ARG B 328 31.62 -7.98 24.99
CA ARG B 328 32.20 -7.35 26.18
C ARG B 328 31.51 -6.02 26.46
N PHE B 329 31.15 -5.80 27.72
CA PHE B 329 30.45 -4.61 28.16
C PHE B 329 30.96 -4.22 29.55
N PRO B 330 30.80 -2.95 29.94
CA PRO B 330 31.35 -2.48 31.20
C PRO B 330 30.78 -3.22 32.40
N ASN B 331 31.44 -3.08 33.55
CA ASN B 331 30.98 -3.77 34.78
C ASN B 331 29.58 -3.29 35.13
N ILE B 332 28.57 -4.14 34.93
CA ILE B 332 27.14 -3.75 35.16
C ILE B 332 26.96 -3.43 36.65
N THR B 333 26.67 -2.17 36.98
CA THR B 333 26.44 -1.76 38.40
C THR B 333 25.26 -0.78 38.43
N ASN B 334 25.21 0.10 39.43
CA ASN B 334 24.13 1.12 39.54
C ASN B 334 22.76 0.48 39.27
N LEU B 335 22.35 -0.48 40.10
CA LEU B 335 21.06 -1.19 39.86
C LEU B 335 19.90 -0.33 40.39
N CYS B 336 18.67 -0.62 39.94
CA CYS B 336 17.53 0.20 40.34
C CYS B 336 17.07 -0.21 41.73
N PRO B 337 16.53 0.72 42.51
CA PRO B 337 16.05 0.38 43.85
C PRO B 337 14.62 -0.12 43.82
N PHE B 338 14.47 -1.37 43.38
CA PHE B 338 13.19 -2.05 43.51
C PHE B 338 12.98 -2.60 44.90
N GLY B 339 14.04 -2.71 45.69
CA GLY B 339 13.87 -3.13 47.07
C GLY B 339 13.09 -2.14 47.89
N GLU B 340 13.03 -0.89 47.44
CA GLU B 340 12.28 0.16 48.12
C GLU B 340 10.83 0.26 47.66
N VAL B 341 10.49 -0.38 46.55
CA VAL B 341 9.13 -0.34 46.03
C VAL B 341 8.32 -1.55 46.48
N PHE B 342 8.96 -2.71 46.58
CA PHE B 342 8.30 -3.96 46.92
C PHE B 342 8.46 -4.35 48.38
N ASN B 343 9.65 -4.15 48.94
CA ASN B 343 9.90 -4.48 50.35
C ASN B 343 9.68 -3.30 51.27
N ALA B 344 8.84 -2.36 50.89
CA ALA B 344 8.56 -1.20 51.73
C ALA B 344 7.73 -1.61 52.94
N THR B 345 7.95 -0.91 54.06
CA THR B 345 7.26 -1.26 55.29
C THR B 345 5.76 -1.04 55.18
N ARG B 346 5.34 0.15 54.76
CA ARG B 346 3.94 0.52 54.73
C ARG B 346 3.49 0.82 53.31
N PHE B 347 2.36 0.25 52.93
CA PHE B 347 1.76 0.49 51.63
C PHE B 347 0.59 1.45 51.78
N ALA B 348 0.39 2.30 50.78
CA ALA B 348 -0.63 3.32 50.86
C ALA B 348 -2.00 2.74 50.52
N SER B 349 -3.04 3.49 50.86
CA SER B 349 -4.39 3.11 50.50
C SER B 349 -4.61 3.27 49.00
N VAL B 350 -5.62 2.58 48.48
CA VAL B 350 -5.82 2.59 47.03
C VAL B 350 -6.31 3.96 46.56
N TYR B 351 -7.00 4.71 47.41
CA TYR B 351 -7.50 6.02 47.00
C TYR B 351 -6.41 7.09 46.99
N ALA B 352 -5.28 6.85 47.63
CA ALA B 352 -4.16 7.77 47.67
C ALA B 352 -2.87 7.03 47.36
N TRP B 353 -2.89 6.24 46.29
CA TRP B 353 -1.76 5.41 45.92
C TRP B 353 -0.49 6.24 45.77
N ASN B 354 0.65 5.61 46.01
CA ASN B 354 1.94 6.28 46.03
C ASN B 354 2.70 6.03 44.74
N ARG B 355 3.22 7.10 44.14
CA ARG B 355 3.99 7.00 42.91
C ARG B 355 5.46 7.28 43.17
N LYS B 356 6.33 6.51 42.53
CA LYS B 356 7.77 6.71 42.60
C LYS B 356 8.35 6.64 41.21
N ARG B 357 9.17 7.63 40.87
CA ARG B 357 9.77 7.76 39.55
C ARG B 357 11.17 7.18 39.57
N ILE B 358 11.40 6.16 38.76
CA ILE B 358 12.66 5.41 38.75
C ILE B 358 13.40 5.73 37.47
N SER B 359 14.62 6.24 37.60
CA SER B 359 15.41 6.63 36.44
C SER B 359 16.88 6.61 36.81
N ASN B 360 17.72 6.59 35.77
CA ASN B 360 19.17 6.65 35.91
C ASN B 360 19.73 5.40 36.61
N CYS B 361 19.24 4.23 36.20
CA CYS B 361 19.65 3.01 36.88
C CYS B 361 19.43 1.81 35.97
N VAL B 362 20.15 0.75 36.28
CA VAL B 362 20.15 -0.48 35.48
C VAL B 362 19.11 -1.42 36.08
N ALA B 363 17.90 -1.41 35.51
CA ALA B 363 16.84 -2.24 36.05
C ALA B 363 17.10 -3.70 35.75
N ASP B 364 16.95 -4.56 36.76
CA ASP B 364 17.07 -6.00 36.59
C ASP B 364 15.66 -6.60 36.60
N TYR B 365 15.01 -6.55 35.44
CA TYR B 365 13.61 -6.95 35.36
C TYR B 365 13.44 -8.46 35.48
N SER B 366 14.32 -9.23 34.87
CA SER B 366 14.13 -10.69 34.84
C SER B 366 14.36 -11.32 36.19
N VAL B 367 14.96 -10.59 37.14
CA VAL B 367 15.13 -11.13 38.48
C VAL B 367 13.85 -10.97 39.29
N LEU B 368 13.15 -9.86 39.11
CA LEU B 368 11.84 -9.71 39.74
C LEU B 368 10.80 -10.60 39.08
N TYR B 369 11.11 -11.14 37.90
CA TYR B 369 10.16 -12.01 37.22
C TYR B 369 10.00 -13.33 37.96
N ASN B 370 11.10 -13.96 38.36
CA ASN B 370 11.09 -15.33 38.86
C ASN B 370 11.15 -15.42 40.37
N SER B 371 10.53 -14.48 41.09
CA SER B 371 10.65 -14.48 42.54
C SER B 371 9.93 -15.65 43.19
N ALA B 372 9.01 -16.30 42.48
CA ALA B 372 8.14 -17.35 43.02
C ALA B 372 7.30 -16.84 44.19
N SER B 373 7.15 -15.53 44.30
CA SER B 373 6.47 -14.89 45.42
C SER B 373 5.17 -14.22 45.01
N PHE B 374 5.02 -13.82 43.76
CA PHE B 374 3.90 -13.00 43.31
C PHE B 374 2.80 -13.89 42.76
N SER B 375 1.61 -13.76 43.33
CA SER B 375 0.48 -14.53 42.86
C SER B 375 0.11 -14.17 41.43
N THR B 376 0.10 -12.87 41.11
CA THR B 376 -0.33 -12.39 39.81
C THR B 376 0.81 -11.61 39.15
N PHE B 377 1.11 -11.95 37.90
CA PHE B 377 2.14 -11.25 37.14
C PHE B 377 1.66 -11.16 35.69
N LYS B 378 1.34 -9.95 35.25
CA LYS B 378 0.92 -9.73 33.88
C LYS B 378 1.73 -8.59 33.28
N CYS B 379 1.83 -8.58 31.96
CA CYS B 379 2.62 -7.58 31.24
C CYS B 379 1.90 -7.24 29.95
N TYR B 380 1.33 -6.03 29.89
CA TYR B 380 0.51 -5.61 28.75
C TYR B 380 1.34 -4.75 27.80
N GLY B 381 1.48 -5.21 26.56
CA GLY B 381 2.21 -4.49 25.55
C GLY B 381 3.69 -4.80 25.47
N VAL B 382 4.25 -5.41 26.51
CA VAL B 382 5.64 -5.84 26.53
C VAL B 382 5.68 -7.29 26.96
N SER B 383 6.31 -8.14 26.15
CA SER B 383 6.47 -9.53 26.55
C SER B 383 7.43 -9.60 27.73
N PRO B 384 7.20 -10.43 28.79
CA PRO B 384 8.06 -10.41 29.97
C PRO B 384 9.36 -11.20 29.80
N THR B 385 9.49 -11.98 28.71
CA THR B 385 10.73 -12.68 28.44
C THR B 385 11.74 -11.83 27.70
N LYS B 386 11.39 -10.60 27.33
CA LYS B 386 12.22 -9.70 26.53
C LYS B 386 12.37 -8.36 27.23
N LEU B 387 12.29 -8.36 28.55
CA LEU B 387 12.25 -7.10 29.28
C LEU B 387 13.60 -6.41 29.35
N ASN B 388 14.70 -7.15 29.21
CA ASN B 388 16.01 -6.57 29.41
C ASN B 388 16.61 -5.98 28.13
N ASP B 389 15.93 -6.07 27.00
CA ASP B 389 16.46 -5.54 25.75
C ASP B 389 15.65 -4.37 25.19
N LEU B 390 14.53 -4.02 25.81
CA LEU B 390 13.78 -2.83 25.45
C LEU B 390 13.93 -1.84 26.60
N CYS B 391 14.48 -0.66 26.32
CA CYS B 391 14.75 0.25 27.42
C CYS B 391 14.23 1.65 27.14
N PHE B 392 13.73 2.28 28.19
CA PHE B 392 12.81 3.41 28.11
C PHE B 392 13.39 4.61 28.84
N THR B 393 12.61 5.69 28.83
CA THR B 393 13.07 6.92 29.45
C THR B 393 12.81 6.90 30.95
N ASN B 394 11.56 6.71 31.35
CA ASN B 394 11.21 6.70 32.77
C ASN B 394 10.31 5.52 33.05
N VAL B 395 10.44 4.99 34.26
CA VAL B 395 9.59 3.92 34.75
C VAL B 395 8.92 4.41 36.03
N TYR B 396 7.58 4.38 36.04
CA TYR B 396 6.80 4.86 37.17
C TYR B 396 6.28 3.66 37.94
N ALA B 397 6.39 3.70 39.26
CA ALA B 397 5.92 2.63 40.12
C ALA B 397 4.81 3.16 41.02
N ASP B 398 3.67 2.47 41.02
CA ASP B 398 2.52 2.85 41.83
C ASP B 398 2.17 1.68 42.74
N SER B 399 2.05 1.95 44.04
CA SER B 399 1.83 0.91 45.03
C SER B 399 0.61 1.23 45.90
N PHE B 400 -0.19 0.22 46.18
CA PHE B 400 -1.38 0.37 47.01
C PHE B 400 -1.82 -1.01 47.47
N VAL B 401 -2.92 -1.05 48.22
CA VAL B 401 -3.44 -2.29 48.81
C VAL B 401 -4.93 -2.40 48.50
N ILE B 402 -5.33 -3.55 47.96
CA ILE B 402 -6.74 -3.85 47.71
C ILE B 402 -7.02 -5.27 48.17
N ARG B 403 -8.25 -5.74 47.97
CA ARG B 403 -8.63 -7.08 48.37
C ARG B 403 -8.65 -8.02 47.17
N GLY B 404 -8.56 -9.32 47.45
CA GLY B 404 -8.19 -10.28 46.42
C GLY B 404 -9.18 -10.34 45.28
N ASP B 405 -10.45 -10.12 45.55
CA ASP B 405 -11.46 -10.21 44.50
C ASP B 405 -11.43 -9.03 43.54
N GLU B 406 -10.79 -7.93 43.90
CA GLU B 406 -10.74 -6.76 43.05
C GLU B 406 -9.49 -6.68 42.20
N VAL B 407 -8.58 -7.65 42.31
CA VAL B 407 -7.38 -7.63 41.49
C VAL B 407 -7.72 -7.75 40.02
N ARG B 408 -8.83 -8.42 39.72
CA ARG B 408 -9.30 -8.51 38.33
C ARG B 408 -9.53 -7.13 37.73
N GLN B 409 -9.92 -6.15 38.55
CA GLN B 409 -10.24 -4.83 38.03
C GLN B 409 -9.01 -4.03 37.63
N ILE B 410 -7.83 -4.40 38.09
CA ILE B 410 -6.61 -3.62 37.82
C ILE B 410 -6.10 -4.12 36.48
N ALA B 411 -6.69 -3.58 35.41
CA ALA B 411 -6.36 -3.97 34.05
C ALA B 411 -7.08 -3.02 33.09
N PRO B 412 -6.52 -2.76 31.91
CA PRO B 412 -7.17 -1.82 31.00
C PRO B 412 -8.54 -2.32 30.56
N GLY B 413 -9.48 -1.38 30.43
CA GLY B 413 -10.82 -1.67 29.95
C GLY B 413 -11.77 -2.24 30.98
N GLN B 414 -11.37 -2.30 32.25
CA GLN B 414 -12.18 -2.89 33.30
C GLN B 414 -12.84 -1.79 34.11
N THR B 415 -14.02 -2.11 34.66
CA THR B 415 -14.81 -1.16 35.43
C THR B 415 -15.32 -1.82 36.71
N GLY B 416 -15.63 -1.01 37.70
CA GLY B 416 -16.09 -1.47 38.98
C GLY B 416 -16.13 -0.33 39.98
N LYS B 417 -15.59 -0.59 41.17
CA LYS B 417 -15.45 0.47 42.16
C LYS B 417 -14.01 0.98 42.21
N ILE B 418 -13.04 0.07 42.11
CA ILE B 418 -11.65 0.47 42.11
C ILE B 418 -11.30 1.18 40.81
N ALA B 419 -11.77 0.64 39.69
CA ALA B 419 -11.38 1.18 38.39
C ALA B 419 -12.16 2.43 38.00
N ASP B 420 -13.14 2.84 38.79
CA ASP B 420 -13.93 4.02 38.45
C ASP B 420 -13.75 5.17 39.42
N TYR B 421 -13.52 4.89 40.69
CA TYR B 421 -13.37 5.95 41.67
C TYR B 421 -11.99 6.03 42.30
N ASN B 422 -11.13 5.03 42.11
CA ASN B 422 -9.84 5.00 42.79
C ASN B 422 -8.65 5.04 41.84
N TYR B 423 -8.59 4.14 40.86
CA TYR B 423 -7.39 3.99 40.05
C TYR B 423 -7.77 3.44 38.68
N LYS B 424 -7.47 4.20 37.62
CA LYS B 424 -7.80 3.80 36.27
C LYS B 424 -6.56 3.78 35.40
N LEU B 425 -6.46 2.75 34.54
CA LEU B 425 -5.41 2.54 33.56
C LEU B 425 -5.97 2.77 32.15
N PRO B 426 -5.20 3.40 31.26
CA PRO B 426 -5.73 3.72 29.94
C PRO B 426 -5.93 2.48 29.09
N ASP B 427 -6.47 2.71 27.89
CA ASP B 427 -6.71 1.63 26.95
C ASP B 427 -5.42 1.05 26.38
N ASP B 428 -4.38 1.87 26.24
CA ASP B 428 -3.11 1.44 25.67
C ASP B 428 -2.00 1.46 26.71
N PHE B 429 -2.30 0.95 27.90
CA PHE B 429 -1.30 0.80 28.94
C PHE B 429 -0.18 -0.13 28.48
N THR B 430 1.06 0.31 28.67
CA THR B 430 2.24 -0.49 28.36
C THR B 430 3.07 -0.61 29.64
N GLY B 431 3.08 -1.80 30.22
CA GLY B 431 3.72 -2.01 31.49
C GLY B 431 3.27 -3.32 32.10
N CYS B 432 3.46 -3.43 33.40
CA CYS B 432 3.19 -4.67 34.12
C CYS B 432 2.38 -4.40 35.39
N VAL B 433 1.67 -5.43 35.84
CA VAL B 433 0.93 -5.39 37.09
C VAL B 433 1.33 -6.61 37.91
N ILE B 434 1.72 -6.39 39.16
CA ILE B 434 2.23 -7.43 40.03
C ILE B 434 1.51 -7.36 41.37
N ALA B 435 1.04 -8.51 41.85
CA ALA B 435 0.28 -8.54 43.10
C ALA B 435 0.59 -9.82 43.85
N TRP B 436 0.46 -9.78 45.17
CA TRP B 436 0.65 -10.96 46.00
C TRP B 436 -0.09 -10.79 47.31
N ASN B 437 -0.25 -11.91 48.02
CA ASN B 437 -1.10 -11.96 49.21
C ASN B 437 -0.29 -11.63 50.45
N SER B 438 -0.67 -10.57 51.15
CA SER B 438 0.08 -10.13 52.31
C SER B 438 -0.78 -10.13 53.56
N ASN B 439 -1.50 -11.22 53.80
CA ASN B 439 -2.37 -11.30 54.95
C ASN B 439 -1.61 -11.17 56.27
N ASN B 440 -0.32 -11.50 56.28
CA ASN B 440 0.46 -11.43 57.51
C ASN B 440 0.69 -10.01 57.99
N LEU B 441 0.84 -9.06 57.08
CA LEU B 441 1.22 -7.70 57.41
C LEU B 441 0.07 -6.71 57.39
N ASP B 442 -1.00 -6.99 56.66
CA ASP B 442 -2.05 -6.00 56.46
C ASP B 442 -3.38 -6.39 57.11
N SER B 443 -3.41 -7.42 57.95
CA SER B 443 -4.63 -7.80 58.65
C SER B 443 -4.33 -8.15 60.10
N LYS B 444 -5.31 -7.90 60.96
CA LYS B 444 -5.19 -8.14 62.40
C LYS B 444 -6.42 -8.89 62.89
N VAL B 445 -6.24 -9.68 63.95
CA VAL B 445 -7.32 -10.43 64.58
C VAL B 445 -8.44 -9.47 64.95
N GLY B 446 -9.60 -9.64 64.31
CA GLY B 446 -10.70 -8.71 64.43
C GLY B 446 -10.78 -7.70 63.31
N GLY B 447 -9.69 -7.50 62.58
CA GLY B 447 -9.69 -6.58 61.46
C GLY B 447 -8.52 -5.61 61.47
N ASN B 448 -8.24 -5.00 60.32
CA ASN B 448 -7.35 -3.86 60.22
C ASN B 448 -8.14 -2.70 59.64
N TYR B 449 -8.15 -1.57 60.33
CA TYR B 449 -8.99 -0.44 59.98
C TYR B 449 -8.19 0.80 59.61
N ASN B 450 -7.04 0.60 58.96
CA ASN B 450 -6.19 1.69 58.50
C ASN B 450 -6.15 1.80 56.98
N TYR B 451 -6.78 0.88 56.26
CA TYR B 451 -6.80 0.89 54.80
C TYR B 451 -8.20 1.21 54.32
N LEU B 452 -8.31 2.21 53.47
CA LEU B 452 -9.60 2.75 53.04
C LEU B 452 -9.71 2.67 51.53
N TYR B 453 -10.88 3.06 51.02
CA TYR B 453 -11.09 3.19 49.59
C TYR B 453 -12.31 4.05 49.34
N ARG B 454 -12.21 4.93 48.35
CA ARG B 454 -13.30 5.84 48.03
C ARG B 454 -14.48 5.08 47.45
N LEU B 455 -15.68 5.45 47.90
CA LEU B 455 -16.89 4.77 47.50
C LEU B 455 -17.91 5.66 46.80
N PHE B 456 -17.88 6.96 47.04
CA PHE B 456 -18.82 7.90 46.44
C PHE B 456 -18.05 8.99 45.70
N ARG B 457 -18.44 9.24 44.45
CA ARG B 457 -17.82 10.28 43.65
C ARG B 457 -18.79 10.74 42.59
N LYS B 458 -18.63 11.99 42.15
CA LYS B 458 -19.52 12.54 41.13
C LYS B 458 -19.35 11.86 39.78
N SER B 459 -18.11 11.57 39.39
CA SER B 459 -17.83 11.04 38.06
C SER B 459 -16.59 10.17 38.09
N ASN B 460 -16.45 9.36 37.04
CA ASN B 460 -15.32 8.44 36.95
C ASN B 460 -14.02 9.18 36.75
N LEU B 461 -12.95 8.64 37.34
CA LEU B 461 -11.64 9.26 37.26
C LEU B 461 -11.05 9.12 35.86
N LYS B 462 -10.31 10.12 35.44
CA LYS B 462 -9.49 10.02 34.24
C LYS B 462 -8.26 9.18 34.54
N PRO B 463 -7.62 8.62 33.52
CA PRO B 463 -6.48 7.74 33.75
C PRO B 463 -5.37 8.41 34.54
N PHE B 464 -4.83 7.68 35.52
CA PHE B 464 -3.71 8.12 36.37
C PHE B 464 -4.03 9.42 37.09
N GLU B 465 -5.24 9.55 37.60
CA GLU B 465 -5.63 10.70 38.40
C GLU B 465 -5.81 10.27 39.84
N ARG B 466 -5.34 11.14 40.75
CA ARG B 466 -5.30 10.85 42.18
C ARG B 466 -6.09 11.91 42.91
N ASP B 467 -7.05 11.49 43.73
CA ASP B 467 -7.87 12.41 44.52
C ASP B 467 -7.81 12.03 45.98
N ILE B 468 -7.59 13.02 46.83
CA ILE B 468 -7.56 12.83 48.28
C ILE B 468 -8.60 13.72 48.96
N SER B 469 -9.47 14.37 48.19
CA SER B 469 -10.47 15.25 48.77
C SER B 469 -11.47 14.44 49.59
N THR B 470 -11.82 14.97 50.76
CA THR B 470 -12.69 14.28 51.70
C THR B 470 -13.95 15.08 52.02
N GLU B 471 -14.38 15.95 51.12
CA GLU B 471 -15.63 16.65 51.32
C GLU B 471 -16.81 15.67 51.30
N ILE B 472 -17.89 16.04 51.99
CA ILE B 472 -19.01 15.14 52.13
C ILE B 472 -19.76 15.02 50.81
N TYR B 473 -20.00 13.77 50.38
CA TYR B 473 -20.70 13.52 49.10
C TYR B 473 -22.19 13.87 49.22
N GLN B 474 -22.70 14.67 48.28
CA GLN B 474 -24.14 15.02 48.25
C GLN B 474 -24.86 14.01 47.35
N ALA B 475 -25.59 13.07 47.95
CA ALA B 475 -26.32 12.05 47.16
C ALA B 475 -27.74 12.53 46.88
N GLY B 476 -28.11 13.71 47.42
CA GLY B 476 -29.45 14.28 47.16
C GLY B 476 -29.33 15.62 46.46
N SER B 477 -30.42 16.38 46.40
CA SER B 477 -30.33 17.77 45.85
C SER B 477 -30.29 18.71 47.06
N THR B 478 -29.86 18.20 48.22
CA THR B 478 -29.87 19.01 49.47
C THR B 478 -28.45 19.44 49.83
N PRO B 479 -28.15 20.75 49.93
CA PRO B 479 -26.82 21.23 50.37
C PRO B 479 -26.40 20.55 51.67
N CYS B 480 -25.16 20.03 51.74
CA CYS B 480 -24.74 19.26 52.93
C CYS B 480 -24.16 20.15 54.03
N ASN B 481 -23.49 21.25 53.67
CA ASN B 481 -22.85 22.09 54.69
C ASN B 481 -22.05 21.27 55.69
N GLY B 482 -21.36 20.23 55.21
CA GLY B 482 -20.36 19.53 56.00
C GLY B 482 -20.86 18.82 57.24
N VAL B 483 -22.16 18.53 57.34
CA VAL B 483 -22.71 17.77 58.45
C VAL B 483 -23.32 16.49 57.88
N GLU B 484 -22.87 15.35 58.41
CA GLU B 484 -23.34 14.04 57.88
C GLU B 484 -24.80 13.79 58.27
N GLY B 485 -25.48 12.94 57.49
CA GLY B 485 -26.86 12.61 57.73
C GLY B 485 -27.50 11.93 56.55
N PHE B 486 -28.73 12.32 56.21
CA PHE B 486 -29.45 11.73 55.09
C PHE B 486 -29.00 12.39 53.80
N ASN B 487 -28.62 11.57 52.82
CA ASN B 487 -28.15 12.02 51.51
C ASN B 487 -26.87 12.84 51.59
N CYS B 488 -26.17 12.79 52.73
CA CYS B 488 -24.86 13.43 52.89
C CYS B 488 -23.96 12.41 53.56
N TYR B 489 -23.26 11.62 52.76
CA TYR B 489 -22.44 10.53 53.27
C TYR B 489 -20.96 10.87 53.15
N PHE B 490 -20.18 10.29 54.05
CA PHE B 490 -18.73 10.39 53.97
C PHE B 490 -18.22 9.46 52.87
N PRO B 491 -17.28 9.90 52.04
CA PRO B 491 -16.95 9.14 50.83
C PRO B 491 -15.98 7.98 51.04
N LEU B 492 -15.36 7.85 52.19
CA LEU B 492 -14.31 6.86 52.40
C LEU B 492 -14.80 5.72 53.29
N GLN B 493 -14.72 4.50 52.75
CA GLN B 493 -15.14 3.30 53.51
C GLN B 493 -13.89 2.49 53.84
N SER B 494 -13.79 1.96 55.06
CA SER B 494 -12.64 1.18 55.48
C SER B 494 -12.76 -0.27 55.02
N TYR B 495 -11.61 -0.96 55.02
CA TYR B 495 -11.57 -2.37 54.68
C TYR B 495 -11.60 -3.21 55.95
N GLY B 496 -12.42 -4.26 55.94
CA GLY B 496 -12.47 -5.16 57.07
C GLY B 496 -11.49 -6.31 56.94
N PHE B 497 -10.20 -6.02 57.08
CA PHE B 497 -9.16 -7.01 56.82
C PHE B 497 -8.99 -7.91 58.03
N GLN B 498 -9.65 -9.07 57.98
CA GLN B 498 -9.68 -10.06 59.04
C GLN B 498 -8.88 -11.28 58.62
N PRO B 499 -8.05 -11.84 59.50
CA PRO B 499 -7.15 -12.93 59.06
C PRO B 499 -7.84 -14.24 58.80
N THR B 500 -9.10 -14.40 59.20
CA THR B 500 -9.80 -15.66 59.02
C THR B 500 -10.74 -15.67 57.83
N ASN B 501 -10.67 -14.66 56.95
CA ASN B 501 -11.45 -14.67 55.74
C ASN B 501 -10.92 -15.73 54.78
N GLY B 502 -11.57 -15.82 53.62
CA GLY B 502 -11.03 -16.58 52.52
C GLY B 502 -9.95 -15.81 51.80
N VAL B 503 -9.49 -16.36 50.67
CA VAL B 503 -8.57 -15.59 49.84
C VAL B 503 -9.32 -14.55 49.03
N GLY B 504 -10.65 -14.64 48.96
CA GLY B 504 -11.43 -13.64 48.25
C GLY B 504 -11.38 -12.27 48.89
N TYR B 505 -11.52 -12.21 50.21
CA TYR B 505 -11.48 -10.95 50.94
C TYR B 505 -10.13 -10.69 51.58
N GLN B 506 -9.14 -11.53 51.31
CA GLN B 506 -7.85 -11.39 51.93
C GLN B 506 -7.06 -10.29 51.23
N PRO B 507 -6.29 -9.49 51.99
CA PRO B 507 -5.61 -8.34 51.39
C PRO B 507 -4.55 -8.74 50.38
N TYR B 508 -4.39 -7.90 49.36
CA TYR B 508 -3.40 -8.08 48.31
C TYR B 508 -2.66 -6.78 48.09
N ARG B 509 -1.34 -6.85 47.95
CA ARG B 509 -0.52 -5.68 47.66
C ARG B 509 -0.23 -5.64 46.16
N VAL B 510 -0.39 -4.48 45.55
CA VAL B 510 -0.32 -4.34 44.09
C VAL B 510 0.71 -3.28 43.75
N VAL B 511 1.57 -3.58 42.77
CA VAL B 511 2.54 -2.63 42.24
C VAL B 511 2.41 -2.59 40.73
N VAL B 512 2.21 -1.40 40.18
CA VAL B 512 1.97 -1.22 38.75
C VAL B 512 3.13 -0.42 38.17
N LEU B 513 3.79 -0.99 37.16
CA LEU B 513 4.93 -0.36 36.51
C LEU B 513 4.47 0.21 35.18
N SER B 514 4.72 1.50 34.99
CA SER B 514 4.35 2.19 33.75
C SER B 514 5.62 2.58 33.01
N PHE B 515 5.87 1.92 31.88
CA PHE B 515 7.05 2.16 31.07
C PHE B 515 6.75 3.28 30.09
N GLU B 516 7.17 4.50 30.43
CA GLU B 516 6.94 5.64 29.56
C GLU B 516 8.12 5.81 28.63
N LEU B 517 7.83 6.04 27.36
CA LEU B 517 8.85 6.39 26.38
C LEU B 517 8.49 7.72 25.74
N LEU B 518 9.25 8.76 26.08
CA LEU B 518 9.24 10.01 25.36
C LEU B 518 10.51 10.07 24.52
N HIS B 519 10.62 11.11 23.68
CA HIS B 519 11.76 11.21 22.80
C HIS B 519 12.97 11.75 23.56
N ALA B 520 13.51 10.89 24.42
CA ALA B 520 14.68 11.13 25.24
C ALA B 520 15.56 9.90 25.15
N PRO B 521 16.85 10.00 25.42
CA PRO B 521 17.77 8.93 25.03
C PRO B 521 17.70 7.67 25.88
N ALA B 522 16.61 7.48 26.64
CA ALA B 522 16.28 6.20 27.27
C ALA B 522 17.36 5.78 28.27
N THR B 523 17.42 6.54 29.37
CA THR B 523 18.39 6.32 30.43
C THR B 523 18.21 5.00 31.17
N VAL B 524 16.99 4.48 31.30
CA VAL B 524 16.73 3.29 32.11
C VAL B 524 16.83 2.08 31.18
N CYS B 525 18.06 1.56 31.07
CA CYS B 525 18.30 0.35 30.24
C CYS B 525 18.70 -0.84 31.12
N GLY B 526 18.54 -2.07 30.64
CA GLY B 526 18.81 -3.26 31.48
C GLY B 526 20.26 -3.70 31.41
N PRO B 527 20.63 -4.84 32.06
CA PRO B 527 22.00 -5.35 32.03
C PRO B 527 22.40 -5.98 30.69
N LYS B 528 23.71 -6.12 30.46
CA LYS B 528 24.21 -6.70 29.20
C LYS B 528 25.22 -7.81 29.51
N LYS B 529 24.94 -9.05 29.08
CA LYS B 529 25.83 -10.20 29.37
C LYS B 529 27.20 -9.97 28.71
N SER B 530 28.29 -10.32 29.39
CA SER B 530 29.63 -10.10 28.85
C SER B 530 30.41 -11.40 29.04
N THR B 531 30.58 -12.16 27.96
CA THR B 531 31.27 -13.43 28.03
C THR B 531 32.75 -13.24 28.34
N ASN B 532 33.42 -14.34 28.67
CA ASN B 532 34.85 -14.34 28.91
C ASN B 532 35.60 -13.86 27.67
N LEU B 533 36.84 -13.44 27.88
CA LEU B 533 37.69 -12.92 26.81
C LEU B 533 38.66 -14.00 26.32
N VAL B 534 38.64 -14.25 25.02
CA VAL B 534 39.49 -15.26 24.38
C VAL B 534 40.40 -14.56 23.38
N LYS B 535 41.65 -15.03 23.27
CA LYS B 535 42.64 -14.42 22.42
C LYS B 535 43.23 -15.42 21.43
N ASN B 536 43.81 -14.86 20.36
CA ASN B 536 44.63 -15.61 19.40
C ASN B 536 43.84 -16.66 18.62
N LYS B 537 42.59 -16.33 18.30
CA LYS B 537 41.74 -17.15 17.44
C LYS B 537 40.84 -16.22 16.66
N CYS B 538 40.62 -16.52 15.38
CA CYS B 538 39.72 -15.67 14.61
C CYS B 538 38.33 -15.78 15.24
N VAL B 539 37.97 -14.76 16.01
CA VAL B 539 36.72 -14.71 16.74
C VAL B 539 35.87 -13.58 16.20
N ASN B 540 34.58 -13.65 16.52
CA ASN B 540 33.60 -12.65 16.11
C ASN B 540 33.26 -11.79 17.33
N PHE B 541 34.10 -10.79 17.57
CA PHE B 541 33.93 -9.97 18.75
C PHE B 541 32.78 -8.98 18.58
N ASN B 542 32.23 -8.58 19.72
CA ASN B 542 31.32 -7.43 19.84
C ASN B 542 31.69 -6.71 21.14
N PHE B 543 32.58 -5.74 21.04
CA PHE B 543 32.84 -4.87 22.17
C PHE B 543 31.72 -3.82 22.26
N ASN B 544 31.70 -3.10 23.39
CA ASN B 544 30.52 -2.40 23.85
C ASN B 544 29.75 -1.70 22.73
N GLY B 545 30.46 -0.98 21.87
CA GLY B 545 29.79 -0.34 20.74
C GLY B 545 30.00 -1.05 19.43
N LEU B 546 31.24 -1.44 19.14
CA LEU B 546 31.63 -1.89 17.81
C LEU B 546 31.73 -3.42 17.77
N THR B 547 31.58 -3.95 16.56
CA THR B 547 31.58 -5.39 16.30
C THR B 547 32.73 -5.72 15.35
N GLY B 548 32.81 -6.98 14.94
CA GLY B 548 33.72 -7.37 13.88
C GLY B 548 34.53 -8.60 14.25
N THR B 549 35.18 -9.15 13.23
CA THR B 549 35.94 -10.38 13.35
C THR B 549 37.45 -10.13 13.27
N GLY B 550 38.20 -10.79 14.15
CA GLY B 550 39.63 -10.56 14.20
C GLY B 550 40.34 -11.61 15.03
N VAL B 551 41.57 -11.29 15.44
CA VAL B 551 42.34 -12.15 16.34
C VAL B 551 42.95 -11.24 17.41
N LEU B 552 42.27 -11.14 18.53
CA LEU B 552 42.63 -10.16 19.55
C LEU B 552 43.92 -10.56 20.26
N THR B 553 44.89 -9.64 20.31
CA THR B 553 46.17 -9.92 20.92
C THR B 553 46.61 -8.74 21.78
N GLU B 554 47.22 -9.05 22.93
CA GLU B 554 47.69 -8.03 23.85
C GLU B 554 48.72 -7.12 23.17
N SER B 555 48.43 -5.83 23.15
CA SER B 555 49.22 -4.85 22.42
C SER B 555 50.18 -4.11 23.35
N ASN B 556 50.85 -3.09 22.79
CA ASN B 556 51.68 -2.19 23.58
C ASN B 556 51.38 -0.73 23.26
N LYS B 557 50.25 -0.45 22.62
CA LYS B 557 49.87 0.92 22.33
C LYS B 557 49.38 1.61 23.60
N LYS B 558 49.61 2.91 23.67
CA LYS B 558 49.25 3.69 24.85
C LYS B 558 48.14 4.67 24.50
N PHE B 559 46.90 4.29 24.78
CA PHE B 559 45.76 5.16 24.56
C PHE B 559 45.81 6.34 25.51
N LEU B 560 44.93 7.29 25.28
CA LEU B 560 44.70 8.28 26.31
C LEU B 560 43.66 7.77 27.30
N PRO B 561 43.67 8.27 28.53
CA PRO B 561 42.73 7.77 29.55
C PRO B 561 41.29 7.68 29.11
N PHE B 562 40.86 8.51 28.17
CA PHE B 562 39.45 8.54 27.77
C PHE B 562 39.19 7.93 26.41
N GLN B 563 40.22 7.67 25.61
CA GLN B 563 40.00 7.14 24.27
C GLN B 563 39.58 5.68 24.32
N GLN B 564 38.92 5.24 23.26
CA GLN B 564 38.41 3.88 23.18
C GLN B 564 38.91 3.10 21.98
N PHE B 565 38.98 3.73 20.82
CA PHE B 565 39.35 3.03 19.60
C PHE B 565 40.80 3.31 19.22
N GLY B 566 41.22 2.73 18.11
CA GLY B 566 42.38 3.19 17.37
C GLY B 566 42.13 2.98 15.89
N ARG B 567 42.58 3.89 15.05
CA ARG B 567 42.31 3.80 13.63
C ARG B 567 43.60 3.94 12.83
N ASP B 568 43.53 3.48 11.59
CA ASP B 568 44.63 3.52 10.64
C ASP B 568 44.48 4.68 9.68
N ILE B 569 45.51 4.86 8.84
CA ILE B 569 45.53 5.95 7.87
C ILE B 569 44.35 5.85 6.92
N ALA B 570 43.75 4.67 6.79
CA ALA B 570 42.57 4.50 5.94
C ALA B 570 41.30 4.37 6.76
N ASP B 571 41.35 4.76 8.04
CA ASP B 571 40.18 4.80 8.92
C ASP B 571 39.53 3.43 9.06
N THR B 572 40.31 2.48 9.59
CA THR B 572 39.81 1.17 9.94
C THR B 572 40.23 0.86 11.37
N THR B 573 39.32 0.26 12.13
CA THR B 573 39.60 -0.04 13.52
C THR B 573 40.73 -1.05 13.64
N ASP B 574 41.66 -0.79 14.55
CA ASP B 574 42.81 -1.66 14.72
C ASP B 574 43.15 -1.98 16.16
N ALA B 575 42.62 -1.26 17.14
CA ALA B 575 42.93 -1.50 18.53
C ALA B 575 41.76 -1.04 19.38
N VAL B 576 41.38 -1.86 20.35
CA VAL B 576 40.23 -1.63 21.19
C VAL B 576 40.61 -1.77 22.66
N ARG B 577 40.15 -0.83 23.48
CA ARG B 577 40.36 -0.90 24.92
C ARG B 577 39.27 -1.76 25.55
N ASP B 578 39.67 -2.78 26.29
CA ASP B 578 38.73 -3.71 26.92
C ASP B 578 37.95 -3.04 28.04
N PRO B 579 36.65 -2.78 27.86
CA PRO B 579 35.91 -1.93 28.80
C PRO B 579 35.78 -2.50 30.21
N GLN B 580 36.22 -3.72 30.46
CA GLN B 580 36.20 -4.28 31.81
C GLN B 580 37.56 -4.16 32.48
N THR B 581 38.59 -4.74 31.88
CA THR B 581 39.97 -4.58 32.33
C THR B 581 40.70 -3.78 31.27
N LEU B 582 41.21 -2.62 31.66
CA LEU B 582 41.69 -1.65 30.67
C LEU B 582 43.00 -2.09 30.03
N GLU B 583 42.94 -3.15 29.22
CA GLU B 583 44.08 -3.61 28.43
C GLU B 583 43.77 -3.45 26.95
N ILE B 584 44.69 -2.83 26.23
CA ILE B 584 44.46 -2.41 24.84
C ILE B 584 44.85 -3.56 23.92
N LEU B 585 43.88 -4.09 23.17
CA LEU B 585 44.11 -5.20 22.27
C LEU B 585 44.22 -4.72 20.82
N ASP B 586 44.98 -5.46 20.01
CA ASP B 586 45.03 -5.23 18.58
C ASP B 586 43.94 -5.99 17.86
N ILE B 587 43.86 -5.81 16.54
CA ILE B 587 42.89 -6.51 15.72
C ILE B 587 43.54 -6.82 14.38
N THR B 588 43.83 -8.10 14.14
CA THR B 588 44.42 -8.55 12.89
C THR B 588 43.40 -9.36 12.12
N PRO B 589 42.99 -8.94 10.92
CA PRO B 589 42.00 -9.73 10.18
C PRO B 589 42.53 -11.11 9.87
N CYS B 590 41.77 -12.13 10.27
CA CYS B 590 42.25 -13.50 10.20
C CYS B 590 42.44 -13.95 8.75
N SER B 591 43.47 -14.78 8.56
CA SER B 591 44.12 -14.97 7.26
C SER B 591 43.20 -15.55 6.21
N PHE B 592 43.26 -14.97 5.02
CA PHE B 592 42.70 -15.51 3.79
C PHE B 592 43.79 -15.52 2.72
N GLY B 593 43.47 -15.97 1.53
CA GLY B 593 44.43 -15.91 0.43
C GLY B 593 44.21 -16.99 -0.60
N GLY B 594 44.78 -16.75 -1.78
CA GLY B 594 44.59 -17.63 -2.91
C GLY B 594 45.23 -19.00 -2.75
N VAL B 595 44.78 -19.91 -3.61
CA VAL B 595 45.24 -21.29 -3.67
C VAL B 595 45.62 -21.62 -5.11
N SER B 596 46.91 -21.89 -5.34
CA SER B 596 47.38 -22.24 -6.67
C SER B 596 47.80 -23.71 -6.69
N VAL B 597 47.74 -24.33 -7.87
CA VAL B 597 47.99 -25.75 -8.03
C VAL B 597 49.08 -25.91 -9.09
N ILE B 598 50.34 -25.96 -8.65
CA ILE B 598 51.44 -26.22 -9.56
C ILE B 598 51.31 -27.61 -10.15
N THR B 599 51.47 -27.72 -11.46
CA THR B 599 51.33 -29.03 -12.08
C THR B 599 52.15 -29.21 -13.36
N PRO B 600 52.88 -30.32 -13.48
CA PRO B 600 53.33 -30.74 -14.81
C PRO B 600 52.12 -31.13 -15.64
N GLY B 601 52.30 -31.09 -16.96
CA GLY B 601 51.21 -31.41 -17.85
C GLY B 601 50.64 -32.79 -17.56
N THR B 602 49.31 -32.90 -17.63
CA THR B 602 48.67 -34.20 -17.48
C THR B 602 49.20 -35.22 -18.47
N ASN B 603 49.79 -34.77 -19.57
CA ASN B 603 50.47 -35.65 -20.50
C ASN B 603 51.70 -36.30 -19.90
N THR B 604 52.14 -35.85 -18.72
CA THR B 604 53.28 -36.44 -18.03
C THR B 604 52.89 -37.25 -16.82
N SER B 605 52.13 -36.66 -15.89
CA SER B 605 51.74 -37.35 -14.68
C SER B 605 50.54 -36.63 -14.06
N ASN B 606 49.77 -37.39 -13.27
CA ASN B 606 48.63 -36.86 -12.55
C ASN B 606 49.01 -36.31 -11.18
N GLN B 607 50.28 -36.05 -10.94
CA GLN B 607 50.76 -35.59 -9.65
C GLN B 607 50.91 -34.08 -9.70
N VAL B 608 50.59 -33.42 -8.58
CA VAL B 608 50.57 -31.96 -8.50
C VAL B 608 51.23 -31.54 -7.19
N ALA B 609 51.25 -30.23 -6.95
CA ALA B 609 51.72 -29.71 -5.67
C ALA B 609 51.01 -28.40 -5.40
N VAL B 610 50.48 -28.26 -4.21
CA VAL B 610 49.61 -27.13 -3.92
C VAL B 610 50.45 -26.00 -3.33
N LEU B 611 50.00 -24.77 -3.50
CA LEU B 611 50.68 -23.62 -2.94
C LEU B 611 49.63 -22.72 -2.32
N TYR B 612 49.62 -22.64 -0.99
CA TYR B 612 48.76 -21.67 -0.33
C TYR B 612 49.50 -20.34 -0.24
N GLN B 613 48.88 -19.27 -0.75
CA GLN B 613 49.56 -17.99 -0.83
C GLN B 613 49.40 -17.26 0.49
N ASP B 614 50.53 -16.91 1.09
CA ASP B 614 50.61 -16.02 2.25
C ASP B 614 49.73 -16.50 3.39
N VAL B 615 50.03 -17.70 3.89
CA VAL B 615 49.46 -18.17 5.15
C VAL B 615 50.61 -18.84 5.88
N ASN B 616 50.55 -18.81 7.20
CA ASN B 616 51.65 -19.42 7.93
C ASN B 616 51.54 -20.95 8.03
N CYS B 617 50.51 -21.58 7.43
CA CYS B 617 50.41 -23.05 7.35
C CYS B 617 50.41 -23.74 8.70
N THR B 618 50.08 -22.99 9.74
CA THR B 618 49.72 -23.57 11.01
C THR B 618 48.28 -23.19 11.28
N GLU B 619 47.66 -22.56 10.27
CA GLU B 619 46.29 -22.12 10.26
C GLU B 619 45.46 -22.94 9.29
N VAL B 620 46.05 -23.95 8.66
CA VAL B 620 45.35 -24.81 7.70
C VAL B 620 44.49 -25.82 8.44
N ASN B 641 58.11 -32.44 3.09
CA ASN B 641 56.82 -32.67 2.45
C ASN B 641 55.97 -31.40 2.47
N VAL B 642 56.25 -30.52 3.43
CA VAL B 642 55.54 -29.26 3.59
C VAL B 642 56.60 -28.18 3.73
N PHE B 643 56.84 -27.44 2.65
CA PHE B 643 57.86 -26.42 2.61
C PHE B 643 57.22 -25.05 2.83
N GLN B 644 57.97 -24.15 3.46
CA GLN B 644 57.54 -22.77 3.71
C GLN B 644 58.47 -21.85 2.92
N THR B 645 57.90 -21.19 1.90
CA THR B 645 58.63 -20.32 1.00
C THR B 645 58.36 -18.86 1.31
N ARG B 646 59.13 -17.99 0.65
CA ARG B 646 58.87 -16.55 0.70
C ARG B 646 57.62 -16.12 -0.06
N ALA B 647 56.96 -17.02 -0.78
CA ALA B 647 55.70 -16.66 -1.43
C ALA B 647 54.51 -17.09 -0.60
N GLY B 648 54.62 -18.26 0.02
CA GLY B 648 53.63 -18.83 0.90
C GLY B 648 54.15 -20.18 1.28
N CYS B 649 53.27 -21.14 1.47
CA CYS B 649 53.68 -22.50 1.85
C CYS B 649 53.25 -23.55 0.85
N LEU B 650 54.26 -24.04 0.16
CA LEU B 650 54.17 -25.07 -0.85
C LEU B 650 54.04 -26.43 -0.16
N ILE B 651 53.10 -27.23 -0.62
CA ILE B 651 52.79 -28.52 -0.02
C ILE B 651 52.90 -29.57 -1.11
N GLY B 652 53.81 -30.53 -0.90
CA GLY B 652 53.99 -31.63 -1.82
C GLY B 652 55.20 -31.55 -2.73
N ALA B 653 56.25 -30.84 -2.35
CA ALA B 653 57.43 -30.76 -3.19
C ALA B 653 58.70 -30.69 -2.34
N GLU B 654 59.72 -31.44 -2.76
CA GLU B 654 60.99 -31.45 -2.06
C GLU B 654 61.75 -30.14 -2.27
N HIS B 655 62.54 -29.76 -1.27
CA HIS B 655 63.32 -28.52 -1.32
C HIS B 655 64.78 -28.83 -1.60
N VAL B 656 65.22 -28.56 -2.82
CA VAL B 656 66.58 -28.88 -3.22
C VAL B 656 67.48 -27.70 -2.91
N ASN B 657 68.77 -27.98 -2.70
CA ASN B 657 69.78 -26.93 -2.56
C ASN B 657 70.36 -26.48 -3.89
N ASN B 658 69.97 -27.09 -5.00
CA ASN B 658 70.58 -26.80 -6.29
C ASN B 658 70.04 -25.50 -6.86
N SER B 659 70.32 -25.25 -8.14
CA SER B 659 69.82 -24.08 -8.86
C SER B 659 69.93 -24.36 -10.34
N TYR B 660 68.78 -24.40 -11.02
CA TYR B 660 68.70 -24.63 -12.45
C TYR B 660 67.89 -23.49 -13.05
N GLU B 661 67.82 -23.46 -14.38
CA GLU B 661 66.99 -22.45 -15.01
C GLU B 661 65.57 -22.62 -14.51
N CYS B 662 64.86 -21.50 -14.34
CA CYS B 662 63.55 -21.55 -13.71
C CYS B 662 62.54 -22.13 -14.69
N ASP B 663 61.90 -23.22 -14.31
CA ASP B 663 60.95 -23.91 -15.19
C ASP B 663 59.52 -23.39 -15.02
N ILE B 664 58.99 -23.43 -13.80
CA ILE B 664 57.66 -22.91 -13.51
C ILE B 664 57.81 -21.80 -12.47
N PRO B 665 57.46 -20.56 -12.81
CA PRO B 665 57.65 -19.47 -11.85
C PRO B 665 56.66 -19.56 -10.72
N ILE B 666 57.08 -19.10 -9.54
CA ILE B 666 56.21 -19.07 -8.37
C ILE B 666 56.15 -17.65 -7.84
N GLY B 667 57.29 -17.10 -7.50
CA GLY B 667 57.38 -15.78 -6.92
C GLY B 667 58.61 -15.65 -6.05
N ALA B 668 59.02 -14.41 -5.84
CA ALA B 668 60.14 -14.07 -4.97
C ALA B 668 61.41 -14.83 -5.35
N GLY B 669 61.49 -15.34 -6.57
CA GLY B 669 62.68 -16.02 -7.04
C GLY B 669 62.64 -17.53 -6.97
N ILE B 670 61.57 -18.12 -6.46
CA ILE B 670 61.47 -19.57 -6.37
C ILE B 670 60.82 -20.10 -7.65
N CYS B 671 61.35 -21.21 -8.17
CA CYS B 671 60.73 -21.90 -9.29
C CYS B 671 60.78 -23.40 -9.08
N ALA B 672 59.68 -24.06 -9.43
CA ALA B 672 59.51 -25.49 -9.23
C ALA B 672 59.47 -26.20 -10.58
N SER B 673 59.83 -27.49 -10.56
CA SER B 673 59.87 -28.27 -11.79
C SER B 673 59.81 -29.75 -11.45
N TYR B 674 59.33 -30.54 -12.41
CA TYR B 674 59.10 -31.97 -12.22
C TYR B 674 60.29 -32.73 -12.78
N GLN B 675 61.11 -33.30 -11.91
CA GLN B 675 62.31 -34.02 -12.35
C GLN B 675 62.57 -35.17 -11.40
N THR B 676 63.53 -36.01 -11.77
CA THR B 676 63.95 -37.14 -10.95
C THR B 676 64.64 -36.69 -9.65
N SER B 689 59.94 -42.69 -9.66
CA SER B 689 61.24 -42.28 -9.13
C SER B 689 61.38 -40.77 -9.14
N GLN B 690 60.66 -40.12 -10.04
CA GLN B 690 60.69 -38.67 -10.13
C GLN B 690 59.69 -38.04 -9.18
N SER B 691 59.79 -36.72 -9.04
CA SER B 691 58.94 -35.95 -8.14
C SER B 691 58.94 -34.50 -8.60
N ILE B 692 58.46 -33.62 -7.74
CA ILE B 692 58.42 -32.18 -8.01
C ILE B 692 59.34 -31.48 -7.02
N ILE B 693 60.30 -30.73 -7.55
CA ILE B 693 61.30 -30.04 -6.75
C ILE B 693 61.05 -28.54 -6.84
N ALA B 694 61.49 -27.81 -5.82
CA ALA B 694 61.34 -26.36 -5.75
C ALA B 694 62.67 -25.73 -5.38
N TYR B 695 63.27 -25.00 -6.32
CA TYR B 695 64.60 -24.44 -6.10
C TYR B 695 64.55 -22.92 -6.18
N THR B 696 65.72 -22.30 -5.97
CA THR B 696 65.92 -20.88 -6.14
C THR B 696 66.66 -20.65 -7.45
N MET B 697 65.94 -20.14 -8.45
CA MET B 697 66.41 -20.14 -9.83
C MET B 697 67.77 -19.47 -9.98
N SER B 698 68.55 -20.00 -10.90
CA SER B 698 69.84 -19.45 -11.30
C SER B 698 69.68 -18.68 -12.60
N LEU B 699 70.50 -17.66 -12.78
CA LEU B 699 70.33 -16.75 -13.91
C LEU B 699 71.14 -17.13 -15.14
N GLY B 700 71.96 -18.16 -15.07
CA GLY B 700 72.72 -18.59 -16.23
C GLY B 700 74.14 -18.93 -15.83
N ALA B 701 74.83 -19.64 -16.71
CA ALA B 701 76.21 -20.03 -16.47
C ALA B 701 77.10 -18.80 -16.48
N GLU B 702 77.68 -18.48 -15.33
CA GLU B 702 78.60 -17.35 -15.24
C GLU B 702 79.81 -17.60 -16.13
N ASN B 703 80.50 -16.52 -16.48
CA ASN B 703 81.57 -16.57 -17.46
C ASN B 703 82.47 -15.37 -17.27
N SER B 704 83.77 -15.62 -17.17
CA SER B 704 84.76 -14.58 -16.93
C SER B 704 85.63 -14.47 -18.17
N VAL B 705 85.49 -13.36 -18.90
CA VAL B 705 86.27 -13.16 -20.11
C VAL B 705 87.73 -12.87 -19.73
N ALA B 706 88.65 -13.55 -20.41
CA ALA B 706 90.08 -13.40 -20.11
C ALA B 706 90.53 -12.04 -20.63
N TYR B 707 90.15 -11.00 -19.90
CA TYR B 707 90.53 -9.65 -20.27
C TYR B 707 91.97 -9.36 -19.89
N SER B 708 92.60 -8.49 -20.67
CA SER B 708 93.92 -7.96 -20.37
C SER B 708 93.97 -6.55 -20.92
N ASN B 709 95.17 -5.99 -21.02
CA ASN B 709 95.33 -4.71 -21.70
C ASN B 709 95.98 -4.80 -23.07
N ASN B 710 96.38 -5.99 -23.51
CA ASN B 710 96.94 -6.09 -24.85
C ASN B 710 96.53 -7.37 -25.56
N SER B 711 95.38 -7.93 -25.19
CA SER B 711 94.90 -9.18 -25.77
C SER B 711 93.56 -8.95 -26.43
N ILE B 712 93.46 -9.30 -27.71
CA ILE B 712 92.23 -9.14 -28.47
C ILE B 712 91.85 -10.49 -29.07
N ALA B 713 90.56 -10.78 -29.14
CA ALA B 713 90.06 -12.03 -29.68
C ALA B 713 89.34 -11.75 -30.99
N ILE B 714 89.78 -12.39 -32.06
CA ILE B 714 89.22 -12.11 -33.39
C ILE B 714 88.55 -13.35 -33.97
N PRO B 715 87.37 -13.23 -34.57
CA PRO B 715 86.72 -14.38 -35.20
C PRO B 715 87.39 -14.77 -36.51
N THR B 716 87.11 -16.00 -36.93
CA THR B 716 87.66 -16.52 -38.19
C THR B 716 86.60 -17.05 -39.13
N ASN B 717 85.47 -17.51 -38.59
CA ASN B 717 84.40 -18.08 -39.40
C ASN B 717 83.09 -17.38 -39.06
N PHE B 718 82.04 -17.68 -39.83
CA PHE B 718 80.75 -17.01 -39.63
C PHE B 718 79.60 -17.97 -39.89
N THR B 719 78.43 -17.63 -39.34
CA THR B 719 77.22 -18.42 -39.55
C THR B 719 76.03 -17.53 -39.87
N ILE B 720 75.20 -17.99 -40.79
CA ILE B 720 74.06 -17.22 -41.30
C ILE B 720 72.80 -17.75 -40.60
N SER B 721 72.45 -17.16 -39.47
CA SER B 721 71.22 -17.58 -38.81
C SER B 721 70.01 -16.94 -39.47
N VAL B 722 68.84 -17.56 -39.23
CA VAL B 722 67.56 -17.04 -39.74
C VAL B 722 66.49 -17.12 -38.66
N THR B 723 66.21 -16.00 -38.00
CA THR B 723 65.24 -16.00 -36.92
C THR B 723 63.87 -15.59 -37.43
N THR B 724 62.86 -15.73 -36.56
CA THR B 724 61.47 -15.47 -36.91
C THR B 724 60.87 -14.45 -35.94
N GLU B 725 59.96 -13.62 -36.44
CA GLU B 725 59.29 -12.61 -35.63
C GLU B 725 57.83 -12.45 -36.02
N ILE B 726 56.93 -12.65 -35.05
CA ILE B 726 55.49 -12.71 -35.29
C ILE B 726 54.83 -11.51 -34.64
N LEU B 727 53.96 -10.82 -35.38
CA LEU B 727 53.26 -9.64 -34.84
C LEU B 727 51.78 -9.66 -35.20
N PRO B 728 50.90 -9.41 -34.24
CA PRO B 728 49.48 -9.23 -34.56
C PRO B 728 49.22 -7.90 -35.22
N VAL B 729 48.25 -7.87 -36.13
CA VAL B 729 47.96 -6.62 -36.84
C VAL B 729 46.49 -6.19 -36.77
N SER B 730 45.56 -7.13 -36.60
CA SER B 730 44.17 -6.69 -36.64
C SER B 730 43.25 -7.64 -35.88
N MET B 731 42.26 -7.05 -35.20
CA MET B 731 41.19 -7.79 -34.55
C MET B 731 40.11 -8.16 -35.56
N THR B 732 38.96 -8.62 -35.07
CA THR B 732 37.78 -8.91 -35.88
C THR B 732 36.76 -7.78 -35.75
N LYS B 733 36.34 -7.23 -36.88
CA LYS B 733 35.42 -6.10 -36.94
C LYS B 733 34.02 -6.53 -36.50
N THR B 734 33.65 -6.22 -35.26
CA THR B 734 32.36 -6.58 -34.70
C THR B 734 31.44 -5.36 -34.55
N SER B 735 30.15 -5.57 -34.78
CA SER B 735 29.12 -4.54 -34.58
C SER B 735 27.95 -5.11 -33.78
N VAL B 736 27.35 -4.26 -32.96
CA VAL B 736 26.33 -4.66 -31.98
C VAL B 736 25.17 -3.67 -32.00
N ASP B 737 24.02 -4.07 -32.54
CA ASP B 737 22.80 -3.27 -32.49
C ASP B 737 22.31 -3.14 -31.05
N CYS B 738 22.27 -1.89 -30.56
CA CYS B 738 21.88 -1.63 -29.17
C CYS B 738 20.48 -2.15 -28.86
N THR B 739 19.50 -1.74 -29.66
CA THR B 739 18.11 -2.02 -29.31
C THR B 739 17.83 -3.51 -29.39
N MET B 740 18.05 -4.10 -30.57
CA MET B 740 17.84 -5.53 -30.72
C MET B 740 18.66 -6.33 -29.73
N TYR B 741 19.74 -5.76 -29.19
CA TYR B 741 20.45 -6.48 -28.14
C TYR B 741 19.65 -6.45 -26.85
N ILE B 742 19.39 -5.26 -26.32
CA ILE B 742 18.82 -5.18 -24.98
C ILE B 742 17.41 -5.76 -24.95
N CYS B 743 16.54 -5.27 -25.81
CA CYS B 743 15.13 -5.68 -25.75
C CYS B 743 14.57 -6.02 -27.12
N GLY B 744 15.22 -6.95 -27.82
CA GLY B 744 14.83 -7.29 -29.17
C GLY B 744 13.34 -7.57 -29.27
N ASP B 745 12.65 -6.71 -30.02
CA ASP B 745 11.23 -6.85 -30.34
C ASP B 745 10.32 -6.75 -29.12
N SER B 746 10.43 -5.61 -28.42
CA SER B 746 9.55 -5.32 -27.28
C SER B 746 9.26 -3.81 -27.28
N THR B 747 8.10 -3.44 -27.81
CA THR B 747 7.75 -2.02 -27.94
C THR B 747 7.76 -1.31 -26.60
N GLU B 748 7.23 -1.94 -25.56
CA GLU B 748 7.27 -1.36 -24.22
C GLU B 748 8.70 -1.03 -23.81
N CYS B 749 9.62 -1.95 -24.09
CA CYS B 749 11.01 -1.69 -23.76
C CYS B 749 11.58 -0.55 -24.59
N SER B 750 11.25 -0.48 -25.87
CA SER B 750 11.77 0.63 -26.66
C SER B 750 11.31 1.96 -26.07
N ASN B 751 10.04 2.01 -25.67
CA ASN B 751 9.48 3.24 -25.14
C ASN B 751 10.07 3.59 -23.78
N LEU B 752 10.41 2.58 -22.97
CA LEU B 752 11.14 2.86 -21.74
C LEU B 752 12.57 3.32 -22.02
N LEU B 753 13.28 2.59 -22.88
CA LEU B 753 14.70 2.84 -23.09
C LEU B 753 14.96 4.23 -23.67
N LEU B 754 14.09 4.70 -24.57
CA LEU B 754 14.30 6.03 -25.15
C LEU B 754 14.51 7.10 -24.09
N GLN B 755 14.07 6.86 -22.86
CA GLN B 755 14.25 7.83 -21.79
C GLN B 755 15.69 7.98 -21.35
N TYR B 756 16.55 7.00 -21.65
CA TYR B 756 17.95 7.08 -21.25
C TYR B 756 18.81 7.89 -22.21
N GLY B 757 18.27 8.32 -23.35
CA GLY B 757 19.02 9.19 -24.22
C GLY B 757 19.85 8.46 -25.27
N SER B 758 21.06 8.93 -25.50
CA SER B 758 21.89 8.53 -26.63
C SER B 758 22.98 7.51 -26.26
N PHE B 759 22.79 6.73 -25.19
CA PHE B 759 23.85 5.83 -24.77
C PHE B 759 24.18 4.78 -25.83
N CYS B 760 23.18 4.06 -26.32
CA CYS B 760 23.49 3.05 -27.33
C CYS B 760 24.06 3.67 -28.59
N THR B 761 23.47 4.77 -29.08
CA THR B 761 24.00 5.37 -30.31
C THR B 761 25.49 5.71 -30.12
N GLN B 762 25.86 6.13 -28.91
CA GLN B 762 27.27 6.42 -28.66
C GLN B 762 28.09 5.15 -28.77
N LEU B 763 27.61 4.08 -28.16
CA LEU B 763 28.36 2.82 -28.19
C LEU B 763 28.52 2.35 -29.63
N ASN B 764 27.47 2.49 -30.43
CA ASN B 764 27.54 2.13 -31.84
C ASN B 764 28.59 2.94 -32.56
N ARG B 765 28.66 4.25 -32.29
CA ARG B 765 29.65 5.07 -32.98
C ARG B 765 31.07 4.64 -32.60
N ALA B 766 31.27 4.26 -31.34
CA ALA B 766 32.58 3.79 -30.91
C ALA B 766 32.97 2.53 -31.67
N LEU B 767 32.04 1.57 -31.74
CA LEU B 767 32.37 0.31 -32.40
C LEU B 767 32.62 0.50 -33.89
N THR B 768 31.97 1.48 -34.53
CA THR B 768 32.30 1.72 -35.93
C THR B 768 33.68 2.35 -36.06
N GLY B 769 34.05 3.23 -35.13
CA GLY B 769 35.39 3.79 -35.17
C GLY B 769 36.45 2.70 -35.13
N ILE B 770 36.26 1.73 -34.23
CA ILE B 770 37.20 0.61 -34.14
C ILE B 770 37.22 -0.18 -35.45
N ALA B 771 36.02 -0.49 -35.97
CA ALA B 771 35.93 -1.33 -37.16
C ALA B 771 36.59 -0.69 -38.36
N VAL B 772 36.70 0.63 -38.40
CA VAL B 772 37.41 1.27 -39.51
C VAL B 772 38.91 1.33 -39.25
N GLU B 773 39.28 1.58 -37.99
CA GLU B 773 40.70 1.61 -37.65
C GLU B 773 41.39 0.31 -38.00
N GLN B 774 40.67 -0.82 -37.99
CA GLN B 774 41.30 -2.09 -38.35
C GLN B 774 41.81 -2.07 -39.80
N ASP B 775 40.96 -1.70 -40.74
CA ASP B 775 41.39 -1.63 -42.12
C ASP B 775 42.47 -0.60 -42.32
N LYS B 776 42.44 0.50 -41.55
CA LYS B 776 43.54 1.44 -41.66
C LYS B 776 44.86 0.79 -41.26
N ASN B 777 44.82 -0.05 -40.22
CA ASN B 777 46.03 -0.75 -39.77
C ASN B 777 46.58 -1.64 -40.87
N THR B 778 45.74 -2.52 -41.41
CA THR B 778 46.22 -3.45 -42.43
C THR B 778 46.73 -2.70 -43.66
N GLN B 779 46.04 -1.63 -44.04
CA GLN B 779 46.47 -0.83 -45.17
C GLN B 779 47.88 -0.29 -44.95
N GLU B 780 48.13 0.24 -43.76
CA GLU B 780 49.43 0.85 -43.50
C GLU B 780 50.53 -0.18 -43.44
N VAL B 781 50.23 -1.38 -42.92
CA VAL B 781 51.28 -2.38 -42.80
C VAL B 781 51.66 -2.92 -44.17
N PHE B 782 50.68 -3.33 -44.96
CA PHE B 782 51.04 -4.05 -46.18
C PHE B 782 51.16 -3.15 -47.40
N ALA B 783 50.18 -2.27 -47.64
CA ALA B 783 50.16 -1.55 -48.90
C ALA B 783 51.24 -0.48 -48.98
N GLN B 784 52.51 -0.90 -48.98
CA GLN B 784 53.62 0.03 -49.10
C GLN B 784 54.28 0.01 -50.46
N VAL B 785 53.91 -0.91 -51.35
CA VAL B 785 54.51 -1.03 -52.66
C VAL B 785 53.58 -0.42 -53.70
N LYS B 786 54.14 0.34 -54.63
CA LYS B 786 53.32 1.03 -55.62
C LYS B 786 52.85 0.09 -56.73
N GLN B 787 53.73 -0.77 -57.23
CA GLN B 787 53.39 -1.70 -58.29
C GLN B 787 53.33 -3.12 -57.76
N ILE B 788 53.17 -4.08 -58.66
CA ILE B 788 53.12 -5.50 -58.32
C ILE B 788 54.23 -6.18 -59.10
N TYR B 789 55.40 -6.31 -58.48
CA TYR B 789 56.53 -6.88 -59.18
C TYR B 789 56.32 -8.39 -59.39
N LYS B 790 57.17 -8.97 -60.23
CA LYS B 790 57.07 -10.40 -60.51
C LYS B 790 58.45 -10.97 -60.72
N THR B 791 58.73 -12.10 -60.08
CA THR B 791 60.00 -12.78 -60.28
C THR B 791 60.15 -13.22 -61.73
N PRO B 792 61.38 -13.26 -62.25
CA PRO B 792 61.59 -13.86 -63.55
C PRO B 792 61.42 -15.37 -63.48
N PRO B 793 61.05 -16.02 -64.58
CA PRO B 793 60.87 -17.47 -64.55
C PRO B 793 62.14 -18.23 -64.18
N ILE B 794 63.29 -17.84 -64.74
CA ILE B 794 64.54 -18.51 -64.43
C ILE B 794 64.90 -18.25 -62.97
N LYS B 795 65.85 -19.03 -62.44
CA LYS B 795 66.16 -19.02 -61.02
C LYS B 795 67.67 -18.99 -60.80
N ASP B 796 68.37 -18.10 -61.50
CA ASP B 796 69.82 -17.96 -61.34
C ASP B 796 70.08 -16.96 -60.22
N PHE B 797 70.14 -17.46 -58.99
CA PHE B 797 70.35 -16.61 -57.83
C PHE B 797 71.64 -16.97 -57.10
N GLY B 798 72.72 -17.14 -57.84
CA GLY B 798 74.01 -17.42 -57.24
C GLY B 798 74.06 -18.68 -56.41
N GLY B 799 72.97 -19.45 -56.42
CA GLY B 799 72.91 -20.70 -55.69
C GLY B 799 71.94 -20.73 -54.53
N PHE B 800 71.15 -19.68 -54.31
CA PHE B 800 70.16 -19.73 -53.24
C PHE B 800 68.84 -20.26 -53.78
N ASN B 801 68.03 -20.80 -52.88
CA ASN B 801 66.82 -21.53 -53.26
C ASN B 801 65.66 -20.95 -52.45
N PHE B 802 64.82 -20.14 -53.11
CA PHE B 802 63.70 -19.47 -52.45
C PHE B 802 62.38 -20.15 -52.73
N SER B 803 62.39 -21.41 -53.15
CA SER B 803 61.15 -22.07 -53.53
C SER B 803 60.23 -22.28 -52.34
N GLN B 804 60.77 -22.24 -51.13
CA GLN B 804 59.98 -22.43 -49.93
C GLN B 804 59.23 -21.19 -49.48
N ILE B 805 59.50 -20.03 -50.08
CA ILE B 805 58.78 -18.82 -49.71
C ILE B 805 58.13 -18.12 -50.90
N LEU B 806 58.61 -18.31 -52.11
CA LEU B 806 57.92 -17.76 -53.26
C LEU B 806 56.65 -18.55 -53.52
N PRO B 807 55.63 -17.93 -54.11
CA PRO B 807 54.37 -18.64 -54.33
C PRO B 807 54.53 -19.77 -55.34
N ASP B 808 53.59 -20.69 -55.29
CA ASP B 808 53.43 -21.72 -56.30
C ASP B 808 51.98 -21.78 -56.76
N PRO B 809 51.73 -21.91 -58.06
CA PRO B 809 50.36 -21.78 -58.56
C PRO B 809 49.48 -22.98 -58.26
N SER B 810 49.98 -23.99 -57.56
CA SER B 810 49.27 -25.25 -57.42
C SER B 810 48.27 -25.25 -56.27
N LYS B 811 47.85 -24.09 -55.81
CA LYS B 811 46.83 -24.00 -54.75
C LYS B 811 45.83 -22.90 -55.06
N SER B 813 44.09 -20.20 -53.98
CA SER B 813 44.89 -19.75 -52.85
C SER B 813 46.37 -19.71 -53.23
N LYS B 814 46.76 -18.68 -53.96
CA LYS B 814 48.13 -18.59 -54.49
C LYS B 814 49.11 -18.18 -53.40
N ARG B 815 49.17 -18.99 -52.34
CA ARG B 815 50.06 -18.74 -51.23
C ARG B 815 51.30 -19.60 -51.37
N SER B 816 52.22 -19.46 -50.43
CA SER B 816 53.45 -20.24 -50.43
C SER B 816 53.42 -21.28 -49.32
N PHE B 817 54.50 -22.05 -49.24
CA PHE B 817 54.55 -23.20 -48.35
C PHE B 817 54.45 -22.78 -46.90
N ILE B 818 55.34 -21.88 -46.48
CA ILE B 818 55.37 -21.47 -45.07
C ILE B 818 54.10 -20.69 -44.72
N GLU B 819 53.54 -19.95 -45.68
CA GLU B 819 52.26 -19.31 -45.44
C GLU B 819 51.18 -20.36 -45.18
N ASP B 820 51.25 -21.50 -45.87
CA ASP B 820 50.30 -22.57 -45.63
C ASP B 820 50.46 -23.14 -44.23
N LEU B 821 51.69 -23.48 -43.86
CA LEU B 821 51.95 -23.97 -42.51
C LEU B 821 51.40 -23.01 -41.47
N LEU B 822 51.52 -21.71 -41.73
CA LEU B 822 51.01 -20.74 -40.76
C LEU B 822 49.49 -20.74 -40.74
N PHE B 823 48.85 -20.81 -41.90
CA PHE B 823 47.40 -20.77 -41.91
C PHE B 823 46.80 -22.05 -41.34
N ASN B 824 47.55 -23.14 -41.32
CA ASN B 824 47.06 -24.38 -40.73
C ASN B 824 47.36 -24.49 -39.25
N LYS B 825 48.40 -23.80 -38.76
CA LYS B 825 48.70 -23.87 -37.34
C LYS B 825 47.76 -23.02 -36.48
N VAL B 826 46.76 -22.37 -37.08
CA VAL B 826 45.80 -21.58 -36.33
C VAL B 826 44.41 -22.17 -36.57
N THR B 827 43.71 -22.44 -35.48
CA THR B 827 42.42 -23.11 -35.54
C THR B 827 41.43 -22.49 -34.56
N LYS B 854 24.73 -14.74 -31.97
CA LYS B 854 24.51 -14.44 -33.38
C LYS B 854 23.10 -13.94 -33.61
N PHE B 855 22.34 -13.86 -32.53
CA PHE B 855 20.89 -13.62 -32.64
C PHE B 855 20.50 -12.19 -32.27
N ASN B 856 21.44 -11.37 -31.83
CA ASN B 856 21.10 -10.15 -31.12
C ASN B 856 21.92 -8.97 -31.63
N GLY B 857 21.94 -8.79 -32.94
CA GLY B 857 22.73 -7.72 -33.51
C GLY B 857 24.22 -7.99 -33.52
N LEU B 858 24.65 -9.16 -33.08
CA LEU B 858 26.06 -9.49 -33.01
C LEU B 858 26.59 -9.79 -34.40
N THR B 859 26.75 -8.76 -35.22
CA THR B 859 27.30 -8.93 -36.55
C THR B 859 28.82 -8.89 -36.53
N VAL B 860 29.43 -9.67 -37.43
CA VAL B 860 30.88 -9.68 -37.59
C VAL B 860 31.15 -9.28 -39.04
N LEU B 861 31.51 -8.01 -39.26
CA LEU B 861 31.76 -7.54 -40.61
C LEU B 861 32.97 -8.25 -41.21
N PRO B 862 33.05 -8.32 -42.54
CA PRO B 862 34.19 -8.96 -43.19
C PRO B 862 35.30 -7.95 -43.45
N PRO B 863 36.55 -8.39 -43.44
CA PRO B 863 37.66 -7.46 -43.70
C PRO B 863 37.74 -7.08 -45.18
N LEU B 864 38.11 -5.83 -45.43
CA LEU B 864 38.13 -5.31 -46.79
C LEU B 864 39.17 -6.01 -47.66
N LEU B 865 40.31 -6.36 -47.10
CA LEU B 865 41.39 -7.00 -47.84
C LEU B 865 41.36 -8.50 -47.63
N THR B 866 41.08 -9.24 -48.69
CA THR B 866 41.02 -10.69 -48.59
C THR B 866 42.41 -11.31 -48.72
N ASP B 867 42.52 -12.51 -48.14
CA ASP B 867 43.82 -13.16 -47.98
C ASP B 867 44.58 -13.29 -49.29
N GLU B 868 43.86 -13.44 -50.41
CA GLU B 868 44.56 -13.50 -51.69
C GLU B 868 45.26 -12.19 -51.98
N MET B 869 44.63 -11.07 -51.64
CA MET B 869 45.25 -9.78 -51.90
C MET B 869 46.39 -9.52 -50.94
N ILE B 870 46.27 -9.99 -49.71
CA ILE B 870 47.41 -9.92 -48.78
C ILE B 870 48.59 -10.74 -49.32
N ALA B 871 48.32 -11.95 -49.78
CA ALA B 871 49.39 -12.79 -50.32
C ALA B 871 50.03 -12.14 -51.53
N GLN B 872 49.24 -11.44 -52.34
CA GLN B 872 49.79 -10.77 -53.51
C GLN B 872 50.69 -9.63 -53.10
N TYR B 873 50.26 -8.86 -52.10
CA TYR B 873 51.08 -7.80 -51.54
C TYR B 873 52.44 -8.31 -51.09
N THR B 874 52.43 -9.38 -50.29
CA THR B 874 53.70 -9.87 -49.74
C THR B 874 54.57 -10.50 -50.80
N SER B 875 53.97 -11.20 -51.78
CA SER B 875 54.76 -11.71 -52.89
C SER B 875 55.38 -10.58 -53.69
N ALA B 876 54.68 -9.46 -53.82
CA ALA B 876 55.24 -8.32 -54.55
C ALA B 876 56.45 -7.78 -53.82
N LEU B 877 56.31 -7.54 -52.50
CA LEU B 877 57.46 -7.03 -51.75
C LEU B 877 58.63 -8.00 -51.81
N LEU B 878 58.36 -9.30 -51.73
CA LEU B 878 59.45 -10.27 -51.72
C LEU B 878 60.16 -10.32 -53.07
N ALA B 879 59.41 -10.30 -54.16
CA ALA B 879 60.07 -10.31 -55.46
C ALA B 879 60.85 -9.03 -55.68
N GLY B 880 60.32 -7.90 -55.21
CA GLY B 880 61.04 -6.65 -55.34
C GLY B 880 62.36 -6.66 -54.61
N THR B 881 62.35 -7.07 -53.33
CA THR B 881 63.59 -7.07 -52.58
C THR B 881 64.59 -8.06 -53.17
N ILE B 882 64.10 -9.19 -53.67
CA ILE B 882 65.02 -10.20 -54.19
C ILE B 882 65.68 -9.73 -55.47
N THR B 883 64.91 -9.10 -56.36
CA THR B 883 65.46 -8.78 -57.67
C THR B 883 66.09 -7.40 -57.72
N SER B 884 65.84 -6.54 -56.73
CA SER B 884 66.28 -5.15 -56.86
C SER B 884 66.90 -4.59 -55.58
N GLY B 885 67.10 -5.40 -54.54
CA GLY B 885 67.73 -4.82 -53.37
C GLY B 885 66.80 -3.87 -52.66
N TRP B 886 67.38 -2.82 -52.08
CA TRP B 886 66.58 -1.79 -51.43
C TRP B 886 66.11 -0.69 -52.37
N THR B 887 66.71 -0.56 -53.56
CA THR B 887 66.44 0.60 -54.40
C THR B 887 64.97 0.74 -54.73
N PHE B 888 64.23 -0.36 -54.76
CA PHE B 888 62.82 -0.27 -55.13
C PHE B 888 61.97 0.41 -54.08
N GLY B 889 62.56 0.79 -52.95
CA GLY B 889 61.81 1.48 -51.92
C GLY B 889 62.09 2.96 -51.99
N ALA B 890 63.07 3.35 -52.80
CA ALA B 890 63.40 4.76 -52.97
C ALA B 890 62.88 5.32 -54.28
N GLY B 891 62.36 4.49 -55.17
CA GLY B 891 61.90 4.94 -56.46
C GLY B 891 61.65 3.78 -57.41
N ALA B 892 62.20 3.87 -58.61
CA ALA B 892 62.06 2.80 -59.59
C ALA B 892 63.01 1.66 -59.27
N ALA B 893 62.51 0.43 -59.36
CA ALA B 893 63.33 -0.73 -59.07
C ALA B 893 64.41 -0.89 -60.14
N LEU B 894 65.64 -1.06 -59.71
CA LEU B 894 66.78 -1.25 -60.60
C LEU B 894 67.38 -2.61 -60.33
N GLN B 895 67.34 -3.48 -61.33
CA GLN B 895 67.81 -4.85 -61.13
C GLN B 895 69.31 -4.88 -60.90
N ILE B 896 69.76 -5.93 -60.21
CA ILE B 896 71.17 -6.07 -59.86
C ILE B 896 71.43 -7.49 -59.39
N PRO B 897 72.47 -8.15 -59.90
CA PRO B 897 72.70 -9.56 -59.57
C PRO B 897 72.77 -9.81 -58.07
N PHE B 898 72.13 -10.91 -57.65
CA PHE B 898 71.96 -11.19 -56.22
C PHE B 898 73.30 -11.28 -55.51
N ALA B 899 74.30 -11.93 -56.12
CA ALA B 899 75.60 -12.03 -55.48
C ALA B 899 76.15 -10.65 -55.16
N MET B 900 76.05 -9.72 -56.10
CA MET B 900 76.53 -8.37 -55.84
C MET B 900 75.69 -7.68 -54.78
N GLN B 901 74.39 -8.00 -54.72
CA GLN B 901 73.58 -7.39 -53.69
C GLN B 901 74.02 -7.85 -52.31
N MET B 902 74.29 -9.14 -52.15
CA MET B 902 74.83 -9.62 -50.88
C MET B 902 76.22 -9.05 -50.62
N ALA B 903 76.97 -8.76 -51.67
CA ALA B 903 78.26 -8.09 -51.48
C ALA B 903 78.05 -6.73 -50.83
N TYR B 904 77.07 -5.99 -51.31
CA TYR B 904 76.78 -4.70 -50.68
C TYR B 904 76.33 -4.88 -49.24
N ARG B 905 75.48 -5.87 -48.99
CA ARG B 905 74.99 -6.09 -47.63
C ARG B 905 76.13 -6.39 -46.69
N PHE B 906 77.08 -7.23 -47.11
CA PHE B 906 78.27 -7.46 -46.31
C PHE B 906 79.01 -6.15 -46.09
N ASN B 907 79.47 -5.53 -47.18
CA ASN B 907 80.28 -4.31 -47.07
C ASN B 907 79.63 -3.27 -46.19
N GLY B 908 78.32 -3.37 -45.95
CA GLY B 908 77.67 -2.45 -45.05
C GLY B 908 77.92 -2.71 -43.57
N ILE B 909 78.29 -3.92 -43.20
CA ILE B 909 78.51 -4.26 -41.79
C ILE B 909 79.99 -4.42 -41.47
N GLY B 910 80.88 -3.89 -42.31
CA GLY B 910 82.30 -3.94 -42.02
C GLY B 910 82.96 -5.27 -42.32
N VAL B 911 82.63 -5.89 -43.43
CA VAL B 911 83.29 -7.11 -43.90
C VAL B 911 83.47 -6.96 -45.40
N THR B 912 84.72 -6.87 -45.85
CA THR B 912 85.00 -6.59 -47.25
C THR B 912 84.37 -7.64 -48.16
N GLN B 913 84.20 -7.24 -49.43
CA GLN B 913 83.40 -8.04 -50.36
C GLN B 913 84.05 -9.38 -50.66
N ASN B 914 85.38 -9.42 -50.70
CA ASN B 914 86.07 -10.63 -51.12
C ASN B 914 85.75 -11.80 -50.21
N VAL B 915 85.37 -11.56 -48.95
CA VAL B 915 84.93 -12.63 -48.08
C VAL B 915 83.71 -13.34 -48.65
N LEU B 916 82.76 -12.55 -49.16
CA LEU B 916 81.56 -13.16 -49.74
C LEU B 916 81.91 -13.84 -51.04
N TYR B 917 82.62 -13.13 -51.92
CA TYR B 917 82.87 -13.69 -53.24
C TYR B 917 83.65 -15.00 -53.14
N GLU B 918 84.56 -15.10 -52.17
CA GLU B 918 85.31 -16.32 -51.94
C GLU B 918 84.52 -17.40 -51.20
N ASN B 919 83.48 -17.04 -50.44
CA ASN B 919 82.78 -18.05 -49.65
C ASN B 919 81.33 -18.23 -50.08
N GLN B 920 81.06 -18.00 -51.36
CA GLN B 920 79.70 -18.00 -51.87
C GLN B 920 79.00 -19.34 -51.66
N LYS B 921 79.68 -20.45 -51.96
CA LYS B 921 79.02 -21.75 -51.87
C LYS B 921 78.72 -22.11 -50.42
N LEU B 922 79.64 -21.81 -49.51
CA LEU B 922 79.40 -22.09 -48.10
C LEU B 922 78.23 -21.28 -47.59
N ILE B 923 78.16 -20.01 -47.97
CA ILE B 923 77.05 -19.18 -47.51
C ILE B 923 75.73 -19.70 -48.07
N ALA B 924 75.73 -20.10 -49.34
CA ALA B 924 74.52 -20.66 -49.94
C ALA B 924 74.02 -21.87 -49.17
N ASN B 925 74.94 -22.80 -48.88
CA ASN B 925 74.53 -24.01 -48.19
C ASN B 925 74.01 -23.71 -46.80
N GLN B 926 74.67 -22.77 -46.10
CA GLN B 926 74.22 -22.43 -44.74
C GLN B 926 72.82 -21.81 -44.77
N PHE B 927 72.58 -20.93 -45.74
CA PHE B 927 71.28 -20.27 -45.83
C PHE B 927 70.18 -21.27 -46.14
N ASN B 928 70.44 -22.17 -47.08
CA ASN B 928 69.44 -23.20 -47.41
C ASN B 928 69.13 -24.06 -46.19
N SER B 929 70.17 -24.51 -45.48
CA SER B 929 69.94 -25.33 -44.30
C SER B 929 69.14 -24.59 -43.25
N ALA B 930 69.36 -23.29 -43.12
CA ALA B 930 68.60 -22.52 -42.14
C ALA B 930 67.13 -22.44 -42.52
N ILE B 931 66.83 -22.21 -43.79
CA ILE B 931 65.44 -22.23 -44.24
C ILE B 931 64.80 -23.58 -43.92
N GLY B 932 65.53 -24.67 -44.15
CA GLY B 932 64.97 -25.99 -43.85
C GLY B 932 64.66 -26.14 -42.37
N LYS B 933 65.56 -25.68 -41.51
CA LYS B 933 65.30 -25.76 -40.08
C LYS B 933 64.09 -24.93 -39.68
N ILE B 934 63.88 -23.79 -40.33
CA ILE B 934 62.68 -22.99 -40.05
C ILE B 934 61.43 -23.78 -40.38
N GLN B 935 61.42 -24.41 -41.57
CA GLN B 935 60.27 -25.24 -41.95
C GLN B 935 60.00 -26.28 -40.87
N ASP B 936 61.04 -26.99 -40.45
CA ASP B 936 60.84 -28.07 -39.49
C ASP B 936 60.33 -27.54 -38.16
N SER B 937 60.96 -26.48 -37.64
CA SER B 937 60.54 -25.92 -36.36
C SER B 937 59.07 -25.52 -36.38
N LEU B 938 58.62 -24.88 -37.46
CA LEU B 938 57.21 -24.50 -37.52
C LEU B 938 56.32 -25.73 -37.68
N SER B 939 56.70 -26.66 -38.55
CA SER B 939 55.84 -27.81 -38.82
C SER B 939 55.68 -28.68 -37.59
N SER B 940 56.68 -28.65 -36.70
CA SER B 940 56.71 -29.53 -35.54
C SER B 940 56.09 -28.87 -34.31
N THR B 941 56.64 -27.73 -33.88
CA THR B 941 56.07 -27.05 -32.72
C THR B 941 55.13 -25.94 -33.16
N ALA B 942 54.10 -25.71 -32.35
CA ALA B 942 53.07 -24.72 -32.64
C ALA B 942 52.95 -23.62 -31.60
N SER B 943 53.68 -23.70 -30.50
CA SER B 943 53.61 -22.69 -29.45
C SER B 943 54.30 -21.38 -29.82
N ALA B 944 54.75 -21.22 -31.06
CA ALA B 944 55.27 -19.92 -31.50
C ALA B 944 54.18 -18.91 -31.81
N LEU B 945 53.01 -19.37 -32.25
CA LEU B 945 51.91 -18.48 -32.64
C LEU B 945 50.99 -18.12 -31.48
N GLY B 946 51.53 -18.11 -30.25
CA GLY B 946 50.71 -17.78 -29.11
C GLY B 946 50.09 -16.40 -29.19
N LYS B 947 50.75 -15.46 -29.87
CA LYS B 947 50.27 -14.08 -29.89
C LYS B 947 48.96 -13.98 -30.67
N LEU B 948 48.94 -14.56 -31.86
CA LEU B 948 47.74 -14.54 -32.68
C LEU B 948 46.65 -15.38 -32.04
N GLN B 949 47.03 -16.56 -31.54
CA GLN B 949 46.02 -17.39 -30.90
C GLN B 949 45.41 -16.63 -29.73
N ASP B 950 46.21 -15.81 -29.05
CA ASP B 950 45.72 -15.06 -27.90
C ASP B 950 44.74 -13.98 -28.31
N VAL B 951 45.03 -13.25 -29.40
CA VAL B 951 44.05 -12.24 -29.82
C VAL B 951 42.72 -12.91 -30.14
N VAL B 952 42.77 -14.02 -30.90
CA VAL B 952 41.52 -14.68 -31.27
C VAL B 952 40.77 -15.16 -30.03
N ASN B 953 41.49 -15.77 -29.09
CA ASN B 953 40.84 -16.30 -27.90
C ASN B 953 40.23 -15.20 -27.05
N GLN B 954 40.94 -14.08 -26.92
CA GLN B 954 40.43 -12.99 -26.10
C GLN B 954 39.12 -12.46 -26.67
N ASN B 955 39.06 -12.28 -27.99
CA ASN B 955 37.81 -11.75 -28.54
C ASN B 955 36.69 -12.77 -28.41
N ALA B 956 37.00 -14.05 -28.59
CA ALA B 956 35.96 -15.07 -28.43
C ALA B 956 35.39 -15.06 -27.02
N GLN B 957 36.27 -14.98 -26.01
CA GLN B 957 35.79 -15.01 -24.63
C GLN B 957 34.99 -13.77 -24.29
N ALA B 958 35.39 -12.61 -24.83
CA ALA B 958 34.62 -11.40 -24.57
C ALA B 958 33.21 -11.52 -25.14
N LEU B 959 33.10 -12.01 -26.38
CA LEU B 959 31.78 -12.18 -26.97
C LEU B 959 30.94 -13.17 -26.19
N ASN B 960 31.55 -14.28 -25.76
CA ASN B 960 30.75 -15.29 -25.07
C ASN B 960 30.26 -14.79 -23.72
N THR B 961 31.08 -14.02 -23.01
CA THR B 961 30.61 -13.46 -21.76
C THR B 961 29.49 -12.47 -21.99
N LEU B 962 29.63 -11.63 -23.03
CA LEU B 962 28.57 -10.68 -23.33
C LEU B 962 27.26 -11.39 -23.60
N VAL B 963 27.31 -12.49 -24.36
CA VAL B 963 26.08 -13.20 -24.69
C VAL B 963 25.48 -13.85 -23.44
N LYS B 964 26.29 -14.55 -22.67
CA LYS B 964 25.76 -15.20 -21.48
C LYS B 964 25.27 -14.21 -20.43
N GLN B 965 25.58 -12.92 -20.55
CA GLN B 965 24.95 -11.96 -19.66
C GLN B 965 23.45 -11.81 -19.91
N LEU B 966 22.96 -12.27 -21.05
CA LEU B 966 21.53 -12.16 -21.33
C LEU B 966 20.69 -13.02 -20.39
N SER B 967 21.27 -14.10 -19.85
CA SER B 967 20.54 -15.03 -18.99
C SER B 967 20.62 -14.69 -17.52
N SER B 968 20.80 -13.42 -17.17
CA SER B 968 20.88 -13.01 -15.76
C SER B 968 19.74 -12.08 -15.43
N ASN B 969 19.29 -12.15 -14.16
CA ASN B 969 18.08 -11.47 -13.74
C ASN B 969 18.34 -10.07 -13.21
N PHE B 970 19.53 -9.79 -12.70
CA PHE B 970 19.87 -8.49 -12.11
C PHE B 970 18.93 -8.07 -11.00
N GLY B 971 18.26 -9.02 -10.35
CA GLY B 971 17.30 -8.68 -9.33
C GLY B 971 15.87 -8.56 -9.79
N ALA B 972 15.58 -8.96 -11.03
CA ALA B 972 14.23 -8.92 -11.56
C ALA B 972 13.57 -10.28 -11.37
N ILE B 973 12.40 -10.47 -11.96
CA ILE B 973 11.65 -11.70 -11.77
C ILE B 973 12.20 -12.81 -12.66
N SER B 974 12.14 -12.62 -13.98
CA SER B 974 12.59 -13.62 -14.92
C SER B 974 13.43 -12.98 -16.01
N SER B 975 14.43 -13.71 -16.48
CA SER B 975 15.36 -13.18 -17.45
C SER B 975 14.73 -13.00 -18.82
N VAL B 976 13.50 -13.45 -19.00
CA VAL B 976 12.79 -13.32 -20.28
C VAL B 976 11.85 -12.12 -20.17
N LEU B 977 11.79 -11.33 -21.24
CA LEU B 977 10.99 -10.11 -21.19
C LEU B 977 9.52 -10.40 -21.38
N ASN B 978 9.17 -11.08 -22.47
CA ASN B 978 7.78 -11.42 -22.76
C ASN B 978 7.11 -12.14 -21.60
N ASP B 979 7.86 -12.98 -20.89
CA ASP B 979 7.28 -13.71 -19.78
C ASP B 979 6.83 -12.77 -18.66
N ILE B 980 7.64 -11.77 -18.34
CA ILE B 980 7.22 -10.83 -17.31
C ILE B 980 6.10 -9.93 -17.82
N LEU B 981 6.17 -9.55 -19.10
CA LEU B 981 5.13 -8.71 -19.68
C LEU B 981 3.78 -9.41 -19.64
N SER B 982 3.77 -10.73 -19.80
CA SER B 982 2.52 -11.47 -19.71
C SER B 982 2.13 -11.66 -18.25
N ARG B 983 3.08 -12.09 -17.41
CA ARG B 983 2.76 -12.41 -15.99
C ARG B 983 2.39 -11.15 -15.20
N LEU B 984 3.30 -10.16 -15.14
CA LEU B 984 3.05 -8.96 -14.29
C LEU B 984 2.18 -7.93 -15.01
N ASP B 985 1.58 -7.02 -14.25
CA ASP B 985 0.74 -5.94 -14.84
C ASP B 985 1.66 -4.76 -15.16
N PRO B 986 1.33 -3.90 -16.15
CA PRO B 986 2.21 -2.78 -16.55
C PRO B 986 3.00 -2.04 -15.45
N PRO B 987 2.43 -1.57 -14.32
CA PRO B 987 3.24 -0.96 -13.25
C PRO B 987 4.40 -1.85 -12.78
N GLU B 988 4.10 -3.09 -12.41
CA GLU B 988 5.15 -4.03 -11.92
C GLU B 988 6.08 -4.37 -13.08
N ALA B 989 5.55 -4.47 -14.29
CA ALA B 989 6.34 -4.78 -15.46
C ALA B 989 7.30 -3.65 -15.78
N GLU B 990 6.91 -2.41 -15.49
CA GLU B 990 7.79 -1.28 -15.73
C GLU B 990 9.05 -1.36 -14.87
N VAL B 991 8.90 -1.62 -13.57
CA VAL B 991 10.07 -1.63 -12.70
C VAL B 991 10.95 -2.84 -13.01
N GLN B 992 10.36 -4.03 -13.19
CA GLN B 992 11.16 -5.20 -13.53
C GLN B 992 11.94 -4.97 -14.83
N ILE B 993 11.26 -4.47 -15.86
CA ILE B 993 11.93 -4.13 -17.10
C ILE B 993 13.09 -3.19 -16.82
N ASP B 994 12.81 -2.03 -16.21
CA ASP B 994 13.84 -1.05 -15.89
C ASP B 994 15.06 -1.69 -15.24
N ARG B 995 14.85 -2.65 -14.34
CA ARG B 995 15.99 -3.36 -13.77
C ARG B 995 16.79 -4.09 -14.84
N LEU B 996 16.09 -4.84 -15.69
CA LEU B 996 16.79 -5.58 -16.73
C LEU B 996 17.55 -4.64 -17.67
N ILE B 997 16.93 -3.49 -17.98
CA ILE B 997 17.55 -2.53 -18.88
C ILE B 997 18.83 -1.97 -18.28
N THR B 998 18.79 -1.54 -17.02
CA THR B 998 20.01 -1.06 -16.39
C THR B 998 21.10 -2.12 -16.42
N GLY B 999 20.75 -3.36 -16.08
CA GLY B 999 21.76 -4.40 -16.05
C GLY B 999 22.41 -4.62 -17.41
N ARG B 1000 21.58 -4.83 -18.42
CA ARG B 1000 22.12 -5.12 -19.74
C ARG B 1000 22.90 -3.94 -20.30
N LEU B 1001 22.46 -2.71 -20.00
CA LEU B 1001 23.18 -1.55 -20.49
C LEU B 1001 24.56 -1.44 -19.84
N GLN B 1002 24.65 -1.71 -18.55
CA GLN B 1002 25.96 -1.68 -17.91
C GLN B 1002 26.88 -2.74 -18.49
N SER B 1003 26.35 -3.95 -18.74
CA SER B 1003 27.19 -4.99 -19.33
C SER B 1003 27.70 -4.56 -20.71
N LEU B 1004 26.84 -3.91 -21.49
CA LEU B 1004 27.25 -3.49 -22.82
C LEU B 1004 28.34 -2.44 -22.76
N GLN B 1005 28.20 -1.46 -21.86
CA GLN B 1005 29.24 -0.44 -21.74
C GLN B 1005 30.56 -1.06 -21.33
N THR B 1006 30.53 -2.02 -20.40
CA THR B 1006 31.77 -2.66 -19.98
C THR B 1006 32.45 -3.37 -21.15
N TYR B 1007 31.66 -4.08 -21.97
CA TYR B 1007 32.26 -4.77 -23.11
C TYR B 1007 32.88 -3.77 -24.09
N VAL B 1008 32.18 -2.67 -24.35
CA VAL B 1008 32.70 -1.72 -25.33
C VAL B 1008 33.97 -1.05 -24.82
N THR B 1009 34.08 -0.83 -23.51
CA THR B 1009 35.32 -0.25 -22.99
C THR B 1009 36.47 -1.23 -23.10
N GLN B 1010 36.23 -2.51 -22.79
CA GLN B 1010 37.26 -3.52 -23.02
C GLN B 1010 37.74 -3.48 -24.46
N GLN B 1011 36.80 -3.37 -25.40
CA GLN B 1011 37.21 -3.40 -26.80
C GLN B 1011 38.02 -2.16 -27.17
N LEU B 1012 37.66 -1.00 -26.63
CA LEU B 1012 38.43 0.20 -26.93
C LEU B 1012 39.88 0.04 -26.49
N ILE B 1013 40.08 -0.46 -25.27
CA ILE B 1013 41.45 -0.59 -24.78
C ILE B 1013 42.24 -1.59 -25.61
N ARG B 1014 41.64 -2.76 -25.89
CA ARG B 1014 42.38 -3.76 -26.64
C ARG B 1014 42.67 -3.29 -28.06
N ALA B 1015 41.79 -2.49 -28.64
CA ALA B 1015 42.07 -1.98 -29.99
C ALA B 1015 43.17 -0.94 -29.97
N ALA B 1016 43.26 -0.14 -28.91
CA ALA B 1016 44.41 0.76 -28.81
C ALA B 1016 45.72 -0.02 -28.76
N GLU B 1017 45.72 -1.13 -28.02
CA GLU B 1017 46.95 -1.92 -27.95
C GLU B 1017 47.31 -2.53 -29.31
N ILE B 1018 46.30 -3.05 -30.02
CA ILE B 1018 46.58 -3.62 -31.34
C ILE B 1018 47.07 -2.55 -32.30
N ARG B 1019 46.56 -1.32 -32.19
CA ARG B 1019 47.08 -0.27 -33.06
C ARG B 1019 48.53 0.06 -32.73
N ALA B 1020 48.91 -0.03 -31.46
CA ALA B 1020 50.32 0.12 -31.12
C ALA B 1020 51.17 -0.93 -31.81
N SER B 1021 50.74 -2.19 -31.73
CA SER B 1021 51.52 -3.25 -32.37
C SER B 1021 51.52 -3.14 -33.89
N ALA B 1022 50.48 -2.54 -34.45
CA ALA B 1022 50.44 -2.39 -35.90
C ALA B 1022 51.39 -1.29 -36.36
N ASN B 1023 51.45 -0.18 -35.63
CA ASN B 1023 52.46 0.83 -35.93
C ASN B 1023 53.86 0.25 -35.82
N LEU B 1024 54.09 -0.60 -34.82
CA LEU B 1024 55.41 -1.21 -34.69
C LEU B 1024 55.71 -2.11 -35.90
N ALA B 1025 54.73 -2.87 -36.36
CA ALA B 1025 54.99 -3.74 -37.50
C ALA B 1025 55.24 -2.93 -38.77
N ALA B 1026 54.52 -1.82 -38.94
CA ALA B 1026 54.75 -0.99 -40.12
C ALA B 1026 56.16 -0.42 -40.11
N THR B 1027 56.59 0.09 -38.95
CA THR B 1027 57.96 0.58 -38.84
C THR B 1027 58.96 -0.53 -39.15
N LYS B 1028 58.70 -1.73 -38.64
CA LYS B 1028 59.68 -2.79 -38.81
C LYS B 1028 59.76 -3.23 -40.26
N MET B 1029 58.65 -3.17 -40.99
CA MET B 1029 58.73 -3.58 -42.38
C MET B 1029 59.42 -2.52 -43.21
N SER B 1030 59.15 -1.25 -42.91
CA SER B 1030 59.74 -0.19 -43.71
C SER B 1030 61.23 -0.06 -43.47
N GLU B 1031 61.69 -0.32 -42.26
CA GLU B 1031 63.11 -0.16 -41.98
C GLU B 1031 63.89 -1.46 -42.13
N CYS B 1032 63.23 -2.62 -42.12
CA CYS B 1032 63.91 -3.90 -42.07
C CYS B 1032 63.80 -4.71 -43.34
N VAL B 1033 62.76 -4.49 -44.15
CA VAL B 1033 62.70 -5.17 -45.44
C VAL B 1033 63.21 -4.25 -46.53
N LEU B 1034 62.55 -3.11 -46.72
CA LEU B 1034 62.87 -2.15 -47.75
C LEU B 1034 64.28 -1.58 -47.62
N GLY B 1035 65.02 -2.01 -46.61
CA GLY B 1035 66.39 -1.56 -46.46
C GLY B 1035 67.09 -2.35 -45.38
N GLN B 1036 68.37 -2.06 -45.20
CA GLN B 1036 69.19 -2.71 -44.20
C GLN B 1036 69.39 -1.75 -43.04
N SER B 1037 69.14 -2.23 -41.82
CA SER B 1037 69.19 -1.39 -40.64
C SER B 1037 70.49 -1.59 -39.87
N LYS B 1038 70.81 -0.59 -39.05
CA LYS B 1038 71.96 -0.65 -38.17
C LYS B 1038 71.57 -0.43 -36.72
N ARG B 1039 70.31 -0.70 -36.37
CA ARG B 1039 69.85 -0.60 -34.99
C ARG B 1039 69.97 -1.98 -34.36
N VAL B 1040 70.77 -2.09 -33.30
CA VAL B 1040 71.09 -3.40 -32.77
C VAL B 1040 69.83 -4.07 -32.24
N ASP B 1041 69.72 -5.37 -32.48
CA ASP B 1041 68.63 -6.22 -32.01
C ASP B 1041 67.26 -5.74 -32.45
N PHE B 1042 67.18 -4.75 -33.33
CA PHE B 1042 65.88 -4.33 -33.85
C PHE B 1042 65.37 -5.30 -34.89
N CYS B 1043 66.26 -6.07 -35.52
CA CYS B 1043 65.92 -6.99 -36.59
C CYS B 1043 66.56 -8.35 -36.34
N GLY B 1044 66.42 -8.86 -35.12
CA GLY B 1044 66.95 -10.17 -34.80
C GLY B 1044 68.39 -10.17 -34.34
N LYS B 1045 68.71 -11.05 -33.37
CA LYS B 1045 70.02 -11.06 -32.74
C LYS B 1045 71.12 -11.36 -33.74
N GLY B 1046 71.99 -10.37 -33.97
CA GLY B 1046 73.14 -10.51 -34.84
C GLY B 1046 73.22 -9.36 -35.80
N TYR B 1047 74.27 -9.36 -36.61
CA TYR B 1047 74.36 -8.36 -37.67
C TYR B 1047 73.25 -8.62 -38.68
N HIS B 1048 72.62 -7.55 -39.16
CA HIS B 1048 71.43 -7.70 -40.00
C HIS B 1048 71.81 -7.70 -41.48
N LEU B 1049 71.30 -8.67 -42.23
CA LEU B 1049 71.56 -8.73 -43.66
C LEU B 1049 70.35 -8.38 -44.49
N MET B 1050 69.21 -9.00 -44.22
CA MET B 1050 67.94 -8.63 -44.83
C MET B 1050 66.84 -9.37 -44.08
N SER B 1051 65.62 -9.31 -44.61
CA SER B 1051 64.50 -10.03 -44.02
C SER B 1051 63.44 -10.21 -45.08
N PHE B 1052 62.58 -11.21 -44.87
CA PHE B 1052 61.50 -11.49 -45.79
C PHE B 1052 60.19 -11.58 -45.01
N PRO B 1053 59.13 -10.93 -45.47
CA PRO B 1053 57.85 -11.00 -44.77
C PRO B 1053 57.02 -12.17 -45.25
N GLN B 1054 56.09 -12.60 -44.40
CA GLN B 1054 55.15 -13.66 -44.71
C GLN B 1054 53.83 -13.34 -44.04
N SER B 1055 52.73 -13.56 -44.76
CA SER B 1055 51.43 -13.27 -44.18
C SER B 1055 51.08 -14.31 -43.11
N ALA B 1056 50.07 -13.98 -42.31
CA ALA B 1056 49.53 -14.93 -41.35
C ALA B 1056 48.18 -14.42 -40.89
N PRO B 1057 47.26 -15.31 -40.52
CA PRO B 1057 45.91 -14.87 -40.17
C PRO B 1057 45.90 -13.84 -39.06
N HIS B 1058 45.52 -12.60 -39.39
CA HIS B 1058 45.58 -11.47 -38.45
C HIS B 1058 47.00 -11.28 -37.92
N GLY B 1059 47.93 -11.01 -38.82
CA GLY B 1059 49.27 -10.71 -38.40
C GLY B 1059 50.29 -10.98 -39.49
N VAL B 1060 51.53 -10.62 -39.18
CA VAL B 1060 52.63 -10.73 -40.12
C VAL B 1060 53.78 -11.49 -39.44
N VAL B 1061 54.65 -12.07 -40.27
CA VAL B 1061 55.74 -12.90 -39.78
C VAL B 1061 56.98 -12.62 -40.62
N PHE B 1062 58.02 -12.08 -39.99
CA PHE B 1062 59.29 -11.78 -40.63
C PHE B 1062 60.30 -12.90 -40.42
N LEU B 1063 61.21 -13.04 -41.39
CA LEU B 1063 62.35 -13.94 -41.33
C LEU B 1063 63.64 -13.11 -41.33
N HIS B 1064 64.11 -12.74 -40.16
CA HIS B 1064 65.31 -11.92 -40.01
C HIS B 1064 66.56 -12.75 -40.32
N VAL B 1065 67.13 -12.54 -41.51
CA VAL B 1065 68.40 -13.13 -41.90
C VAL B 1065 69.54 -12.34 -41.27
N THR B 1066 70.29 -12.98 -40.37
CA THR B 1066 71.37 -12.31 -39.67
C THR B 1066 72.68 -13.06 -39.88
N TYR B 1067 73.76 -12.39 -39.51
CA TYR B 1067 75.13 -12.85 -39.67
C TYR B 1067 75.81 -12.81 -38.32
N VAL B 1068 76.38 -13.95 -37.90
CA VAL B 1068 76.92 -14.10 -36.56
C VAL B 1068 78.36 -14.60 -36.64
N PRO B 1069 79.34 -13.88 -36.09
CA PRO B 1069 80.72 -14.37 -36.12
C PRO B 1069 80.86 -15.61 -35.25
N ALA B 1070 81.75 -16.52 -35.66
CA ALA B 1070 81.69 -17.90 -35.19
C ALA B 1070 82.82 -18.29 -34.24
N GLN B 1071 84.08 -18.24 -34.67
CA GLN B 1071 85.14 -18.86 -33.87
C GLN B 1071 86.42 -18.02 -33.90
N GLU B 1072 86.91 -17.68 -32.71
CA GLU B 1072 87.91 -16.64 -32.51
C GLU B 1072 89.27 -17.21 -32.12
N LYS B 1073 90.23 -16.30 -32.01
CA LYS B 1073 91.60 -16.59 -31.61
C LYS B 1073 92.14 -15.47 -30.74
N ASN B 1074 92.96 -15.84 -29.74
CA ASN B 1074 93.55 -14.93 -28.75
C ASN B 1074 94.83 -14.30 -29.31
N PHE B 1075 94.66 -13.24 -30.10
CA PHE B 1075 95.81 -12.53 -30.63
C PHE B 1075 96.29 -11.44 -29.67
N THR B 1076 97.53 -10.99 -29.89
CA THR B 1076 98.12 -9.89 -29.16
C THR B 1076 98.13 -8.64 -30.05
N THR B 1077 97.73 -7.51 -29.48
CA THR B 1077 97.55 -6.28 -30.25
C THR B 1077 98.45 -5.17 -29.71
N ALA B 1078 98.33 -3.99 -30.34
CA ALA B 1078 99.04 -2.78 -29.96
C ALA B 1078 98.46 -1.58 -30.69
N PRO B 1079 98.25 -0.46 -30.01
CA PRO B 1079 97.51 0.65 -30.62
C PRO B 1079 98.16 1.26 -31.84
N ALA B 1080 99.48 1.29 -31.92
CA ALA B 1080 100.18 1.91 -33.05
C ALA B 1080 101.58 1.33 -33.12
N ILE B 1081 102.32 1.70 -34.16
CA ILE B 1081 103.70 1.23 -34.26
C ILE B 1081 104.63 2.38 -34.59
N CYS B 1082 105.84 2.30 -34.04
CA CYS B 1082 106.90 3.25 -34.33
C CYS B 1082 107.80 2.70 -35.42
N HIS B 1083 108.10 3.53 -36.43
CA HIS B 1083 109.06 3.17 -37.45
C HIS B 1083 110.26 4.11 -37.51
N ASP B 1084 110.02 5.40 -37.59
CA ASP B 1084 111.07 6.41 -37.69
C ASP B 1084 110.86 7.50 -36.66
N GLY B 1085 110.45 7.14 -35.45
CA GLY B 1085 110.11 8.13 -34.47
C GLY B 1085 108.71 8.65 -34.61
N LYS B 1086 108.05 8.40 -35.73
CA LYS B 1086 106.69 8.85 -36.01
C LYS B 1086 105.72 7.70 -35.78
N ALA B 1087 104.51 8.04 -35.33
CA ALA B 1087 103.54 7.01 -35.04
C ALA B 1087 102.78 6.61 -36.30
N HIS B 1088 102.43 5.33 -36.37
CA HIS B 1088 101.70 4.78 -37.51
C HIS B 1088 100.46 4.10 -36.95
N PHE B 1089 99.28 4.61 -37.37
CA PHE B 1089 97.99 4.07 -36.96
C PHE B 1089 97.29 3.42 -38.14
N PRO B 1090 96.52 2.36 -37.92
CA PRO B 1090 95.89 1.67 -39.04
C PRO B 1090 94.73 2.48 -39.58
N ARG B 1091 94.62 2.51 -40.91
CA ARG B 1091 93.57 3.30 -41.56
C ARG B 1091 92.20 2.77 -41.17
N GLU B 1092 91.91 1.53 -41.57
CA GLU B 1092 90.66 0.86 -41.21
C GLU B 1092 91.01 -0.60 -40.91
N GLY B 1093 91.26 -0.88 -39.64
CA GLY B 1093 91.70 -2.22 -39.26
C GLY B 1093 92.24 -2.20 -37.84
N VAL B 1094 93.07 -3.19 -37.52
CA VAL B 1094 93.64 -3.29 -36.19
C VAL B 1094 94.92 -4.11 -36.29
N PHE B 1095 95.89 -3.75 -35.45
CA PHE B 1095 97.21 -4.36 -35.45
C PHE B 1095 97.21 -5.60 -34.56
N VAL B 1096 97.45 -6.76 -35.17
CA VAL B 1096 97.58 -8.00 -34.42
C VAL B 1096 98.98 -8.55 -34.62
N SER B 1097 99.30 -9.60 -33.86
CA SER B 1097 100.62 -10.20 -33.93
C SER B 1097 100.55 -11.63 -33.43
N ASN B 1098 101.03 -12.56 -34.26
CA ASN B 1098 101.05 -13.98 -33.89
C ASN B 1098 102.28 -14.30 -33.06
N GLY B 1099 102.83 -13.29 -32.38
CA GLY B 1099 103.98 -13.45 -31.54
C GLY B 1099 105.30 -13.28 -32.27
N THR B 1100 105.33 -13.54 -33.57
CA THR B 1100 106.53 -13.43 -34.38
C THR B 1100 106.53 -12.16 -35.24
N HIS B 1101 105.42 -11.89 -35.92
CA HIS B 1101 105.35 -10.74 -36.81
C HIS B 1101 104.13 -9.88 -36.47
N TRP B 1102 103.87 -8.87 -37.27
CA TRP B 1102 102.74 -7.98 -37.05
C TRP B 1102 101.94 -7.85 -38.34
N PHE B 1103 100.63 -7.72 -38.21
CA PHE B 1103 99.77 -7.55 -39.36
C PHE B 1103 98.67 -6.56 -39.00
N VAL B 1104 98.01 -6.05 -40.04
CA VAL B 1104 96.79 -5.26 -39.89
C VAL B 1104 95.65 -6.05 -40.51
N THR B 1105 94.55 -6.19 -39.76
CA THR B 1105 93.44 -7.00 -40.21
C THR B 1105 92.13 -6.31 -39.86
N GLN B 1106 91.12 -6.54 -40.71
CA GLN B 1106 89.80 -5.96 -40.45
C GLN B 1106 89.24 -6.51 -39.15
N ARG B 1107 88.35 -5.74 -38.53
CA ARG B 1107 87.98 -5.99 -37.15
C ARG B 1107 87.17 -7.28 -36.98
N ASN B 1108 86.42 -7.70 -38.00
CA ASN B 1108 85.45 -8.77 -37.82
C ASN B 1108 85.78 -10.06 -38.54
N PHE B 1109 86.93 -10.16 -39.20
CA PHE B 1109 87.23 -11.40 -39.92
C PHE B 1109 88.74 -11.48 -40.12
N TYR B 1110 89.39 -12.40 -39.42
CA TYR B 1110 90.84 -12.50 -39.43
C TYR B 1110 91.37 -12.73 -40.83
N GLU B 1111 92.05 -11.73 -41.38
CA GLU B 1111 92.59 -11.80 -42.73
C GLU B 1111 93.88 -11.00 -42.78
N PRO B 1112 94.98 -11.57 -42.27
CA PRO B 1112 96.18 -10.76 -42.02
C PRO B 1112 96.75 -10.19 -43.31
N GLN B 1113 97.36 -9.01 -43.18
CA GLN B 1113 97.96 -8.32 -44.30
C GLN B 1113 99.31 -7.76 -43.88
N ILE B 1114 100.23 -7.67 -44.84
CA ILE B 1114 101.50 -7.01 -44.57
C ILE B 1114 101.26 -5.54 -44.27
N ILE B 1115 102.00 -5.01 -43.30
CA ILE B 1115 101.83 -3.62 -42.89
C ILE B 1115 102.62 -2.69 -43.78
N THR B 1116 102.03 -2.28 -44.90
CA THR B 1116 102.66 -1.31 -45.77
C THR B 1116 102.42 0.10 -45.24
N THR B 1117 103.00 1.09 -45.92
CA THR B 1117 102.65 2.47 -45.68
C THR B 1117 101.35 2.87 -46.37
N ASP B 1118 100.61 1.91 -46.90
CA ASP B 1118 99.29 2.16 -47.47
C ASP B 1118 98.15 1.75 -46.55
N ASN B 1119 98.33 0.66 -45.81
CA ASN B 1119 97.34 0.25 -44.82
C ASN B 1119 97.22 1.23 -43.66
N THR B 1120 98.24 2.06 -43.43
CA THR B 1120 98.29 2.92 -42.26
C THR B 1120 98.48 4.38 -42.66
N PHE B 1121 98.33 5.24 -41.66
CA PHE B 1121 98.58 6.66 -41.83
C PHE B 1121 99.39 7.15 -40.64
N VAL B 1122 100.26 8.12 -40.91
CA VAL B 1122 101.24 8.55 -39.93
C VAL B 1122 100.65 9.70 -39.12
N SER B 1123 101.23 9.94 -37.95
CA SER B 1123 100.91 11.11 -37.13
C SER B 1123 101.88 11.16 -35.96
N GLY B 1124 102.06 12.37 -35.44
CA GLY B 1124 102.81 12.69 -34.24
C GLY B 1124 104.16 12.00 -34.20
N ASN B 1125 104.60 11.70 -32.98
CA ASN B 1125 105.82 10.93 -32.78
C ASN B 1125 105.57 9.85 -31.74
N CYS B 1126 106.65 9.12 -31.40
CA CYS B 1126 106.57 8.02 -30.45
C CYS B 1126 106.33 8.45 -29.02
N ASP B 1127 106.40 9.75 -28.73
CA ASP B 1127 106.53 10.19 -27.35
C ASP B 1127 105.23 9.98 -26.58
N VAL B 1128 104.10 10.33 -27.17
CA VAL B 1128 102.90 10.64 -26.39
C VAL B 1128 102.00 9.42 -26.22
N VAL B 1129 101.93 8.55 -27.23
CA VAL B 1129 101.02 7.41 -27.15
C VAL B 1129 101.50 6.44 -26.08
N ILE B 1130 100.55 5.70 -25.50
CA ILE B 1130 100.83 4.75 -24.43
C ILE B 1130 100.73 3.36 -25.03
N GLY B 1131 101.78 2.57 -24.86
CA GLY B 1131 101.78 1.19 -25.29
C GLY B 1131 102.17 0.97 -26.72
N ILE B 1132 102.75 1.97 -27.39
CA ILE B 1132 103.20 1.76 -28.76
C ILE B 1132 104.36 0.77 -28.76
N VAL B 1133 104.60 0.16 -29.92
CA VAL B 1133 105.64 -0.85 -30.06
C VAL B 1133 106.48 -0.58 -31.30
N ASN B 1134 107.79 -0.78 -31.16
CA ASN B 1134 108.70 -0.64 -32.29
C ASN B 1134 108.40 -1.72 -33.32
N ASN B 1135 108.56 -1.37 -34.59
CA ASN B 1135 108.52 -2.33 -35.68
C ASN B 1135 108.93 -1.62 -36.96
N THR B 1136 108.89 -2.36 -38.06
CA THR B 1136 109.29 -1.87 -39.38
C THR B 1136 108.08 -1.88 -40.31
N VAL B 1137 107.65 -0.70 -40.75
CA VAL B 1137 106.58 -0.60 -41.73
C VAL B 1137 107.20 -0.65 -43.12
N TYR B 1138 106.90 -1.72 -43.86
CA TYR B 1138 107.41 -1.87 -45.21
C TYR B 1138 106.86 -0.76 -46.11
N ASP B 1139 107.54 -0.52 -47.22
CA ASP B 1139 107.15 0.53 -48.17
C ASP B 1139 107.17 -0.04 -49.57
N PRO B 1140 106.05 0.00 -50.31
CA PRO B 1140 106.02 -0.60 -51.65
C PRO B 1140 106.84 0.14 -52.69
N LEU B 1141 107.28 1.36 -52.42
CA LEU B 1141 107.98 2.14 -53.44
C LEU B 1141 109.46 1.81 -53.55
N GLN B 1142 110.06 1.24 -52.50
CA GLN B 1142 111.49 0.92 -52.53
C GLN B 1142 111.91 0.05 -53.71
N PRO B 1143 111.14 -0.96 -54.14
CA PRO B 1143 111.57 -1.70 -55.35
C PRO B 1143 111.76 -0.81 -56.56
N GLU B 1144 110.75 -0.03 -56.91
CA GLU B 1144 110.87 0.86 -58.07
C GLU B 1144 111.97 1.88 -57.85
N LEU B 1145 112.14 2.35 -56.60
CA LEU B 1145 113.18 3.33 -56.33
C LEU B 1145 114.56 2.73 -56.56
N ASP B 1146 114.70 1.42 -56.31
CA ASP B 1146 115.93 0.73 -56.65
C ASP B 1146 116.08 0.61 -58.16
N SER B 1147 115.06 0.08 -58.82
CA SER B 1147 115.06 -0.05 -60.28
C SER B 1147 115.05 1.32 -60.94
N ALA C 27 -10.59 12.19 -58.61
CA ALA C 27 -9.52 13.08 -59.04
C ALA C 27 -8.45 13.17 -57.97
N TYR C 28 -7.19 13.27 -58.40
CA TYR C 28 -6.06 13.30 -57.48
C TYR C 28 -4.99 14.22 -58.02
N THR C 29 -4.02 14.53 -57.16
CA THR C 29 -2.86 15.33 -57.54
C THR C 29 -1.75 15.00 -56.54
N ASN C 30 -0.57 15.57 -56.76
CA ASN C 30 0.65 15.16 -56.08
C ASN C 30 1.21 16.30 -55.25
N SER C 31 1.08 16.18 -53.92
CA SER C 31 1.57 17.19 -53.00
C SER C 31 3.09 17.15 -52.96
N PHE C 32 3.71 17.94 -53.84
CA PHE C 32 5.14 17.92 -54.08
C PHE C 32 5.96 18.19 -52.84
N THR C 33 5.85 19.41 -52.33
CA THR C 33 6.78 19.91 -51.31
C THR C 33 6.10 20.71 -50.21
N ARG C 34 4.80 20.91 -50.29
CA ARG C 34 4.11 21.84 -49.41
C ARG C 34 3.66 21.15 -48.12
N GLY C 35 3.30 21.97 -47.14
CA GLY C 35 2.77 21.45 -45.90
C GLY C 35 3.69 21.53 -44.70
N VAL C 36 4.45 22.61 -44.58
CA VAL C 36 5.41 22.77 -43.49
C VAL C 36 5.04 24.01 -42.69
N TYR C 37 4.99 23.86 -41.37
CA TYR C 37 4.54 24.91 -40.48
C TYR C 37 5.46 24.98 -39.28
N TYR C 38 5.71 26.19 -38.79
CA TYR C 38 6.59 26.38 -37.64
C TYR C 38 6.04 25.60 -36.46
N PRO C 39 6.65 24.47 -36.10
CA PRO C 39 6.02 23.58 -35.12
C PRO C 39 5.95 24.15 -33.72
N ASP C 40 6.73 25.17 -33.39
CA ASP C 40 6.68 25.76 -32.07
C ASP C 40 7.04 27.23 -32.17
N LYS C 41 7.29 27.85 -31.02
CA LYS C 41 7.44 29.30 -30.92
C LYS C 41 8.88 29.77 -30.77
N VAL C 42 9.84 28.85 -30.70
CA VAL C 42 11.22 29.25 -30.43
C VAL C 42 11.79 29.94 -31.66
N PHE C 43 12.92 30.61 -31.51
CA PHE C 43 13.59 31.29 -32.61
C PHE C 43 14.99 30.71 -32.75
N ARG C 44 15.31 30.19 -33.93
CA ARG C 44 16.60 29.61 -34.21
C ARG C 44 17.19 30.24 -35.46
N SER C 45 18.51 30.42 -35.48
CA SER C 45 19.20 31.10 -36.55
C SER C 45 20.16 30.15 -37.25
N SER C 46 19.97 29.99 -38.56
CA SER C 46 20.90 29.27 -39.46
C SER C 46 21.22 27.85 -39.01
N VAL C 47 20.43 27.27 -38.13
CA VAL C 47 20.69 25.93 -37.63
C VAL C 47 19.71 24.96 -38.28
N LEU C 48 20.18 23.74 -38.54
CA LEU C 48 19.35 22.67 -39.09
C LEU C 48 18.76 21.87 -37.94
N HIS C 49 17.49 22.14 -37.62
CA HIS C 49 16.81 21.44 -36.55
C HIS C 49 16.14 20.18 -37.08
N SER C 50 15.95 19.20 -36.20
CA SER C 50 15.34 17.92 -36.57
C SER C 50 14.22 17.59 -35.59
N THR C 51 12.98 17.75 -36.02
CA THR C 51 11.81 17.60 -35.15
C THR C 51 10.87 16.53 -35.68
N GLN C 52 10.25 15.79 -34.75
CA GLN C 52 9.27 14.75 -35.06
C GLN C 52 7.88 15.22 -34.65
N ASP C 53 7.00 15.40 -35.63
CA ASP C 53 5.61 15.73 -35.34
C ASP C 53 4.75 15.29 -36.52
N LEU C 54 3.51 15.79 -36.55
CA LEU C 54 2.57 15.44 -37.60
C LEU C 54 2.75 16.42 -38.75
N PHE C 55 3.32 15.94 -39.85
CA PHE C 55 3.53 16.72 -41.06
C PHE C 55 2.86 16.02 -42.23
N LEU C 56 2.67 16.74 -43.31
CA LEU C 56 2.16 16.12 -44.53
C LEU C 56 3.30 15.49 -45.30
N PRO C 57 3.30 14.16 -45.44
CA PRO C 57 4.39 13.49 -46.17
C PRO C 57 4.60 14.07 -47.56
N PHE C 58 5.85 14.19 -47.96
CA PHE C 58 6.17 14.82 -49.23
C PHE C 58 5.67 13.98 -50.39
N PHE C 59 5.41 14.66 -51.51
CA PHE C 59 4.97 13.98 -52.74
C PHE C 59 3.80 13.05 -52.48
N SER C 60 2.87 13.49 -51.65
CA SER C 60 1.77 12.61 -51.27
C SER C 60 0.60 12.79 -52.24
N ASN C 61 -0.56 12.25 -51.88
CA ASN C 61 -1.75 12.27 -52.71
C ASN C 61 -2.77 13.24 -52.12
N VAL C 62 -3.02 14.34 -52.83
CA VAL C 62 -4.06 15.28 -52.45
C VAL C 62 -5.30 15.03 -53.30
N THR C 63 -6.47 15.12 -52.66
CA THR C 63 -7.74 14.83 -53.30
C THR C 63 -8.29 16.08 -53.95
N TRP C 64 -8.15 16.19 -55.26
CA TRP C 64 -8.68 17.31 -56.01
C TRP C 64 -10.20 17.35 -55.93
N PHE C 65 -10.74 18.51 -55.55
CA PHE C 65 -12.17 18.67 -55.42
C PHE C 65 -12.68 19.82 -56.27
N HIS C 66 -13.99 19.84 -56.48
CA HIS C 66 -14.72 21.00 -56.98
C HIS C 66 -16.22 20.74 -56.91
N ASN C 81 -17.15 19.59 -52.08
CA ASN C 81 -18.58 19.69 -51.83
C ASN C 81 -19.07 18.84 -50.65
N PRO C 82 -18.70 17.54 -50.59
CA PRO C 82 -19.24 16.70 -49.51
C PRO C 82 -18.41 16.74 -48.24
N VAL C 83 -18.84 15.97 -47.24
CA VAL C 83 -18.09 15.86 -46.00
C VAL C 83 -16.86 14.99 -46.21
N LEU C 84 -15.91 15.11 -45.28
CA LEU C 84 -14.68 14.33 -45.32
C LEU C 84 -14.25 13.98 -43.91
N PRO C 85 -13.49 12.91 -43.74
CA PRO C 85 -12.99 12.54 -42.41
C PRO C 85 -11.89 13.47 -41.92
N PHE C 86 -11.51 13.25 -40.66
CA PHE C 86 -10.60 14.10 -39.90
C PHE C 86 -9.60 13.22 -39.15
N ASN C 87 -8.97 12.29 -39.88
CA ASN C 87 -8.15 11.24 -39.28
C ASN C 87 -7.24 11.77 -38.16
N ASP C 88 -6.30 12.65 -38.51
CA ASP C 88 -5.49 13.32 -37.50
C ASP C 88 -5.15 14.75 -37.85
N GLY C 89 -5.65 15.29 -38.96
CA GLY C 89 -5.29 16.62 -39.39
C GLY C 89 -5.69 16.80 -40.82
N VAL C 90 -5.45 18.02 -41.32
CA VAL C 90 -5.87 18.39 -42.67
C VAL C 90 -4.82 19.32 -43.24
N TYR C 91 -4.69 19.30 -44.57
CA TYR C 91 -3.90 20.29 -45.29
C TYR C 91 -4.81 21.06 -46.23
N PHE C 92 -5.91 21.58 -45.71
CA PHE C 92 -6.81 22.34 -46.55
C PHE C 92 -6.05 23.44 -47.27
N ALA C 93 -6.25 23.51 -48.58
CA ALA C 93 -5.62 24.54 -49.39
C ALA C 93 -6.70 25.17 -50.24
N SER C 94 -6.31 26.03 -51.18
CA SER C 94 -7.26 26.58 -52.12
C SER C 94 -6.52 27.41 -53.14
N THR C 95 -7.05 27.43 -54.35
CA THR C 95 -6.58 28.33 -55.39
C THR C 95 -7.79 29.14 -55.84
N GLU C 96 -8.07 30.19 -55.09
CA GLU C 96 -9.31 30.91 -55.27
C GLU C 96 -9.08 32.18 -56.07
N LYS C 97 -10.18 32.69 -56.62
CA LYS C 97 -10.22 33.93 -57.37
C LYS C 97 -11.22 34.92 -56.81
N SER C 98 -12.44 34.48 -56.51
CA SER C 98 -13.50 35.37 -56.05
C SER C 98 -14.11 34.88 -54.72
N ASN C 99 -13.28 34.32 -53.85
CA ASN C 99 -13.67 33.91 -52.50
C ASN C 99 -14.84 32.93 -52.44
N ILE C 100 -14.95 32.02 -53.41
CA ILE C 100 -16.06 31.07 -53.39
C ILE C 100 -16.05 30.25 -52.11
N ILE C 101 -14.86 29.90 -51.61
CA ILE C 101 -14.73 29.15 -50.38
C ILE C 101 -14.93 30.12 -49.22
N ARG C 102 -15.94 29.86 -48.39
CA ARG C 102 -16.22 30.74 -47.25
C ARG C 102 -15.74 30.19 -45.92
N GLY C 103 -16.17 28.98 -45.56
CA GLY C 103 -15.87 28.53 -44.21
C GLY C 103 -15.93 27.04 -44.06
N TRP C 104 -15.79 26.61 -42.81
CA TRP C 104 -15.70 25.20 -42.46
C TRP C 104 -16.86 24.82 -41.54
N ILE C 105 -16.96 23.52 -41.28
CA ILE C 105 -17.87 22.94 -40.29
C ILE C 105 -17.24 21.68 -39.77
N PHE C 106 -17.26 21.50 -38.44
CA PHE C 106 -16.59 20.36 -37.84
C PHE C 106 -17.60 19.60 -36.98
N GLY C 107 -17.11 18.65 -36.19
CA GLY C 107 -17.97 17.97 -35.24
C GLY C 107 -18.06 16.48 -35.47
N THR C 108 -18.57 15.74 -34.49
CA THR C 108 -18.68 14.29 -34.62
C THR C 108 -19.94 13.89 -35.39
N THR C 109 -21.11 14.24 -34.86
CA THR C 109 -22.37 13.90 -35.51
C THR C 109 -22.81 14.95 -36.51
N LEU C 110 -22.09 16.05 -36.64
CA LEU C 110 -22.28 17.07 -37.66
C LEU C 110 -23.65 17.74 -37.59
N ASP C 111 -24.40 17.55 -36.51
CA ASP C 111 -25.67 18.25 -36.34
C ASP C 111 -25.99 18.28 -34.85
N SER C 112 -27.24 18.59 -34.50
CA SER C 112 -27.69 18.72 -33.09
C SER C 112 -27.70 17.36 -32.38
N LYS C 113 -26.73 17.12 -31.50
CA LYS C 113 -26.61 15.86 -30.71
C LYS C 113 -25.32 16.09 -29.94
N THR C 114 -24.39 16.79 -30.59
CA THR C 114 -23.09 17.17 -29.96
C THR C 114 -22.86 18.63 -30.34
N GLN C 115 -21.72 19.22 -29.97
CA GLN C 115 -21.43 20.61 -30.44
C GLN C 115 -20.68 20.53 -31.77
N SER C 116 -20.71 21.59 -32.57
CA SER C 116 -20.09 21.53 -33.89
C SER C 116 -19.57 22.92 -34.23
N LEU C 117 -18.24 23.08 -34.20
CA LEU C 117 -17.60 24.36 -34.53
C LEU C 117 -18.07 24.89 -35.88
N LEU C 118 -17.97 26.19 -36.09
CA LEU C 118 -18.40 26.79 -37.35
C LEU C 118 -17.64 28.09 -37.58
N ILE C 119 -16.77 28.08 -38.57
CA ILE C 119 -16.04 29.26 -39.01
C ILE C 119 -16.67 29.77 -40.30
N VAL C 120 -16.99 31.06 -40.35
CA VAL C 120 -17.73 31.63 -41.47
C VAL C 120 -17.22 33.05 -41.72
N ASN C 121 -17.10 33.41 -42.98
CA ASN C 121 -16.80 34.78 -43.39
C ASN C 121 -17.99 35.28 -44.21
N ASN C 122 -18.91 35.98 -43.59
CA ASN C 122 -20.05 36.54 -44.31
C ASN C 122 -19.79 37.97 -44.77
N ALA C 123 -18.66 38.19 -45.43
CA ALA C 123 -18.27 39.48 -46.00
C ALA C 123 -18.25 40.61 -44.99
N THR C 124 -18.33 40.30 -43.69
CA THR C 124 -18.15 41.27 -42.62
C THR C 124 -16.96 40.92 -41.74
N ASN C 125 -16.94 39.70 -41.20
CA ASN C 125 -15.92 39.29 -40.25
C ASN C 125 -16.09 37.79 -40.02
N VAL C 126 -15.09 37.20 -39.38
CA VAL C 126 -14.99 35.74 -39.28
C VAL C 126 -15.78 35.32 -38.03
N VAL C 127 -17.08 35.15 -38.20
CA VAL C 127 -17.94 34.94 -37.04
C VAL C 127 -17.82 33.50 -36.57
N ILE C 128 -16.91 33.26 -35.64
CA ILE C 128 -16.71 31.93 -35.08
C ILE C 128 -17.77 31.67 -34.02
N LYS C 129 -18.35 30.48 -34.06
CA LYS C 129 -19.29 30.04 -33.03
C LYS C 129 -19.02 28.58 -32.71
N VAL C 130 -19.52 28.15 -31.56
CA VAL C 130 -19.47 26.73 -31.21
C VAL C 130 -20.87 26.24 -30.81
N CYS C 131 -21.90 26.87 -31.36
CA CYS C 131 -23.26 26.52 -30.96
C CYS C 131 -23.67 25.21 -31.64
N GLU C 132 -24.29 24.33 -30.87
CA GLU C 132 -24.64 22.99 -31.34
C GLU C 132 -25.78 23.06 -32.36
N PHE C 133 -25.46 23.55 -33.56
CA PHE C 133 -26.43 23.89 -34.58
C PHE C 133 -27.24 22.67 -35.02
N GLN C 134 -28.33 22.97 -35.72
CA GLN C 134 -29.04 22.02 -36.58
C GLN C 134 -28.74 22.42 -38.02
N PHE C 135 -27.92 21.61 -38.68
CA PHE C 135 -27.31 22.00 -39.94
C PHE C 135 -28.19 21.70 -41.14
N CYS C 136 -27.84 22.35 -42.25
CA CYS C 136 -28.49 22.16 -43.54
C CYS C 136 -27.56 21.38 -44.46
N ASN C 137 -28.11 20.42 -45.19
CA ASN C 137 -27.33 19.56 -46.07
C ASN C 137 -26.88 20.26 -47.36
N ASP C 138 -27.02 21.57 -47.46
CA ASP C 138 -26.52 22.29 -48.63
C ASP C 138 -26.39 23.78 -48.35
N PRO C 139 -25.48 24.20 -47.49
CA PRO C 139 -25.40 25.61 -47.09
C PRO C 139 -24.51 26.41 -48.03
N PHE C 140 -24.58 27.74 -47.86
CA PHE C 140 -23.69 28.68 -48.54
C PHE C 140 -23.91 30.08 -48.00
N ASN C 164 -28.55 26.52 -29.45
CA ASN C 164 -28.37 25.77 -28.19
C ASN C 164 -27.34 26.49 -27.32
N ASN C 165 -26.76 25.80 -26.33
CA ASN C 165 -25.68 26.40 -25.50
C ASN C 165 -24.50 26.78 -26.40
N CYS C 166 -24.02 28.02 -26.29
CA CYS C 166 -22.81 28.40 -27.07
C CYS C 166 -21.65 28.64 -26.11
N THR C 167 -20.81 27.64 -25.92
CA THR C 167 -19.72 27.81 -24.93
C THR C 167 -18.68 28.79 -25.45
N PHE C 168 -18.93 29.47 -26.59
CA PHE C 168 -17.87 30.31 -27.15
C PHE C 168 -18.46 31.05 -28.35
N GLU C 169 -17.83 32.16 -28.69
CA GLU C 169 -18.14 32.91 -29.91
C GLU C 169 -17.01 33.90 -30.17
N TYR C 170 -17.08 34.54 -31.33
CA TYR C 170 -16.20 35.63 -31.70
C TYR C 170 -16.73 36.26 -32.98
N VAL C 171 -16.57 37.57 -33.08
CA VAL C 171 -16.85 38.33 -34.29
C VAL C 171 -15.82 39.44 -34.40
N SER C 172 -15.14 39.51 -35.54
CA SER C 172 -14.20 40.59 -35.79
C SER C 172 -14.93 41.85 -36.25
N PHE C 186 -7.06 32.48 -61.32
CA PHE C 186 -6.71 32.07 -59.97
C PHE C 186 -5.46 32.79 -59.50
N LYS C 187 -5.58 33.59 -58.43
CA LYS C 187 -4.43 34.32 -57.93
C LYS C 187 -4.30 34.31 -56.40
N ASN C 188 -5.13 33.58 -55.67
CA ASN C 188 -4.99 33.52 -54.22
C ASN C 188 -4.77 32.08 -53.79
N LEU C 189 -3.72 31.84 -53.01
CA LEU C 189 -3.47 30.53 -52.41
C LEU C 189 -3.57 30.67 -50.90
N ARG C 190 -4.65 30.16 -50.33
CA ARG C 190 -4.87 30.22 -48.88
C ARG C 190 -4.58 28.85 -48.28
N GLU C 191 -3.32 28.56 -47.98
CA GLU C 191 -3.01 27.29 -47.37
C GLU C 191 -3.39 27.32 -45.89
N PHE C 192 -3.84 26.18 -45.38
CA PHE C 192 -4.32 26.07 -44.02
C PHE C 192 -3.99 24.70 -43.45
N VAL C 193 -3.81 24.65 -42.13
CA VAL C 193 -3.63 23.40 -41.39
C VAL C 193 -4.41 23.49 -40.09
N PHE C 194 -5.11 22.41 -39.75
CA PHE C 194 -5.97 22.35 -38.57
C PHE C 194 -5.57 21.13 -37.76
N LYS C 195 -5.59 21.24 -36.44
CA LYS C 195 -5.30 20.02 -35.69
C LYS C 195 -5.66 20.17 -34.22
N ASN C 196 -5.75 19.04 -33.53
CA ASN C 196 -5.97 19.02 -32.09
C ASN C 196 -4.83 18.29 -31.38
N TYR C 200 -6.21 20.99 -27.49
CA TYR C 200 -7.29 21.69 -28.17
C TYR C 200 -6.90 22.16 -29.57
N PHE C 201 -7.66 23.11 -30.11
CA PHE C 201 -7.68 23.34 -31.55
C PHE C 201 -6.62 24.36 -31.96
N LYS C 202 -5.83 24.02 -32.97
CA LYS C 202 -4.81 24.93 -33.49
C LYS C 202 -5.01 25.11 -34.98
N ILE C 203 -4.57 26.26 -35.49
CA ILE C 203 -4.68 26.61 -36.91
C ILE C 203 -3.39 27.27 -37.37
N TYR C 204 -2.96 26.93 -38.58
CA TYR C 204 -1.85 27.59 -39.23
C TYR C 204 -2.29 27.98 -40.63
N SER C 205 -1.72 29.07 -41.16
CA SER C 205 -2.19 29.58 -42.43
C SER C 205 -1.06 30.22 -43.20
N LYS C 206 -1.36 30.55 -44.47
CA LYS C 206 -0.45 31.32 -45.31
C LYS C 206 -1.15 31.74 -46.60
N HIS C 207 -1.04 33.01 -46.96
CA HIS C 207 -1.85 33.62 -48.00
C HIS C 207 -0.92 34.14 -49.10
N THR C 208 -0.61 33.28 -50.07
CA THR C 208 0.39 33.57 -51.09
C THR C 208 -0.24 33.93 -52.43
N PRO C 209 0.29 34.92 -53.14
CA PRO C 209 -0.18 35.20 -54.51
C PRO C 209 0.28 34.12 -55.47
N ILE C 210 -0.60 33.74 -56.39
CA ILE C 210 -0.36 32.66 -57.34
C ILE C 210 -0.92 33.05 -58.70
N ASN C 211 -0.83 32.13 -59.65
CA ASN C 211 -1.32 32.30 -61.01
C ASN C 211 -1.58 30.95 -61.67
N ASP C 215 -3.59 21.52 -60.85
CA ASP C 215 -2.75 22.70 -60.98
C ASP C 215 -2.34 23.23 -59.60
N LEU C 216 -1.53 22.46 -58.88
CA LEU C 216 -0.99 22.91 -57.60
C LEU C 216 0.47 23.28 -57.75
N PRO C 217 0.82 24.56 -57.65
CA PRO C 217 2.18 24.99 -57.98
C PRO C 217 3.22 24.37 -57.05
N GLN C 218 4.28 23.82 -57.64
CA GLN C 218 5.39 23.33 -56.85
C GLN C 218 6.08 24.48 -56.12
N GLY C 219 7.10 24.14 -55.34
CA GLY C 219 7.82 25.13 -54.55
C GLY C 219 7.57 24.95 -53.06
N PHE C 220 8.08 25.91 -52.29
CA PHE C 220 8.16 25.80 -50.84
C PHE C 220 7.67 27.06 -50.16
N SER C 221 6.89 26.88 -49.09
CA SER C 221 6.41 28.01 -48.29
C SER C 221 5.98 27.50 -46.92
N ALA C 222 6.59 28.02 -45.86
CA ALA C 222 6.20 27.62 -44.51
C ALA C 222 4.85 28.21 -44.15
N LEU C 223 4.33 27.79 -42.99
CA LEU C 223 3.03 28.23 -42.48
C LEU C 223 3.17 28.79 -41.08
N GLU C 224 2.79 30.06 -40.90
CA GLU C 224 2.83 30.73 -39.60
C GLU C 224 1.62 30.32 -38.75
N PRO C 225 1.80 30.11 -37.45
CA PRO C 225 0.68 29.80 -36.56
C PRO C 225 -0.14 31.03 -36.18
N LEU C 226 -1.31 31.20 -36.77
CA LEU C 226 -2.08 32.42 -36.51
C LEU C 226 -3.11 32.31 -35.38
N VAL C 227 -3.67 31.13 -35.09
CA VAL C 227 -4.68 31.04 -34.04
C VAL C 227 -4.54 29.74 -33.25
N ASP C 228 -4.90 29.83 -31.96
CA ASP C 228 -5.19 28.69 -31.11
C ASP C 228 -6.49 28.94 -30.37
N LEU C 229 -7.33 27.90 -30.27
CA LEU C 229 -8.65 28.00 -29.67
C LEU C 229 -8.80 26.87 -28.66
N PRO C 230 -9.05 27.17 -27.38
CA PRO C 230 -9.20 26.17 -26.31
C PRO C 230 -10.66 25.76 -26.08
N ILE C 231 -11.22 25.03 -27.05
CA ILE C 231 -12.65 24.75 -27.05
C ILE C 231 -12.97 23.32 -26.67
N GLY C 232 -11.98 22.42 -26.60
CA GLY C 232 -12.20 21.07 -26.13
C GLY C 232 -13.25 20.27 -26.88
N ILE C 233 -13.69 20.76 -28.05
CA ILE C 233 -14.70 20.04 -28.81
C ILE C 233 -14.10 18.72 -29.28
N ASN C 234 -14.95 17.72 -29.47
CA ASN C 234 -14.53 16.44 -30.01
C ASN C 234 -14.90 16.36 -31.49
N ILE C 235 -13.91 16.24 -32.36
CA ILE C 235 -14.13 16.26 -33.80
C ILE C 235 -13.64 14.96 -34.41
N THR C 236 -14.36 14.49 -35.44
CA THR C 236 -13.92 13.36 -36.25
C THR C 236 -14.23 13.54 -37.73
N ARG C 237 -14.97 14.58 -38.11
CA ARG C 237 -15.33 14.79 -39.51
C ARG C 237 -15.46 16.28 -39.73
N PHE C 238 -15.53 16.69 -40.99
CA PHE C 238 -15.70 18.10 -41.30
C PHE C 238 -16.26 18.23 -42.70
N GLN C 239 -16.53 19.46 -43.09
CA GLN C 239 -17.21 19.74 -44.35
C GLN C 239 -16.70 21.08 -44.87
N THR C 240 -17.44 21.69 -45.78
CA THR C 240 -16.99 22.94 -46.37
C THR C 240 -18.19 23.75 -46.80
N LEU C 241 -18.08 25.06 -46.63
CA LEU C 241 -19.11 26.01 -47.04
C LEU C 241 -18.80 26.52 -48.44
N LEU C 242 -19.80 27.11 -49.07
CA LEU C 242 -19.60 27.69 -50.38
C LEU C 242 -20.58 28.83 -50.61
N ALA C 263 -13.60 27.76 -58.79
CA ALA C 263 -12.60 27.61 -57.74
C ALA C 263 -12.46 26.15 -57.33
N ALA C 264 -11.29 25.80 -56.77
CA ALA C 264 -11.00 24.43 -56.39
C ALA C 264 -10.21 24.44 -55.10
N TYR C 265 -10.23 23.31 -54.41
CA TYR C 265 -9.44 23.15 -53.20
C TYR C 265 -8.87 21.74 -53.15
N TYR C 266 -8.05 21.47 -52.13
CA TYR C 266 -7.38 20.20 -51.99
C TYR C 266 -7.29 19.85 -50.51
N VAL C 267 -7.27 18.55 -50.22
CA VAL C 267 -7.32 18.06 -48.84
C VAL C 267 -6.20 17.06 -48.62
N GLY C 268 -5.13 17.47 -47.94
CA GLY C 268 -4.12 16.55 -47.49
C GLY C 268 -4.58 15.76 -46.29
N TYR C 269 -3.62 15.06 -45.66
CA TYR C 269 -3.88 14.36 -44.40
C TYR C 269 -2.55 14.19 -43.67
N LEU C 270 -2.38 14.87 -42.55
CA LEU C 270 -1.13 14.83 -41.80
C LEU C 270 -0.84 13.41 -41.31
N GLN C 271 0.44 13.14 -41.08
CA GLN C 271 0.94 11.87 -40.55
C GLN C 271 2.10 12.14 -39.61
N PRO C 272 2.36 11.26 -38.66
CA PRO C 272 3.49 11.44 -37.71
C PRO C 272 4.87 11.11 -38.28
N ARG C 273 5.48 12.07 -38.98
CA ARG C 273 6.72 11.82 -39.68
C ARG C 273 7.78 12.86 -39.30
N THR C 274 8.99 12.37 -39.04
CA THR C 274 10.11 13.23 -38.69
C THR C 274 10.62 13.98 -39.92
N PHE C 275 10.84 15.28 -39.77
CA PHE C 275 11.42 16.09 -40.84
C PHE C 275 12.77 16.65 -40.41
N LEU C 276 13.33 17.50 -41.27
CA LEU C 276 14.59 18.19 -41.01
C LEU C 276 14.42 19.61 -41.54
N LEU C 277 14.38 20.58 -40.64
CA LEU C 277 14.06 21.95 -40.98
C LEU C 277 15.34 22.79 -41.06
N LYS C 278 15.36 23.71 -42.00
CA LYS C 278 16.48 24.63 -42.21
C LYS C 278 16.03 26.05 -41.86
N TYR C 279 16.22 26.41 -40.59
CA TYR C 279 16.03 27.79 -40.18
C TYR C 279 17.12 28.62 -40.82
N ASN C 280 16.75 29.73 -41.46
CA ASN C 280 17.77 30.63 -42.01
C ASN C 280 18.27 31.55 -40.91
N GLU C 281 18.97 32.62 -41.28
CA GLU C 281 19.52 33.50 -40.26
C GLU C 281 18.47 34.39 -39.62
N ASN C 282 17.38 34.68 -40.33
CA ASN C 282 16.29 35.48 -39.77
C ASN C 282 15.35 34.66 -38.90
N GLY C 283 15.56 33.36 -38.78
CA GLY C 283 14.60 32.51 -38.11
C GLY C 283 13.47 32.04 -38.99
N THR C 284 13.63 32.10 -40.30
CA THR C 284 12.60 31.70 -41.25
C THR C 284 12.97 30.36 -41.87
N ILE C 285 12.05 29.39 -41.75
CA ILE C 285 12.26 28.10 -42.39
C ILE C 285 12.36 28.30 -43.89
N THR C 286 13.47 27.86 -44.49
CA THR C 286 13.64 28.01 -45.93
C THR C 286 13.63 26.71 -46.71
N ASP C 287 13.78 25.56 -46.06
CA ASP C 287 13.90 24.28 -46.74
C ASP C 287 13.81 23.14 -45.74
N ALA C 288 13.27 22.02 -46.19
CA ALA C 288 13.12 20.86 -45.33
C ALA C 288 13.44 19.59 -46.12
N VAL C 289 13.69 18.51 -45.38
CA VAL C 289 14.05 17.21 -45.92
C VAL C 289 13.22 16.17 -45.21
N ASP C 290 12.34 15.49 -45.94
CA ASP C 290 11.53 14.44 -45.33
C ASP C 290 12.46 13.30 -44.94
N CYS C 291 12.60 13.05 -43.65
CA CYS C 291 13.59 12.14 -43.13
C CYS C 291 13.24 10.67 -43.38
N ALA C 292 12.23 10.32 -44.17
CA ALA C 292 12.01 8.92 -44.50
C ALA C 292 11.61 8.70 -45.95
N LEU C 293 11.78 9.69 -46.82
CA LEU C 293 11.25 9.58 -48.18
C LEU C 293 12.00 8.54 -48.99
N ASP C 294 13.32 8.65 -49.07
CA ASP C 294 14.11 7.74 -49.88
C ASP C 294 15.52 7.68 -49.33
N PRO C 295 16.30 6.63 -49.69
CA PRO C 295 17.63 6.46 -49.09
C PRO C 295 18.49 7.71 -49.03
N LEU C 296 18.56 8.48 -50.12
CA LEU C 296 19.29 9.73 -50.08
C LEU C 296 18.82 10.62 -48.94
N SER C 297 17.51 10.65 -48.71
CA SER C 297 16.98 11.52 -47.68
C SER C 297 17.30 10.98 -46.30
N GLU C 298 17.23 9.66 -46.12
CA GLU C 298 17.64 9.09 -44.84
C GLU C 298 19.09 9.43 -44.55
N THR C 299 19.93 9.44 -45.59
CA THR C 299 21.33 9.81 -45.42
C THR C 299 21.47 11.27 -45.01
N LYS C 300 20.86 12.17 -45.79
CA LYS C 300 20.91 13.59 -45.45
C LYS C 300 20.42 13.84 -44.04
N CYS C 301 19.49 13.01 -43.56
CA CYS C 301 18.91 13.25 -42.25
C CYS C 301 19.82 12.74 -41.15
N THR C 302 20.47 11.60 -41.37
CA THR C 302 21.40 11.10 -40.37
C THR C 302 22.67 11.93 -40.30
N LEU C 303 23.07 12.56 -41.42
CA LEU C 303 24.25 13.41 -41.42
C LEU C 303 23.99 14.81 -40.87
N LYS C 304 22.74 15.19 -40.62
CA LYS C 304 22.39 16.55 -40.22
C LYS C 304 22.94 17.59 -41.20
N SER C 305 22.91 17.26 -42.49
CA SER C 305 23.42 18.15 -43.51
C SER C 305 22.53 18.12 -44.74
N PHE C 306 22.62 19.18 -45.53
CA PHE C 306 21.95 19.25 -46.81
C PHE C 306 22.87 18.88 -47.97
N THR C 307 24.10 18.45 -47.67
CA THR C 307 25.04 17.96 -48.67
C THR C 307 25.87 16.88 -48.02
N VAL C 308 26.13 15.81 -48.75
CA VAL C 308 26.92 14.70 -48.26
C VAL C 308 28.04 14.41 -49.26
N GLU C 309 29.28 14.48 -48.80
CA GLU C 309 30.40 14.13 -49.64
C GLU C 309 30.39 12.64 -49.97
N LYS C 310 30.95 12.30 -51.12
CA LYS C 310 30.98 10.92 -51.59
C LYS C 310 31.47 9.97 -50.51
N GLY C 311 30.82 8.82 -50.41
CA GLY C 311 31.23 7.82 -49.44
C GLY C 311 30.21 6.69 -49.33
N ILE C 312 30.28 5.99 -48.21
CA ILE C 312 29.33 4.93 -47.86
C ILE C 312 28.96 5.04 -46.39
N TYR C 313 27.71 5.43 -46.13
CA TYR C 313 27.21 5.66 -44.78
C TYR C 313 26.20 4.59 -44.39
N GLN C 314 26.09 4.33 -43.09
CA GLN C 314 25.12 3.37 -42.57
C GLN C 314 23.94 4.13 -42.02
N THR C 315 22.72 3.72 -42.40
CA THR C 315 21.53 4.48 -41.99
C THR C 315 20.61 3.71 -41.05
N SER C 316 20.11 2.54 -41.44
CA SER C 316 19.04 1.92 -40.68
C SER C 316 19.30 0.43 -40.44
N ASN C 317 18.28 -0.29 -39.96
CA ASN C 317 18.43 -1.67 -39.54
C ASN C 317 17.36 -2.53 -40.20
N PHE C 318 17.73 -3.19 -41.30
CA PHE C 318 16.87 -4.18 -41.93
C PHE C 318 16.56 -5.33 -40.98
N ARG C 319 15.28 -5.69 -40.86
CA ARG C 319 14.90 -6.80 -40.00
C ARG C 319 13.62 -7.45 -40.47
N VAL C 320 13.70 -8.74 -40.86
CA VAL C 320 12.52 -9.48 -41.28
C VAL C 320 11.54 -9.57 -40.11
N GLN C 321 10.23 -9.67 -40.43
CA GLN C 321 9.26 -9.86 -39.36
C GLN C 321 8.66 -11.26 -39.36
N PRO C 322 8.34 -11.80 -38.17
CA PRO C 322 7.73 -13.13 -38.08
C PRO C 322 6.33 -13.15 -38.64
N THR C 323 6.13 -13.92 -39.72
CA THR C 323 4.87 -13.86 -40.45
C THR C 323 3.71 -14.44 -39.66
N GLU C 324 3.88 -15.61 -39.04
CA GLU C 324 2.77 -16.30 -38.40
C GLU C 324 3.26 -17.13 -37.22
N SER C 325 2.45 -17.19 -36.17
CA SER C 325 2.77 -17.99 -34.99
C SER C 325 2.25 -19.41 -35.15
N ILE C 326 2.84 -20.33 -34.37
CA ILE C 326 2.50 -21.74 -34.44
C ILE C 326 2.60 -22.30 -33.02
N VAL C 327 2.24 -23.57 -32.86
CA VAL C 327 2.09 -24.23 -31.56
C VAL C 327 1.99 -25.73 -31.78
N ARG C 328 2.70 -26.51 -30.96
CA ARG C 328 2.72 -27.96 -31.14
C ARG C 328 2.67 -28.70 -29.81
N PHE C 329 1.82 -29.71 -29.73
CA PHE C 329 1.63 -30.50 -28.54
C PHE C 329 1.40 -31.97 -28.92
N PRO C 330 1.78 -32.99 -28.09
CA PRO C 330 1.63 -34.39 -28.53
C PRO C 330 0.17 -34.77 -28.82
N ASN C 331 -0.04 -35.69 -29.76
CA ASN C 331 -1.41 -36.16 -30.11
C ASN C 331 -2.20 -36.42 -28.83
N ILE C 332 -3.24 -35.64 -28.58
CA ILE C 332 -4.02 -35.75 -27.31
C ILE C 332 -4.71 -37.12 -27.25
N THR C 333 -4.40 -37.92 -26.21
CA THR C 333 -5.03 -39.25 -26.03
C THR C 333 -5.36 -39.42 -24.53
N ASN C 334 -5.46 -40.67 -24.06
CA ASN C 334 -5.72 -40.96 -22.63
C ASN C 334 -6.86 -40.07 -22.10
N LEU C 335 -8.06 -40.22 -22.65
CA LEU C 335 -9.20 -39.35 -22.25
C LEU C 335 -9.83 -39.89 -20.97
N CYS C 336 -10.64 -39.08 -20.28
CA CYS C 336 -11.25 -39.51 -19.04
C CYS C 336 -12.49 -40.35 -19.32
N PRO C 337 -12.79 -41.31 -18.45
CA PRO C 337 -13.97 -42.15 -18.67
C PRO C 337 -15.22 -41.50 -18.08
N PHE C 338 -15.73 -40.49 -18.79
CA PHE C 338 -17.03 -39.94 -18.47
C PHE C 338 -18.16 -40.78 -19.03
N GLY C 339 -17.87 -41.68 -19.97
CA GLY C 339 -18.89 -42.57 -20.45
C GLY C 339 -19.37 -43.54 -19.39
N GLU C 340 -18.56 -43.75 -18.35
CA GLU C 340 -18.91 -44.63 -17.26
C GLU C 340 -19.65 -43.92 -16.13
N VAL C 341 -19.66 -42.59 -16.13
CA VAL C 341 -20.33 -41.82 -15.10
C VAL C 341 -21.73 -41.41 -15.53
N PHE C 342 -21.89 -41.09 -16.81
CA PHE C 342 -23.15 -40.60 -17.35
C PHE C 342 -23.97 -41.67 -18.05
N ASN C 343 -23.32 -42.56 -18.81
CA ASN C 343 -24.02 -43.62 -19.51
C ASN C 343 -24.05 -44.92 -18.71
N ALA C 344 -24.00 -44.83 -17.38
CA ALA C 344 -24.04 -46.02 -16.55
C ALA C 344 -25.44 -46.62 -16.55
N THR C 345 -25.50 -47.95 -16.43
CA THR C 345 -26.79 -48.64 -16.50
C THR C 345 -27.68 -48.25 -15.32
N ARG C 346 -27.17 -48.36 -14.11
CA ARG C 346 -27.96 -48.16 -12.90
C ARG C 346 -27.41 -47.00 -12.09
N PHE C 347 -28.30 -46.12 -11.68
CA PHE C 347 -27.96 -44.99 -10.83
C PHE C 347 -28.37 -45.28 -9.40
N ALA C 348 -27.58 -44.80 -8.45
CA ALA C 348 -27.85 -45.09 -7.05
C ALA C 348 -28.93 -44.17 -6.50
N SER C 349 -29.46 -44.55 -5.34
CA SER C 349 -30.42 -43.71 -4.65
C SER C 349 -29.74 -42.48 -4.07
N VAL C 350 -30.53 -41.45 -3.80
CA VAL C 350 -29.94 -40.18 -3.34
C VAL C 350 -29.37 -40.32 -1.94
N TYR C 351 -29.91 -41.22 -1.12
CA TYR C 351 -29.41 -41.38 0.24
C TYR C 351 -28.11 -42.17 0.30
N ALA C 352 -27.75 -42.89 -0.75
CA ALA C 352 -26.51 -43.65 -0.84
C ALA C 352 -25.82 -43.39 -2.16
N TRP C 353 -25.68 -42.10 -2.48
CA TRP C 353 -25.11 -41.68 -3.76
C TRP C 353 -23.73 -42.28 -3.95
N ASN C 354 -23.36 -42.47 -5.22
CA ASN C 354 -22.13 -43.16 -5.58
C ASN C 354 -21.07 -42.15 -5.98
N ARG C 355 -19.86 -42.29 -5.43
CA ARG C 355 -18.74 -41.41 -5.74
C ARG C 355 -17.70 -42.16 -6.57
N LYS C 356 -17.13 -41.47 -7.56
CA LYS C 356 -16.07 -42.01 -8.37
C LYS C 356 -14.97 -40.96 -8.52
N ARG C 357 -13.73 -41.37 -8.27
CA ARG C 357 -12.58 -40.48 -8.30
C ARG C 357 -11.89 -40.59 -9.64
N ILE C 358 -11.82 -39.47 -10.36
CA ILE C 358 -11.31 -39.43 -11.72
C ILE C 358 -9.97 -38.70 -11.71
N SER C 359 -8.92 -39.38 -12.18
CA SER C 359 -7.60 -38.80 -12.17
C SER C 359 -6.74 -39.48 -13.23
N ASN C 360 -5.63 -38.82 -13.58
CA ASN C 360 -4.65 -39.34 -14.52
C ASN C 360 -5.24 -39.48 -15.93
N CYS C 361 -5.95 -38.45 -16.37
CA CYS C 361 -6.61 -38.52 -17.66
C CYS C 361 -6.90 -37.12 -18.19
N VAL C 362 -7.08 -37.05 -19.50
CA VAL C 362 -7.27 -35.79 -20.21
C VAL C 362 -8.78 -35.58 -20.33
N ALA C 363 -9.34 -34.79 -19.43
CA ALA C 363 -10.77 -34.55 -19.43
C ALA C 363 -11.17 -33.67 -20.60
N ASP C 364 -12.21 -34.06 -21.32
CA ASP C 364 -12.75 -33.26 -22.41
C ASP C 364 -14.04 -32.61 -21.92
N TYR C 365 -13.90 -31.50 -21.20
CA TYR C 365 -15.03 -30.86 -20.55
C TYR C 365 -15.97 -30.19 -21.54
N SER C 366 -15.42 -29.54 -22.56
CA SER C 366 -16.25 -28.76 -23.48
C SER C 366 -17.10 -29.65 -24.38
N VAL C 367 -16.80 -30.95 -24.44
CA VAL C 367 -17.62 -31.86 -25.23
C VAL C 367 -18.86 -32.28 -24.45
N LEU C 368 -18.71 -32.48 -23.14
CA LEU C 368 -19.87 -32.74 -22.31
C LEU C 368 -20.71 -31.48 -22.12
N TYR C 369 -20.17 -30.32 -22.47
CA TYR C 369 -20.93 -29.08 -22.33
C TYR C 369 -22.08 -29.03 -23.33
N ASN C 370 -21.80 -29.35 -24.59
CA ASN C 370 -22.74 -29.09 -25.68
C ASN C 370 -23.50 -30.33 -26.11
N SER C 371 -23.85 -31.22 -25.18
CA SER C 371 -24.50 -32.47 -25.56
C SER C 371 -25.91 -32.26 -26.07
N ALA C 372 -26.52 -31.11 -25.78
CA ALA C 372 -27.93 -30.83 -26.08
C ALA C 372 -28.86 -31.83 -25.42
N SER C 373 -28.37 -32.52 -24.39
CA SER C 373 -29.11 -33.58 -23.72
C SER C 373 -29.49 -33.23 -22.28
N PHE C 374 -28.76 -32.34 -21.64
CA PHE C 374 -28.92 -32.08 -20.22
C PHE C 374 -29.85 -30.90 -20.01
N SER C 375 -30.92 -31.14 -19.26
CA SER C 375 -31.86 -30.06 -18.97
C SER C 375 -31.21 -28.95 -18.16
N THR C 376 -30.42 -29.31 -17.15
CA THR C 376 -29.82 -28.34 -16.24
C THR C 376 -28.31 -28.46 -16.29
N PHE C 377 -27.63 -27.34 -16.46
CA PHE C 377 -26.17 -27.31 -16.48
C PHE C 377 -25.73 -26.02 -15.80
N LYS C 378 -25.14 -26.13 -14.61
CA LYS C 378 -24.63 -25.00 -13.88
C LYS C 378 -23.19 -25.25 -13.46
N CYS C 379 -22.44 -24.18 -13.24
CA CYS C 379 -21.03 -24.27 -12.89
C CYS C 379 -20.71 -23.17 -11.90
N TYR C 380 -20.49 -23.54 -10.64
CA TYR C 380 -20.28 -22.59 -9.55
C TYR C 380 -18.79 -22.43 -9.29
N GLY C 381 -18.30 -21.21 -9.43
CA GLY C 381 -16.91 -20.90 -9.18
C GLY C 381 -15.99 -21.06 -10.37
N VAL C 382 -16.42 -21.79 -11.39
CA VAL C 382 -15.65 -21.95 -12.62
C VAL C 382 -16.56 -21.61 -13.79
N SER C 383 -16.13 -20.70 -14.64
CA SER C 383 -16.90 -20.40 -15.83
C SER C 383 -16.85 -21.60 -16.77
N PRO C 384 -17.96 -22.03 -17.44
CA PRO C 384 -17.93 -23.25 -18.25
C PRO C 384 -17.33 -23.06 -19.64
N THR C 385 -17.08 -21.81 -20.05
CA THR C 385 -16.42 -21.56 -21.32
C THR C 385 -14.90 -21.62 -21.22
N LYS C 386 -14.35 -21.81 -20.02
CA LYS C 386 -12.92 -21.80 -19.75
C LYS C 386 -12.50 -23.07 -19.03
N LEU C 387 -13.22 -24.16 -19.25
CA LEU C 387 -13.00 -25.37 -18.47
C LEU C 387 -11.74 -26.10 -18.88
N ASN C 388 -11.27 -25.91 -20.12
CA ASN C 388 -10.15 -26.70 -20.60
C ASN C 388 -8.78 -26.08 -20.30
N ASP C 389 -8.74 -24.91 -19.66
CA ASP C 389 -7.47 -24.26 -19.37
C ASP C 389 -7.18 -24.14 -17.87
N LEU C 390 -8.11 -24.55 -17.01
CA LEU C 390 -7.87 -24.63 -15.58
C LEU C 390 -7.85 -26.10 -15.22
N CYS C 391 -6.73 -26.58 -14.67
CA CYS C 391 -6.65 -28.01 -14.43
C CYS C 391 -6.18 -28.31 -13.00
N PHE C 392 -6.75 -29.37 -12.44
CA PHE C 392 -6.80 -29.60 -11.02
C PHE C 392 -6.18 -30.94 -10.67
N THR C 393 -6.18 -31.26 -9.38
CA THR C 393 -5.55 -32.49 -8.93
C THR C 393 -6.51 -33.67 -9.09
N ASN C 394 -7.68 -33.59 -8.48
CA ASN C 394 -8.65 -34.67 -8.57
C ASN C 394 -10.02 -34.10 -8.89
N VAL C 395 -10.81 -34.90 -9.60
CA VAL C 395 -12.19 -34.57 -9.92
C VAL C 395 -13.06 -35.70 -9.40
N TYR C 396 -14.02 -35.35 -8.55
CA TYR C 396 -14.91 -36.31 -7.93
C TYR C 396 -16.27 -36.25 -8.62
N ALA C 397 -16.83 -37.40 -8.94
CA ALA C 397 -18.14 -37.48 -9.58
C ALA C 397 -19.11 -38.20 -8.67
N ASP C 398 -20.25 -37.57 -8.41
CA ASP C 398 -21.29 -38.13 -7.54
C ASP C 398 -22.58 -38.24 -8.35
N SER C 399 -23.19 -39.42 -8.36
CA SER C 399 -24.36 -39.69 -9.17
C SER C 399 -25.48 -40.26 -8.32
N PHE C 400 -26.71 -39.79 -8.59
CA PHE C 400 -27.89 -40.25 -7.87
C PHE C 400 -29.12 -39.85 -8.67
N VAL C 401 -30.30 -40.18 -8.15
CA VAL C 401 -31.57 -39.93 -8.81
C VAL C 401 -32.52 -39.24 -7.85
N ILE C 402 -33.10 -38.12 -8.29
CA ILE C 402 -34.12 -37.41 -7.53
C ILE C 402 -35.25 -37.03 -8.47
N ARG C 403 -36.25 -36.31 -7.96
CA ARG C 403 -37.39 -35.90 -8.76
C ARG C 403 -37.26 -34.44 -9.17
N GLY C 404 -37.98 -34.08 -10.23
CA GLY C 404 -37.68 -32.84 -10.94
C GLY C 404 -37.83 -31.60 -10.09
N ASP C 405 -38.76 -31.61 -9.14
CA ASP C 405 -38.98 -30.42 -8.33
C ASP C 405 -37.89 -30.19 -7.30
N GLU C 406 -37.07 -31.20 -7.01
CA GLU C 406 -36.03 -31.06 -6.00
C GLU C 406 -34.67 -30.71 -6.59
N VAL C 407 -34.57 -30.58 -7.92
CA VAL C 407 -33.29 -30.21 -8.52
C VAL C 407 -32.86 -28.84 -8.07
N ARG C 408 -33.82 -27.96 -7.76
CA ARG C 408 -33.50 -26.65 -7.23
C ARG C 408 -32.67 -26.75 -5.95
N GLN C 409 -32.87 -27.81 -5.16
CA GLN C 409 -32.19 -27.93 -3.88
C GLN C 409 -30.72 -28.30 -4.02
N ILE C 410 -30.30 -28.82 -5.18
CA ILE C 410 -28.91 -29.28 -5.35
C ILE C 410 -28.12 -28.05 -5.76
N ALA C 411 -27.73 -27.26 -4.77
CA ALA C 411 -27.00 -26.01 -4.97
C ALA C 411 -26.56 -25.49 -3.61
N PRO C 412 -25.44 -24.77 -3.53
CA PRO C 412 -24.97 -24.30 -2.23
C PRO C 412 -25.96 -23.34 -1.59
N GLY C 413 -26.08 -23.44 -0.27
CA GLY C 413 -26.93 -22.55 0.49
C GLY C 413 -28.41 -22.89 0.50
N GLN C 414 -28.80 -24.02 -0.09
CA GLN C 414 -30.19 -24.40 -0.20
C GLN C 414 -30.53 -25.44 0.86
N THR C 415 -31.79 -25.45 1.29
CA THR C 415 -32.27 -26.35 2.33
C THR C 415 -33.61 -26.96 1.92
N GLY C 416 -33.91 -28.10 2.50
CA GLY C 416 -35.13 -28.83 2.19
C GLY C 416 -35.09 -30.20 2.84
N LYS C 417 -35.45 -31.20 2.04
CA LYS C 417 -35.32 -32.59 2.50
C LYS C 417 -34.07 -33.24 1.91
N ILE C 418 -33.79 -32.99 0.64
CA ILE C 418 -32.60 -33.54 0.01
C ILE C 418 -31.36 -32.88 0.57
N ALA C 419 -31.38 -31.56 0.73
CA ALA C 419 -30.20 -30.83 1.13
C ALA C 419 -29.92 -30.91 2.63
N ASP C 420 -30.81 -31.51 3.40
CA ASP C 420 -30.61 -31.59 4.85
C ASP C 420 -30.41 -33.01 5.35
N TYR C 421 -31.03 -34.00 4.73
CA TYR C 421 -30.89 -35.37 5.19
C TYR C 421 -30.20 -36.30 4.20
N ASN C 422 -29.98 -35.87 2.96
CA ASN C 422 -29.43 -36.76 1.94
C ASN C 422 -28.10 -36.30 1.39
N TYR C 423 -28.01 -35.06 0.91
CA TYR C 423 -26.82 -34.62 0.18
C TYR C 423 -26.67 -33.12 0.33
N LYS C 424 -25.55 -32.67 0.90
CA LYS C 424 -25.29 -31.26 1.11
C LYS C 424 -23.99 -30.85 0.47
N LEU C 425 -23.99 -29.66 -0.15
CA LEU C 425 -22.86 -29.00 -0.79
C LEU C 425 -22.43 -27.80 0.04
N PRO C 426 -21.13 -27.55 0.18
CA PRO C 426 -20.66 -26.47 1.04
C PRO C 426 -20.98 -25.11 0.46
N ASP C 427 -20.65 -24.08 1.23
CA ASP C 427 -20.88 -22.70 0.81
C ASP C 427 -19.98 -22.28 -0.34
N ASP C 428 -18.76 -22.83 -0.40
CA ASP C 428 -17.78 -22.48 -1.43
C ASP C 428 -17.52 -23.65 -2.36
N PHE C 429 -18.58 -24.31 -2.79
CA PHE C 429 -18.47 -25.38 -3.77
C PHE C 429 -17.92 -24.82 -5.08
N THR C 430 -16.92 -25.52 -5.63
CA THR C 430 -16.33 -25.18 -6.92
C THR C 430 -16.44 -26.40 -7.82
N GLY C 431 -17.33 -26.32 -8.81
CA GLY C 431 -17.62 -27.46 -9.66
C GLY C 431 -18.90 -27.21 -10.43
N CYS C 432 -19.47 -28.30 -10.92
CA CYS C 432 -20.64 -28.22 -11.78
C CYS C 432 -21.71 -29.21 -11.31
N VAL C 433 -22.95 -28.90 -11.69
CA VAL C 433 -24.11 -29.77 -11.44
C VAL C 433 -24.84 -29.98 -12.76
N ILE C 434 -25.07 -31.23 -13.12
CA ILE C 434 -25.68 -31.59 -14.40
C ILE C 434 -26.83 -32.55 -14.15
N ALA C 435 -27.98 -32.28 -14.77
CA ALA C 435 -29.15 -33.10 -14.56
C ALA C 435 -29.95 -33.20 -15.85
N TRP C 436 -30.69 -34.29 -16.02
CA TRP C 436 -31.56 -34.45 -17.17
C TRP C 436 -32.67 -35.44 -16.84
N ASN C 437 -33.69 -35.46 -17.69
CA ASN C 437 -34.91 -36.20 -17.42
C ASN C 437 -34.81 -37.62 -17.99
N SER C 438 -34.91 -38.61 -17.11
CA SER C 438 -34.74 -39.99 -17.53
C SER C 438 -35.98 -40.82 -17.23
N ASN C 439 -37.15 -40.30 -17.60
CA ASN C 439 -38.40 -41.01 -17.32
C ASN C 439 -38.45 -42.36 -18.01
N ASN C 440 -37.72 -42.55 -19.09
CA ASN C 440 -37.75 -43.80 -19.82
C ASN C 440 -37.13 -44.95 -19.06
N LEU C 441 -36.09 -44.68 -18.28
CA LEU C 441 -35.31 -45.73 -17.61
C LEU C 441 -35.64 -45.89 -16.14
N ASP C 442 -36.15 -44.87 -15.48
CA ASP C 442 -36.31 -44.90 -14.04
C ASP C 442 -37.76 -44.91 -13.58
N SER C 443 -38.72 -45.12 -14.47
CA SER C 443 -40.12 -45.19 -14.10
C SER C 443 -40.81 -46.32 -14.85
N LYS C 444 -41.82 -46.90 -14.21
CA LYS C 444 -42.58 -48.01 -14.76
C LYS C 444 -44.06 -47.74 -14.61
N VAL C 445 -44.87 -48.29 -15.51
CA VAL C 445 -46.32 -48.17 -15.48
C VAL C 445 -46.83 -48.65 -14.13
N GLY C 446 -47.41 -47.74 -13.36
CA GLY C 446 -47.78 -48.01 -11.98
C GLY C 446 -46.77 -47.54 -10.97
N GLY C 447 -45.53 -47.30 -11.38
CA GLY C 447 -44.51 -46.83 -10.47
C GLY C 447 -43.21 -47.59 -10.55
N ASN C 448 -42.13 -47.00 -10.05
CA ASN C 448 -40.89 -47.71 -9.79
C ASN C 448 -40.57 -47.56 -8.31
N TYR C 449 -40.38 -48.70 -7.64
CA TYR C 449 -40.23 -48.73 -6.19
C TYR C 449 -38.86 -49.23 -5.76
N ASN C 450 -37.82 -48.88 -6.52
CA ASN C 450 -36.46 -49.24 -6.18
C ASN C 450 -35.59 -48.04 -5.82
N TYR C 451 -36.13 -46.83 -5.91
CA TYR C 451 -35.41 -45.61 -5.58
C TYR C 451 -35.99 -45.00 -4.32
N LEU C 452 -35.14 -44.74 -3.34
CA LEU C 452 -35.55 -44.32 -2.02
C LEU C 452 -34.92 -42.97 -1.68
N TYR C 453 -35.29 -42.44 -0.52
CA TYR C 453 -34.65 -41.25 0.01
C TYR C 453 -34.97 -41.15 1.50
N ARG C 454 -33.96 -40.76 2.27
CA ARG C 454 -34.11 -40.65 3.72
C ARG C 454 -35.03 -39.50 4.06
N LEU C 455 -35.91 -39.73 5.03
CA LEU C 455 -36.92 -38.76 5.42
C LEU C 455 -36.83 -38.33 6.88
N PHE C 456 -36.29 -39.18 7.75
CA PHE C 456 -36.18 -38.89 9.17
C PHE C 456 -34.73 -38.98 9.61
N ARG C 457 -34.25 -37.96 10.32
CA ARG C 457 -32.89 -37.97 10.83
C ARG C 457 -32.81 -37.04 12.03
N LYS C 458 -31.85 -37.32 12.92
CA LYS C 458 -31.70 -36.50 14.12
C LYS C 458 -31.23 -35.09 13.78
N SER C 459 -30.30 -34.95 12.85
CA SER C 459 -29.69 -33.65 12.57
C SER C 459 -29.26 -33.58 11.12
N ASN C 460 -29.03 -32.35 10.66
CA ASN C 460 -28.65 -32.11 9.28
C ASN C 460 -27.25 -32.64 8.99
N LEU C 461 -27.07 -33.16 7.78
CA LEU C 461 -25.79 -33.73 7.37
C LEU C 461 -24.74 -32.64 7.18
N LYS C 462 -23.50 -32.97 7.51
CA LYS C 462 -22.38 -32.14 7.16
C LYS C 462 -22.07 -32.30 5.67
N PRO C 463 -21.38 -31.34 5.06
CA PRO C 463 -21.13 -31.41 3.62
C PRO C 463 -20.41 -32.69 3.21
N PHE C 464 -20.89 -33.28 2.12
CA PHE C 464 -20.31 -34.49 1.53
C PHE C 464 -20.25 -35.64 2.52
N GLU C 465 -21.31 -35.81 3.31
CA GLU C 465 -21.42 -36.94 4.21
C GLU C 465 -22.48 -37.91 3.72
N ARG C 466 -22.19 -39.19 3.84
CA ARG C 466 -23.02 -40.26 3.29
C ARG C 466 -23.42 -41.18 4.44
N ASP C 467 -24.73 -41.40 4.59
CA ASP C 467 -25.24 -42.29 5.62
C ASP C 467 -26.13 -43.36 4.99
N ILE C 468 -25.91 -44.61 5.39
CA ILE C 468 -26.72 -45.73 4.94
C ILE C 468 -27.37 -46.47 6.11
N SER C 469 -27.26 -45.90 7.32
CA SER C 469 -27.82 -46.55 8.49
C SER C 469 -29.34 -46.58 8.39
N THR C 470 -29.93 -47.73 8.75
CA THR C 470 -31.36 -47.96 8.63
C THR C 470 -32.01 -48.29 9.96
N GLU C 471 -31.44 -47.84 11.07
CA GLU C 471 -32.07 -48.02 12.37
C GLU C 471 -33.37 -47.22 12.42
N ILE C 472 -34.30 -47.69 13.25
CA ILE C 472 -35.62 -47.08 13.31
C ILE C 472 -35.53 -45.74 14.01
N TYR C 473 -36.10 -44.71 13.36
CA TYR C 473 -36.07 -43.34 13.91
C TYR C 473 -37.01 -43.21 15.10
N GLN C 474 -36.50 -42.68 16.22
CA GLN C 474 -37.33 -42.45 17.44
C GLN C 474 -37.88 -41.03 17.36
N ALA C 475 -39.17 -40.88 17.04
CA ALA C 475 -39.79 -39.54 16.96
C ALA C 475 -40.42 -39.18 18.31
N GLY C 476 -40.37 -40.09 19.28
CA GLY C 476 -40.89 -39.80 20.62
C GLY C 476 -39.79 -39.90 21.66
N SER C 477 -40.14 -39.92 22.95
CA SER C 477 -39.12 -40.17 24.00
C SER C 477 -39.23 -41.64 24.40
N THR C 478 -39.79 -42.48 23.50
CA THR C 478 -40.02 -43.91 23.83
C THR C 478 -38.98 -44.79 23.12
N PRO C 479 -38.16 -45.59 23.85
CA PRO C 479 -37.21 -46.52 23.23
C PRO C 479 -37.92 -47.40 22.18
N CYS C 480 -37.33 -47.52 20.98
CA CYS C 480 -38.02 -48.26 19.89
C CYS C 480 -37.72 -49.76 19.92
N ASN C 481 -36.52 -50.17 20.34
CA ASN C 481 -36.17 -51.60 20.31
C ASN C 481 -36.52 -52.24 18.98
N GLY C 482 -36.30 -51.52 17.88
CA GLY C 482 -36.35 -52.09 16.56
C GLY C 482 -37.68 -52.65 16.11
N VAL C 483 -38.78 -52.26 16.73
CA VAL C 483 -40.11 -52.68 16.30
C VAL C 483 -40.90 -51.43 15.92
N GLU C 484 -41.40 -51.43 14.68
CA GLU C 484 -42.12 -50.25 14.15
C GLU C 484 -43.47 -50.06 14.84
N GLY C 485 -43.99 -48.84 14.85
CA GLY C 485 -45.25 -48.51 15.48
C GLY C 485 -45.44 -47.01 15.66
N PHE C 486 -45.94 -46.62 16.82
CA PHE C 486 -46.16 -45.20 17.10
C PHE C 486 -44.87 -44.55 17.57
N ASN C 487 -44.51 -43.44 16.92
CA ASN C 487 -43.29 -42.69 17.21
C ASN C 487 -42.02 -43.49 16.95
N CYS C 488 -42.13 -44.59 16.21
CA CYS C 488 -40.98 -45.38 15.78
C CYS C 488 -41.18 -45.68 14.30
N TYR C 489 -40.67 -44.81 13.44
CA TYR C 489 -40.89 -44.91 12.01
C TYR C 489 -39.63 -45.38 11.30
N PHE C 490 -39.81 -46.05 10.18
CA PHE C 490 -38.69 -46.40 9.31
C PHE C 490 -38.24 -45.16 8.54
N PRO C 491 -36.93 -44.93 8.42
CA PRO C 491 -36.48 -43.63 7.90
C PRO C 491 -36.46 -43.50 6.39
N LEU C 492 -36.67 -44.57 5.63
CA LEU C 492 -36.53 -44.54 4.18
C LEU C 492 -37.89 -44.60 3.50
N GLN C 493 -38.17 -43.58 2.68
CA GLN C 493 -39.45 -43.53 1.94
C GLN C 493 -39.12 -43.74 0.45
N SER C 494 -39.94 -44.52 -0.25
CA SER C 494 -39.71 -44.80 -1.66
C SER C 494 -40.28 -43.69 -2.53
N TYR C 495 -39.82 -43.65 -3.78
CA TYR C 495 -40.33 -42.70 -4.77
C TYR C 495 -41.41 -43.35 -5.62
N GLY C 496 -42.49 -42.62 -5.84
CA GLY C 496 -43.55 -43.11 -6.70
C GLY C 496 -43.36 -42.70 -8.15
N PHE C 497 -42.38 -43.30 -8.81
CA PHE C 497 -42.00 -42.87 -10.16
C PHE C 497 -42.94 -43.48 -11.18
N GLN C 498 -43.95 -42.71 -11.56
CA GLN C 498 -45.00 -43.12 -12.49
C GLN C 498 -44.84 -42.38 -13.80
N PRO C 499 -44.97 -43.06 -14.95
CA PRO C 499 -44.64 -42.40 -16.22
C PRO C 499 -45.65 -41.36 -16.67
N THR C 500 -46.82 -41.30 -16.04
CA THR C 500 -47.86 -40.36 -16.44
C THR C 500 -47.92 -39.12 -15.57
N ASN C 501 -46.93 -38.89 -14.71
CA ASN C 501 -46.87 -37.66 -13.95
C ASN C 501 -46.54 -36.49 -14.85
N GLY C 502 -46.44 -35.31 -14.25
CA GLY C 502 -45.89 -34.16 -14.92
C GLY C 502 -44.38 -34.21 -14.93
N VAL C 503 -43.76 -33.13 -15.38
CA VAL C 503 -42.31 -33.04 -15.25
C VAL C 503 -41.91 -32.66 -13.83
N GLY C 504 -42.87 -32.22 -13.01
CA GLY C 504 -42.56 -31.91 -11.63
C GLY C 504 -42.17 -33.11 -10.81
N TYR C 505 -42.90 -34.21 -10.95
CA TYR C 505 -42.63 -35.44 -10.22
C TYR C 505 -41.87 -36.45 -11.05
N GLN C 506 -41.45 -36.08 -12.25
CA GLN C 506 -40.78 -37.00 -13.15
C GLN C 506 -39.31 -37.16 -12.72
N PRO C 507 -38.77 -38.38 -12.81
CA PRO C 507 -37.41 -38.61 -12.29
C PRO C 507 -36.35 -37.84 -13.07
N TYR C 508 -35.30 -37.44 -12.36
CA TYR C 508 -34.16 -36.73 -12.92
C TYR C 508 -32.88 -37.36 -12.41
N ARG C 509 -31.91 -37.57 -13.31
CA ARG C 509 -30.60 -38.10 -12.95
C ARG C 509 -29.63 -36.94 -12.79
N VAL C 510 -28.86 -36.95 -11.71
CA VAL C 510 -28.00 -35.82 -11.35
C VAL C 510 -26.57 -36.31 -11.19
N VAL C 511 -25.62 -35.56 -11.76
CA VAL C 511 -24.20 -35.84 -11.61
C VAL C 511 -23.51 -34.56 -11.17
N VAL C 512 -22.78 -34.62 -10.06
CA VAL C 512 -22.14 -33.45 -9.47
C VAL C 512 -20.63 -33.65 -9.53
N LEU C 513 -19.94 -32.71 -10.16
CA LEU C 513 -18.49 -32.76 -10.33
C LEU C 513 -17.84 -31.82 -9.32
N SER C 514 -16.93 -32.33 -8.51
CA SER C 514 -16.23 -31.54 -7.51
C SER C 514 -14.77 -31.43 -7.91
N PHE C 515 -14.35 -30.24 -8.31
CA PHE C 515 -12.98 -29.98 -8.75
C PHE C 515 -12.15 -29.63 -7.53
N GLU C 516 -11.42 -30.60 -6.99
CA GLU C 516 -10.58 -30.37 -5.84
C GLU C 516 -9.19 -29.98 -6.30
N LEU C 517 -8.63 -28.96 -5.67
CA LEU C 517 -7.25 -28.56 -5.88
C LEU C 517 -6.52 -28.58 -4.55
N LEU C 518 -5.65 -29.56 -4.37
CA LEU C 518 -4.66 -29.57 -3.31
C LEU C 518 -3.32 -29.22 -3.92
N HIS C 519 -2.30 -29.06 -3.07
CA HIS C 519 -0.98 -28.66 -3.56
C HIS C 519 -0.25 -29.88 -4.13
N ALA C 520 -0.73 -30.31 -5.29
CA ALA C 520 -0.20 -31.43 -6.06
C ALA C 520 -0.15 -30.98 -7.52
N PRO C 521 0.67 -31.59 -8.34
CA PRO C 521 0.99 -30.99 -9.64
C PRO C 521 -0.12 -31.08 -10.68
N ALA C 522 -1.36 -31.33 -10.26
CA ALA C 522 -2.54 -31.16 -11.11
C ALA C 522 -2.50 -32.07 -12.34
N THR C 523 -2.64 -33.37 -12.05
CA THR C 523 -2.61 -34.40 -13.07
C THR C 523 -3.76 -34.33 -14.07
N VAL C 524 -4.93 -33.87 -13.67
CA VAL C 524 -6.12 -33.91 -14.53
C VAL C 524 -6.18 -32.58 -15.27
N CYS C 525 -5.52 -32.55 -16.44
CA CYS C 525 -5.53 -31.33 -17.29
C CYS C 525 -6.30 -31.60 -18.59
N GLY C 526 -6.71 -30.54 -19.31
CA GLY C 526 -7.52 -30.72 -20.52
C GLY C 526 -6.69 -30.86 -21.78
N PRO C 527 -7.33 -30.95 -22.97
CA PRO C 527 -6.60 -31.09 -24.24
C PRO C 527 -5.92 -29.79 -24.71
N LYS C 528 -4.95 -29.92 -25.62
CA LYS C 528 -4.22 -28.74 -26.14
C LYS C 528 -4.21 -28.78 -27.67
N LYS C 529 -4.86 -27.81 -28.33
CA LYS C 529 -4.93 -27.79 -29.81
C LYS C 529 -3.53 -27.66 -30.40
N SER C 530 -3.23 -28.41 -31.48
CA SER C 530 -1.90 -28.38 -32.06
C SER C 530 -2.07 -28.07 -33.54
N THR C 531 -1.77 -26.82 -33.91
CA THR C 531 -1.95 -26.39 -35.28
C THR C 531 -0.98 -27.11 -36.23
N ASN C 532 -1.24 -26.96 -37.53
CA ASN C 532 -0.39 -27.54 -38.54
C ASN C 532 1.03 -27.01 -38.42
N LEU C 533 1.97 -27.74 -39.01
CA LEU C 533 3.38 -27.40 -38.99
C LEU C 533 3.81 -26.75 -40.30
N VAL C 534 4.42 -25.56 -40.21
CA VAL C 534 4.88 -24.80 -41.36
C VAL C 534 6.39 -24.67 -41.28
N LYS C 535 7.06 -24.73 -42.44
CA LYS C 535 8.51 -24.71 -42.51
C LYS C 535 9.00 -23.59 -43.41
N ASN C 536 10.26 -23.20 -43.19
CA ASN C 536 10.99 -22.32 -44.09
C ASN C 536 10.39 -20.92 -44.14
N LYS C 537 9.88 -20.43 -43.02
CA LYS C 537 9.37 -19.08 -42.90
C LYS C 537 9.63 -18.59 -41.49
N CYS C 538 10.03 -17.32 -41.35
CA CYS C 538 10.25 -16.80 -40.01
C CYS C 538 8.91 -16.84 -39.28
N VAL C 539 8.76 -17.84 -38.42
CA VAL C 539 7.53 -18.09 -37.68
C VAL C 539 7.77 -17.93 -36.19
N ASN C 540 6.69 -17.75 -35.46
CA ASN C 540 6.72 -17.59 -34.01
C ASN C 540 6.27 -18.89 -33.36
N PHE C 541 7.18 -19.84 -33.24
CA PHE C 541 6.82 -21.16 -32.75
C PHE C 541 6.61 -21.17 -31.25
N ASN C 542 5.78 -22.11 -30.82
CA ASN C 542 5.66 -22.49 -29.40
C ASN C 542 5.49 -24.01 -29.36
N PHE C 543 6.61 -24.71 -29.25
CA PHE C 543 6.54 -26.13 -29.00
C PHE C 543 6.21 -26.38 -27.53
N ASN C 544 5.90 -27.64 -27.21
CA ASN C 544 5.14 -27.97 -26.01
C ASN C 544 5.55 -27.16 -24.78
N GLY C 545 6.85 -27.05 -24.54
CA GLY C 545 7.33 -26.26 -23.42
C GLY C 545 7.90 -24.91 -23.80
N LEU C 546 8.74 -24.89 -24.83
CA LEU C 546 9.54 -23.71 -25.15
C LEU C 546 8.93 -22.92 -26.29
N THR C 547 9.25 -21.64 -26.32
CA THR C 547 8.71 -20.69 -27.28
C THR C 547 9.84 -20.13 -28.13
N GLY C 548 9.52 -19.19 -29.00
CA GLY C 548 10.54 -18.42 -29.69
C GLY C 548 10.28 -18.35 -31.19
N THR C 549 11.01 -17.45 -31.83
CA THR C 549 10.86 -17.18 -33.25
C THR C 549 12.05 -17.72 -34.03
N GLY C 550 11.77 -18.34 -35.16
CA GLY C 550 12.84 -18.96 -35.93
C GLY C 550 12.40 -19.30 -37.33
N VAL C 551 13.17 -20.18 -37.97
CA VAL C 551 12.88 -20.65 -39.32
C VAL C 551 13.07 -22.17 -39.30
N LEU C 552 11.99 -22.90 -39.07
CA LEU C 552 12.09 -24.33 -38.85
C LEU C 552 12.38 -25.06 -40.16
N THR C 553 13.43 -25.89 -40.16
CA THR C 553 13.87 -26.60 -41.35
C THR C 553 14.19 -28.04 -40.99
N GLU C 554 13.82 -28.96 -41.88
CA GLU C 554 14.11 -30.38 -41.66
C GLU C 554 15.61 -30.60 -41.52
N SER C 555 16.02 -31.16 -40.38
CA SER C 555 17.43 -31.32 -40.04
C SER C 555 17.90 -32.73 -40.33
N ASN C 556 19.14 -33.04 -39.94
CA ASN C 556 19.68 -34.38 -40.00
C ASN C 556 20.36 -34.79 -38.69
N LYS C 557 20.11 -34.08 -37.60
CA LYS C 557 20.68 -34.48 -36.31
C LYS C 557 19.94 -35.68 -35.75
N LYS C 558 20.67 -36.52 -35.03
CA LYS C 558 20.12 -37.75 -34.46
C LYS C 558 20.10 -37.64 -32.95
N PHE C 559 18.95 -37.26 -32.40
CA PHE C 559 18.77 -37.17 -30.96
C PHE C 559 18.81 -38.56 -30.33
N LEU C 560 18.84 -38.58 -29.01
CA LEU C 560 18.59 -39.83 -28.33
C LEU C 560 17.09 -40.01 -28.11
N PRO C 561 16.63 -41.27 -27.97
CA PRO C 561 15.19 -41.52 -27.85
C PRO C 561 14.46 -40.67 -26.82
N PHE C 562 15.15 -40.20 -25.78
CA PHE C 562 14.47 -39.47 -24.72
C PHE C 562 14.77 -37.97 -24.73
N GLN C 563 15.78 -37.53 -25.48
CA GLN C 563 16.11 -36.12 -25.48
C GLN C 563 15.08 -35.33 -26.28
N GLN C 564 14.99 -34.04 -25.98
CA GLN C 564 13.99 -33.21 -26.63
C GLN C 564 14.57 -32.00 -27.33
N PHE C 565 15.52 -31.31 -26.73
CA PHE C 565 16.06 -30.08 -27.28
C PHE C 565 17.41 -30.33 -27.93
N GLY C 566 18.00 -29.26 -28.43
CA GLY C 566 19.42 -29.23 -28.70
C GLY C 566 19.95 -27.84 -28.41
N ARG C 567 21.17 -27.76 -27.89
CA ARG C 567 21.73 -26.47 -27.51
C ARG C 567 23.12 -26.31 -28.13
N ASP C 568 23.56 -25.05 -28.15
CA ASP C 568 24.83 -24.66 -28.75
C ASP C 568 25.89 -24.53 -27.66
N ILE C 569 27.13 -24.31 -28.10
CA ILE C 569 28.25 -24.20 -27.18
C ILE C 569 28.03 -23.03 -26.23
N ALA C 570 27.15 -22.09 -26.59
CA ALA C 570 26.82 -20.96 -25.74
C ALA C 570 25.44 -21.13 -25.10
N ASP C 571 24.91 -22.36 -25.10
CA ASP C 571 23.65 -22.70 -24.46
C ASP C 571 22.49 -21.87 -25.03
N THR C 572 22.25 -22.05 -26.32
CA THR C 572 21.10 -21.47 -26.99
C THR C 572 20.37 -22.56 -27.76
N THR C 573 19.05 -22.53 -27.70
CA THR C 573 18.25 -23.56 -28.36
C THR C 573 18.44 -23.50 -29.86
N ASP C 574 18.69 -24.65 -30.49
CA ASP C 574 18.90 -24.66 -31.93
C ASP C 574 18.20 -25.79 -32.66
N ALA C 575 17.68 -26.81 -31.97
CA ALA C 575 17.01 -27.92 -32.65
C ALA C 575 15.99 -28.52 -31.70
N VAL C 576 14.80 -28.79 -32.23
CA VAL C 576 13.68 -29.26 -31.43
C VAL C 576 13.06 -30.48 -32.09
N ARG C 577 12.73 -31.48 -31.27
CA ARG C 577 12.06 -32.67 -31.76
C ARG C 577 10.55 -32.43 -31.83
N ASP C 578 9.97 -32.65 -32.99
CA ASP C 578 8.54 -32.40 -33.20
C ASP C 578 7.69 -33.36 -32.38
N PRO C 579 7.03 -32.91 -31.30
CA PRO C 579 6.40 -33.84 -30.37
C PRO C 579 5.23 -34.63 -30.95
N GLN C 580 4.83 -34.39 -32.19
CA GLN C 580 3.79 -35.18 -32.84
C GLN C 580 4.40 -36.25 -33.74
N THR C 581 5.20 -35.83 -34.72
CA THR C 581 5.94 -36.75 -35.58
C THR C 581 7.41 -36.59 -35.24
N LEU C 582 8.05 -37.68 -34.82
CA LEU C 582 9.36 -37.56 -34.21
C LEU C 582 10.44 -37.24 -35.23
N GLU C 583 10.37 -36.04 -35.81
CA GLU C 583 11.39 -35.53 -36.72
C GLU C 583 12.04 -34.29 -36.12
N ILE C 584 13.36 -34.25 -36.13
CA ILE C 584 14.13 -33.22 -35.44
C ILE C 584 14.35 -32.05 -36.38
N LEU C 585 13.81 -30.89 -36.04
CA LEU C 585 13.92 -29.69 -36.85
C LEU C 585 15.01 -28.77 -36.31
N ASP C 586 15.62 -27.99 -37.20
CA ASP C 586 16.59 -26.97 -36.84
C ASP C 586 15.88 -25.67 -36.53
N ILE C 587 16.65 -24.65 -36.15
CA ILE C 587 16.10 -23.33 -35.86
C ILE C 587 17.09 -22.27 -36.33
N THR C 588 16.74 -21.55 -37.40
CA THR C 588 17.58 -20.46 -37.89
C THR C 588 16.89 -19.14 -37.64
N PRO C 589 17.44 -18.25 -36.81
CA PRO C 589 16.80 -16.96 -36.56
C PRO C 589 16.75 -16.12 -37.83
N CYS C 590 15.55 -15.65 -38.17
CA CYS C 590 15.34 -14.99 -39.44
C CYS C 590 16.12 -13.67 -39.53
N SER C 591 16.58 -13.40 -40.75
CA SER C 591 17.69 -12.49 -41.02
C SER C 591 17.41 -11.04 -40.62
N PHE C 592 18.41 -10.41 -40.00
CA PHE C 592 18.46 -8.97 -39.80
C PHE C 592 19.79 -8.47 -40.33
N GLY C 593 20.02 -7.16 -40.22
CA GLY C 593 21.31 -6.61 -40.60
C GLY C 593 21.20 -5.18 -41.09
N GLY C 594 22.36 -4.49 -41.07
CA GLY C 594 22.40 -3.08 -41.42
C GLY C 594 22.16 -2.79 -42.89
N VAL C 595 21.87 -1.52 -43.16
CA VAL C 595 21.63 -1.03 -44.50
C VAL C 595 22.49 0.20 -44.76
N SER C 596 23.38 0.13 -45.75
CA SER C 596 24.26 1.23 -46.10
C SER C 596 23.85 1.84 -47.43
N VAL C 597 24.21 3.11 -47.61
CA VAL C 597 23.80 3.89 -48.78
C VAL C 597 25.05 4.41 -49.48
N ILE C 598 25.55 3.64 -50.45
CA ILE C 598 26.68 4.08 -51.26
C ILE C 598 26.26 5.29 -52.08
N THR C 599 27.10 6.33 -52.08
CA THR C 599 26.76 7.50 -52.87
C THR C 599 27.96 8.30 -53.34
N PRO C 600 28.02 8.68 -54.61
CA PRO C 600 28.87 9.80 -54.99
C PRO C 600 28.35 11.08 -54.37
N GLY C 601 29.23 12.06 -54.24
CA GLY C 601 28.83 13.31 -53.60
C GLY C 601 27.62 13.91 -54.29
N THR C 602 26.71 14.45 -53.48
CA THR C 602 25.55 15.15 -54.02
C THR C 602 25.94 16.29 -54.93
N ASN C 603 27.17 16.81 -54.80
CA ASN C 603 27.67 17.80 -55.72
C ASN C 603 27.85 17.25 -57.14
N THR C 604 27.73 15.95 -57.32
CA THR C 604 27.80 15.32 -58.63
C THR C 604 26.46 14.84 -59.14
N SER C 605 25.74 14.04 -58.35
CA SER C 605 24.47 13.51 -58.77
C SER C 605 23.67 13.10 -57.56
N ASN C 606 22.34 13.07 -57.73
CA ASN C 606 21.42 12.66 -56.68
C ASN C 606 21.14 11.17 -56.70
N GLN C 607 21.96 10.39 -57.38
CA GLN C 607 21.73 8.96 -57.51
C GLN C 607 22.56 8.23 -56.48
N VAL C 608 22.03 7.14 -55.94
CA VAL C 608 22.66 6.38 -54.87
C VAL C 608 22.52 4.89 -55.20
N ALA C 609 23.03 4.06 -54.30
CA ALA C 609 22.86 2.62 -54.43
C ALA C 609 22.88 1.99 -53.05
N VAL C 610 21.93 1.13 -52.80
CA VAL C 610 21.72 0.61 -51.45
C VAL C 610 22.50 -0.68 -51.31
N LEU C 611 22.90 -1.01 -50.09
CA LEU C 611 23.60 -2.27 -49.83
C LEU C 611 22.98 -2.86 -48.58
N TYR C 612 22.24 -3.96 -48.73
CA TYR C 612 21.76 -4.66 -47.55
C TYR C 612 22.83 -5.63 -47.09
N GLN C 613 23.18 -5.55 -45.81
CA GLN C 613 24.28 -6.34 -45.29
C GLN C 613 23.77 -7.72 -44.94
N ASP C 614 24.40 -8.73 -45.53
CA ASP C 614 24.23 -10.13 -45.17
C ASP C 614 22.76 -10.56 -45.27
N VAL C 615 22.19 -10.44 -46.46
CA VAL C 615 20.88 -11.02 -46.74
C VAL C 615 20.87 -11.64 -48.12
N ASN C 616 20.04 -12.66 -48.30
CA ASN C 616 19.93 -13.32 -49.59
C ASN C 616 19.06 -12.57 -50.61
N CYS C 617 18.50 -11.40 -50.30
CA CYS C 617 17.81 -10.56 -51.30
C CYS C 617 16.67 -11.27 -52.02
N THR C 618 16.17 -12.33 -51.42
CA THR C 618 14.90 -12.92 -51.81
C THR C 618 13.98 -12.76 -50.63
N GLU C 619 14.44 -12.02 -49.62
CA GLU C 619 13.74 -11.72 -48.40
C GLU C 619 13.35 -10.25 -48.35
N VAL C 620 13.61 -9.50 -49.41
CA VAL C 620 13.26 -8.09 -49.48
C VAL C 620 11.77 -7.92 -49.73
N ASN C 641 20.54 -5.13 -62.10
CA ASN C 641 19.93 -4.12 -61.25
C ASN C 641 20.06 -4.52 -59.78
N VAL C 642 20.19 -5.82 -59.53
CA VAL C 642 20.29 -6.37 -58.19
C VAL C 642 21.49 -7.31 -58.19
N PHE C 643 22.62 -6.87 -57.65
CA PHE C 643 23.82 -7.68 -57.62
C PHE C 643 23.94 -8.32 -56.24
N GLN C 644 24.48 -9.53 -56.20
CA GLN C 644 24.72 -10.26 -54.96
C GLN C 644 26.22 -10.48 -54.79
N THR C 645 26.80 -9.82 -53.78
CA THR C 645 28.23 -9.88 -53.52
C THR C 645 28.51 -10.75 -52.30
N ARG C 646 29.81 -11.00 -52.07
CA ARG C 646 30.25 -11.66 -50.85
C ARG C 646 30.13 -10.80 -49.61
N ALA C 647 29.74 -9.53 -49.72
CA ALA C 647 29.52 -8.70 -48.55
C ALA C 647 28.06 -8.68 -48.12
N GLY C 648 27.18 -8.64 -49.10
CA GLY C 648 25.75 -8.68 -48.92
C GLY C 648 25.20 -8.51 -50.31
N CYS C 649 24.04 -7.89 -50.44
CA CYS C 649 23.46 -7.68 -51.77
C CYS C 649 23.21 -6.22 -52.09
N LEU C 650 24.04 -5.75 -53.01
CA LEU C 650 24.04 -4.39 -53.52
C LEU C 650 22.92 -4.23 -54.54
N ILE C 651 22.17 -3.15 -54.42
CA ILE C 651 21.01 -2.87 -55.24
C ILE C 651 21.21 -1.52 -55.89
N GLY C 652 21.23 -1.50 -57.22
CA GLY C 652 21.36 -0.28 -57.97
C GLY C 652 22.72 0.00 -58.56
N ALA C 653 23.53 -1.03 -58.81
CA ALA C 653 24.86 -0.81 -59.40
C ALA C 653 25.21 -1.97 -60.33
N GLU C 654 25.73 -1.62 -61.51
CA GLU C 654 26.12 -2.62 -62.49
C GLU C 654 27.40 -3.35 -62.06
N HIS C 655 27.52 -4.59 -62.50
CA HIS C 655 28.68 -5.42 -62.19
C HIS C 655 29.60 -5.52 -63.40
N VAL C 656 30.72 -4.83 -63.35
CA VAL C 656 31.63 -4.79 -64.48
C VAL C 656 32.63 -5.92 -64.32
N ASN C 657 33.19 -6.39 -65.42
CA ASN C 657 34.28 -7.35 -65.39
C ASN C 657 35.66 -6.72 -65.26
N ASN C 658 35.76 -5.40 -65.28
CA ASN C 658 37.06 -4.74 -65.25
C ASN C 658 37.60 -4.72 -63.82
N SER C 659 38.64 -3.93 -63.59
CA SER C 659 39.23 -3.78 -62.26
C SER C 659 40.04 -2.50 -62.23
N TYR C 660 39.64 -1.56 -61.38
CA TYR C 660 40.34 -0.30 -61.21
C TYR C 660 40.68 -0.13 -59.74
N GLU C 661 41.46 0.92 -59.45
CA GLU C 661 41.81 1.23 -58.07
C GLU C 661 40.54 1.47 -57.25
N CYS C 662 40.61 1.13 -55.96
CA CYS C 662 39.44 1.19 -55.11
C CYS C 662 39.04 2.64 -54.87
N ASP C 663 37.83 2.99 -55.28
CA ASP C 663 37.31 4.34 -55.09
C ASP C 663 36.52 4.47 -53.80
N ILE C 664 35.48 3.66 -53.64
CA ILE C 664 34.70 3.60 -52.41
C ILE C 664 34.73 2.16 -51.90
N PRO C 665 35.29 1.90 -50.73
CA PRO C 665 35.37 0.52 -50.23
C PRO C 665 33.99 0.02 -49.85
N ILE C 666 33.79 -1.29 -50.01
CA ILE C 666 32.52 -1.91 -49.65
C ILE C 666 32.79 -3.02 -48.65
N GLY C 667 33.61 -3.97 -49.04
CA GLY C 667 33.93 -5.12 -48.21
C GLY C 667 34.31 -6.30 -49.08
N ALA C 668 35.04 -7.22 -48.47
CA ALA C 668 35.46 -8.47 -49.12
C ALA C 668 36.17 -8.21 -50.44
N GLY C 669 36.67 -7.00 -50.66
CA GLY C 669 37.43 -6.71 -51.86
C GLY C 669 36.66 -6.00 -52.96
N ILE C 670 35.36 -5.74 -52.78
CA ILE C 670 34.56 -5.07 -53.79
C ILE C 670 34.67 -3.56 -53.58
N CYS C 671 34.77 -2.83 -54.68
CA CYS C 671 34.80 -1.37 -54.61
C CYS C 671 33.91 -0.79 -55.70
N ALA C 672 33.15 0.24 -55.34
CA ALA C 672 32.19 0.88 -56.22
C ALA C 672 32.62 2.30 -56.57
N SER C 673 32.17 2.77 -57.74
CA SER C 673 32.51 4.11 -58.19
C SER C 673 31.52 4.55 -59.25
N TYR C 674 31.40 5.86 -59.43
CA TYR C 674 30.42 6.46 -60.31
C TYR C 674 31.08 6.79 -61.65
N GLN C 675 30.74 6.02 -62.68
CA GLN C 675 31.36 6.16 -63.99
C GLN C 675 30.34 5.85 -65.08
N THR C 676 30.72 6.13 -66.31
CA THR C 676 29.88 5.81 -67.47
C THR C 676 29.77 4.31 -67.67
N SER C 689 23.47 9.23 -68.47
CA SER C 689 23.99 8.10 -69.21
C SER C 689 24.96 7.29 -68.34
N GLN C 690 25.55 7.94 -67.35
CA GLN C 690 26.46 7.28 -66.44
C GLN C 690 25.69 6.61 -65.30
N SER C 691 26.41 5.82 -64.52
CA SER C 691 25.79 5.05 -63.45
C SER C 691 26.84 4.73 -62.39
N ILE C 692 26.52 3.78 -61.53
CA ILE C 692 27.40 3.34 -60.44
C ILE C 692 27.80 1.91 -60.72
N ILE C 693 29.10 1.64 -60.78
CA ILE C 693 29.63 0.31 -61.06
C ILE C 693 30.32 -0.22 -59.83
N ALA C 694 30.35 -1.55 -59.71
CA ALA C 694 30.95 -2.25 -58.58
C ALA C 694 31.86 -3.36 -59.09
N TYR C 695 33.16 -3.21 -58.89
CA TYR C 695 34.15 -4.14 -59.42
C TYR C 695 34.95 -4.77 -58.29
N THR C 696 35.88 -5.65 -58.68
CA THR C 696 36.83 -6.27 -57.75
C THR C 696 38.17 -5.55 -57.88
N MET C 697 38.50 -4.76 -56.86
CA MET C 697 39.61 -3.80 -56.94
C MET C 697 40.89 -4.47 -57.40
N SER C 698 41.69 -3.72 -58.16
CA SER C 698 43.00 -4.15 -58.61
C SER C 698 44.07 -3.50 -57.75
N LEU C 699 45.18 -4.19 -57.57
CA LEU C 699 46.21 -3.74 -56.66
C LEU C 699 47.30 -2.90 -57.29
N GLY C 700 47.29 -2.72 -58.61
CA GLY C 700 48.29 -1.90 -59.27
C GLY C 700 48.79 -2.55 -60.55
N ALA C 701 49.44 -1.75 -61.37
CA ALA C 701 49.99 -2.24 -62.63
C ALA C 701 51.15 -3.19 -62.35
N GLU C 702 50.99 -4.45 -62.73
CA GLU C 702 52.04 -5.45 -62.56
C GLU C 702 53.28 -5.07 -63.37
N ASN C 703 54.42 -5.63 -62.98
CA ASN C 703 55.70 -5.21 -63.51
C ASN C 703 56.73 -6.29 -63.26
N SER C 704 57.43 -6.69 -64.31
CA SER C 704 58.44 -7.74 -64.25
C SER C 704 59.79 -7.12 -64.53
N VAL C 705 60.64 -7.05 -63.51
CA VAL C 705 61.96 -6.46 -63.68
C VAL C 705 62.83 -7.39 -64.51
N ALA C 706 63.51 -6.83 -65.50
CA ALA C 706 64.35 -7.64 -66.38
C ALA C 706 65.60 -8.09 -65.64
N TYR C 707 65.45 -9.04 -64.73
CA TYR C 707 66.58 -9.55 -63.98
C TYR C 707 67.40 -10.51 -64.83
N SER C 708 68.69 -10.56 -64.55
CA SER C 708 69.59 -11.53 -65.14
C SER C 708 70.66 -11.83 -64.09
N ASN C 709 71.76 -12.43 -64.51
CA ASN C 709 72.90 -12.59 -63.63
C ASN C 709 74.06 -11.66 -63.96
N ASN C 710 73.95 -10.84 -65.00
CA ASN C 710 75.05 -9.91 -65.30
C ASN C 710 74.57 -8.55 -65.79
N SER C 711 73.37 -8.12 -65.43
CA SER C 711 72.83 -6.85 -65.89
C SER C 711 72.48 -5.96 -64.71
N ILE C 712 73.02 -4.74 -64.70
CA ILE C 712 72.75 -3.78 -63.64
C ILE C 712 72.23 -2.49 -64.26
N ALA C 713 71.29 -1.83 -63.59
CA ALA C 713 70.71 -0.60 -64.08
C ALA C 713 71.13 0.54 -63.18
N ILE C 714 71.73 1.58 -63.78
CA ILE C 714 72.27 2.68 -62.97
C ILE C 714 71.56 3.99 -63.30
N PRO C 715 71.19 4.80 -62.31
CA PRO C 715 70.56 6.09 -62.61
C PRO C 715 71.57 7.10 -63.13
N THR C 716 71.04 8.14 -63.78
CA THR C 716 71.90 9.19 -64.32
C THR C 716 71.52 10.59 -63.85
N ASN C 717 70.25 10.80 -63.50
CA ASN C 717 69.77 12.11 -63.08
C ASN C 717 69.04 11.97 -61.75
N PHE C 718 68.65 13.10 -61.17
CA PHE C 718 68.02 13.11 -59.86
C PHE C 718 66.93 14.16 -59.79
N THR C 719 66.01 13.98 -58.83
CA THR C 719 64.93 14.93 -58.55
C THR C 719 64.82 15.19 -57.06
N ILE C 720 64.57 16.45 -56.70
CA ILE C 720 64.51 16.87 -55.31
C ILE C 720 63.03 17.01 -54.93
N SER C 721 62.44 15.93 -54.43
CA SER C 721 61.05 15.99 -54.00
C SER C 721 60.94 16.68 -52.65
N VAL C 722 59.74 17.16 -52.34
CA VAL C 722 59.44 17.78 -51.04
C VAL C 722 58.10 17.28 -50.50
N THR C 723 58.13 16.34 -49.57
CA THR C 723 56.92 15.75 -49.06
C THR C 723 56.48 16.49 -47.79
N THR C 724 55.25 16.24 -47.35
CA THR C 724 54.65 16.91 -46.20
C THR C 724 54.16 15.87 -45.21
N GLU C 725 54.23 16.18 -43.92
CA GLU C 725 53.76 15.25 -42.89
C GLU C 725 53.13 16.00 -41.73
N ILE C 726 51.87 15.68 -41.42
CA ILE C 726 51.05 16.41 -40.47
C ILE C 726 50.82 15.56 -39.22
N LEU C 727 51.02 16.14 -38.04
CA LEU C 727 50.82 15.40 -36.79
C LEU C 727 50.06 16.22 -35.74
N PRO C 728 49.05 15.65 -35.10
CA PRO C 728 48.40 16.33 -33.97
C PRO C 728 49.30 16.28 -32.74
N VAL C 729 49.22 17.34 -31.93
CA VAL C 729 50.07 17.41 -30.74
C VAL C 729 49.29 17.64 -29.45
N SER C 730 48.14 18.30 -29.50
CA SER C 730 47.46 18.61 -28.26
C SER C 730 45.96 18.81 -28.45
N MET C 731 45.18 18.33 -27.49
CA MET C 731 43.74 18.57 -27.43
C MET C 731 43.45 19.95 -26.83
N THR C 732 42.19 20.20 -26.49
CA THR C 732 41.76 21.39 -25.78
C THR C 732 41.52 21.08 -24.30
N LYS C 733 42.15 21.85 -23.42
CA LYS C 733 42.10 21.63 -21.98
C LYS C 733 40.72 21.99 -21.43
N THR C 734 39.88 20.99 -21.20
CA THR C 734 38.52 21.20 -20.68
C THR C 734 38.40 20.72 -19.24
N SER C 735 37.63 21.44 -18.44
CA SER C 735 37.29 21.04 -17.08
C SER C 735 35.79 21.18 -16.83
N VAL C 736 35.24 20.30 -15.98
CA VAL C 736 33.80 20.22 -15.73
C VAL C 736 33.55 20.07 -14.23
N ASP C 737 33.02 21.12 -13.60
CA ASP C 737 32.65 21.05 -12.19
C ASP C 737 31.52 20.04 -11.96
N CYS C 738 31.82 18.99 -11.22
CA CYS C 738 30.86 17.92 -10.96
C CYS C 738 29.60 18.35 -10.22
N THR C 739 29.73 19.25 -9.25
CA THR C 739 28.58 19.64 -8.46
C THR C 739 27.65 20.53 -9.29
N MET C 740 28.16 21.66 -9.76
CA MET C 740 27.34 22.55 -10.57
C MET C 740 26.79 21.83 -11.79
N TYR C 741 27.42 20.73 -12.22
CA TYR C 741 26.82 19.96 -13.31
C TYR C 741 25.62 19.15 -12.83
N ILE C 742 25.86 18.24 -11.89
CA ILE C 742 24.83 17.27 -11.49
C ILE C 742 23.67 17.96 -10.79
N CYS C 743 23.97 18.81 -9.81
CA CYS C 743 22.97 19.35 -8.89
C CYS C 743 23.00 20.86 -8.88
N GLY C 744 22.95 21.46 -10.07
CA GLY C 744 23.06 22.90 -10.19
C GLY C 744 22.07 23.66 -9.31
N ASP C 745 22.60 24.30 -8.27
CA ASP C 745 21.83 25.22 -7.43
C ASP C 745 20.64 24.52 -6.76
N SER C 746 20.93 23.41 -6.07
CA SER C 746 19.90 22.70 -5.31
C SER C 746 20.55 22.09 -4.08
N THR C 747 20.38 22.76 -2.94
CA THR C 747 21.03 22.30 -1.71
C THR C 747 20.62 20.88 -1.35
N GLU C 748 19.33 20.55 -1.49
CA GLU C 748 18.87 19.19 -1.24
C GLU C 748 19.62 18.20 -2.14
N CYS C 749 19.80 18.55 -3.41
CA CYS C 749 20.48 17.66 -4.33
C CYS C 749 21.94 17.47 -3.92
N SER C 750 22.61 18.55 -3.54
CA SER C 750 24.00 18.44 -3.11
C SER C 750 24.11 17.56 -1.87
N ASN C 751 23.20 17.75 -0.90
CA ASN C 751 23.29 16.98 0.33
C ASN C 751 22.97 15.51 0.09
N LEU C 752 22.10 15.22 -0.87
CA LEU C 752 21.89 13.84 -1.27
C LEU C 752 23.15 13.27 -1.92
N LEU C 753 23.74 14.03 -2.84
CA LEU C 753 24.90 13.55 -3.60
C LEU C 753 26.07 13.23 -2.67
N LEU C 754 26.23 14.03 -1.61
CA LEU C 754 27.31 13.81 -0.66
C LEU C 754 27.40 12.38 -0.14
N GLN C 755 26.31 11.62 -0.22
CA GLN C 755 26.31 10.24 0.23
C GLN C 755 27.14 9.33 -0.66
N TYR C 756 27.41 9.73 -1.90
CA TYR C 756 28.17 8.90 -2.83
C TYR C 756 29.69 8.99 -2.66
N GLY C 757 30.19 9.86 -1.79
CA GLY C 757 31.62 9.88 -1.52
C GLY C 757 32.44 10.82 -2.38
N SER C 758 33.60 10.35 -2.83
CA SER C 758 34.65 11.19 -3.42
C SER C 758 34.64 11.17 -4.95
N PHE C 759 33.49 10.92 -5.56
CA PHE C 759 33.42 10.81 -7.01
C PHE C 759 33.84 12.12 -7.69
N CYS C 760 33.36 13.25 -7.17
CA CYS C 760 33.79 14.54 -7.70
C CYS C 760 35.31 14.71 -7.63
N THR C 761 35.90 14.45 -6.47
CA THR C 761 37.34 14.59 -6.35
C THR C 761 38.05 13.72 -7.37
N GLN C 762 37.53 12.50 -7.59
CA GLN C 762 38.16 11.57 -8.50
C GLN C 762 38.12 12.09 -9.93
N LEU C 763 36.94 12.49 -10.39
CA LEU C 763 36.80 12.98 -11.77
C LEU C 763 37.59 14.26 -12.00
N ASN C 764 37.54 15.18 -11.03
CA ASN C 764 38.31 16.41 -11.16
C ASN C 764 39.79 16.12 -11.25
N ARG C 765 40.29 15.18 -10.44
CA ARG C 765 41.70 14.87 -10.48
C ARG C 765 42.10 14.27 -11.83
N ALA C 766 41.24 13.42 -12.40
CA ALA C 766 41.55 12.85 -13.72
C ALA C 766 41.64 13.94 -14.78
N LEU C 767 40.62 14.81 -14.83
CA LEU C 767 40.63 15.83 -15.87
C LEU C 767 41.76 16.83 -15.66
N THR C 768 42.18 17.06 -14.43
CA THR C 768 43.33 17.94 -14.22
C THR C 768 44.62 17.29 -14.69
N GLY C 769 44.75 15.97 -14.48
CA GLY C 769 45.91 15.27 -15.02
C GLY C 769 46.02 15.44 -16.52
N ILE C 770 44.90 15.27 -17.22
CA ILE C 770 44.90 15.47 -18.67
C ILE C 770 45.28 16.92 -19.01
N ALA C 771 44.66 17.87 -18.31
CA ALA C 771 44.85 19.28 -18.64
C ALA C 771 46.28 19.72 -18.46
N VAL C 772 47.04 19.07 -17.58
CA VAL C 772 48.45 19.43 -17.47
C VAL C 772 49.31 18.67 -18.47
N GLU C 773 48.97 17.40 -18.72
CA GLU C 773 49.73 16.63 -19.70
C GLU C 773 49.73 17.29 -21.06
N GLN C 774 48.68 18.05 -21.41
CA GLN C 774 48.68 18.71 -22.71
C GLN C 774 49.83 19.70 -22.87
N ASP C 775 49.98 20.61 -21.91
CA ASP C 775 51.09 21.54 -21.99
C ASP C 775 52.42 20.83 -21.90
N LYS C 776 52.48 19.72 -21.14
CA LYS C 776 53.75 18.98 -21.13
C LYS C 776 54.08 18.47 -22.52
N ASN C 777 53.06 18.03 -23.27
CA ASN C 777 53.26 17.56 -24.63
C ASN C 777 53.84 18.67 -25.51
N THR C 778 53.17 19.82 -25.53
CA THR C 778 53.64 20.90 -26.40
C THR C 778 55.05 21.34 -26.01
N GLN C 779 55.31 21.42 -24.70
CA GLN C 779 56.64 21.79 -24.24
C GLN C 779 57.69 20.83 -24.78
N GLU C 780 57.40 19.53 -24.71
CA GLU C 780 58.37 18.53 -25.11
C GLU C 780 58.59 18.54 -26.61
N VAL C 781 57.54 18.82 -27.39
CA VAL C 781 57.71 18.80 -28.84
C VAL C 781 58.53 20.00 -29.29
N PHE C 782 58.14 21.20 -28.85
CA PHE C 782 58.78 22.37 -29.45
C PHE C 782 60.00 22.86 -28.68
N ALA C 783 59.91 22.98 -27.36
CA ALA C 783 60.98 23.64 -26.63
C ALA C 783 62.22 22.77 -26.53
N GLN C 784 62.87 22.52 -27.67
CA GLN C 784 64.08 21.73 -27.69
C GLN C 784 65.33 22.55 -27.93
N VAL C 785 65.21 23.84 -28.23
CA VAL C 785 66.35 24.69 -28.52
C VAL C 785 66.65 25.56 -27.32
N LYS C 786 67.94 25.71 -27.00
CA LYS C 786 68.31 26.46 -25.81
C LYS C 786 68.20 27.97 -26.02
N GLN C 787 68.64 28.47 -27.17
CA GLN C 787 68.58 29.89 -27.47
C GLN C 787 67.54 30.18 -28.54
N ILE C 788 67.50 31.42 -28.99
CA ILE C 788 66.59 31.87 -30.03
C ILE C 788 67.45 32.46 -31.14
N TYR C 789 67.81 31.64 -32.12
CA TYR C 789 68.68 32.13 -33.19
C TYR C 789 67.92 33.09 -34.09
N LYS C 790 68.67 33.78 -34.94
CA LYS C 790 68.08 34.72 -35.89
C LYS C 790 68.89 34.74 -37.17
N THR C 791 68.19 34.65 -38.31
CA THR C 791 68.85 34.73 -39.60
C THR C 791 69.52 36.08 -39.80
N PRO C 792 70.62 36.12 -40.55
CA PRO C 792 71.20 37.40 -40.95
C PRO C 792 70.32 38.08 -41.99
N PRO C 793 70.38 39.42 -42.09
CA PRO C 793 69.53 40.11 -43.06
C PRO C 793 69.77 39.71 -44.50
N ILE C 794 71.04 39.57 -44.93
CA ILE C 794 71.30 39.18 -46.30
C ILE C 794 70.86 37.73 -46.52
N LYS C 795 70.75 37.35 -47.79
CA LYS C 795 70.16 36.07 -48.16
C LYS C 795 71.00 35.37 -49.23
N ASP C 796 72.31 35.28 -49.00
CA ASP C 796 73.20 34.61 -49.95
C ASP C 796 73.23 33.13 -49.60
N PHE C 797 72.29 32.38 -50.18
CA PHE C 797 72.18 30.95 -49.88
C PHE C 797 72.42 30.11 -51.12
N GLY C 798 73.47 30.40 -51.87
CA GLY C 798 73.82 29.61 -53.03
C GLY C 798 72.75 29.56 -54.10
N GLY C 799 71.68 30.35 -53.93
CA GLY C 799 70.61 30.39 -54.90
C GLY C 799 69.28 29.84 -54.43
N PHE C 800 69.16 29.46 -53.17
CA PHE C 800 67.89 28.96 -52.67
C PHE C 800 67.06 30.11 -52.11
N ASN C 801 65.76 29.89 -52.03
CA ASN C 801 64.81 30.95 -51.68
C ASN C 801 63.93 30.43 -50.55
N PHE C 802 64.19 30.91 -49.33
CA PHE C 802 63.44 30.47 -48.16
C PHE C 802 62.42 31.51 -47.72
N SER C 803 62.07 32.46 -48.58
CA SER C 803 61.16 33.52 -48.19
C SER C 803 59.75 32.99 -47.94
N GLN C 804 59.44 31.80 -48.44
CA GLN C 804 58.11 31.24 -48.27
C GLN C 804 57.92 30.55 -46.93
N ILE C 805 58.98 30.37 -46.14
CA ILE C 805 58.84 29.74 -44.83
C ILE C 805 59.43 30.57 -43.71
N LEU C 806 60.39 31.45 -43.97
CA LEU C 806 60.88 32.33 -42.93
C LEU C 806 59.83 33.38 -42.56
N PRO C 807 59.84 33.85 -41.32
CA PRO C 807 58.84 34.84 -40.91
C PRO C 807 59.01 36.16 -41.63
N ASP C 808 57.94 36.97 -41.60
CA ASP C 808 58.00 38.34 -42.06
C ASP C 808 57.42 39.28 -41.00
N PRO C 809 58.07 40.41 -40.75
CA PRO C 809 57.68 41.28 -39.63
C PRO C 809 56.40 42.06 -39.86
N SER C 810 55.72 41.89 -40.99
CA SER C 810 54.63 42.77 -41.37
C SER C 810 53.30 42.37 -40.76
N LYS C 811 53.31 41.63 -39.66
CA LYS C 811 52.07 41.24 -38.99
C LYS C 811 52.19 41.40 -37.48
N SER C 813 51.30 38.98 -35.20
CA SER C 813 51.38 37.57 -35.57
C SER C 813 52.52 37.35 -36.54
N LYS C 814 53.75 37.33 -36.02
CA LYS C 814 54.94 37.25 -36.86
C LYS C 814 55.13 35.83 -37.41
N ARG C 815 54.13 35.37 -38.15
CA ARG C 815 54.14 34.03 -38.73
C ARG C 815 54.64 34.11 -40.15
N SER C 816 54.73 32.95 -40.79
CA SER C 816 55.18 32.88 -42.17
C SER C 816 54.00 32.54 -43.07
N PHE C 817 54.29 32.47 -44.37
CA PHE C 817 53.24 32.33 -45.37
C PHE C 817 52.51 31.01 -45.21
N ILE C 818 53.26 29.90 -45.21
CA ILE C 818 52.62 28.59 -45.11
C ILE C 818 51.97 28.41 -43.75
N GLU C 819 52.53 29.00 -42.70
CA GLU C 819 51.85 28.99 -41.40
C GLU C 819 50.51 29.71 -41.50
N ASP C 820 50.45 30.77 -42.29
CA ASP C 820 49.20 31.48 -42.49
C ASP C 820 48.18 30.60 -43.20
N LEU C 821 48.59 30.02 -44.32
CA LEU C 821 47.71 29.12 -45.06
C LEU C 821 47.18 28.01 -44.16
N LEU C 822 48.02 27.50 -43.27
CA LEU C 822 47.57 26.43 -42.37
C LEU C 822 46.59 26.96 -41.34
N PHE C 823 46.86 28.13 -40.77
CA PHE C 823 45.95 28.63 -39.75
C PHE C 823 44.62 29.04 -40.34
N ASN C 824 44.57 29.31 -41.64
CA ASN C 824 43.30 29.64 -42.28
C ASN C 824 42.56 28.42 -42.80
N LYS C 825 43.26 27.32 -43.09
CA LYS C 825 42.57 26.13 -43.59
C LYS C 825 41.90 25.32 -42.49
N VAL C 826 41.92 25.78 -41.25
CA VAL C 826 41.27 25.09 -40.14
C VAL C 826 40.20 26.00 -39.57
N THR C 827 38.98 25.47 -39.45
CA THR C 827 37.83 26.26 -39.05
C THR C 827 36.97 25.48 -38.05
N LYS C 854 27.97 25.78 -21.79
CA LYS C 854 28.94 26.73 -21.30
C LYS C 854 28.51 27.22 -19.93
N PHE C 855 27.38 26.68 -19.47
CA PHE C 855 26.70 27.20 -18.30
C PHE C 855 26.88 26.33 -17.07
N ASN C 856 27.58 25.20 -17.18
CA ASN C 856 27.48 24.13 -16.19
C ASN C 856 28.85 23.62 -15.80
N GLY C 857 29.76 24.53 -15.47
CA GLY C 857 31.11 24.14 -15.13
C GLY C 857 31.98 23.78 -16.32
N LEU C 858 31.45 23.88 -17.53
CA LEU C 858 32.19 23.54 -18.74
C LEU C 858 33.20 24.64 -19.07
N THR C 859 34.25 24.69 -18.28
CA THR C 859 35.32 25.65 -18.52
C THR C 859 36.32 25.08 -19.53
N VAL C 860 36.88 25.97 -20.34
CA VAL C 860 37.90 25.62 -21.33
C VAL C 860 39.14 26.43 -20.98
N LEU C 861 40.10 25.79 -20.33
CA LEU C 861 41.31 26.49 -19.92
C LEU C 861 42.09 26.96 -21.14
N PRO C 862 42.93 27.98 -20.99
CA PRO C 862 43.73 28.45 -22.11
C PRO C 862 45.08 27.74 -22.15
N PRO C 863 45.66 27.59 -23.34
CA PRO C 863 46.96 26.91 -23.43
C PRO C 863 48.08 27.79 -22.92
N LEU C 864 49.05 27.16 -22.27
CA LEU C 864 50.13 27.90 -21.63
C LEU C 864 51.01 28.62 -22.65
N LEU C 865 51.26 28.00 -23.79
CA LEU C 865 52.11 28.58 -24.84
C LEU C 865 51.25 29.20 -25.93
N THR C 866 51.34 30.51 -26.08
CA THR C 866 50.54 31.17 -27.09
C THR C 866 51.22 31.11 -28.46
N ASP C 867 50.37 31.20 -29.48
CA ASP C 867 50.80 30.94 -30.85
C ASP C 867 52.00 31.77 -31.26
N GLU C 868 52.14 32.99 -30.73
CA GLU C 868 53.32 33.78 -31.04
C GLU C 868 54.58 33.13 -30.51
N MET C 869 54.51 32.53 -29.32
CA MET C 869 55.68 31.89 -28.77
C MET C 869 55.99 30.59 -29.50
N ILE C 870 54.95 29.88 -29.94
CA ILE C 870 55.17 28.73 -30.79
C ILE C 870 55.86 29.14 -32.09
N ALA C 871 55.39 30.21 -32.71
CA ALA C 871 56.01 30.70 -33.94
C ALA C 871 57.46 31.08 -33.71
N GLN C 872 57.76 31.64 -32.53
CA GLN C 872 59.14 32.00 -32.24
C GLN C 872 60.01 30.76 -32.12
N TYR C 873 59.51 29.73 -31.44
CA TYR C 873 60.22 28.46 -31.37
C TYR C 873 60.54 27.93 -32.75
N THR C 874 59.55 27.87 -33.64
CA THR C 874 59.79 27.27 -34.95
C THR C 874 60.70 28.14 -35.80
N SER C 875 60.60 29.47 -35.68
CA SER C 875 61.56 30.32 -36.39
C SER C 875 62.97 30.10 -35.88
N ALA C 876 63.12 29.84 -34.58
CA ALA C 876 64.45 29.57 -34.05
C ALA C 876 65.03 28.30 -34.64
N LEU C 877 64.24 27.22 -34.62
CA LEU C 877 64.73 25.96 -35.17
C LEU C 877 65.06 26.11 -36.65
N LEU C 878 64.24 26.83 -37.39
CA LEU C 878 64.47 26.96 -38.83
C LEU C 878 65.72 27.77 -39.13
N ALA C 879 65.92 28.88 -38.43
CA ALA C 879 67.13 29.68 -38.65
C ALA C 879 68.37 28.91 -38.24
N GLY C 880 68.27 28.11 -37.17
CA GLY C 880 69.40 27.30 -36.77
C GLY C 880 69.75 26.28 -37.84
N THR C 881 68.74 25.58 -38.37
CA THR C 881 68.99 24.58 -39.39
C THR C 881 69.60 25.20 -40.64
N ILE C 882 69.17 26.41 -40.99
CA ILE C 882 69.68 27.02 -42.20
C ILE C 882 71.13 27.46 -42.00
N THR C 883 71.44 28.09 -40.88
CA THR C 883 72.75 28.71 -40.74
C THR C 883 73.82 27.82 -40.13
N SER C 884 73.47 26.69 -39.51
CA SER C 884 74.49 25.96 -38.76
C SER C 884 74.44 24.45 -38.99
N GLY C 885 73.59 23.96 -39.89
CA GLY C 885 73.59 22.53 -40.10
C GLY C 885 73.00 21.81 -38.92
N TRP C 886 73.54 20.63 -38.63
CA TRP C 886 73.11 19.88 -37.46
C TRP C 886 73.86 20.27 -36.20
N THR C 887 75.00 20.95 -36.33
CA THR C 887 75.88 21.17 -35.17
C THR C 887 75.16 21.88 -34.04
N PHE C 888 74.17 22.71 -34.35
CA PHE C 888 73.51 23.45 -33.29
C PHE C 888 72.65 22.57 -32.39
N GLY C 889 72.54 21.29 -32.71
CA GLY C 889 71.79 20.37 -31.88
C GLY C 889 72.73 19.55 -31.02
N ALA C 890 74.03 19.66 -31.29
CA ALA C 890 75.03 18.94 -30.53
C ALA C 890 75.76 19.84 -29.54
N GLY C 891 75.56 21.15 -29.60
CA GLY C 891 76.25 22.07 -28.73
C GLY C 891 76.11 23.50 -29.21
N ALA C 892 77.23 24.21 -29.31
CA ALA C 892 77.20 25.58 -29.79
C ALA C 892 77.09 25.61 -31.30
N ALA C 893 76.23 26.51 -31.81
CA ALA C 893 76.02 26.60 -33.24
C ALA C 893 77.27 27.14 -33.93
N LEU C 894 77.71 26.45 -34.98
CA LEU C 894 78.87 26.84 -35.76
C LEU C 894 78.42 27.11 -37.19
N GLN C 895 78.59 28.34 -37.64
CA GLN C 895 78.11 28.71 -38.97
C GLN C 895 78.92 28.01 -40.05
N ILE C 896 78.30 27.83 -41.20
CA ILE C 896 78.92 27.13 -42.33
C ILE C 896 78.14 27.40 -43.60
N PRO C 897 78.80 27.76 -44.70
CA PRO C 897 78.07 28.14 -45.93
C PRO C 897 77.11 27.04 -46.38
N PHE C 898 75.92 27.46 -46.78
CA PHE C 898 74.86 26.52 -47.09
C PHE C 898 75.25 25.55 -48.18
N ALA C 899 75.95 26.03 -49.22
CA ALA C 899 76.37 25.12 -50.28
C ALA C 899 77.20 23.98 -49.72
N MET C 900 78.13 24.30 -48.83
CA MET C 900 78.96 23.25 -48.24
C MET C 900 78.12 22.36 -47.34
N GLN C 901 77.10 22.92 -46.70
CA GLN C 901 76.26 22.07 -45.86
C GLN C 901 75.52 21.05 -46.70
N MET C 902 74.98 21.48 -47.84
CA MET C 902 74.35 20.52 -48.74
C MET C 902 75.35 19.54 -49.31
N ALA C 903 76.61 19.96 -49.46
CA ALA C 903 77.64 19.02 -49.88
C ALA C 903 77.78 17.90 -48.86
N TYR C 904 77.81 18.24 -47.56
CA TYR C 904 77.90 17.21 -46.54
C TYR C 904 76.67 16.32 -46.56
N ARG C 905 75.49 16.94 -46.68
CA ARG C 905 74.25 16.17 -46.68
C ARG C 905 74.24 15.16 -47.81
N PHE C 906 74.68 15.59 -48.99
CA PHE C 906 74.83 14.68 -50.12
C PHE C 906 75.80 13.57 -49.76
N ASN C 907 77.05 13.92 -49.46
CA ASN C 907 78.07 12.93 -49.18
C ASN C 907 77.63 11.92 -48.14
N GLY C 908 76.60 12.26 -47.35
CA GLY C 908 76.07 11.31 -46.38
C GLY C 908 75.27 10.16 -46.99
N ILE C 909 74.73 10.33 -48.19
CA ILE C 909 73.94 9.29 -48.81
C ILE C 909 74.69 8.58 -49.93
N GLY C 910 76.01 8.72 -49.97
CA GLY C 910 76.80 8.02 -50.96
C GLY C 910 76.78 8.63 -52.33
N VAL C 911 76.88 9.95 -52.43
CA VAL C 911 77.00 10.66 -53.70
C VAL C 911 78.05 11.74 -53.52
N THR C 912 79.17 11.61 -54.21
CA THR C 912 80.30 12.50 -53.98
C THR C 912 79.90 13.97 -54.19
N GLN C 913 80.70 14.85 -53.60
CA GLN C 913 80.35 16.27 -53.52
C GLN C 913 80.31 16.93 -54.88
N ASN C 914 81.19 16.51 -55.79
CA ASN C 914 81.32 17.18 -57.07
C ASN C 914 80.01 17.18 -57.85
N VAL C 915 79.13 16.20 -57.61
CA VAL C 915 77.83 16.22 -58.25
C VAL C 915 77.05 17.46 -57.85
N LEU C 916 77.08 17.81 -56.56
CA LEU C 916 76.37 19.00 -56.11
C LEU C 916 77.06 20.24 -56.65
N TYR C 917 78.38 20.31 -56.46
CA TYR C 917 79.08 21.53 -56.84
C TYR C 917 78.91 21.82 -58.32
N GLU C 918 78.85 20.78 -59.14
CA GLU C 918 78.61 20.94 -60.57
C GLU C 918 77.15 21.21 -60.92
N ASN C 919 76.19 20.85 -60.07
CA ASN C 919 74.77 21.01 -60.43
C ASN C 919 74.03 21.96 -59.49
N GLN C 920 74.74 22.94 -58.95
CA GLN C 920 74.17 23.79 -57.90
C GLN C 920 72.94 24.54 -58.37
N LYS C 921 73.00 25.15 -59.56
CA LYS C 921 71.88 25.96 -60.02
C LYS C 921 70.67 25.10 -60.35
N LEU C 922 70.89 23.93 -60.96
CA LEU C 922 69.76 23.06 -61.27
C LEU C 922 69.08 22.60 -59.99
N ILE C 923 69.87 22.25 -58.97
CA ILE C 923 69.27 21.82 -57.71
C ILE C 923 68.50 22.98 -57.08
N ALA C 924 69.05 24.20 -57.16
CA ALA C 924 68.34 25.36 -56.64
C ALA C 924 66.98 25.50 -57.30
N ASN C 925 66.94 25.41 -58.63
CA ASN C 925 65.68 25.58 -59.34
C ASN C 925 64.69 24.50 -58.96
N GLN C 926 65.16 23.26 -58.83
CA GLN C 926 64.24 22.18 -58.47
C GLN C 926 63.65 22.38 -57.09
N PHE C 927 64.48 22.81 -56.14
CA PHE C 927 64.00 23.01 -54.78
C PHE C 927 62.99 24.16 -54.72
N ASN C 928 63.28 25.26 -55.42
CA ASN C 928 62.35 26.38 -55.44
C ASN C 928 61.01 25.97 -56.04
N SER C 929 61.04 25.26 -57.18
CA SER C 929 59.79 24.85 -57.80
C SER C 929 59.00 23.91 -56.90
N ALA C 930 59.69 23.06 -56.13
CA ALA C 930 58.97 22.17 -55.24
C ALA C 930 58.29 22.94 -54.13
N ILE C 931 58.99 23.91 -53.55
CA ILE C 931 58.35 24.78 -52.55
C ILE C 931 57.10 25.44 -53.13
N GLY C 932 57.20 25.93 -54.36
CA GLY C 932 56.04 26.55 -54.98
C GLY C 932 54.88 25.59 -55.12
N LYS C 933 55.17 24.35 -55.50
CA LYS C 933 54.11 23.35 -55.63
C LYS C 933 53.45 23.08 -54.29
N ILE C 934 54.24 23.10 -53.21
CA ILE C 934 53.66 22.93 -51.88
C ILE C 934 52.70 24.06 -51.56
N GLN C 935 53.14 25.31 -51.82
CA GLN C 935 52.26 26.44 -51.58
C GLN C 935 50.94 26.24 -52.32
N ASP C 936 51.02 25.86 -53.59
CA ASP C 936 49.80 25.71 -54.37
C ASP C 936 48.92 24.60 -53.81
N SER C 937 49.50 23.44 -53.54
CA SER C 937 48.71 22.33 -53.02
C SER C 937 47.97 22.71 -51.74
N LEU C 938 48.65 23.38 -50.81
CA LEU C 938 47.97 23.76 -49.57
C LEU C 938 46.94 24.85 -49.83
N SER C 939 47.29 25.87 -50.61
CA SER C 939 46.40 27.00 -50.81
C SER C 939 45.15 26.56 -51.57
N SER C 940 45.24 25.49 -52.36
CA SER C 940 44.15 25.06 -53.22
C SER C 940 43.29 24.01 -52.53
N THR C 941 43.85 22.87 -52.16
CA THR C 941 43.06 21.88 -51.46
C THR C 941 43.27 21.99 -49.96
N ALA C 942 42.22 21.72 -49.20
CA ALA C 942 42.25 21.81 -47.75
C ALA C 942 41.95 20.50 -47.05
N SER C 943 41.57 19.45 -47.78
CA SER C 943 41.26 18.13 -47.26
C SER C 943 42.48 17.34 -46.82
N ALA C 944 43.65 17.99 -46.83
CA ALA C 944 44.87 17.38 -46.30
C ALA C 944 44.93 17.42 -44.77
N LEU C 945 44.31 18.41 -44.13
CA LEU C 945 44.37 18.60 -42.69
C LEU C 945 43.28 17.84 -41.95
N GLY C 946 42.84 16.70 -42.51
CA GLY C 946 41.81 15.92 -41.87
C GLY C 946 42.15 15.48 -40.46
N LYS C 947 43.43 15.29 -40.16
CA LYS C 947 43.82 14.75 -38.86
C LYS C 947 43.50 15.74 -37.75
N LEU C 948 43.89 16.99 -37.94
CA LEU C 948 43.61 18.03 -36.96
C LEU C 948 42.11 18.30 -36.94
N GLN C 949 41.50 18.36 -38.11
CA GLN C 949 40.06 18.59 -38.14
C GLN C 949 39.36 17.50 -37.34
N ASP C 950 39.91 16.28 -37.38
CA ASP C 950 39.31 15.15 -36.68
C ASP C 950 39.42 15.30 -35.17
N VAL C 951 40.58 15.75 -34.67
CA VAL C 951 40.67 15.93 -33.23
C VAL C 951 39.65 16.98 -32.77
N VAL C 952 39.56 18.10 -33.50
CA VAL C 952 38.64 19.16 -33.09
C VAL C 952 37.21 18.66 -33.12
N ASN C 953 36.83 17.96 -34.19
CA ASN C 953 35.46 17.48 -34.33
C ASN C 953 35.10 16.47 -33.25
N GLN C 954 36.02 15.57 -32.93
CA GLN C 954 35.74 14.57 -31.92
C GLN C 954 35.48 15.21 -30.57
N ASN C 955 36.29 16.21 -30.20
CA ASN C 955 36.05 16.82 -28.90
C ASN C 955 34.75 17.62 -28.90
N ALA C 956 34.44 18.28 -30.02
CA ALA C 956 33.18 19.02 -30.08
C ALA C 956 31.99 18.08 -29.89
N GLN C 957 32.01 16.92 -30.55
CA GLN C 957 30.89 16.00 -30.44
C GLN C 957 30.77 15.45 -29.03
N ALA C 958 31.90 15.20 -28.37
CA ALA C 958 31.83 14.71 -26.99
C ALA C 958 31.17 15.74 -26.09
N LEU C 959 31.58 17.00 -26.21
CA LEU C 959 30.98 18.05 -25.39
C LEU C 959 29.48 18.18 -25.67
N ASN C 960 29.09 18.11 -26.94
CA ASN C 960 27.69 18.31 -27.26
C ASN C 960 26.82 17.18 -26.71
N THR C 961 27.32 15.95 -26.78
CA THR C 961 26.56 14.86 -26.18
C THR C 961 26.46 15.03 -24.66
N LEU C 962 27.57 15.42 -24.03
CA LEU C 962 27.55 15.61 -22.59
C LEU C 962 26.49 16.63 -22.20
N VAL C 963 26.39 17.72 -22.95
CA VAL C 963 25.40 18.74 -22.62
C VAL C 963 24.00 18.23 -22.86
N LYS C 964 23.76 17.62 -24.03
CA LYS C 964 22.41 17.13 -24.32
C LYS C 964 21.95 16.02 -23.40
N GLN C 965 22.84 15.42 -22.61
CA GLN C 965 22.36 14.49 -21.60
C GLN C 965 21.55 15.18 -20.50
N LEU C 966 21.63 16.51 -20.38
CA LEU C 966 20.88 17.20 -19.34
C LEU C 966 19.38 17.12 -19.56
N SER C 967 18.93 16.93 -20.80
CA SER C 967 17.51 16.93 -21.13
C SER C 967 16.87 15.54 -21.09
N SER C 968 17.40 14.63 -20.29
CA SER C 968 16.84 13.29 -20.21
C SER C 968 16.33 13.00 -18.80
N ASN C 969 15.29 12.17 -18.73
CA ASN C 969 14.57 11.91 -17.49
C ASN C 969 15.15 10.75 -16.70
N PHE C 970 15.77 9.79 -17.39
CA PHE C 970 16.34 8.59 -16.77
C PHE C 970 15.32 7.81 -15.96
N GLY C 971 14.03 7.96 -16.27
CA GLY C 971 12.99 7.28 -15.53
C GLY C 971 12.40 8.09 -14.39
N ALA C 972 12.71 9.38 -14.29
CA ALA C 972 12.13 10.23 -13.26
C ALA C 972 10.93 10.97 -13.83
N ILE C 973 10.42 11.93 -13.06
CA ILE C 973 9.21 12.64 -13.47
C ILE C 973 9.52 13.72 -14.50
N SER C 974 10.33 14.70 -14.13
CA SER C 974 10.67 15.81 -15.01
C SER C 974 12.16 16.08 -14.97
N SER C 975 12.69 16.49 -16.13
CA SER C 975 14.12 16.71 -16.25
C SER C 975 14.60 17.94 -15.51
N VAL C 976 13.71 18.73 -14.93
CA VAL C 976 14.06 19.93 -14.18
C VAL C 976 14.03 19.59 -12.70
N LEU C 977 15.00 20.10 -11.95
CA LEU C 977 15.11 19.76 -10.54
C LEU C 977 14.10 20.54 -9.71
N ASN C 978 14.15 21.88 -9.80
CA ASN C 978 13.19 22.71 -9.09
C ASN C 978 11.76 22.31 -9.40
N ASP C 979 11.51 21.86 -10.63
CA ASP C 979 10.16 21.45 -11.00
C ASP C 979 9.68 20.29 -10.15
N ILE C 980 10.53 19.29 -9.90
CA ILE C 980 10.11 18.19 -9.05
C ILE C 980 10.02 18.65 -7.61
N LEU C 981 10.94 19.53 -7.20
CA LEU C 981 10.92 20.02 -5.82
C LEU C 981 9.63 20.76 -5.52
N SER C 982 9.10 21.49 -6.50
CA SER C 982 7.85 22.19 -6.29
C SER C 982 6.66 21.25 -6.44
N ARG C 983 6.62 20.49 -7.54
CA ARG C 983 5.42 19.63 -7.80
C ARG C 983 5.36 18.47 -6.81
N LEU C 984 6.40 17.63 -6.74
CA LEU C 984 6.36 16.43 -5.86
C LEU C 984 6.75 16.79 -4.43
N ASP C 985 6.24 16.05 -3.46
CA ASP C 985 6.58 16.30 -2.03
C ASP C 985 8.02 15.87 -1.79
N PRO C 986 8.78 16.51 -0.86
CA PRO C 986 10.15 16.08 -0.54
C PRO C 986 10.44 14.57 -0.47
N PRO C 987 9.66 13.70 0.24
CA PRO C 987 9.91 12.24 0.19
C PRO C 987 9.95 11.68 -1.23
N GLU C 988 9.00 12.08 -2.08
CA GLU C 988 8.96 11.60 -3.49
C GLU C 988 10.09 12.28 -4.26
N ALA C 989 10.30 13.59 -4.04
CA ALA C 989 11.37 14.31 -4.69
C ALA C 989 12.71 13.64 -4.41
N GLU C 990 12.85 13.03 -3.23
CA GLU C 990 14.09 12.33 -2.92
C GLU C 990 14.34 11.19 -3.92
N VAL C 991 13.31 10.38 -4.19
CA VAL C 991 13.48 9.25 -5.10
C VAL C 991 13.73 9.74 -6.51
N GLN C 992 12.90 10.70 -6.97
CA GLN C 992 13.07 11.23 -8.33
C GLN C 992 14.46 11.83 -8.52
N ILE C 993 14.89 12.65 -7.55
CA ILE C 993 16.24 13.21 -7.57
C ILE C 993 17.26 12.09 -7.70
N ASP C 994 17.24 11.15 -6.74
CA ASP C 994 18.21 10.04 -6.76
C ASP C 994 18.30 9.38 -8.13
N ARG C 995 17.17 9.22 -8.82
CA ARG C 995 17.23 8.69 -10.18
C ARG C 995 18.00 9.63 -11.11
N LEU C 996 17.68 10.93 -11.06
CA LEU C 996 18.35 11.88 -11.94
C LEU C 996 19.85 11.92 -11.66
N ILE C 997 20.23 11.85 -10.39
CA ILE C 997 21.63 11.88 -9.99
C ILE C 997 22.36 10.65 -10.53
N THR C 998 21.77 9.47 -10.36
CA THR C 998 22.39 8.27 -10.90
C THR C 998 22.63 8.40 -12.40
N GLY C 999 21.62 8.88 -13.12
CA GLY C 999 21.75 8.99 -14.57
C GLY C 999 22.86 9.95 -14.98
N ARG C 1000 22.83 11.15 -14.42
CA ARG C 1000 23.82 12.15 -14.83
C ARG C 1000 25.23 11.74 -14.42
N LEU C 1001 25.37 11.08 -13.26
CA LEU C 1001 26.69 10.64 -12.83
C LEU C 1001 27.24 9.57 -13.77
N GLN C 1002 26.40 8.62 -14.18
CA GLN C 1002 26.87 7.59 -15.10
C GLN C 1002 27.30 8.21 -16.43
N SER C 1003 26.52 9.17 -16.94
CA SER C 1003 26.90 9.82 -18.19
C SER C 1003 28.23 10.55 -18.05
N LEU C 1004 28.45 11.20 -16.91
CA LEU C 1004 29.70 11.93 -16.72
C LEU C 1004 30.89 10.99 -16.68
N GLN C 1005 30.75 9.85 -15.99
CA GLN C 1005 31.86 8.89 -15.96
C GLN C 1005 32.16 8.38 -17.37
N THR C 1006 31.13 8.14 -18.17
CA THR C 1006 31.38 7.69 -19.54
C THR C 1006 32.18 8.73 -20.32
N TYR C 1007 31.83 10.01 -20.17
CA TYR C 1007 32.56 11.04 -20.88
C TYR C 1007 34.02 11.10 -20.43
N VAL C 1008 34.26 11.00 -19.13
CA VAL C 1008 35.63 11.12 -18.66
C VAL C 1008 36.47 9.94 -19.11
N THR C 1009 35.88 8.76 -19.23
CA THR C 1009 36.66 7.62 -19.73
C THR C 1009 37.00 7.79 -21.20
N GLN C 1010 36.05 8.27 -22.00
CA GLN C 1010 36.36 8.60 -23.39
C GLN C 1010 37.54 9.57 -23.47
N GLN C 1011 37.55 10.58 -22.61
CA GLN C 1011 38.62 11.56 -22.68
C GLN C 1011 39.95 10.95 -22.29
N LEU C 1012 39.96 10.07 -21.29
CA LEU C 1012 41.21 9.44 -20.89
C LEU C 1012 41.82 8.65 -22.04
N ILE C 1013 41.00 7.87 -22.74
CA ILE C 1013 41.55 7.07 -23.82
C ILE C 1013 42.06 7.96 -24.95
N ARG C 1014 41.27 8.97 -25.34
CA ARG C 1014 41.73 9.81 -26.43
C ARG C 1014 43.00 10.57 -26.07
N ALA C 1015 43.16 10.93 -24.80
CA ALA C 1015 44.38 11.63 -24.42
C ALA C 1015 45.58 10.71 -24.44
N ALA C 1016 45.40 9.43 -24.08
CA ALA C 1016 46.50 8.48 -24.23
C ALA C 1016 46.94 8.38 -25.69
N GLU C 1017 45.98 8.35 -26.61
CA GLU C 1017 46.34 8.27 -28.02
C GLU C 1017 47.08 9.52 -28.50
N ILE C 1018 46.59 10.70 -28.11
CA ILE C 1018 47.27 11.91 -28.53
C ILE C 1018 48.67 12.00 -27.93
N ARG C 1019 48.86 11.50 -26.72
CA ARG C 1019 50.22 11.52 -26.18
C ARG C 1019 51.14 10.58 -26.95
N ALA C 1020 50.61 9.46 -27.42
CA ALA C 1020 51.41 8.60 -28.28
C ALA C 1020 51.86 9.36 -29.53
N SER C 1021 50.92 10.03 -30.19
CA SER C 1021 51.30 10.75 -31.40
C SER C 1021 52.23 11.92 -31.11
N ALA C 1022 52.17 12.47 -29.90
CA ALA C 1022 53.06 13.58 -29.57
C ALA C 1022 54.48 13.09 -29.33
N ASN C 1023 54.63 11.95 -28.65
CA ASN C 1023 55.96 11.36 -28.53
C ASN C 1023 56.54 11.05 -29.90
N LEU C 1024 55.70 10.56 -30.82
CA LEU C 1024 56.20 10.30 -32.16
C LEU C 1024 56.66 11.58 -32.84
N ALA C 1025 55.91 12.67 -32.68
CA ALA C 1025 56.32 13.92 -33.31
C ALA C 1025 57.62 14.44 -32.70
N ALA C 1026 57.80 14.29 -31.38
CA ALA C 1026 59.04 14.75 -30.77
C ALA C 1026 60.23 13.97 -31.29
N THR C 1027 60.09 12.64 -31.38
CA THR C 1027 61.15 11.84 -31.96
C THR C 1027 61.45 12.25 -33.39
N LYS C 1028 60.40 12.51 -34.17
CA LYS C 1028 60.63 12.82 -35.57
C LYS C 1028 61.30 14.16 -35.74
N MET C 1029 61.03 15.11 -34.84
CA MET C 1029 61.69 16.40 -35.00
C MET C 1029 63.14 16.32 -34.55
N SER C 1030 63.40 15.56 -33.49
CA SER C 1030 64.76 15.49 -33.00
C SER C 1030 65.67 14.69 -33.93
N GLU C 1031 65.14 13.67 -34.59
CA GLU C 1031 65.99 12.87 -35.46
C GLU C 1031 65.97 13.34 -36.90
N CYS C 1032 64.97 14.13 -37.31
CA CYS C 1032 64.79 14.45 -38.71
C CYS C 1032 65.08 15.90 -39.04
N VAL C 1033 64.99 16.81 -38.07
CA VAL C 1033 65.40 18.20 -38.31
C VAL C 1033 66.81 18.41 -37.80
N LEU C 1034 67.01 18.24 -36.50
CA LEU C 1034 68.30 18.48 -35.85
C LEU C 1034 69.41 17.58 -36.38
N GLY C 1035 69.10 16.72 -37.34
CA GLY C 1035 70.11 15.88 -37.94
C GLY C 1035 69.56 15.20 -39.18
N GLN C 1036 70.43 14.45 -39.84
CA GLN C 1036 70.05 13.71 -41.04
C GLN C 1036 69.93 12.23 -40.69
N SER C 1037 68.81 11.63 -41.07
CA SER C 1037 68.52 10.25 -40.69
C SER C 1037 68.76 9.29 -41.85
N LYS C 1038 68.95 8.01 -41.50
CA LYS C 1038 69.07 6.94 -42.48
C LYS C 1038 68.05 5.83 -42.24
N ARG C 1039 66.94 6.13 -41.60
CA ARG C 1039 65.89 5.15 -41.41
C ARG C 1039 64.91 5.28 -42.56
N VAL C 1040 64.77 4.21 -43.34
CA VAL C 1040 64.03 4.31 -44.59
C VAL C 1040 62.59 4.66 -44.31
N ASP C 1041 62.03 5.54 -45.15
CA ASP C 1041 60.63 5.98 -45.09
C ASP C 1041 60.26 6.59 -43.74
N PHE C 1042 61.21 6.78 -42.84
CA PHE C 1042 60.91 7.45 -41.59
C PHE C 1042 60.81 8.95 -41.78
N CYS C 1043 61.42 9.48 -42.84
CA CYS C 1043 61.46 10.90 -43.12
C CYS C 1043 61.10 11.15 -44.58
N GLY C 1044 60.02 10.52 -45.04
CA GLY C 1044 59.53 10.74 -46.38
C GLY C 1044 60.17 9.83 -47.42
N LYS C 1045 59.37 9.40 -48.39
CA LYS C 1045 59.82 8.41 -49.38
C LYS C 1045 60.99 8.96 -50.19
N GLY C 1046 62.15 8.36 -50.03
CA GLY C 1046 63.34 8.71 -50.77
C GLY C 1046 64.52 8.89 -49.83
N TYR C 1047 65.67 9.16 -50.43
CA TYR C 1047 66.83 9.51 -49.61
C TYR C 1047 66.59 10.83 -48.90
N HIS C 1048 66.98 10.92 -47.63
CA HIS C 1048 66.63 12.07 -46.81
C HIS C 1048 67.76 13.10 -46.84
N LEU C 1049 67.42 14.36 -47.08
CA LEU C 1049 68.40 15.42 -47.08
C LEU C 1049 68.29 16.35 -45.88
N MET C 1050 67.09 16.85 -45.59
CA MET C 1050 66.81 17.61 -44.38
C MET C 1050 65.30 17.78 -44.29
N SER C 1051 64.85 18.61 -43.35
CA SER C 1051 63.43 18.91 -43.21
C SER C 1051 63.28 20.23 -42.47
N PHE C 1052 62.13 20.86 -42.66
CA PHE C 1052 61.82 22.13 -42.02
C PHE C 1052 60.47 22.02 -41.33
N PRO C 1053 60.36 22.46 -40.08
CA PRO C 1053 59.09 22.37 -39.37
C PRO C 1053 58.24 23.61 -39.59
N GLN C 1054 56.93 23.44 -39.36
CA GLN C 1054 55.98 24.54 -39.42
C GLN C 1054 54.91 24.32 -38.37
N SER C 1055 54.53 25.39 -37.67
CA SER C 1055 53.48 25.24 -36.68
C SER C 1055 52.14 25.10 -37.38
N ALA C 1056 51.14 24.64 -36.62
CA ALA C 1056 49.78 24.58 -37.12
C ALA C 1056 48.83 24.42 -35.95
N PRO C 1057 47.60 24.90 -36.06
CA PRO C 1057 46.70 24.89 -34.89
C PRO C 1057 46.53 23.50 -34.30
N HIS C 1058 47.05 23.29 -33.09
CA HIS C 1058 47.06 21.99 -32.44
C HIS C 1058 47.77 20.94 -33.30
N GLY C 1059 49.04 21.19 -33.59
CA GLY C 1059 49.82 20.20 -34.32
C GLY C 1059 50.97 20.83 -35.06
N VAL C 1060 51.78 19.96 -35.66
CA VAL C 1060 52.99 20.36 -36.37
C VAL C 1060 52.96 19.77 -37.76
N VAL C 1061 53.73 20.38 -38.67
CA VAL C 1061 53.75 20.00 -40.07
C VAL C 1061 55.19 20.07 -40.57
N PHE C 1062 55.75 18.94 -40.98
CA PHE C 1062 57.10 18.86 -41.50
C PHE C 1062 57.11 18.89 -43.02
N LEU C 1063 58.20 19.43 -43.57
CA LEU C 1063 58.49 19.42 -45.01
C LEU C 1063 59.76 18.60 -45.26
N HIS C 1064 59.58 17.31 -45.50
CA HIS C 1064 60.68 16.37 -45.73
C HIS C 1064 61.29 16.56 -47.11
N VAL C 1065 62.45 17.19 -47.16
CA VAL C 1065 63.23 17.34 -48.38
C VAL C 1065 63.97 16.04 -48.69
N THR C 1066 63.61 15.40 -49.79
CA THR C 1066 64.20 14.11 -50.16
C THR C 1066 64.80 14.17 -51.56
N TYR C 1067 65.58 13.13 -51.85
CA TYR C 1067 66.37 12.99 -53.08
C TYR C 1067 65.97 11.67 -53.73
N VAL C 1068 65.58 11.72 -55.01
CA VAL C 1068 65.05 10.57 -55.71
C VAL C 1068 65.80 10.37 -57.02
N PRO C 1069 66.43 9.22 -57.24
CA PRO C 1069 67.13 9.00 -58.52
C PRO C 1069 66.11 8.88 -59.66
N ALA C 1070 66.52 9.32 -60.85
CA ALA C 1070 65.56 9.66 -61.90
C ALA C 1070 65.54 8.69 -63.08
N GLN C 1071 66.64 8.54 -63.82
CA GLN C 1071 66.57 7.81 -65.08
C GLN C 1071 67.82 6.98 -65.30
N GLU C 1072 67.63 5.69 -65.54
CA GLU C 1072 68.68 4.69 -65.46
C GLU C 1072 69.08 4.18 -66.85
N LYS C 1073 70.10 3.33 -66.85
CA LYS C 1073 70.62 2.73 -68.07
C LYS C 1073 71.02 1.29 -67.77
N ASN C 1074 70.81 0.41 -68.75
CA ASN C 1074 71.05 -1.03 -68.64
C ASN C 1074 72.52 -1.36 -68.96
N PHE C 1075 73.38 -1.21 -67.98
CA PHE C 1075 74.77 -1.57 -68.17
C PHE C 1075 75.01 -3.05 -67.86
N THR C 1076 76.15 -3.54 -68.34
CA THR C 1076 76.61 -4.91 -68.08
C THR C 1076 77.72 -4.85 -67.04
N THR C 1077 77.66 -5.74 -66.05
CA THR C 1077 78.56 -5.72 -64.91
C THR C 1077 79.37 -7.01 -64.80
N ALA C 1078 80.20 -7.06 -63.77
CA ALA C 1078 81.02 -8.21 -63.40
C ALA C 1078 81.62 -7.99 -62.02
N PRO C 1079 81.59 -8.99 -61.15
CA PRO C 1079 81.98 -8.76 -59.75
C PRO C 1079 83.43 -8.35 -59.55
N ALA C 1080 84.35 -8.80 -60.42
CA ALA C 1080 85.76 -8.48 -60.26
C ALA C 1080 86.43 -8.62 -61.61
N ILE C 1081 87.71 -8.24 -61.68
CA ILE C 1081 88.43 -8.43 -62.94
C ILE C 1081 89.80 -9.04 -62.70
N CYS C 1082 90.23 -9.86 -63.67
CA CYS C 1082 91.56 -10.46 -63.69
C CYS C 1082 92.49 -9.62 -64.56
N HIS C 1083 93.67 -9.33 -64.05
CA HIS C 1083 94.72 -8.67 -64.83
C HIS C 1083 95.97 -9.52 -64.98
N ASP C 1084 96.53 -10.00 -63.86
CA ASP C 1084 97.75 -10.81 -63.79
C ASP C 1084 97.55 -12.05 -62.96
N GLY C 1085 96.42 -12.71 -63.11
CA GLY C 1085 96.17 -13.83 -62.24
C GLY C 1085 95.61 -13.44 -60.91
N LYS C 1086 95.67 -12.17 -60.55
CA LYS C 1086 95.15 -11.67 -59.27
C LYS C 1086 93.80 -11.01 -59.49
N ALA C 1087 92.94 -11.14 -58.49
CA ALA C 1087 91.61 -10.55 -58.61
C ALA C 1087 91.66 -9.09 -58.18
N HIS C 1088 90.84 -8.28 -58.84
CA HIS C 1088 90.77 -6.85 -58.58
C HIS C 1088 89.31 -6.51 -58.31
N PHE C 1089 89.04 -6.00 -57.08
CA PHE C 1089 87.71 -5.61 -56.68
C PHE C 1089 87.64 -4.09 -56.52
N PRO C 1090 86.49 -3.48 -56.82
CA PRO C 1090 86.41 -2.02 -56.75
C PRO C 1090 86.38 -1.56 -55.29
N ARG C 1091 87.09 -0.48 -55.01
CA ARG C 1091 87.17 0.03 -53.64
C ARG C 1091 85.79 0.44 -53.15
N GLU C 1092 85.21 1.47 -53.76
CA GLU C 1092 83.86 1.92 -53.43
C GLU C 1092 83.18 2.26 -54.76
N GLY C 1093 82.47 1.28 -55.33
CA GLY C 1093 81.88 1.47 -56.64
C GLY C 1093 81.43 0.14 -57.20
N VAL C 1094 81.34 0.09 -58.53
CA VAL C 1094 80.90 -1.12 -59.21
C VAL C 1094 81.43 -1.09 -60.63
N PHE C 1095 81.76 -2.27 -61.15
CA PHE C 1095 82.35 -2.42 -62.47
C PHE C 1095 81.24 -2.50 -63.51
N VAL C 1096 81.19 -1.52 -64.40
CA VAL C 1096 80.23 -1.52 -65.49
C VAL C 1096 81.00 -1.54 -66.81
N SER C 1097 80.24 -1.71 -67.89
CA SER C 1097 80.86 -1.77 -69.22
C SER C 1097 79.82 -1.40 -70.25
N ASN C 1098 80.14 -0.43 -71.10
CA ASN C 1098 79.23 -0.04 -72.17
C ASN C 1098 79.41 -0.94 -73.39
N GLY C 1099 79.89 -2.16 -73.15
CA GLY C 1099 80.11 -3.13 -74.20
C GLY C 1099 81.47 -3.06 -74.85
N THR C 1100 82.11 -1.90 -74.83
CA THR C 1100 83.42 -1.69 -75.43
C THR C 1100 84.53 -1.66 -74.41
N HIS C 1101 84.35 -0.93 -73.32
CA HIS C 1101 85.39 -0.80 -72.30
C HIS C 1101 84.82 -1.14 -70.93
N TRP C 1102 85.61 -0.94 -69.88
CA TRP C 1102 85.16 -1.20 -68.53
C TRP C 1102 85.48 0.01 -67.67
N PHE C 1103 84.60 0.29 -66.71
CA PHE C 1103 84.80 1.39 -65.80
C PHE C 1103 84.33 1.02 -64.41
N VAL C 1104 84.75 1.81 -63.43
CA VAL C 1104 84.25 1.71 -62.06
C VAL C 1104 83.49 2.99 -61.74
N THR C 1105 82.29 2.84 -61.23
CA THR C 1105 81.43 4.00 -61.00
C THR C 1105 80.71 3.87 -59.66
N GLN C 1106 80.45 5.01 -59.04
CA GLN C 1106 79.72 5.01 -57.78
C GLN C 1106 78.32 4.47 -57.99
N ARG C 1107 77.74 3.92 -56.92
CA ARG C 1107 76.55 3.10 -57.07
C ARG C 1107 75.32 3.90 -57.47
N ASN C 1108 75.27 5.19 -57.12
CA ASN C 1108 74.02 5.93 -57.24
C ASN C 1108 74.04 7.02 -58.32
N PHE C 1109 75.11 7.16 -59.08
CA PHE C 1109 75.12 8.22 -60.09
C PHE C 1109 76.18 7.87 -61.13
N TYR C 1110 75.72 7.52 -62.34
CA TYR C 1110 76.62 7.04 -63.38
C TYR C 1110 77.71 8.06 -63.69
N GLU C 1111 78.96 7.74 -63.33
CA GLU C 1111 80.08 8.65 -63.53
C GLU C 1111 81.33 7.81 -63.79
N PRO C 1112 81.47 7.30 -65.01
CA PRO C 1112 82.49 6.27 -65.27
C PRO C 1112 83.90 6.80 -65.05
N GLN C 1113 84.78 5.89 -64.66
CA GLN C 1113 86.18 6.21 -64.42
C GLN C 1113 87.04 5.11 -65.02
N ILE C 1114 88.23 5.47 -65.46
CA ILE C 1114 89.19 4.46 -65.90
C ILE C 1114 89.56 3.60 -64.71
N ILE C 1115 89.73 2.30 -64.95
CA ILE C 1115 90.05 1.38 -63.87
C ILE C 1115 91.53 1.41 -63.59
N THR C 1116 91.95 2.32 -62.70
CA THR C 1116 93.34 2.36 -62.30
C THR C 1116 93.58 1.30 -61.23
N THR C 1117 94.84 1.16 -60.82
CA THR C 1117 95.14 0.36 -59.65
C THR C 1117 94.92 1.13 -58.35
N ASP C 1118 94.31 2.31 -58.42
CA ASP C 1118 93.93 3.07 -57.24
C ASP C 1118 92.45 3.00 -56.93
N ASN C 1119 91.60 2.95 -57.96
CA ASN C 1119 90.17 2.76 -57.75
C ASN C 1119 89.84 1.40 -57.18
N THR C 1120 90.74 0.43 -57.31
CA THR C 1120 90.48 -0.94 -56.92
C THR C 1120 91.53 -1.42 -55.93
N PHE C 1121 91.27 -2.58 -55.35
CA PHE C 1121 92.22 -3.24 -54.47
C PHE C 1121 92.26 -4.72 -54.82
N VAL C 1122 93.44 -5.29 -54.65
CA VAL C 1122 93.73 -6.63 -55.16
C VAL C 1122 93.40 -7.65 -54.08
N SER C 1123 93.19 -8.89 -54.49
CA SER C 1123 93.05 -10.01 -53.57
C SER C 1123 93.02 -11.31 -54.37
N GLY C 1124 93.40 -12.39 -53.68
CA GLY C 1124 93.35 -13.76 -54.16
C GLY C 1124 93.89 -13.90 -55.56
N ASN C 1125 93.35 -14.89 -56.28
CA ASN C 1125 93.67 -15.07 -57.68
C ASN C 1125 92.42 -15.30 -58.50
N CYS C 1126 92.59 -15.59 -59.79
CA CYS C 1126 91.44 -15.76 -60.68
C CYS C 1126 90.65 -17.03 -60.39
N ASP C 1127 91.16 -17.90 -59.53
CA ASP C 1127 90.65 -19.26 -59.47
C ASP C 1127 89.26 -19.31 -58.85
N VAL C 1128 89.04 -18.61 -57.75
CA VAL C 1128 87.95 -18.96 -56.84
C VAL C 1128 86.67 -18.20 -57.14
N VAL C 1129 86.78 -16.92 -57.51
CA VAL C 1129 85.59 -16.11 -57.70
C VAL C 1129 84.82 -16.57 -58.93
N ILE C 1130 83.51 -16.32 -58.93
CA ILE C 1130 82.62 -16.76 -60.00
C ILE C 1130 82.24 -15.55 -60.85
N GLY C 1131 82.44 -15.66 -62.15
CA GLY C 1131 82.03 -14.63 -63.08
C GLY C 1131 83.04 -13.52 -63.31
N ILE C 1132 84.30 -13.71 -62.91
CA ILE C 1132 85.29 -12.70 -63.16
C ILE C 1132 85.55 -12.60 -64.66
N VAL C 1133 86.11 -11.47 -65.09
CA VAL C 1133 86.37 -11.22 -66.50
C VAL C 1133 87.78 -10.69 -66.67
N ASN C 1134 88.46 -11.17 -67.71
CA ASN C 1134 89.79 -10.68 -68.01
C ASN C 1134 89.71 -9.22 -68.43
N ASN C 1135 90.73 -8.45 -68.06
CA ASN C 1135 90.88 -7.07 -68.53
C ASN C 1135 92.23 -6.54 -68.06
N THR C 1136 92.48 -5.28 -68.35
CA THR C 1136 93.74 -4.61 -68.05
C THR C 1136 93.51 -3.48 -67.05
N VAL C 1137 94.09 -3.60 -65.86
CA VAL C 1137 94.03 -2.54 -64.86
C VAL C 1137 95.20 -1.59 -65.12
N TYR C 1138 94.88 -0.36 -65.49
CA TYR C 1138 95.93 0.63 -65.71
C TYR C 1138 96.68 0.89 -64.42
N ASP C 1139 97.91 1.40 -64.55
CA ASP C 1139 98.76 1.71 -63.41
C ASP C 1139 99.37 3.08 -63.61
N PRO C 1140 99.16 4.03 -62.68
CA PRO C 1140 99.69 5.39 -62.87
C PRO C 1140 101.20 5.47 -62.74
N LEU C 1141 101.87 4.45 -62.18
CA LEU C 1141 103.29 4.57 -61.96
C LEU C 1141 104.12 4.20 -63.18
N GLN C 1142 103.61 3.36 -64.08
CA GLN C 1142 104.38 2.99 -65.27
C GLN C 1142 104.79 4.17 -66.12
N PRO C 1143 103.94 5.19 -66.37
CA PRO C 1143 104.41 6.35 -67.15
C PRO C 1143 105.61 7.03 -66.52
N GLU C 1144 105.49 7.42 -65.25
CA GLU C 1144 106.58 8.13 -64.59
C GLU C 1144 107.82 7.25 -64.50
N LEU C 1145 107.64 5.94 -64.28
CA LEU C 1145 108.79 5.05 -64.20
C LEU C 1145 109.49 4.93 -65.53
N ASP C 1146 108.75 5.02 -66.64
CA ASP C 1146 109.37 5.03 -67.96
C ASP C 1146 110.12 6.34 -68.19
N SER C 1147 109.43 7.46 -67.99
CA SER C 1147 110.05 8.77 -68.17
C SER C 1147 111.11 9.04 -67.12
N GLN D 1 -51.49 -20.93 17.77
CA GLN D 1 -51.86 -21.76 18.90
C GLN D 1 -52.06 -23.21 18.46
N MET D 2 -51.67 -24.15 19.32
CA MET D 2 -51.73 -25.57 18.99
C MET D 2 -53.19 -25.98 18.87
N GLN D 3 -53.65 -26.22 17.65
CA GLN D 3 -55.04 -26.57 17.44
C GLN D 3 -55.24 -27.27 16.09
N LEU D 4 -56.35 -27.99 16.02
CA LEU D 4 -56.88 -28.56 14.78
C LEU D 4 -58.25 -27.94 14.59
N VAL D 5 -58.50 -27.40 13.40
CA VAL D 5 -59.79 -26.79 13.08
C VAL D 5 -60.49 -27.67 12.06
N GLN D 6 -61.70 -28.07 12.35
CA GLN D 6 -62.37 -29.12 11.61
C GLN D 6 -63.52 -28.54 10.80
N SER D 7 -64.05 -29.35 9.89
CA SER D 7 -65.07 -28.89 8.94
C SER D 7 -66.43 -28.83 9.62
N GLY D 8 -67.48 -28.66 8.83
CA GLY D 8 -68.81 -28.44 9.37
C GLY D 8 -69.68 -29.68 9.35
N PRO D 9 -70.83 -29.60 10.02
CA PRO D 9 -71.74 -30.75 10.05
C PRO D 9 -72.28 -31.07 8.68
N GLU D 10 -72.51 -32.37 8.44
CA GLU D 10 -72.90 -32.83 7.12
C GLU D 10 -74.08 -33.78 7.22
N VAL D 11 -74.97 -33.71 6.23
CA VAL D 11 -76.10 -34.60 6.10
C VAL D 11 -75.99 -35.32 4.75
N LYS D 12 -75.97 -36.65 4.79
CA LYS D 12 -75.79 -37.44 3.59
C LYS D 12 -76.87 -38.51 3.52
N LYS D 13 -76.96 -39.15 2.38
CA LYS D 13 -77.96 -40.18 2.15
C LYS D 13 -77.29 -41.54 2.00
N PRO D 14 -78.02 -42.63 2.25
CA PRO D 14 -77.38 -43.95 2.26
C PRO D 14 -76.82 -44.33 0.89
N GLY D 15 -75.70 -45.04 0.91
CA GLY D 15 -75.03 -45.48 -0.29
C GLY D 15 -74.01 -44.51 -0.86
N THR D 16 -74.06 -43.25 -0.43
CA THR D 16 -73.17 -42.22 -0.95
C THR D 16 -71.84 -42.32 -0.20
N SER D 17 -70.93 -41.38 -0.43
CA SER D 17 -69.66 -41.33 0.27
C SER D 17 -69.44 -39.93 0.82
N VAL D 18 -68.82 -39.84 2.00
CA VAL D 18 -68.65 -38.60 2.72
C VAL D 18 -67.16 -38.34 2.88
N LYS D 19 -66.78 -37.06 2.94
CA LYS D 19 -65.39 -36.65 3.04
C LYS D 19 -65.27 -35.51 4.04
N VAL D 20 -64.43 -35.69 5.05
CA VAL D 20 -64.28 -34.73 6.14
C VAL D 20 -62.80 -34.38 6.25
N SER D 21 -62.53 -33.17 6.72
CA SER D 21 -61.16 -32.67 6.76
C SER D 21 -60.93 -31.88 8.04
N CYS D 22 -59.68 -31.86 8.49
CA CYS D 22 -59.27 -30.99 9.58
C CYS D 22 -57.88 -30.43 9.31
N LYS D 23 -57.74 -29.12 9.54
CA LYS D 23 -56.54 -28.36 9.22
C LYS D 23 -55.74 -28.10 10.49
N ALA D 24 -54.44 -28.31 10.42
CA ALA D 24 -53.56 -28.15 11.56
C ALA D 24 -52.96 -26.75 11.61
N SER D 25 -52.85 -26.20 12.81
CA SER D 25 -52.19 -24.92 12.96
C SER D 25 -51.61 -24.80 14.36
N GLY D 26 -50.46 -24.13 14.45
CA GLY D 26 -49.84 -23.86 15.73
C GLY D 26 -48.67 -24.75 16.10
N PHE D 27 -48.29 -25.70 15.24
CA PHE D 27 -47.18 -26.59 15.56
C PHE D 27 -46.61 -27.17 14.26
N THR D 28 -45.51 -27.91 14.40
CA THR D 28 -44.82 -28.51 13.26
C THR D 28 -45.61 -29.75 12.83
N PHE D 29 -46.47 -29.55 11.84
CA PHE D 29 -47.36 -30.62 11.41
C PHE D 29 -46.64 -31.71 10.63
N SER D 30 -45.45 -31.43 10.12
CA SER D 30 -44.79 -32.33 9.16
C SER D 30 -44.14 -33.55 9.81
N SER D 31 -44.12 -33.65 11.13
CA SER D 31 -43.52 -34.80 11.79
C SER D 31 -44.52 -35.61 12.61
N SER D 32 -45.72 -35.10 12.86
CA SER D 32 -46.67 -35.75 13.73
C SER D 32 -47.44 -36.84 12.97
N ALA D 33 -48.44 -37.41 13.63
CA ALA D 33 -49.34 -38.38 13.04
C ALA D 33 -50.75 -38.07 13.50
N VAL D 34 -51.74 -38.48 12.70
CA VAL D 34 -53.13 -38.14 12.97
C VAL D 34 -53.94 -39.41 13.02
N GLN D 35 -54.76 -39.56 14.06
CA GLN D 35 -55.67 -40.69 14.18
C GLN D 35 -57.11 -40.19 14.18
N TRP D 36 -57.98 -40.99 13.57
CA TRP D 36 -59.39 -40.67 13.42
C TRP D 36 -60.22 -41.65 14.22
N VAL D 37 -61.15 -41.13 15.02
CA VAL D 37 -62.09 -41.92 15.80
C VAL D 37 -63.48 -41.33 15.64
N ARG D 38 -64.48 -42.09 16.07
CA ARG D 38 -65.87 -41.70 15.95
C ARG D 38 -66.62 -42.10 17.21
N GLN D 39 -67.77 -41.48 17.41
CA GLN D 39 -68.59 -41.75 18.59
C GLN D 39 -70.06 -41.50 18.27
N ALA D 40 -70.90 -42.49 18.55
CA ALA D 40 -72.34 -42.26 18.47
C ALA D 40 -72.77 -41.37 19.62
N ARG D 41 -74.08 -41.14 19.72
CA ARG D 41 -74.59 -40.32 20.80
C ARG D 41 -74.65 -41.16 22.08
N GLY D 42 -73.80 -40.83 23.04
CA GLY D 42 -73.79 -41.52 24.32
C GLY D 42 -73.13 -42.88 24.29
N GLN D 43 -72.45 -43.23 23.23
CA GLN D 43 -71.82 -44.54 23.10
C GLN D 43 -70.31 -44.42 23.31
N HIS D 44 -69.65 -45.57 23.30
CA HIS D 44 -68.22 -45.65 23.48
C HIS D 44 -67.50 -45.13 22.24
N LEU D 45 -66.29 -44.63 22.45
CA LEU D 45 -65.45 -44.23 21.32
C LEU D 45 -65.05 -45.46 20.53
N GLU D 46 -64.94 -45.30 19.21
CA GLU D 46 -64.52 -46.37 18.31
C GLU D 46 -63.36 -45.87 17.47
N TRP D 47 -62.30 -46.68 17.39
CA TRP D 47 -61.10 -46.29 16.66
C TRP D 47 -61.29 -46.60 15.18
N ILE D 48 -61.19 -45.56 14.34
CA ILE D 48 -61.35 -45.73 12.91
C ILE D 48 -60.01 -46.08 12.27
N GLY D 49 -59.01 -45.23 12.47
CA GLY D 49 -57.72 -45.53 11.87
C GLY D 49 -56.68 -44.49 12.21
N TRP D 50 -55.50 -44.63 11.61
CA TRP D 50 -54.45 -43.64 11.84
C TRP D 50 -53.52 -43.58 10.65
N ILE D 51 -52.80 -42.45 10.54
CA ILE D 51 -51.97 -42.16 9.39
C ILE D 51 -50.77 -41.33 9.85
N VAL D 52 -49.63 -41.53 9.19
CA VAL D 52 -48.42 -40.77 9.46
C VAL D 52 -48.35 -39.61 8.48
N VAL D 53 -48.09 -38.40 9.00
CA VAL D 53 -48.07 -37.23 8.14
C VAL D 53 -46.91 -37.32 7.14
N GLY D 54 -45.73 -37.69 7.62
CA GLY D 54 -44.56 -37.71 6.76
C GLY D 54 -44.63 -38.70 5.62
N SER D 55 -44.60 -40.00 5.94
CA SER D 55 -44.55 -41.05 4.89
C SER D 55 -45.93 -41.26 4.23
N GLY D 56 -47.02 -41.11 4.99
CA GLY D 56 -48.34 -41.35 4.48
C GLY D 56 -48.85 -42.76 4.70
N ASN D 57 -48.12 -43.59 5.46
CA ASN D 57 -48.60 -44.93 5.77
C ASN D 57 -49.85 -44.87 6.62
N THR D 58 -50.79 -45.77 6.34
CA THR D 58 -52.08 -45.76 7.01
C THR D 58 -52.36 -47.13 7.61
N ASN D 59 -53.24 -47.15 8.61
CA ASN D 59 -53.74 -48.39 9.18
C ASN D 59 -55.19 -48.21 9.57
N TYR D 60 -56.01 -49.22 9.27
CA TYR D 60 -57.44 -49.19 9.52
C TYR D 60 -57.87 -50.40 10.33
N ALA D 61 -58.97 -50.26 11.04
CA ALA D 61 -59.52 -51.38 11.78
C ALA D 61 -60.14 -52.40 10.82
N GLN D 62 -60.51 -53.56 11.36
CA GLN D 62 -61.10 -54.59 10.52
C GLN D 62 -62.47 -54.19 10.00
N LYS D 63 -63.25 -53.47 10.82
CA LYS D 63 -64.59 -53.07 10.40
C LYS D 63 -64.55 -52.11 9.21
N PHE D 64 -63.65 -51.13 9.26
CA PHE D 64 -63.61 -50.07 8.26
C PHE D 64 -62.56 -50.31 7.19
N GLN D 65 -61.95 -51.50 7.14
CA GLN D 65 -60.78 -51.69 6.31
C GLN D 65 -61.07 -51.45 4.84
N GLU D 66 -62.22 -51.93 4.36
CA GLU D 66 -62.49 -51.88 2.93
C GLU D 66 -63.26 -50.64 2.51
N ARG D 67 -63.63 -49.76 3.44
CA ARG D 67 -64.46 -48.61 3.07
C ARG D 67 -64.04 -47.34 3.79
N VAL D 68 -62.73 -47.06 3.85
CA VAL D 68 -62.27 -45.77 4.32
C VAL D 68 -60.92 -45.49 3.68
N THR D 69 -60.64 -44.20 3.44
CA THR D 69 -59.35 -43.77 2.94
C THR D 69 -58.90 -42.55 3.74
N LEU D 70 -57.63 -42.53 4.11
CA LEU D 70 -57.03 -41.45 4.87
C LEU D 70 -55.92 -40.81 4.04
N THR D 71 -55.98 -39.50 3.85
CA THR D 71 -54.99 -38.80 3.05
C THR D 71 -54.60 -37.49 3.74
N ARG D 72 -53.58 -36.84 3.22
CA ARG D 72 -53.12 -35.60 3.80
C ARG D 72 -52.47 -34.72 2.73
N ASP D 73 -52.42 -33.43 3.03
CA ASP D 73 -51.76 -32.44 2.17
C ASP D 73 -50.82 -31.62 3.05
N MET D 74 -49.52 -31.72 2.77
CA MET D 74 -48.53 -30.95 3.50
C MET D 74 -48.57 -29.47 3.12
N SER D 75 -48.94 -29.17 1.88
CA SER D 75 -48.90 -27.79 1.41
C SER D 75 -49.78 -26.88 2.24
N THR D 76 -51.01 -27.30 2.51
CA THR D 76 -51.92 -26.55 3.38
C THR D 76 -52.04 -27.15 4.77
N ARG D 77 -51.33 -28.23 5.06
CA ARG D 77 -51.36 -28.88 6.37
C ARG D 77 -52.79 -29.29 6.74
N THR D 78 -53.34 -30.21 5.94
CA THR D 78 -54.71 -30.65 6.09
C THR D 78 -54.77 -32.18 6.05
N ALA D 79 -55.71 -32.75 6.81
CA ALA D 79 -55.92 -34.19 6.82
C ALA D 79 -57.34 -34.50 6.39
N TYR D 80 -57.50 -35.54 5.57
CA TYR D 80 -58.77 -35.91 4.97
C TYR D 80 -59.11 -37.36 5.29
N MET D 81 -60.39 -37.60 5.54
CA MET D 81 -60.92 -38.95 5.65
C MET D 81 -62.14 -39.08 4.77
N GLU D 82 -62.17 -40.12 3.93
CA GLU D 82 -63.32 -40.42 3.10
C GLU D 82 -63.89 -41.76 3.50
N LEU D 83 -65.18 -41.79 3.79
CA LEU D 83 -65.88 -43.02 4.13
C LEU D 83 -66.92 -43.31 3.06
N SER D 84 -66.89 -44.51 2.52
CA SER D 84 -67.74 -44.88 1.39
C SER D 84 -68.70 -46.00 1.77
N SER D 85 -69.64 -46.26 0.86
CA SER D 85 -70.68 -47.27 1.05
C SER D 85 -71.39 -47.07 2.38
N LEU D 86 -72.05 -45.93 2.49
CA LEU D 86 -72.63 -45.50 3.75
C LEU D 86 -73.81 -46.39 4.16
N ARG D 87 -74.13 -46.33 5.45
CA ARG D 87 -75.29 -46.99 6.01
C ARG D 87 -75.90 -46.07 7.05
N SER D 88 -77.14 -46.36 7.45
CA SER D 88 -77.78 -45.58 8.49
C SER D 88 -77.13 -45.75 9.85
N GLU D 89 -76.24 -46.73 10.00
CA GLU D 89 -75.55 -46.97 11.25
C GLU D 89 -74.24 -46.21 11.37
N ASP D 90 -74.09 -45.10 10.66
CA ASP D 90 -72.87 -44.30 10.70
C ASP D 90 -73.09 -42.87 11.13
N THR D 91 -74.28 -42.53 11.63
CA THR D 91 -74.56 -41.18 12.11
C THR D 91 -73.83 -40.96 13.43
N ALA D 92 -72.83 -40.10 13.45
CA ALA D 92 -71.99 -39.99 14.65
C ALA D 92 -71.13 -38.74 14.55
N VAL D 93 -70.34 -38.51 15.61
CA VAL D 93 -69.42 -37.40 15.68
C VAL D 93 -68.02 -37.93 15.42
N TYR D 94 -67.30 -37.30 14.49
CA TYR D 94 -65.97 -37.75 14.09
C TYR D 94 -64.91 -36.77 14.59
N TYR D 95 -63.82 -37.32 15.14
CA TYR D 95 -62.72 -36.55 15.71
C TYR D 95 -61.41 -36.96 15.08
N CYS D 96 -60.52 -35.99 14.87
CA CYS D 96 -59.13 -36.22 14.49
C CYS D 96 -58.24 -35.70 15.61
N ALA D 97 -57.20 -36.48 15.94
CA ALA D 97 -56.32 -36.13 17.05
C ALA D 97 -54.87 -36.40 16.67
N ALA D 98 -53.98 -35.53 17.15
CA ALA D 98 -52.57 -35.59 16.80
C ALA D 98 -51.74 -35.13 17.99
N PRO D 99 -50.49 -35.56 18.10
CA PRO D 99 -49.62 -35.04 19.15
C PRO D 99 -48.93 -33.76 18.73
N ASN D 100 -48.56 -32.95 19.71
CA ASN D 100 -47.87 -31.68 19.49
C ASN D 100 -46.41 -31.97 19.20
N CYS D 101 -45.95 -31.64 17.99
CA CYS D 101 -44.58 -31.87 17.60
C CYS D 101 -43.92 -30.59 17.11
N ASN D 102 -42.65 -30.43 17.45
CA ASN D 102 -41.87 -29.32 16.87
C ASN D 102 -40.52 -29.82 16.34
N SER D 103 -40.56 -30.45 15.16
CA SER D 103 -39.48 -30.51 14.19
C SER D 103 -38.26 -31.33 14.59
N THR D 104 -38.13 -31.70 15.88
CA THR D 104 -37.00 -32.52 16.29
C THR D 104 -37.38 -33.83 16.95
N THR D 105 -38.11 -33.78 18.06
CA THR D 105 -38.69 -34.93 18.75
C THR D 105 -39.95 -34.40 19.42
N CYS D 106 -40.94 -35.26 19.65
CA CYS D 106 -42.20 -34.74 20.13
C CYS D 106 -42.93 -35.72 21.05
N HIS D 107 -44.11 -35.29 21.46
CA HIS D 107 -44.78 -35.84 22.63
C HIS D 107 -45.19 -37.29 22.42
N ASP D 108 -45.54 -37.98 23.50
CA ASP D 108 -45.79 -39.45 23.40
C ASP D 108 -47.27 -39.80 23.53
N GLY D 109 -48.17 -38.83 23.40
CA GLY D 109 -49.59 -39.15 23.43
C GLY D 109 -50.38 -38.12 22.67
N PHE D 110 -51.56 -38.54 22.20
CA PHE D 110 -52.40 -37.69 21.37
C PHE D 110 -53.02 -36.62 22.24
N ASP D 111 -52.36 -35.45 22.27
CA ASP D 111 -52.75 -34.37 23.15
C ASP D 111 -53.72 -33.39 22.50
N ILE D 112 -53.53 -33.09 21.22
CA ILE D 112 -54.37 -32.12 20.50
C ILE D 112 -55.57 -32.85 19.93
N TRP D 113 -56.75 -32.23 20.06
CA TRP D 113 -57.98 -32.83 19.57
C TRP D 113 -58.79 -31.80 18.79
N GLY D 114 -59.50 -32.28 17.77
CA GLY D 114 -60.42 -31.44 17.03
C GLY D 114 -61.72 -31.26 17.79
N GLN D 115 -62.62 -30.48 17.19
CA GLN D 115 -63.92 -30.24 17.80
C GLN D 115 -65.00 -31.19 17.30
N GLY D 116 -64.69 -32.06 16.34
CA GLY D 116 -65.62 -33.08 15.91
C GLY D 116 -66.67 -32.59 14.94
N THR D 117 -66.91 -33.33 13.88
CA THR D 117 -67.96 -33.01 12.91
C THR D 117 -69.08 -34.01 13.03
N VAL D 118 -70.31 -33.52 12.99
CA VAL D 118 -71.50 -34.37 13.12
C VAL D 118 -71.94 -34.79 11.74
N VAL D 119 -71.99 -36.10 11.51
CA VAL D 119 -72.39 -36.67 10.23
C VAL D 119 -73.69 -37.40 10.45
N THR D 120 -74.73 -36.98 9.73
CA THR D 120 -76.04 -37.59 9.79
C THR D 120 -76.29 -38.37 8.50
N VAL D 121 -76.77 -39.59 8.63
CA VAL D 121 -77.14 -40.41 7.48
C VAL D 121 -78.63 -40.69 7.59
N SER D 122 -79.40 -40.10 6.66
CA SER D 122 -80.86 -40.38 6.62
C SER D 122 -81.39 -40.11 5.21
N SER D 123 -82.28 -40.98 4.72
CA SER D 123 -82.88 -40.79 3.37
C SER D 123 -84.11 -39.86 3.48
N ALA D 124 -84.53 -39.56 4.72
CA ALA D 124 -85.69 -38.66 4.92
C ALA D 124 -85.36 -37.27 4.38
N SER D 125 -86.37 -36.57 3.85
CA SER D 125 -86.15 -35.21 3.31
C SER D 125 -86.18 -34.20 4.46
N THR D 126 -85.50 -33.06 4.28
CA THR D 126 -85.50 -32.00 5.34
C THR D 126 -86.93 -31.50 5.55
N LYS D 127 -87.44 -31.62 6.78
CA LYS D 127 -88.83 -31.19 7.09
C LYS D 127 -88.79 -30.01 8.05
N GLY D 128 -89.85 -29.80 8.83
CA GLY D 128 -89.89 -28.74 9.79
C GLY D 128 -90.80 -29.07 10.98
N PRO D 129 -90.49 -28.53 12.15
CA PRO D 129 -91.13 -28.98 13.38
C PRO D 129 -92.58 -28.54 13.51
N SER D 130 -93.27 -29.19 14.46
CA SER D 130 -94.61 -28.81 14.87
C SER D 130 -94.70 -28.88 16.39
N VAL D 131 -95.39 -27.92 16.99
CA VAL D 131 -95.39 -27.72 18.43
C VAL D 131 -96.80 -27.96 18.95
N PHE D 132 -96.91 -28.76 20.03
CA PHE D 132 -98.21 -29.18 20.49
C PHE D 132 -98.35 -28.99 21.99
N PRO D 133 -99.57 -28.75 22.48
CA PRO D 133 -99.74 -28.32 23.86
C PRO D 133 -99.89 -29.46 24.85
N LEU D 134 -98.94 -29.54 25.76
CA LEU D 134 -99.02 -30.43 26.91
C LEU D 134 -99.92 -29.76 27.92
N ALA D 135 -101.19 -30.10 27.88
CA ALA D 135 -102.18 -29.43 28.72
C ALA D 135 -101.87 -29.66 30.20
N PRO D 136 -101.73 -28.60 30.98
CA PRO D 136 -101.85 -28.78 32.43
C PRO D 136 -103.29 -29.08 32.81
N SER D 137 -103.51 -30.29 33.31
CA SER D 137 -104.84 -30.69 33.76
C SER D 137 -105.23 -29.81 34.96
N SER D 138 -106.49 -29.38 34.98
CA SER D 138 -106.95 -28.47 36.03
C SER D 138 -106.63 -28.98 37.42
N LYS D 139 -106.87 -30.27 37.69
CA LYS D 139 -106.41 -30.90 38.93
C LYS D 139 -105.56 -32.10 38.54
N SER D 140 -104.28 -31.83 38.28
CA SER D 140 -103.28 -32.89 38.16
C SER D 140 -102.43 -32.84 39.43
N THR D 141 -102.26 -31.64 39.96
CA THR D 141 -101.58 -31.38 41.23
C THR D 141 -102.49 -30.61 42.18
N SER D 142 -102.49 -31.01 43.45
CA SER D 142 -102.89 -30.08 44.51
C SER D 142 -101.84 -28.98 44.51
N GLY D 143 -102.27 -27.77 44.88
CA GLY D 143 -101.40 -26.57 44.84
C GLY D 143 -100.00 -26.76 45.36
N GLY D 144 -99.19 -27.59 44.69
CA GLY D 144 -97.80 -27.69 45.06
C GLY D 144 -96.93 -27.09 43.99
N THR D 145 -96.28 -27.92 43.18
CA THR D 145 -95.69 -27.47 41.94
C THR D 145 -96.13 -28.42 40.84
N ALA D 146 -96.71 -27.87 39.78
CA ALA D 146 -97.38 -28.66 38.76
C ALA D 146 -96.60 -28.62 37.46
N ALA D 147 -96.83 -29.62 36.63
CA ALA D 147 -96.11 -29.80 35.38
C ALA D 147 -96.90 -29.23 34.21
N LEU D 148 -96.19 -28.54 33.32
CA LEU D 148 -96.73 -28.03 32.08
C LEU D 148 -95.57 -27.87 31.10
N GLY D 149 -95.82 -28.15 29.84
CA GLY D 149 -94.72 -28.16 28.89
C GLY D 149 -95.19 -28.18 27.46
N CYS D 150 -94.25 -28.51 26.56
CA CYS D 150 -94.51 -28.51 25.14
C CYS D 150 -94.04 -29.80 24.48
N LEU D 151 -94.88 -30.36 23.62
CA LEU D 151 -94.47 -31.43 22.71
C LEU D 151 -93.90 -30.77 21.47
N VAL D 152 -92.85 -31.37 20.92
CA VAL D 152 -92.36 -31.03 19.59
C VAL D 152 -92.23 -32.33 18.84
N LYS D 153 -92.88 -32.43 17.68
CA LYS D 153 -92.89 -33.65 16.90
C LYS D 153 -92.58 -33.33 15.46
N ASP D 154 -91.98 -34.29 14.76
CA ASP D 154 -91.84 -34.24 13.31
C ASP D 154 -90.97 -33.06 12.87
N TYR D 155 -89.70 -33.12 13.26
CA TYR D 155 -88.71 -32.20 12.74
C TYR D 155 -87.45 -32.95 12.33
N PHE D 156 -86.88 -32.52 11.21
CA PHE D 156 -85.70 -33.13 10.64
C PHE D 156 -85.06 -32.12 9.70
N PRO D 157 -83.75 -31.93 9.76
CA PRO D 157 -82.86 -32.56 10.73
C PRO D 157 -82.54 -31.68 11.93
N GLU D 158 -81.71 -32.18 12.83
CA GLU D 158 -81.37 -31.56 14.09
C GLU D 158 -80.53 -30.32 13.88
N PRO D 159 -80.52 -29.38 14.84
CA PRO D 159 -81.27 -29.36 16.09
C PRO D 159 -82.36 -28.29 16.16
N VAL D 160 -83.17 -28.38 17.20
CA VAL D 160 -84.24 -27.43 17.49
C VAL D 160 -83.97 -26.78 18.83
N THR D 161 -84.01 -25.46 18.85
CA THR D 161 -83.69 -24.68 20.03
C THR D 161 -84.98 -24.12 20.63
N VAL D 162 -85.15 -24.26 21.94
CA VAL D 162 -86.42 -24.01 22.60
C VAL D 162 -86.20 -22.98 23.70
N SER D 163 -87.27 -22.25 24.05
CA SER D 163 -87.21 -21.24 25.10
C SER D 163 -88.63 -20.86 25.50
N TRP D 164 -88.73 -20.06 26.56
CA TRP D 164 -89.99 -19.57 27.09
C TRP D 164 -89.84 -18.09 27.46
N ASN D 165 -90.90 -17.31 27.29
CA ASN D 165 -90.91 -15.89 27.61
C ASN D 165 -89.86 -15.10 26.80
N SER D 166 -89.66 -15.50 25.54
CA SER D 166 -88.56 -14.95 24.71
C SER D 166 -87.21 -15.28 25.30
N GLY D 167 -87.14 -16.37 26.07
CA GLY D 167 -85.96 -16.75 26.82
C GLY D 167 -85.91 -16.29 28.27
N ALA D 168 -86.83 -15.43 28.70
CA ALA D 168 -86.64 -14.70 29.96
C ALA D 168 -86.66 -15.61 31.17
N LEU D 169 -87.71 -16.41 31.36
CA LEU D 169 -87.86 -17.21 32.58
C LEU D 169 -87.24 -18.58 32.35
N THR D 170 -86.16 -18.87 33.07
CA THR D 170 -85.43 -20.11 32.84
C THR D 170 -85.41 -21.03 34.08
N SER D 171 -85.96 -20.57 35.20
CA SER D 171 -85.93 -21.36 36.41
C SER D 171 -86.86 -22.57 36.31
N GLY D 172 -86.30 -23.77 36.51
CA GLY D 172 -87.10 -24.96 36.73
C GLY D 172 -87.50 -25.76 35.50
N VAL D 173 -86.80 -25.60 34.40
CA VAL D 173 -87.21 -26.23 33.14
C VAL D 173 -86.25 -27.36 32.78
N HIS D 174 -86.75 -28.34 32.04
CA HIS D 174 -85.95 -29.47 31.57
C HIS D 174 -86.21 -29.66 30.09
N THR D 175 -85.20 -29.45 29.26
CA THR D 175 -85.29 -29.69 27.83
C THR D 175 -84.65 -31.04 27.54
N PHE D 176 -85.46 -32.01 27.12
CA PHE D 176 -85.14 -33.41 26.90
C PHE D 176 -84.36 -33.62 25.61
N PRO D 177 -83.54 -34.67 25.56
CA PRO D 177 -82.82 -34.96 24.32
C PRO D 177 -83.76 -35.46 23.23
N ALA D 178 -83.33 -35.29 21.98
CA ALA D 178 -84.12 -35.74 20.85
C ALA D 178 -84.20 -37.27 20.81
N VAL D 179 -85.28 -37.76 20.21
CA VAL D 179 -85.53 -39.19 20.10
C VAL D 179 -85.76 -39.54 18.64
N LEU D 180 -85.01 -40.50 18.12
CA LEU D 180 -85.11 -40.90 16.72
C LEU D 180 -86.05 -42.08 16.62
N GLN D 181 -87.13 -41.91 15.85
CA GLN D 181 -88.18 -42.89 15.75
C GLN D 181 -88.16 -43.60 14.39
N SER D 182 -89.21 -44.38 14.14
CA SER D 182 -89.36 -45.02 12.83
C SER D 182 -89.50 -44.02 11.70
N SER D 183 -90.32 -42.98 11.88
CA SER D 183 -90.63 -42.02 10.79
C SER D 183 -89.46 -41.11 10.40
N GLY D 184 -88.29 -41.29 11.01
CA GLY D 184 -87.13 -40.50 10.67
C GLY D 184 -87.09 -39.12 11.27
N LEU D 185 -88.21 -38.63 11.76
CA LEU D 185 -88.29 -37.32 12.36
C LEU D 185 -87.95 -37.43 13.84
N TYR D 186 -87.24 -36.44 14.35
CA TYR D 186 -86.91 -36.44 15.75
C TYR D 186 -88.06 -35.88 16.58
N SER D 187 -87.91 -35.94 17.89
CA SER D 187 -89.00 -35.54 18.77
C SER D 187 -88.44 -35.26 20.15
N LEU D 188 -88.49 -34.00 20.58
CA LEU D 188 -88.09 -33.65 21.93
C LEU D 188 -89.21 -32.87 22.57
N SER D 189 -89.24 -32.88 23.90
CA SER D 189 -90.25 -32.19 24.67
C SER D 189 -89.59 -31.37 25.77
N SER D 190 -90.20 -30.24 26.10
CA SER D 190 -89.70 -29.35 27.12
C SER D 190 -90.81 -29.12 28.13
N VAL D 191 -90.46 -29.14 29.42
CA VAL D 191 -91.43 -29.15 30.49
C VAL D 191 -91.00 -28.14 31.55
N VAL D 192 -91.97 -27.67 32.34
CA VAL D 192 -91.72 -26.72 33.41
C VAL D 192 -92.59 -27.09 34.61
N THR D 193 -92.11 -26.77 35.80
CA THR D 193 -92.83 -27.03 37.03
C THR D 193 -93.37 -25.71 37.59
N VAL D 194 -94.69 -25.53 37.53
CA VAL D 194 -95.35 -24.39 38.15
C VAL D 194 -96.69 -24.81 38.72
N PRO D 195 -96.99 -24.41 39.96
CA PRO D 195 -98.24 -24.85 40.62
C PRO D 195 -99.50 -24.51 39.84
N SER D 196 -100.59 -25.21 40.17
CA SER D 196 -101.88 -24.91 39.56
C SER D 196 -102.35 -23.49 39.88
N SER D 197 -101.95 -22.96 41.04
CA SER D 197 -102.19 -21.55 41.30
C SER D 197 -101.56 -20.67 40.25
N SER D 198 -100.46 -21.12 39.65
CA SER D 198 -99.83 -20.39 38.58
C SER D 198 -100.57 -20.48 37.27
N LEU D 199 -101.03 -21.69 36.90
CA LEU D 199 -101.59 -21.91 35.57
C LEU D 199 -102.79 -21.01 35.29
N GLY D 200 -103.52 -20.62 36.33
CA GLY D 200 -104.63 -19.71 36.17
C GLY D 200 -104.30 -18.26 36.46
N THR D 201 -103.13 -18.03 37.05
CA THR D 201 -102.72 -16.69 37.48
C THR D 201 -101.38 -16.27 36.89
N GLN D 202 -100.58 -17.22 36.40
CA GLN D 202 -99.33 -16.86 35.71
C GLN D 202 -99.49 -17.17 34.22
N THR D 203 -98.74 -16.43 33.41
CA THR D 203 -98.81 -16.49 31.95
C THR D 203 -97.53 -17.09 31.37
N TYR D 204 -97.69 -18.00 30.41
CA TYR D 204 -96.57 -18.62 29.71
C TYR D 204 -96.92 -18.79 28.24
N ILE D 205 -95.99 -18.45 27.34
CA ILE D 205 -96.05 -18.87 25.95
C ILE D 205 -94.77 -19.64 25.64
N CYS D 206 -94.89 -20.59 24.72
CA CYS D 206 -93.82 -21.52 24.37
C CYS D 206 -93.15 -21.08 23.08
N ASN D 207 -91.82 -21.13 23.05
CA ASN D 207 -91.04 -20.66 21.91
C ASN D 207 -90.29 -21.85 21.30
N VAL D 208 -90.37 -21.97 19.98
CA VAL D 208 -89.71 -23.05 19.26
C VAL D 208 -88.97 -22.39 18.11
N ASN D 209 -87.98 -23.06 17.53
CA ASN D 209 -87.05 -22.45 16.59
C ASN D 209 -86.53 -23.53 15.66
N HIS D 210 -86.45 -23.22 14.37
CA HIS D 210 -85.74 -24.06 13.41
C HIS D 210 -85.38 -23.17 12.22
N LYS D 211 -84.08 -22.93 12.06
CA LYS D 211 -83.62 -21.98 11.06
C LYS D 211 -83.54 -22.57 9.65
N PRO D 212 -83.06 -23.81 9.43
CA PRO D 212 -83.07 -24.34 8.06
C PRO D 212 -84.43 -24.32 7.38
N SER D 213 -85.50 -24.07 8.13
CA SER D 213 -86.79 -23.71 7.57
C SER D 213 -87.29 -22.38 8.10
N ASN D 214 -86.49 -21.69 8.91
CA ASN D 214 -86.84 -20.35 9.50
C ASN D 214 -88.18 -20.50 10.21
N THR D 215 -88.20 -21.22 11.33
CA THR D 215 -89.50 -21.50 11.91
C THR D 215 -89.63 -20.95 13.31
N LYS D 216 -90.51 -19.96 13.49
CA LYS D 216 -90.74 -19.32 14.78
C LYS D 216 -92.23 -19.34 15.05
N VAL D 217 -92.63 -20.04 16.11
CA VAL D 217 -94.03 -20.35 16.37
C VAL D 217 -94.30 -20.18 17.86
N ASP D 218 -95.56 -19.88 18.20
CA ASP D 218 -95.99 -19.72 19.58
C ASP D 218 -97.35 -20.37 19.81
N LYS D 219 -97.45 -21.17 20.87
CA LYS D 219 -98.63 -22.01 21.13
C LYS D 219 -99.17 -21.74 22.53
N LYS D 220 -100.29 -21.02 22.62
CA LYS D 220 -100.91 -20.80 23.92
C LYS D 220 -101.41 -22.11 24.50
N VAL D 221 -101.07 -22.37 25.76
CA VAL D 221 -101.56 -23.56 26.45
C VAL D 221 -101.91 -23.22 27.89
N GLU E 1 -58.23 -57.49 18.61
CA GLU E 1 -56.98 -58.19 18.92
C GLU E 1 -56.48 -57.87 20.31
N ILE E 2 -57.30 -57.17 21.08
CA ILE E 2 -56.99 -56.84 22.48
C ILE E 2 -58.28 -56.55 23.21
N VAL E 3 -58.47 -57.16 24.37
CA VAL E 3 -59.68 -57.02 25.16
C VAL E 3 -59.38 -56.17 26.37
N LEU E 4 -59.96 -54.98 26.41
CA LEU E 4 -59.74 -54.04 27.51
C LEU E 4 -61.05 -53.88 28.28
N THR E 5 -61.30 -54.78 29.23
CA THR E 5 -62.46 -54.64 30.09
C THR E 5 -62.17 -53.59 31.14
N GLN E 6 -63.09 -52.67 31.35
CA GLN E 6 -62.85 -51.56 32.25
C GLN E 6 -63.71 -51.71 33.49
N SER E 7 -63.16 -51.37 34.65
CA SER E 7 -63.88 -51.41 35.91
C SER E 7 -63.67 -50.10 36.66
N PRO E 8 -64.65 -49.67 37.46
CA PRO E 8 -65.97 -50.28 37.64
C PRO E 8 -66.93 -49.87 36.54
N GLY E 9 -68.12 -50.50 36.48
CA GLY E 9 -69.08 -50.09 35.48
C GLY E 9 -69.51 -48.65 35.62
N THR E 10 -69.86 -48.24 36.83
CA THR E 10 -70.12 -46.83 37.15
C THR E 10 -69.52 -46.53 38.51
N LEU E 11 -69.30 -45.25 38.77
CA LEU E 11 -68.67 -44.79 39.98
C LEU E 11 -69.56 -43.74 40.60
N SER E 12 -69.92 -43.92 41.86
CA SER E 12 -70.90 -43.07 42.53
C SER E 12 -70.34 -42.58 43.85
N LEU E 13 -69.68 -41.42 43.84
CA LEU E 13 -69.08 -40.86 45.03
C LEU E 13 -69.31 -39.35 45.09
N SER E 14 -69.20 -38.81 46.30
CA SER E 14 -69.39 -37.40 46.64
C SER E 14 -68.12 -36.60 46.35
N PRO E 15 -68.21 -35.28 46.29
CA PRO E 15 -67.01 -34.48 45.97
C PRO E 15 -66.06 -34.39 47.17
N GLY E 16 -64.90 -35.06 47.03
CA GLY E 16 -63.89 -35.16 48.07
C GLY E 16 -63.34 -36.56 48.25
N GLU E 17 -64.17 -37.58 48.08
CA GLU E 17 -63.76 -38.97 48.25
C GLU E 17 -62.85 -39.39 47.10
N ARG E 18 -62.21 -40.55 47.24
CA ARG E 18 -61.18 -40.97 46.31
C ARG E 18 -61.63 -42.18 45.50
N ALA E 19 -61.13 -42.27 44.26
CA ALA E 19 -61.58 -43.26 43.32
C ALA E 19 -60.41 -43.98 42.67
N THR E 20 -60.65 -45.23 42.27
CA THR E 20 -59.62 -46.05 41.63
C THR E 20 -60.24 -46.77 40.44
N LEU E 21 -60.09 -46.20 39.25
CA LEU E 21 -60.49 -46.86 38.04
C LEU E 21 -59.43 -47.87 37.65
N SER E 22 -59.79 -48.81 36.78
CA SER E 22 -58.82 -49.76 36.29
C SER E 22 -59.22 -50.24 34.90
N CYS E 23 -58.22 -50.53 34.08
CA CYS E 23 -58.38 -51.09 32.74
C CYS E 23 -57.60 -52.40 32.71
N ARG E 24 -58.28 -53.49 32.36
CA ARG E 24 -57.67 -54.81 32.40
C ARG E 24 -57.60 -55.36 30.98
N ALA E 25 -56.40 -55.72 30.54
CA ALA E 25 -56.19 -56.27 29.21
C ALA E 25 -56.09 -57.79 29.29
N SER E 26 -56.61 -58.46 28.26
CA SER E 26 -56.62 -59.92 28.23
C SER E 26 -55.34 -60.50 27.67
N GLN E 27 -54.39 -59.65 27.31
CA GLN E 27 -53.05 -60.05 26.90
C GLN E 27 -52.08 -58.98 27.39
N SER E 28 -50.80 -59.26 27.24
CA SER E 28 -49.79 -58.33 27.73
C SER E 28 -49.73 -57.08 26.87
N VAL E 29 -49.52 -55.94 27.53
CA VAL E 29 -49.20 -54.68 26.86
C VAL E 29 -48.09 -53.97 27.63
N ARG E 30 -47.39 -53.08 26.95
CA ARG E 30 -46.29 -52.35 27.54
C ARG E 30 -46.74 -51.01 28.05
N SER E 31 -46.30 -50.65 29.25
CA SER E 31 -46.80 -49.46 29.92
C SER E 31 -46.49 -48.19 29.15
N SER E 32 -45.56 -48.23 28.21
CA SER E 32 -45.24 -47.03 27.46
C SER E 32 -46.29 -46.68 26.42
N TYR E 33 -47.31 -47.51 26.23
CA TYR E 33 -48.28 -47.30 25.17
C TYR E 33 -49.71 -47.44 25.66
N LEU E 34 -50.04 -46.89 26.83
CA LEU E 34 -51.42 -46.87 27.30
C LEU E 34 -51.75 -45.49 27.82
N GLY E 35 -52.91 -44.97 27.42
CA GLY E 35 -53.29 -43.62 27.78
C GLY E 35 -54.70 -43.56 28.32
N TRP E 36 -54.90 -42.65 29.26
CA TRP E 36 -56.20 -42.40 29.85
C TRP E 36 -56.67 -41.02 29.43
N TYR E 37 -57.89 -40.94 28.91
CA TYR E 37 -58.54 -39.71 28.46
C TYR E 37 -59.77 -39.44 29.30
N GLN E 38 -60.17 -38.17 29.32
CA GLN E 38 -61.39 -37.74 30.01
C GLN E 38 -62.25 -36.93 29.05
N GLN E 39 -63.53 -37.27 28.98
CA GLN E 39 -64.50 -36.51 28.20
C GLN E 39 -65.59 -35.99 29.12
N LYS E 40 -65.79 -34.68 29.10
CA LYS E 40 -66.90 -34.05 29.79
C LYS E 40 -68.12 -34.05 28.87
N PRO E 41 -69.32 -33.95 29.43
CA PRO E 41 -70.52 -34.11 28.59
C PRO E 41 -70.57 -33.12 27.44
N GLY E 42 -70.45 -33.64 26.22
CA GLY E 42 -70.64 -32.86 25.02
C GLY E 42 -69.38 -32.36 24.34
N GLN E 43 -68.25 -32.33 25.04
CA GLN E 43 -67.02 -31.77 24.50
C GLN E 43 -66.12 -32.87 23.95
N ALA E 44 -65.04 -32.46 23.33
CA ALA E 44 -64.03 -33.40 22.87
C ALA E 44 -63.18 -33.85 24.06
N PRO E 45 -62.78 -35.11 24.10
CA PRO E 45 -61.99 -35.59 25.24
C PRO E 45 -60.61 -34.96 25.26
N ARG E 46 -60.06 -34.84 26.47
CA ARG E 46 -58.73 -34.28 26.65
C ARG E 46 -57.84 -35.32 27.31
N LEU E 47 -56.62 -35.44 26.79
CA LEU E 47 -55.70 -36.44 27.32
C LEU E 47 -55.40 -36.16 28.79
N LEU E 48 -55.36 -37.22 29.59
CA LEU E 48 -54.98 -37.11 30.99
C LEU E 48 -53.64 -37.75 31.29
N ILE E 49 -53.46 -39.03 30.97
CA ILE E 49 -52.25 -39.75 31.37
C ILE E 49 -51.67 -40.46 30.16
N TYR E 50 -50.40 -40.22 29.88
CA TYR E 50 -49.70 -40.94 28.82
C TYR E 50 -48.57 -41.75 29.43
N GLY E 51 -48.29 -42.90 28.81
CA GLY E 51 -47.29 -43.81 29.32
C GLY E 51 -47.71 -44.56 30.56
N ALA E 52 -48.98 -44.47 30.94
CA ALA E 52 -49.60 -45.24 32.02
C ALA E 52 -49.18 -44.78 33.40
N SER E 53 -48.19 -43.87 33.47
CA SER E 53 -47.67 -43.42 34.79
C SER E 53 -47.20 -41.96 34.74
N SER E 54 -47.11 -41.39 33.53
CA SER E 54 -46.62 -40.00 33.38
C SER E 54 -47.81 -39.06 33.17
N ARG E 55 -47.90 -38.00 33.97
CA ARG E 55 -48.96 -37.02 33.81
C ARG E 55 -48.80 -36.30 32.48
N ALA E 56 -49.84 -35.57 32.10
CA ALA E 56 -49.78 -34.69 30.95
C ALA E 56 -49.47 -33.26 31.40
N THR E 57 -49.57 -32.32 30.47
CA THR E 57 -49.25 -30.92 30.74
C THR E 57 -50.54 -30.12 30.92
N GLY E 58 -50.63 -29.41 32.04
CA GLY E 58 -51.82 -28.67 32.38
C GLY E 58 -52.76 -29.40 33.31
N ILE E 59 -52.74 -30.73 33.29
CA ILE E 59 -53.53 -31.53 34.23
C ILE E 59 -53.08 -31.20 35.64
N PRO E 60 -53.98 -31.16 36.62
CA PRO E 60 -53.54 -30.85 37.99
C PRO E 60 -52.57 -31.89 38.52
N ASP E 61 -51.94 -31.55 39.65
CA ASP E 61 -51.04 -32.49 40.29
C ASP E 61 -51.78 -33.57 41.06
N ARG E 62 -53.07 -33.34 41.36
CA ARG E 62 -53.84 -34.35 42.08
C ARG E 62 -53.94 -35.64 41.28
N PHE E 63 -54.26 -35.52 39.99
CA PHE E 63 -54.40 -36.68 39.14
C PHE E 63 -53.09 -37.42 38.99
N SER E 64 -53.17 -38.75 39.02
CA SER E 64 -51.99 -39.61 38.88
C SER E 64 -52.43 -41.03 38.57
N GLY E 65 -51.93 -41.56 37.45
CA GLY E 65 -52.17 -42.94 37.09
C GLY E 65 -51.13 -43.81 37.75
N SER E 66 -51.22 -45.14 37.59
CA SER E 66 -50.16 -46.00 38.11
C SER E 66 -49.45 -46.78 37.02
N GLY E 67 -50.20 -47.62 36.30
CA GLY E 67 -49.72 -48.37 35.15
C GLY E 67 -48.76 -49.53 35.33
N SER E 68 -49.27 -50.63 35.91
CA SER E 68 -48.45 -51.86 36.13
C SER E 68 -48.23 -52.64 34.83
N GLY E 69 -47.92 -53.94 34.93
CA GLY E 69 -47.60 -54.76 33.75
C GLY E 69 -48.67 -54.75 32.66
N THR E 70 -49.79 -55.43 32.87
CA THR E 70 -50.85 -55.56 31.86
C THR E 70 -52.17 -55.06 32.45
N ASP E 71 -52.11 -54.61 33.69
CA ASP E 71 -53.29 -54.40 34.50
C ASP E 71 -53.23 -53.00 35.08
N PHE E 72 -53.83 -52.06 34.34
CA PHE E 72 -53.51 -50.65 34.56
C PHE E 72 -54.55 -50.00 35.46
N THR E 73 -54.12 -48.94 36.16
CA THR E 73 -54.92 -48.34 37.22
C THR E 73 -54.95 -46.84 37.02
N LEU E 74 -55.88 -46.18 37.71
CA LEU E 74 -56.00 -44.72 37.68
C LEU E 74 -56.59 -44.23 39.00
N THR E 75 -55.76 -43.61 39.83
CA THR E 75 -56.18 -43.14 41.13
C THR E 75 -56.47 -41.64 41.07
N ILE E 76 -57.72 -41.27 41.32
CA ILE E 76 -58.11 -39.89 41.51
C ILE E 76 -58.18 -39.68 43.01
N SER E 77 -57.24 -38.89 43.53
CA SER E 77 -56.99 -38.89 44.97
C SER E 77 -57.82 -37.83 45.69
N ARG E 78 -58.68 -37.12 44.97
CA ARG E 78 -59.75 -36.33 45.57
C ARG E 78 -60.68 -35.88 44.46
N LEU E 79 -61.98 -35.93 44.72
CA LEU E 79 -62.99 -35.70 43.70
C LEU E 79 -63.59 -34.32 43.88
N GLU E 80 -63.58 -33.53 42.83
CA GLU E 80 -64.22 -32.22 42.80
C GLU E 80 -65.53 -32.31 42.02
N SER E 81 -66.26 -31.19 41.99
CA SER E 81 -67.39 -31.02 41.09
C SER E 81 -66.96 -30.93 39.64
N GLU E 82 -65.74 -30.45 39.39
CA GLU E 82 -65.13 -30.50 38.07
C GLU E 82 -64.91 -31.91 37.57
N ASP E 83 -64.78 -32.88 38.46
CA ASP E 83 -64.20 -34.18 38.15
C ASP E 83 -65.16 -35.17 37.53
N PHE E 84 -66.45 -34.91 37.56
CA PHE E 84 -67.43 -35.89 37.11
C PHE E 84 -67.50 -35.85 35.59
N ALA E 85 -67.10 -36.94 34.96
CA ALA E 85 -67.01 -37.05 33.51
C ALA E 85 -66.95 -38.52 33.17
N VAL E 86 -66.59 -38.85 31.94
CA VAL E 86 -66.34 -40.23 31.55
C VAL E 86 -64.86 -40.38 31.22
N TYR E 87 -64.30 -41.55 31.50
CA TYR E 87 -62.88 -41.80 31.33
C TYR E 87 -62.64 -43.05 30.51
N TYR E 88 -61.66 -43.00 29.62
CA TYR E 88 -61.38 -44.09 28.70
C TYR E 88 -59.90 -44.46 28.74
N CYS E 89 -59.62 -45.73 28.45
CA CYS E 89 -58.26 -46.24 28.31
C CYS E 89 -58.05 -46.72 26.88
N GLN E 90 -56.95 -46.28 26.25
CA GLN E 90 -56.60 -46.68 24.91
C GLN E 90 -55.20 -47.27 24.90
N GLN E 91 -54.97 -48.27 24.05
CA GLN E 91 -53.66 -48.89 23.90
C GLN E 91 -53.10 -48.65 22.51
N TYR E 92 -51.80 -48.37 22.44
CA TYR E 92 -51.16 -47.99 21.18
C TYR E 92 -50.36 -49.13 20.55
N ASP E 93 -50.46 -50.35 21.07
CA ASP E 93 -49.67 -51.47 20.54
C ASP E 93 -50.19 -51.83 19.16
N ASN E 94 -49.26 -52.26 18.29
CA ASN E 94 -49.49 -52.53 16.82
C ASN E 94 -50.83 -53.17 16.46
N SER E 95 -51.41 -54.00 17.32
CA SER E 95 -52.74 -54.57 17.11
C SER E 95 -53.74 -53.43 16.91
N PRO E 96 -54.95 -53.72 16.41
CA PRO E 96 -55.94 -52.64 16.29
C PRO E 96 -56.05 -51.84 17.57
N TRP E 97 -55.84 -50.53 17.51
CA TRP E 97 -55.90 -49.73 18.72
C TRP E 97 -57.34 -49.67 19.23
N THR E 98 -57.56 -50.15 20.44
CA THR E 98 -58.91 -50.28 20.99
C THR E 98 -59.12 -49.30 22.12
N PHE E 99 -60.39 -49.09 22.45
CA PHE E 99 -60.81 -48.32 23.61
C PHE E 99 -61.56 -49.22 24.58
N GLY E 100 -61.67 -48.76 25.82
CA GLY E 100 -62.52 -49.42 26.79
C GLY E 100 -63.96 -48.96 26.66
N GLN E 101 -64.83 -49.60 27.44
CA GLN E 101 -66.21 -49.16 27.48
C GLN E 101 -66.33 -47.74 27.99
N GLY E 102 -65.51 -47.39 28.99
CA GLY E 102 -65.56 -46.07 29.58
C GLY E 102 -66.35 -46.07 30.87
N THR E 103 -65.75 -45.56 31.94
CA THR E 103 -66.42 -45.46 33.24
C THR E 103 -67.00 -44.08 33.41
N LYS E 104 -68.23 -44.01 33.88
CA LYS E 104 -68.89 -42.76 34.21
C LYS E 104 -68.92 -42.63 35.73
N VAL E 105 -68.64 -41.39 36.18
CA VAL E 105 -68.67 -41.04 37.63
C VAL E 105 -69.89 -40.14 37.86
N GLU E 106 -70.71 -40.44 38.87
CA GLU E 106 -71.88 -39.59 39.22
C GLU E 106 -71.75 -39.15 40.68
N ILE E 107 -72.41 -38.06 41.07
CA ILE E 107 -72.24 -37.53 42.46
C ILE E 107 -73.22 -38.24 43.40
N LYS E 108 -72.72 -38.82 44.48
CA LYS E 108 -73.60 -39.48 45.49
C LYS E 108 -74.53 -38.44 46.11
N ARG E 109 -75.83 -38.53 45.83
CA ARG E 109 -76.82 -37.58 46.39
C ARG E 109 -77.85 -38.36 47.21
N THR E 110 -78.96 -37.71 47.60
CA THR E 110 -79.98 -38.37 48.45
C THR E 110 -81.05 -39.02 47.56
N VAL E 111 -81.59 -40.17 47.98
CA VAL E 111 -82.63 -40.88 47.17
C VAL E 111 -83.88 -40.01 47.12
N ALA E 112 -84.21 -39.46 45.94
CA ALA E 112 -85.37 -38.55 45.84
C ALA E 112 -86.58 -39.28 45.24
N ALA E 113 -87.76 -38.66 45.27
CA ALA E 113 -88.99 -39.33 44.81
C ALA E 113 -89.30 -38.98 43.35
N PRO E 114 -89.57 -39.97 42.47
CA PRO E 114 -89.97 -39.70 41.09
C PRO E 114 -91.48 -39.42 41.00
N SER E 115 -91.88 -38.18 41.31
CA SER E 115 -93.32 -37.81 41.26
C SER E 115 -93.90 -38.22 39.90
N VAL E 116 -94.83 -39.17 39.90
CA VAL E 116 -95.48 -39.59 38.62
C VAL E 116 -96.35 -38.44 38.13
N PHE E 117 -96.26 -38.12 36.84
CA PHE E 117 -97.12 -37.07 36.26
C PHE E 117 -97.72 -37.65 34.98
N ILE E 118 -98.83 -37.08 34.51
CA ILE E 118 -99.38 -37.53 33.23
C ILE E 118 -99.80 -36.30 32.44
N PHE E 119 -99.84 -36.43 31.12
CA PHE E 119 -100.39 -35.39 30.27
C PHE E 119 -101.28 -36.05 29.22
N PRO E 120 -102.53 -35.61 29.07
CA PRO E 120 -103.42 -36.21 28.11
C PRO E 120 -103.04 -35.78 26.69
N PRO E 121 -103.73 -36.24 25.67
CA PRO E 121 -103.47 -35.71 24.32
C PRO E 121 -104.00 -34.29 24.18
N SER E 122 -103.88 -33.76 22.97
CA SER E 122 -104.36 -32.43 22.66
C SER E 122 -105.16 -32.44 21.37
N ASP E 123 -106.18 -31.57 21.34
CA ASP E 123 -107.06 -31.47 20.16
C ASP E 123 -106.21 -31.06 18.96
N GLU E 124 -105.15 -30.28 19.16
CA GLU E 124 -104.23 -29.93 18.04
C GLU E 124 -103.70 -31.23 17.44
N GLN E 125 -103.26 -32.16 18.29
CA GLN E 125 -102.79 -33.47 17.80
C GLN E 125 -103.98 -34.26 17.26
N LEU E 126 -105.13 -34.24 17.95
CA LEU E 126 -106.25 -35.07 17.51
C LEU E 126 -106.99 -34.44 16.33
N LYS E 127 -106.53 -33.27 15.86
CA LYS E 127 -106.88 -32.83 14.51
C LYS E 127 -105.98 -33.48 13.46
N SER E 128 -104.73 -33.75 13.82
CA SER E 128 -103.78 -34.36 12.89
C SER E 128 -104.07 -35.83 12.64
N GLY E 129 -104.98 -36.42 13.39
CA GLY E 129 -105.27 -37.83 13.26
C GLY E 129 -104.31 -38.75 13.99
N THR E 130 -103.88 -38.40 15.21
CA THR E 130 -102.86 -39.13 15.93
C THR E 130 -103.30 -39.37 17.36
N ALA E 131 -102.34 -39.85 18.16
CA ALA E 131 -102.55 -40.12 19.58
C ALA E 131 -101.19 -40.21 20.26
N SER E 132 -101.09 -39.67 21.48
CA SER E 132 -99.87 -39.67 22.26
C SER E 132 -100.17 -39.32 23.70
N VAL E 133 -99.63 -40.09 24.63
CA VAL E 133 -99.77 -39.87 26.06
C VAL E 133 -98.39 -39.93 26.69
N VAL E 134 -98.09 -38.98 27.56
CA VAL E 134 -96.77 -38.89 28.16
C VAL E 134 -96.89 -38.93 29.68
N CYS E 135 -96.06 -39.77 30.30
CA CYS E 135 -95.98 -39.91 31.75
C CYS E 135 -94.62 -39.41 32.19
N LEU E 136 -94.60 -38.47 33.13
CA LEU E 136 -93.39 -37.73 33.47
C LEU E 136 -92.89 -38.10 34.86
N LEU E 137 -91.56 -38.19 34.99
CA LEU E 137 -90.87 -38.37 36.26
C LEU E 137 -89.84 -37.25 36.38
N ASN E 138 -89.82 -36.55 37.51
CA ASN E 138 -88.94 -35.41 37.67
C ASN E 138 -88.30 -35.35 39.06
N ASN E 139 -87.02 -35.01 39.08
CA ASN E 139 -86.26 -34.75 40.29
C ASN E 139 -86.28 -35.94 41.23
N PHE E 140 -85.68 -37.03 40.76
CA PHE E 140 -85.50 -38.25 41.52
C PHE E 140 -84.04 -38.68 41.46
N TYR E 141 -83.65 -39.55 42.40
CA TYR E 141 -82.30 -40.05 42.47
C TYR E 141 -82.33 -41.42 43.13
N PRO E 142 -81.51 -42.37 42.68
CA PRO E 142 -80.62 -42.32 41.51
C PRO E 142 -81.37 -42.43 40.18
N ARG E 143 -80.63 -42.61 39.09
CA ARG E 143 -81.27 -42.61 37.77
C ARG E 143 -82.23 -43.78 37.60
N GLU E 144 -81.83 -44.96 38.05
CA GLU E 144 -82.56 -46.18 37.71
C GLU E 144 -83.99 -46.16 38.23
N ALA E 145 -84.94 -46.30 37.30
CA ALA E 145 -86.37 -46.32 37.58
C ALA E 145 -87.08 -46.67 36.28
N LYS E 146 -88.19 -47.40 36.40
CA LYS E 146 -88.87 -47.93 35.22
C LYS E 146 -90.30 -47.46 35.17
N VAL E 147 -90.76 -47.12 33.96
CA VAL E 147 -92.13 -46.70 33.70
C VAL E 147 -92.79 -47.75 32.83
N GLN E 148 -94.03 -48.09 33.14
CA GLN E 148 -94.80 -49.03 32.36
C GLN E 148 -96.12 -48.39 31.96
N TRP E 149 -96.74 -48.91 30.91
CA TRP E 149 -97.93 -48.31 30.35
C TRP E 149 -99.13 -49.22 30.55
N LYS E 150 -100.29 -48.62 30.82
CA LYS E 150 -101.55 -49.35 30.95
C LYS E 150 -102.54 -48.75 29.98
N VAL E 151 -103.28 -49.61 29.27
CA VAL E 151 -104.28 -49.20 28.28
C VAL E 151 -105.50 -50.09 28.46
N ASP E 152 -106.50 -49.59 29.18
CA ASP E 152 -107.59 -50.43 29.69
C ASP E 152 -107.01 -51.54 30.58
N ASN E 153 -106.06 -51.16 31.43
CA ASN E 153 -105.34 -52.01 32.36
C ASN E 153 -104.48 -53.06 31.67
N ALA E 154 -103.90 -52.75 30.51
CA ALA E 154 -103.02 -53.65 29.80
C ALA E 154 -101.73 -52.92 29.41
N LEU E 155 -100.64 -53.66 29.30
CA LEU E 155 -99.38 -53.07 28.91
C LEU E 155 -99.37 -52.74 27.41
N GLN E 156 -98.48 -51.83 27.00
CA GLN E 156 -98.08 -51.71 25.61
C GLN E 156 -96.56 -51.66 25.51
N SER E 157 -95.98 -52.69 24.89
CA SER E 157 -94.55 -52.93 24.79
C SER E 157 -93.94 -52.43 23.48
N GLY E 158 -94.72 -52.40 22.41
CA GLY E 158 -94.29 -51.72 21.21
C GLY E 158 -94.82 -50.30 21.13
N ASN E 159 -93.98 -49.42 20.59
CA ASN E 159 -94.24 -47.98 20.51
C ASN E 159 -94.25 -47.33 21.90
N SER E 160 -93.15 -47.49 22.63
CA SER E 160 -92.92 -46.79 23.88
C SER E 160 -91.55 -46.13 23.83
N GLN E 161 -91.53 -44.80 23.70
CA GLN E 161 -90.30 -44.03 23.63
C GLN E 161 -90.02 -43.39 24.98
N GLU E 162 -88.87 -43.72 25.55
CA GLU E 162 -88.44 -43.14 26.82
C GLU E 162 -87.13 -42.39 26.61
N SER E 163 -87.00 -41.27 27.31
CA SER E 163 -85.78 -40.47 27.26
C SER E 163 -85.51 -39.97 28.66
N VAL E 164 -84.25 -39.68 28.96
CA VAL E 164 -83.86 -39.17 30.26
C VAL E 164 -82.83 -38.06 30.06
N THR E 165 -82.96 -37.02 30.86
CA THR E 165 -82.04 -35.90 30.82
C THR E 165 -80.83 -36.20 31.68
N GLU E 166 -79.68 -35.65 31.28
CA GLU E 166 -78.45 -35.87 32.01
C GLU E 166 -78.54 -35.18 33.36
N GLN E 167 -77.64 -35.56 34.26
CA GLN E 167 -77.70 -35.08 35.63
C GLN E 167 -77.61 -33.57 35.69
N ASP E 168 -78.49 -32.96 36.48
CA ASP E 168 -78.49 -31.51 36.64
C ASP E 168 -77.26 -31.07 37.41
N SER E 169 -77.13 -29.76 37.58
CA SER E 169 -76.02 -29.24 38.37
C SER E 169 -76.51 -28.71 39.71
N LYS E 170 -77.66 -28.04 39.72
CA LYS E 170 -78.12 -27.37 40.93
C LYS E 170 -78.72 -28.35 41.93
N ASP E 171 -79.63 -29.22 41.48
CA ASP E 171 -80.20 -30.22 42.37
C ASP E 171 -79.56 -31.59 42.18
N SER E 172 -79.00 -31.84 40.99
CA SER E 172 -78.22 -33.04 40.68
C SER E 172 -79.07 -34.29 40.55
N THR E 173 -80.29 -34.18 40.03
CA THR E 173 -81.16 -35.33 39.86
C THR E 173 -81.28 -35.68 38.38
N TYR E 174 -82.14 -36.64 38.09
CA TYR E 174 -82.52 -37.01 36.74
C TYR E 174 -84.02 -36.87 36.59
N SER E 175 -84.45 -36.55 35.37
CA SER E 175 -85.87 -36.45 35.07
C SER E 175 -86.12 -37.07 33.71
N LEU E 176 -86.97 -38.10 33.68
CA LEU E 176 -87.22 -38.85 32.46
C LEU E 176 -88.68 -38.77 32.10
N SER E 177 -88.94 -38.68 30.81
CA SER E 177 -90.28 -38.61 30.26
C SER E 177 -90.46 -39.69 29.22
N SER E 178 -91.56 -40.45 29.32
CA SER E 178 -91.84 -41.51 28.38
C SER E 178 -93.13 -41.18 27.65
N THR E 179 -93.11 -41.32 26.33
CA THR E 179 -94.23 -40.97 25.47
C THR E 179 -94.77 -42.23 24.83
N LEU E 180 -96.09 -42.37 24.79
CA LEU E 180 -96.75 -43.54 24.24
C LEU E 180 -97.65 -43.11 23.10
N THR E 181 -97.24 -43.41 21.87
CA THR E 181 -97.90 -42.90 20.68
C THR E 181 -98.75 -43.97 20.03
N LEU E 182 -99.92 -43.56 19.54
CA LEU E 182 -100.92 -44.46 19.00
C LEU E 182 -101.43 -43.86 17.69
N SER E 183 -102.46 -44.49 17.14
CA SER E 183 -103.25 -43.82 16.11
C SER E 183 -104.54 -43.29 16.72
N LYS E 184 -105.04 -42.19 16.14
CA LYS E 184 -106.34 -41.67 16.57
C LYS E 184 -107.45 -42.69 16.37
N ALA E 185 -107.22 -43.68 15.50
CA ALA E 185 -108.06 -44.88 15.53
C ALA E 185 -107.94 -45.59 16.87
N ASP E 186 -106.71 -45.88 17.29
CA ASP E 186 -106.52 -46.59 18.54
C ASP E 186 -107.11 -45.78 19.70
N TYR E 187 -106.71 -44.52 19.81
CA TYR E 187 -107.21 -43.66 20.89
C TYR E 187 -108.71 -43.41 20.76
N GLU E 188 -109.27 -43.63 19.57
CA GLU E 188 -110.70 -43.46 19.40
C GLU E 188 -111.45 -44.71 19.87
N LYS E 189 -110.76 -45.86 19.94
CA LYS E 189 -111.44 -47.06 20.47
C LYS E 189 -111.15 -47.37 21.94
N HIS E 190 -110.07 -46.85 22.53
CA HIS E 190 -109.82 -47.14 23.94
C HIS E 190 -109.88 -45.90 24.83
N LYS E 191 -110.21 -46.14 26.10
CA LYS E 191 -110.59 -45.08 27.03
C LYS E 191 -109.47 -44.73 28.02
N VAL E 192 -109.07 -45.68 28.85
CA VAL E 192 -108.33 -45.38 30.09
C VAL E 192 -106.88 -45.83 29.95
N TYR E 193 -105.96 -44.93 30.27
CA TYR E 193 -104.54 -45.15 30.15
C TYR E 193 -103.87 -44.86 31.49
N ALA E 194 -102.83 -45.60 31.83
CA ALA E 194 -102.19 -45.48 33.13
C ALA E 194 -100.71 -45.83 33.07
N CYS E 195 -99.96 -45.26 34.02
CA CYS E 195 -98.53 -45.50 34.17
C CYS E 195 -98.22 -45.58 35.66
N GLU E 196 -97.09 -46.20 36.00
CA GLU E 196 -96.62 -46.26 37.39
C GLU E 196 -95.10 -46.29 37.38
N VAL E 197 -94.50 -46.06 38.55
CA VAL E 197 -93.05 -45.97 38.70
C VAL E 197 -92.58 -47.06 39.64
N THR E 198 -91.36 -47.53 39.44
CA THR E 198 -90.68 -48.39 40.41
C THR E 198 -89.34 -47.75 40.77
N HIS E 199 -89.20 -47.35 42.04
CA HIS E 199 -87.97 -46.74 42.51
C HIS E 199 -87.71 -47.15 43.96
N GLN E 200 -86.47 -46.95 44.38
CA GLN E 200 -86.03 -47.36 45.71
C GLN E 200 -86.53 -46.41 46.78
N GLY E 201 -86.59 -45.11 46.47
CA GLY E 201 -86.92 -44.12 47.49
C GLY E 201 -88.33 -44.28 48.02
N LEU E 202 -89.13 -45.11 47.35
CA LEU E 202 -90.49 -45.39 47.77
C LEU E 202 -90.61 -46.87 48.08
N SER E 203 -91.76 -47.27 48.64
CA SER E 203 -91.97 -48.67 48.97
C SER E 203 -92.74 -49.39 47.87
N SER E 204 -93.83 -48.79 47.40
CA SER E 204 -94.69 -49.39 46.39
C SER E 204 -94.84 -48.46 45.20
N PRO E 205 -95.15 -48.99 44.02
CA PRO E 205 -95.45 -48.13 42.87
C PRO E 205 -96.62 -47.20 43.15
N VAL E 206 -96.49 -45.97 42.66
CA VAL E 206 -97.50 -44.94 42.82
C VAL E 206 -98.07 -44.58 41.46
N THR E 207 -99.39 -44.40 41.39
CA THR E 207 -100.11 -44.36 40.13
C THR E 207 -100.60 -42.95 39.83
N LYS E 208 -100.38 -42.52 38.60
CA LYS E 208 -101.00 -41.32 38.06
C LYS E 208 -101.69 -41.69 36.75
N SER E 209 -103.01 -41.65 36.76
CA SER E 209 -103.79 -42.18 35.64
C SER E 209 -104.78 -41.12 35.17
N PHE E 210 -105.39 -41.39 34.03
CA PHE E 210 -106.50 -40.56 33.57
C PHE E 210 -107.37 -41.38 32.64
N ASN E 211 -108.57 -40.86 32.41
CA ASN E 211 -109.59 -41.54 31.62
C ASN E 211 -110.03 -40.63 30.49
N ARG E 212 -110.39 -41.21 29.35
CA ARG E 212 -110.68 -40.42 28.17
C ARG E 212 -112.00 -39.66 28.35
N GLY E 213 -112.14 -38.57 27.60
CA GLY E 213 -113.32 -37.75 27.63
C GLY E 213 -113.28 -36.64 28.66
N GLU E 214 -112.35 -36.72 29.62
CA GLU E 214 -112.22 -35.71 30.66
C GLU E 214 -110.80 -35.15 30.63
N CYS E 215 -110.66 -33.96 30.06
CA CYS E 215 -109.36 -33.34 29.86
C CYS E 215 -108.69 -32.96 31.18
N GLN F 1 -39.94 -2.16 37.35
CA GLN F 1 -40.75 -1.12 37.99
C GLN F 1 -40.22 -0.84 39.40
N MET F 2 -40.27 0.43 39.81
CA MET F 2 -39.72 0.85 41.09
C MET F 2 -40.56 0.25 42.20
N GLN F 3 -40.02 -0.76 42.89
CA GLN F 3 -40.77 -1.44 43.93
C GLN F 3 -39.85 -2.16 44.90
N LEU F 4 -40.39 -2.42 46.08
CA LEU F 4 -39.81 -3.30 47.08
C LEU F 4 -40.81 -4.42 47.31
N VAL F 5 -40.34 -5.66 47.23
CA VAL F 5 -41.20 -6.82 47.44
C VAL F 5 -40.78 -7.48 48.74
N GLN F 6 -41.74 -7.68 49.64
CA GLN F 6 -41.45 -8.03 51.01
C GLN F 6 -41.88 -9.47 51.27
N SER F 7 -41.45 -10.00 52.42
CA SER F 7 -41.66 -11.41 52.75
C SER F 7 -43.08 -11.61 53.24
N GLY F 8 -43.35 -12.79 53.80
CA GLY F 8 -44.69 -13.17 54.17
C GLY F 8 -44.98 -13.01 55.66
N PRO F 9 -46.25 -13.14 56.03
CA PRO F 9 -46.62 -13.01 57.44
C PRO F 9 -46.01 -14.12 58.27
N GLU F 10 -45.67 -13.78 59.52
CA GLU F 10 -44.96 -14.70 60.39
C GLU F 10 -45.62 -14.75 61.77
N VAL F 11 -45.60 -15.94 62.37
CA VAL F 11 -46.08 -16.17 63.72
C VAL F 11 -44.94 -16.73 64.54
N LYS F 12 -44.60 -16.06 65.63
CA LYS F 12 -43.47 -16.46 66.46
C LYS F 12 -43.92 -16.52 67.91
N LYS F 13 -43.07 -17.08 68.73
CA LYS F 13 -43.35 -17.25 70.14
C LYS F 13 -42.43 -16.37 70.98
N PRO F 14 -42.81 -16.02 72.20
CA PRO F 14 -42.02 -15.06 72.99
C PRO F 14 -40.64 -15.59 73.32
N GLY F 15 -39.67 -14.67 73.33
CA GLY F 15 -38.30 -14.99 73.62
C GLY F 15 -37.47 -15.37 72.42
N THR F 16 -38.10 -15.69 71.29
CA THR F 16 -37.40 -16.12 70.10
C THR F 16 -36.93 -14.88 69.35
N SER F 17 -36.38 -15.04 68.14
CA SER F 17 -35.96 -13.93 67.30
C SER F 17 -36.52 -14.10 65.91
N VAL F 18 -36.89 -12.99 65.28
CA VAL F 18 -37.56 -12.98 63.99
C VAL F 18 -36.68 -12.25 62.99
N LYS F 19 -36.79 -12.64 61.72
CA LYS F 19 -35.98 -12.08 60.65
C LYS F 19 -36.86 -11.85 59.43
N VAL F 20 -36.88 -10.61 58.94
CA VAL F 20 -37.73 -10.22 57.83
C VAL F 20 -36.86 -9.58 56.77
N SER F 21 -37.29 -9.69 55.51
CA SER F 21 -36.48 -9.22 54.39
C SER F 21 -37.37 -8.56 53.34
N CYS F 22 -36.78 -7.63 52.60
CA CYS F 22 -37.45 -7.06 51.43
C CYS F 22 -36.43 -6.84 50.32
N LYS F 23 -36.82 -7.24 49.11
CA LYS F 23 -35.96 -7.23 47.94
C LYS F 23 -36.31 -6.05 47.04
N ALA F 24 -35.28 -5.36 46.57
CA ALA F 24 -35.45 -4.17 45.75
C ALA F 24 -35.42 -4.51 44.27
N SER F 25 -36.28 -3.86 43.50
CA SER F 25 -36.25 -4.05 42.06
C SER F 25 -36.78 -2.80 41.37
N GLY F 26 -36.22 -2.49 40.21
CA GLY F 26 -36.68 -1.39 39.39
C GLY F 26 -35.86 -0.11 39.46
N PHE F 27 -34.79 -0.08 40.26
CA PHE F 27 -33.98 1.11 40.37
C PHE F 27 -32.57 0.74 40.84
N THR F 28 -31.70 1.75 40.87
CA THR F 28 -30.30 1.56 41.27
C THR F 28 -30.26 1.46 42.79
N PHE F 29 -30.27 0.22 43.28
CA PHE F 29 -30.33 -0.02 44.71
C PHE F 29 -29.02 0.30 45.43
N SER F 30 -27.91 0.39 44.70
CA SER F 30 -26.60 0.46 45.32
C SER F 30 -26.24 1.83 45.87
N SER F 31 -27.07 2.85 45.66
CA SER F 31 -26.79 4.17 46.19
C SER F 31 -27.81 4.67 47.19
N SER F 32 -28.96 4.00 47.32
CA SER F 32 -30.04 4.48 48.16
C SER F 32 -29.80 4.08 49.61
N ALA F 33 -30.80 4.33 50.46
CA ALA F 33 -30.78 3.93 51.86
C ALA F 33 -32.16 3.41 52.22
N VAL F 34 -32.22 2.54 53.22
CA VAL F 34 -33.48 1.88 53.58
C VAL F 34 -33.76 2.13 55.06
N GLN F 35 -34.98 2.55 55.37
CA GLN F 35 -35.40 2.73 56.75
C GLN F 35 -36.55 1.78 57.06
N TRP F 36 -36.56 1.29 58.29
CA TRP F 36 -37.54 0.33 58.76
C TRP F 36 -38.39 0.97 59.85
N VAL F 37 -39.71 0.83 59.70
CA VAL F 37 -40.68 1.32 60.68
C VAL F 37 -41.72 0.23 60.92
N ARG F 38 -42.51 0.42 61.98
CA ARG F 38 -43.51 -0.56 62.38
C ARG F 38 -44.76 0.18 62.83
N GLN F 39 -45.88 -0.56 62.84
CA GLN F 39 -47.15 0.02 63.23
C GLN F 39 -48.04 -1.05 63.83
N ALA F 40 -48.57 -0.79 65.02
CA ALA F 40 -49.58 -1.68 65.58
C ALA F 40 -50.89 -1.49 64.82
N ARG F 41 -51.93 -2.18 65.26
CA ARG F 41 -53.23 -2.04 64.60
C ARG F 41 -53.88 -0.76 65.06
N GLY F 42 -54.02 0.20 64.15
CA GLY F 42 -54.66 1.47 64.45
C GLY F 42 -53.83 2.43 65.27
N GLN F 43 -52.54 2.17 65.44
CA GLN F 43 -51.68 3.02 66.24
C GLN F 43 -50.79 3.87 65.33
N HIS F 44 -50.02 4.74 65.97
CA HIS F 44 -49.10 5.62 65.26
C HIS F 44 -47.90 4.84 64.73
N LEU F 45 -47.32 5.34 63.65
CA LEU F 45 -46.10 4.75 63.14
C LEU F 45 -44.96 4.97 64.13
N GLU F 46 -44.06 4.00 64.22
CA GLU F 46 -42.90 4.07 65.08
C GLU F 46 -41.65 3.80 64.26
N TRP F 47 -40.65 4.66 64.42
CA TRP F 47 -39.41 4.54 63.65
C TRP F 47 -38.50 3.52 64.31
N ILE F 48 -38.14 2.47 63.58
CA ILE F 48 -37.26 1.43 64.10
C ILE F 48 -35.82 1.81 63.85
N GLY F 49 -35.46 2.03 62.59
CA GLY F 49 -34.07 2.38 62.31
C GLY F 49 -33.84 2.65 60.86
N TRP F 50 -32.57 2.87 60.50
CA TRP F 50 -32.23 3.07 59.09
C TRP F 50 -30.80 2.64 58.82
N ILE F 51 -30.52 2.38 57.55
CA ILE F 51 -29.25 1.82 57.11
C ILE F 51 -28.94 2.35 55.72
N VAL F 52 -27.64 2.53 55.45
CA VAL F 52 -27.16 2.96 54.15
C VAL F 52 -26.77 1.72 53.35
N VAL F 53 -27.23 1.64 52.10
CA VAL F 53 -26.96 0.46 51.29
C VAL F 53 -25.47 0.36 50.99
N GLY F 54 -24.85 1.47 50.61
CA GLY F 54 -23.45 1.45 50.21
C GLY F 54 -22.49 1.06 51.31
N SER F 55 -22.34 1.94 52.32
CA SER F 55 -21.35 1.70 53.40
C SER F 55 -21.83 0.66 54.41
N GLY F 56 -23.14 0.59 54.67
CA GLY F 56 -23.67 -0.32 55.65
C GLY F 56 -23.80 0.27 57.04
N ASN F 57 -23.58 1.57 57.20
CA ASN F 57 -23.76 2.21 58.49
C ASN F 57 -25.23 2.18 58.90
N THR F 58 -25.48 1.95 60.19
CA THR F 58 -26.83 1.79 60.69
C THR F 58 -27.06 2.74 61.85
N ASN F 59 -28.34 3.03 62.10
CA ASN F 59 -28.75 3.80 63.26
C ASN F 59 -30.08 3.27 63.77
N TYR F 60 -30.19 3.13 65.10
CA TYR F 60 -31.38 2.59 65.73
C TYR F 60 -31.89 3.55 66.79
N ALA F 61 -33.18 3.45 67.08
CA ALA F 61 -33.78 4.25 68.15
C ALA F 61 -33.30 3.75 69.51
N GLN F 62 -33.62 4.51 70.55
CA GLN F 62 -33.21 4.11 71.90
C GLN F 62 -33.94 2.87 72.35
N LYS F 63 -35.21 2.72 71.98
CA LYS F 63 -35.98 1.56 72.41
C LYS F 63 -35.44 0.27 71.84
N PHE F 64 -35.09 0.26 70.56
CA PHE F 64 -34.68 -0.94 69.87
C PHE F 64 -33.16 -1.08 69.76
N GLN F 65 -32.40 -0.24 70.46
CA GLN F 65 -30.97 -0.16 70.19
C GLN F 65 -30.27 -1.49 70.45
N GLU F 66 -30.63 -2.17 71.54
CA GLU F 66 -29.90 -3.37 71.94
C GLU F 66 -30.49 -4.65 71.38
N ARG F 67 -31.60 -4.58 70.64
CA ARG F 67 -32.24 -5.82 70.18
C ARG F 67 -32.73 -5.70 68.74
N VAL F 68 -31.93 -5.14 67.85
CA VAL F 68 -32.25 -5.21 66.42
C VAL F 68 -30.95 -5.13 65.64
N THR F 69 -30.93 -5.78 64.48
CA THR F 69 -29.80 -5.73 63.57
C THR F 69 -30.33 -5.50 62.16
N LEU F 70 -29.67 -4.61 61.42
CA LEU F 70 -30.03 -4.30 60.04
C LEU F 70 -28.86 -4.65 59.13
N THR F 71 -29.13 -5.45 58.10
CA THR F 71 -28.08 -5.88 57.18
C THR F 71 -28.60 -5.82 55.76
N ARG F 72 -27.71 -6.02 54.80
CA ARG F 72 -28.09 -5.95 53.40
C ARG F 72 -27.16 -6.83 52.57
N ASP F 73 -27.64 -7.22 51.39
CA ASP F 73 -26.88 -7.98 50.42
C ASP F 73 -27.00 -7.29 49.08
N MET F 74 -25.87 -6.78 48.56
CA MET F 74 -25.87 -6.14 47.26
C MET F 74 -26.03 -7.14 46.13
N SER F 75 -25.55 -8.38 46.33
CA SER F 75 -25.56 -9.36 45.25
C SER F 75 -26.97 -9.64 44.75
N THR F 76 -27.91 -9.85 45.68
CA THR F 76 -29.31 -10.05 45.32
C THR F 76 -30.17 -8.81 45.58
N ARG F 77 -29.57 -7.73 46.07
CA ARG F 77 -30.29 -6.49 46.35
C ARG F 77 -31.43 -6.73 47.34
N THR F 78 -31.05 -7.13 48.55
CA THR F 78 -32.01 -7.49 49.59
C THR F 78 -31.63 -6.82 50.90
N ALA F 79 -32.64 -6.45 51.69
CA ALA F 79 -32.43 -5.85 53.00
C ALA F 79 -33.07 -6.71 54.07
N TYR F 80 -32.37 -6.88 55.19
CA TYR F 80 -32.77 -7.77 56.27
C TYR F 80 -32.84 -7.01 57.58
N MET F 81 -33.85 -7.32 58.39
CA MET F 81 -33.94 -6.86 59.77
C MET F 81 -34.19 -8.05 60.67
N GLU F 82 -33.40 -8.16 61.74
CA GLU F 82 -33.57 -9.19 62.74
C GLU F 82 -33.90 -8.53 64.08
N LEU F 83 -34.99 -8.95 64.69
CA LEU F 83 -35.39 -8.45 66.00
C LEU F 83 -35.35 -9.61 66.99
N SER F 84 -34.66 -9.41 68.10
CA SER F 84 -34.41 -10.46 69.07
C SER F 84 -35.06 -10.12 70.41
N SER F 85 -35.04 -11.11 71.30
CA SER F 85 -35.64 -11.00 72.63
C SER F 85 -37.08 -10.49 72.55
N LEU F 86 -37.91 -11.30 71.89
CA LEU F 86 -39.26 -10.89 71.56
C LEU F 86 -40.13 -10.74 72.81
N ARG F 87 -41.22 -10.00 72.65
CA ARG F 87 -42.24 -9.85 73.68
C ARG F 87 -43.59 -9.84 72.99
N SER F 88 -44.65 -10.02 73.78
CA SER F 88 -46.00 -9.98 73.23
C SER F 88 -46.38 -8.59 72.75
N GLU F 89 -45.60 -7.56 73.09
CA GLU F 89 -45.87 -6.20 72.68
C GLU F 89 -45.23 -5.83 71.35
N ASP F 90 -44.95 -6.81 70.50
CA ASP F 90 -44.31 -6.56 69.21
C ASP F 90 -45.13 -7.05 68.03
N THR F 91 -46.39 -7.44 68.24
CA THR F 91 -47.24 -7.89 67.14
C THR F 91 -47.66 -6.67 66.32
N ALA F 92 -47.19 -6.58 65.09
CA ALA F 92 -47.42 -5.36 64.32
C ALA F 92 -47.08 -5.61 62.85
N VAL F 93 -47.27 -4.56 62.05
CA VAL F 93 -46.95 -4.59 60.63
C VAL F 93 -45.65 -3.83 60.42
N TYR F 94 -44.71 -4.44 59.72
CA TYR F 94 -43.39 -3.86 59.51
C TYR F 94 -43.22 -3.45 58.06
N TYR F 95 -42.67 -2.24 57.86
CA TYR F 95 -42.47 -1.66 56.53
C TYR F 95 -41.01 -1.26 56.34
N CYS F 96 -40.51 -1.45 55.12
CA CYS F 96 -39.22 -0.93 54.70
C CYS F 96 -39.45 0.08 53.58
N ALA F 97 -38.74 1.20 53.63
CA ALA F 97 -38.94 2.28 52.66
C ALA F 97 -37.60 2.85 52.22
N ALA F 98 -37.51 3.21 50.95
CA ALA F 98 -36.27 3.70 50.36
C ALA F 98 -36.58 4.73 49.30
N PRO F 99 -35.67 5.65 49.01
CA PRO F 99 -35.87 6.59 47.90
C PRO F 99 -35.44 6.00 46.57
N ASN F 100 -36.05 6.51 45.51
CA ASN F 100 -35.73 6.08 44.14
C ASN F 100 -34.43 6.73 43.71
N CYS F 101 -33.41 5.92 43.45
CA CYS F 101 -32.11 6.44 43.04
C CYS F 101 -31.66 5.79 41.74
N ASN F 102 -31.03 6.59 40.88
CA ASN F 102 -30.38 6.02 39.69
C ASN F 102 -28.96 6.54 39.54
N SER F 103 -28.05 5.98 40.33
CA SER F 103 -26.62 5.84 40.04
C SER F 103 -25.82 7.14 40.01
N THR F 104 -26.47 8.30 39.99
CA THR F 104 -25.74 9.56 40.02
C THR F 104 -26.10 10.47 41.17
N THR F 105 -27.37 10.89 41.27
CA THR F 105 -27.93 11.66 42.37
C THR F 105 -29.38 11.26 42.42
N CYS F 106 -30.01 11.36 43.59
CA CYS F 106 -31.35 10.83 43.69
C CYS F 106 -32.21 11.59 44.69
N HIS F 107 -33.44 11.10 44.84
CA HIS F 107 -34.53 11.87 45.38
C HIS F 107 -34.30 12.23 46.85
N ASP F 108 -35.10 13.17 47.38
CA ASP F 108 -34.82 13.67 48.75
C ASP F 108 -35.87 13.21 49.77
N GLY F 109 -36.67 12.20 49.44
CA GLY F 109 -37.60 11.67 50.42
C GLY F 109 -37.94 10.24 50.12
N PHE F 110 -38.34 9.52 51.16
CA PHE F 110 -38.61 8.09 51.07
C PHE F 110 -39.90 7.89 50.29
N ASP F 111 -39.76 7.67 48.98
CA ASP F 111 -40.90 7.60 48.09
C ASP F 111 -41.41 6.18 47.89
N ILE F 112 -40.51 5.19 47.82
CA ILE F 112 -40.87 3.80 47.58
C ILE F 112 -41.16 3.14 48.92
N TRP F 113 -42.23 2.36 48.98
CA TRP F 113 -42.63 1.68 50.19
C TRP F 113 -42.95 0.22 49.91
N GLY F 114 -42.67 -0.64 50.89
CA GLY F 114 -43.05 -2.03 50.81
C GLY F 114 -44.51 -2.22 51.16
N GLN F 115 -44.95 -3.48 51.08
CA GLN F 115 -46.32 -3.80 51.42
C GLN F 115 -46.51 -4.23 52.87
N GLY F 116 -45.43 -4.34 53.63
CA GLY F 116 -45.53 -4.63 55.05
C GLY F 116 -45.78 -6.08 55.37
N THR F 117 -45.05 -6.62 56.35
CA THR F 117 -45.24 -7.98 56.80
C THR F 117 -45.85 -7.97 58.19
N VAL F 118 -46.82 -8.85 58.42
CA VAL F 118 -47.52 -8.92 59.69
C VAL F 118 -46.82 -9.94 60.57
N VAL F 119 -46.36 -9.49 61.73
CA VAL F 119 -45.66 -10.35 62.68
C VAL F 119 -46.53 -10.49 63.91
N THR F 120 -46.89 -11.72 64.23
CA THR F 120 -47.71 -12.04 65.39
C THR F 120 -46.83 -12.71 66.43
N VAL F 121 -46.93 -12.26 67.68
CA VAL F 121 -46.22 -12.88 68.80
C VAL F 121 -47.27 -13.41 69.76
N SER F 122 -47.37 -14.74 69.85
CA SER F 122 -48.29 -15.36 70.83
C SER F 122 -47.81 -16.77 71.18
N SER F 123 -47.88 -17.15 72.46
CA SER F 123 -47.48 -18.51 72.89
C SER F 123 -48.65 -19.48 72.72
N ALA F 124 -49.84 -18.95 72.42
CA ALA F 124 -51.04 -19.81 72.20
C ALA F 124 -50.80 -20.71 70.99
N SER F 125 -51.34 -21.93 71.03
CA SER F 125 -51.19 -22.87 69.89
C SER F 125 -52.24 -22.54 68.82
N THR F 126 -51.93 -22.88 67.55
CA THR F 126 -52.90 -22.63 66.45
C THR F 126 -54.18 -23.43 66.71
N LYS F 127 -55.31 -22.74 66.81
CA LYS F 127 -56.61 -23.41 67.09
C LYS F 127 -57.52 -23.26 65.87
N GLY F 128 -58.85 -23.33 66.07
CA GLY F 128 -59.79 -23.17 65.00
C GLY F 128 -61.11 -22.60 65.48
N PRO F 129 -61.81 -21.86 64.62
CA PRO F 129 -62.96 -21.08 65.07
C PRO F 129 -64.18 -21.91 65.40
N SER F 130 -65.12 -21.26 66.09
CA SER F 130 -66.45 -21.82 66.36
C SER F 130 -67.48 -20.72 66.16
N VAL F 131 -68.62 -21.10 65.56
CA VAL F 131 -69.62 -20.15 65.10
C VAL F 131 -70.89 -20.35 65.90
N PHE F 132 -71.47 -19.25 66.40
CA PHE F 132 -72.59 -19.36 67.31
C PHE F 132 -73.73 -18.44 66.90
N PRO F 133 -74.97 -18.81 67.21
CA PRO F 133 -76.11 -18.10 66.64
C PRO F 133 -76.57 -16.91 67.46
N LEU F 134 -76.48 -15.74 66.84
CA LEU F 134 -77.06 -14.51 67.39
C LEU F 134 -78.55 -14.56 67.08
N ALA F 135 -79.33 -15.05 68.02
CA ALA F 135 -80.74 -15.26 67.77
C ALA F 135 -81.44 -13.94 67.49
N PRO F 136 -82.14 -13.80 66.37
CA PRO F 136 -83.12 -12.73 66.27
C PRO F 136 -84.31 -13.02 67.16
N SER F 137 -84.49 -12.19 68.18
CA SER F 137 -85.61 -12.33 69.09
C SER F 137 -86.90 -12.09 68.30
N SER F 138 -87.93 -12.91 68.58
CA SER F 138 -89.18 -12.82 67.83
C SER F 138 -89.74 -11.41 67.81
N LYS F 139 -89.75 -10.71 68.94
CA LYS F 139 -90.07 -9.28 68.97
C LYS F 139 -88.90 -8.55 69.63
N SER F 140 -87.90 -8.24 68.82
CA SER F 140 -86.84 -7.32 69.21
C SER F 140 -87.09 -6.01 68.47
N THR F 141 -87.63 -6.13 67.27
CA THR F 141 -88.06 -5.00 66.45
C THR F 141 -89.53 -5.13 66.06
N SER F 142 -90.27 -4.02 66.12
CA SER F 142 -91.48 -3.90 65.32
C SER F 142 -91.03 -3.92 63.87
N GLY F 143 -91.89 -4.45 62.99
CA GLY F 143 -91.56 -4.62 61.56
C GLY F 143 -90.86 -3.46 60.90
N GLY F 144 -89.64 -3.14 61.33
CA GLY F 144 -88.87 -2.14 60.64
C GLY F 144 -87.70 -2.77 59.91
N THR F 145 -86.50 -2.63 60.46
CA THR F 145 -85.37 -3.45 60.04
C THR F 145 -84.73 -4.00 61.30
N ALA F 146 -84.57 -5.33 61.35
CA ALA F 146 -84.18 -6.01 62.56
C ALA F 146 -82.78 -6.58 62.41
N ALA F 147 -82.13 -6.81 63.54
CA ALA F 147 -80.75 -7.27 63.59
C ALA F 147 -80.70 -8.79 63.76
N LEU F 148 -79.79 -9.40 63.02
CA LEU F 148 -79.48 -10.83 63.13
C LEU F 148 -78.07 -11.02 62.61
N GLY F 149 -77.33 -11.93 63.26
CA GLY F 149 -75.92 -12.05 62.90
C GLY F 149 -75.31 -13.31 63.45
N CYS F 150 -73.97 -13.33 63.45
CA CYS F 150 -73.21 -14.49 63.88
C CYS F 150 -72.10 -14.11 64.86
N LEU F 151 -71.99 -14.88 65.94
CA LEU F 151 -70.84 -14.82 66.82
C LEU F 151 -69.78 -15.75 66.24
N VAL F 152 -68.52 -15.34 66.33
CA VAL F 152 -67.39 -16.21 66.08
C VAL F 152 -66.45 -16.06 67.26
N LYS F 153 -66.13 -17.17 67.91
CA LYS F 153 -65.30 -17.16 69.11
C LYS F 153 -64.21 -18.20 68.99
N ASP F 154 -63.09 -17.94 69.65
CA ASP F 154 -62.04 -18.93 69.84
C ASP F 154 -61.45 -19.38 68.50
N TYR F 155 -60.79 -18.45 67.83
CA TYR F 155 -59.99 -18.77 66.67
C TYR F 155 -58.64 -18.09 66.75
N PHE F 156 -57.61 -18.82 66.33
CA PHE F 156 -56.24 -18.36 66.37
C PHE F 156 -55.43 -19.21 65.41
N PRO F 157 -54.59 -18.61 64.57
CA PRO F 157 -54.44 -17.15 64.44
C PRO F 157 -55.24 -16.57 63.27
N GLU F 158 -55.11 -15.27 63.09
CA GLU F 158 -55.85 -14.48 62.14
C GLU F 158 -55.45 -14.82 60.71
N PRO F 159 -56.32 -14.58 59.72
CA PRO F 159 -57.68 -14.05 59.83
C PRO F 159 -58.78 -15.05 59.46
N VAL F 160 -60.02 -14.66 59.72
CA VAL F 160 -61.20 -15.44 59.41
C VAL F 160 -62.07 -14.66 58.44
N THR F 161 -62.46 -15.31 57.36
CA THR F 161 -63.21 -14.68 56.29
C THR F 161 -64.66 -15.14 56.35
N VAL F 162 -65.60 -14.21 56.28
CA VAL F 162 -67.00 -14.48 56.56
C VAL F 162 -67.84 -14.09 55.36
N SER F 163 -69.00 -14.71 55.22
CA SER F 163 -69.92 -14.42 54.12
C SER F 163 -71.29 -15.01 54.43
N TRP F 164 -72.27 -14.68 53.59
CA TRP F 164 -73.64 -15.16 53.70
C TRP F 164 -74.15 -15.54 52.31
N ASN F 165 -74.99 -16.57 52.24
CA ASN F 165 -75.58 -17.03 50.97
C ASN F 165 -74.51 -17.47 49.96
N SER F 166 -73.43 -18.09 50.45
CA SER F 166 -72.26 -18.41 49.64
C SER F 166 -71.60 -17.15 49.10
N GLY F 167 -71.78 -16.03 49.81
CA GLY F 167 -71.34 -14.72 49.37
C GLY F 167 -72.38 -13.87 48.65
N ALA F 168 -73.53 -14.44 48.30
CA ALA F 168 -74.42 -13.79 47.33
C ALA F 168 -74.99 -12.48 47.85
N LEU F 169 -75.65 -12.47 49.00
CA LEU F 169 -76.35 -11.29 49.48
C LEU F 169 -75.41 -10.48 50.37
N THR F 170 -75.04 -9.28 49.92
CA THR F 170 -74.06 -8.49 50.63
C THR F 170 -74.62 -7.15 51.12
N SER F 171 -75.87 -6.83 50.79
CA SER F 171 -76.44 -5.56 51.17
C SER F 171 -76.72 -5.51 52.67
N GLY F 172 -76.15 -4.51 53.36
CA GLY F 172 -76.54 -4.17 54.70
C GLY F 172 -75.80 -4.86 55.83
N VAL F 173 -74.62 -5.40 55.58
CA VAL F 173 -73.91 -6.20 56.58
C VAL F 173 -72.71 -5.44 57.11
N HIS F 174 -72.32 -5.75 58.34
CA HIS F 174 -71.15 -5.14 58.98
C HIS F 174 -70.32 -6.25 59.60
N THR F 175 -69.11 -6.44 59.08
CA THR F 175 -68.17 -7.41 59.64
C THR F 175 -67.17 -6.65 60.51
N PHE F 176 -67.22 -6.88 61.81
CA PHE F 176 -66.49 -6.20 62.87
C PHE F 176 -65.03 -6.65 62.92
N PRO F 177 -64.14 -5.78 63.39
CA PRO F 177 -62.75 -6.17 63.54
C PRO F 177 -62.56 -7.18 64.66
N ALA F 178 -61.48 -7.95 64.57
CA ALA F 178 -61.17 -8.95 65.59
C ALA F 178 -60.81 -8.28 66.91
N VAL F 179 -61.04 -9.00 68.00
CA VAL F 179 -60.77 -8.52 69.34
C VAL F 179 -59.89 -9.53 70.05
N LEU F 180 -58.76 -9.06 70.60
CA LEU F 180 -57.81 -9.92 71.27
C LEU F 180 -58.11 -9.90 72.76
N GLN F 181 -58.40 -11.06 73.32
CA GLN F 181 -58.82 -11.19 74.70
C GLN F 181 -57.73 -11.81 75.56
N SER F 182 -58.10 -12.14 76.80
CA SER F 182 -57.18 -12.84 77.70
C SER F 182 -56.79 -14.21 77.18
N SER F 183 -57.76 -14.99 76.67
CA SER F 183 -57.51 -16.40 76.27
C SER F 183 -56.67 -16.53 74.99
N GLY F 184 -56.19 -15.42 74.42
CA GLY F 184 -55.35 -15.49 73.25
C GLY F 184 -56.08 -15.69 71.95
N LEU F 185 -57.32 -16.14 72.00
CA LEU F 185 -58.12 -16.38 70.81
C LEU F 185 -58.81 -15.09 70.43
N TYR F 186 -58.90 -14.85 69.13
CA TYR F 186 -59.60 -13.66 68.66
C TYR F 186 -61.10 -13.91 68.60
N SER F 187 -61.85 -12.87 68.30
CA SER F 187 -63.30 -12.96 68.33
C SER F 187 -63.89 -11.83 67.52
N LEU F 188 -64.53 -12.14 66.39
CA LEU F 188 -65.24 -11.14 65.62
C LEU F 188 -66.65 -11.61 65.39
N SER F 189 -67.54 -10.66 65.13
CA SER F 189 -68.94 -10.94 64.90
C SER F 189 -69.41 -10.22 63.66
N SER F 190 -70.35 -10.84 62.95
CA SER F 190 -70.91 -10.27 61.73
C SER F 190 -72.41 -10.20 61.89
N VAL F 191 -73.00 -9.09 61.45
CA VAL F 191 -74.40 -8.80 61.73
C VAL F 191 -75.05 -8.31 60.44
N VAL F 192 -76.38 -8.44 60.37
CA VAL F 192 -77.15 -7.99 59.22
C VAL F 192 -78.46 -7.40 59.71
N THR F 193 -79.00 -6.45 58.95
CA THR F 193 -80.25 -5.80 59.27
C THR F 193 -81.34 -6.29 58.32
N VAL F 194 -82.28 -7.08 58.85
CA VAL F 194 -83.45 -7.51 58.10
C VAL F 194 -84.66 -7.56 59.01
N PRO F 195 -85.79 -7.00 58.56
CA PRO F 195 -86.99 -6.92 59.42
C PRO F 195 -87.46 -8.28 59.94
N SER F 196 -88.27 -8.25 61.00
CA SER F 196 -88.85 -9.48 61.54
C SER F 196 -89.76 -10.16 60.53
N SER F 197 -90.38 -9.38 59.63
CA SER F 197 -91.10 -10.00 58.52
C SER F 197 -90.18 -10.87 57.68
N SER F 198 -88.90 -10.54 57.63
CA SER F 198 -87.93 -11.35 56.92
C SER F 198 -87.57 -12.62 57.67
N LEU F 199 -87.34 -12.54 58.98
CA LEU F 199 -86.79 -13.67 59.72
C LEU F 199 -87.68 -14.89 59.64
N GLY F 200 -88.99 -14.68 59.46
CA GLY F 200 -89.91 -15.80 59.31
C GLY F 200 -90.24 -16.11 57.87
N THR F 201 -89.87 -15.23 56.95
CA THR F 201 -90.21 -15.37 55.53
C THR F 201 -88.99 -15.32 54.63
N GLN F 202 -87.85 -14.83 55.11
CA GLN F 202 -86.61 -14.88 54.34
C GLN F 202 -85.66 -15.88 54.99
N THR F 203 -84.78 -16.45 54.17
CA THR F 203 -83.87 -17.51 54.57
C THR F 203 -82.42 -17.01 54.54
N TYR F 204 -81.66 -17.34 55.58
CA TYR F 204 -80.25 -16.99 55.69
C TYR F 204 -79.50 -18.15 56.31
N ILE F 205 -78.32 -18.49 55.75
CA ILE F 205 -77.33 -19.33 56.43
C ILE F 205 -76.03 -18.55 56.49
N CYS F 206 -75.26 -18.81 57.54
CA CYS F 206 -74.03 -18.08 57.86
C CYS F 206 -72.83 -18.89 57.42
N ASN F 207 -71.85 -18.23 56.80
CA ASN F 207 -70.67 -18.89 56.25
C ASN F 207 -69.43 -18.40 56.99
N VAL F 208 -68.59 -19.33 57.42
CA VAL F 208 -67.37 -18.99 58.14
C VAL F 208 -66.26 -19.78 57.44
N ASN F 209 -65.01 -19.38 57.64
CA ASN F 209 -63.90 -19.89 56.86
C ASN F 209 -62.63 -19.79 57.69
N HIS F 210 -61.80 -20.82 57.67
CA HIS F 210 -60.45 -20.77 58.22
C HIS F 210 -59.65 -21.87 57.54
N LYS F 211 -58.68 -21.46 56.72
CA LYS F 211 -57.94 -22.42 55.90
C LYS F 211 -56.81 -23.11 56.66
N PRO F 212 -56.01 -22.44 57.49
CA PRO F 212 -54.97 -23.16 58.25
C PRO F 212 -55.48 -24.33 59.06
N SER F 213 -56.80 -24.45 59.23
CA SER F 213 -57.43 -25.67 59.70
C SER F 213 -58.49 -26.17 58.73
N ASN F 214 -58.64 -25.52 57.57
CA ASN F 214 -59.61 -25.92 56.51
C ASN F 214 -60.99 -26.01 57.16
N THR F 215 -61.55 -24.84 57.53
CA THR F 215 -62.79 -24.95 58.29
C THR F 215 -63.94 -24.26 57.60
N LYS F 216 -64.93 -25.06 57.18
CA LYS F 216 -66.11 -24.54 56.49
C LYS F 216 -67.34 -25.07 57.20
N VAL F 217 -68.14 -24.17 57.77
CA VAL F 217 -69.22 -24.52 58.68
C VAL F 217 -70.44 -23.67 58.36
N ASP F 218 -71.62 -24.18 58.67
CA ASP F 218 -72.88 -23.48 58.46
C ASP F 218 -73.82 -23.68 59.64
N LYS F 219 -74.39 -22.58 60.14
CA LYS F 219 -75.17 -22.58 61.38
C LYS F 219 -76.54 -21.97 61.13
N LYS F 220 -77.57 -22.79 61.08
CA LYS F 220 -78.93 -22.27 60.94
C LYS F 220 -79.33 -21.46 62.16
N VAL F 221 -79.85 -20.26 61.94
CA VAL F 221 -80.34 -19.43 63.03
C VAL F 221 -81.63 -18.73 62.62
N GLU G 1 -35.76 12.78 71.14
CA GLU G 1 -34.90 13.95 71.03
C GLU G 1 -35.55 15.06 70.21
N ILE G 2 -36.83 14.87 69.87
CA ILE G 2 -37.61 15.87 69.16
C ILE G 2 -39.08 15.62 69.41
N VAL G 3 -39.81 16.66 69.77
CA VAL G 3 -41.22 16.56 70.10
C VAL G 3 -42.03 17.18 68.98
N LEU G 4 -42.78 16.35 68.26
CA LEU G 4 -43.59 16.79 67.14
C LEU G 4 -45.06 16.62 67.50
N THR G 5 -45.63 17.61 68.17
CA THR G 5 -47.05 17.59 68.46
C THR G 5 -47.81 17.99 67.22
N GLN G 6 -48.84 17.24 66.87
CA GLN G 6 -49.55 17.47 65.62
C GLN G 6 -50.94 18.01 65.93
N SER G 7 -51.40 18.95 65.12
CA SER G 7 -52.73 19.52 65.25
C SER G 7 -53.41 19.53 63.89
N PRO G 8 -54.74 19.43 63.85
CA PRO G 8 -55.64 19.20 64.98
C PRO G 8 -55.70 17.73 65.37
N GLY G 9 -56.34 17.40 66.50
CA GLY G 9 -56.46 16.00 66.87
C GLY G 9 -57.23 15.19 65.85
N THR G 10 -58.39 15.70 65.42
CA THR G 10 -59.14 15.12 64.32
C THR G 10 -59.69 16.25 63.47
N LEU G 11 -60.04 15.92 62.24
CA LEU G 11 -60.51 16.90 61.27
C LEU G 11 -61.82 16.39 60.71
N SER G 12 -62.86 17.21 60.77
CA SER G 12 -64.22 16.80 60.42
C SER G 12 -64.82 17.80 59.44
N LEU G 13 -64.65 17.55 58.15
CA LEU G 13 -65.16 18.44 57.12
C LEU G 13 -65.74 17.64 55.96
N SER G 14 -66.61 18.30 55.19
CA SER G 14 -67.33 17.78 54.04
C SER G 14 -66.45 17.81 52.79
N PRO G 15 -66.82 17.07 51.75
CA PRO G 15 -65.97 17.06 50.54
C PRO G 15 -66.10 18.34 49.73
N GLY G 16 -65.02 19.14 49.73
CA GLY G 16 -64.97 20.43 49.09
C GLY G 16 -64.33 21.53 49.93
N GLU G 17 -64.54 21.48 51.25
CA GLU G 17 -64.01 22.49 52.16
C GLU G 17 -62.49 22.31 52.30
N ARG G 18 -61.84 23.28 52.92
CA ARG G 18 -60.39 23.33 52.94
C ARG G 18 -59.85 23.10 54.34
N ALA G 19 -58.66 22.50 54.43
CA ALA G 19 -58.10 22.08 55.71
C ALA G 19 -56.67 22.54 55.85
N THR G 20 -56.25 22.73 57.09
CA THR G 20 -54.89 23.17 57.40
C THR G 20 -54.35 22.36 58.57
N LEU G 21 -53.61 21.30 58.25
CA LEU G 21 -52.93 20.54 59.28
C LEU G 21 -51.66 21.27 59.66
N SER G 22 -51.09 20.92 60.82
CA SER G 22 -49.83 21.51 61.23
C SER G 22 -49.08 20.54 62.13
N CYS G 23 -47.76 20.59 62.03
CA CYS G 23 -46.84 19.81 62.86
C CYS G 23 -45.93 20.81 63.58
N ARG G 24 -45.90 20.74 64.90
CA ARG G 24 -45.15 21.71 65.69
C ARG G 24 -44.03 20.99 66.42
N ALA G 25 -42.79 21.44 66.20
CA ALA G 25 -41.63 20.85 66.85
C ALA G 25 -41.21 21.69 68.05
N SER G 26 -40.73 21.02 69.09
CA SER G 26 -40.34 21.69 70.32
C SER G 26 -38.91 22.20 70.27
N GLN G 27 -38.22 22.00 69.16
CA GLN G 27 -36.91 22.56 68.91
C GLN G 27 -36.82 22.87 67.41
N SER G 28 -35.74 23.55 67.02
CA SER G 28 -35.59 23.95 65.64
C SER G 28 -35.32 22.75 64.74
N VAL G 29 -35.90 22.78 63.55
CA VAL G 29 -35.55 21.85 62.47
C VAL G 29 -35.46 22.61 61.16
N ARG G 30 -34.75 22.03 60.20
CA ARG G 30 -34.55 22.67 58.91
C ARG G 30 -35.56 22.15 57.91
N SER G 31 -36.12 23.06 57.13
CA SER G 31 -37.23 22.72 56.24
C SER G 31 -36.84 21.70 55.19
N SER G 32 -35.55 21.51 54.96
CA SER G 32 -35.14 20.55 53.95
C SER G 32 -35.29 19.12 54.41
N TYR G 33 -35.66 18.87 55.66
CA TYR G 33 -35.71 17.51 56.20
C TYR G 33 -37.01 17.22 56.94
N LEU G 34 -38.15 17.65 56.40
CA LEU G 34 -39.44 17.29 56.98
C LEU G 34 -40.38 16.83 55.87
N GLY G 35 -41.07 15.72 56.12
CA GLY G 35 -41.92 15.14 55.10
C GLY G 35 -43.28 14.80 55.66
N TRP G 36 -44.28 14.95 54.80
CA TRP G 36 -45.66 14.60 55.11
C TRP G 36 -46.07 13.40 54.28
N TYR G 37 -46.62 12.39 54.95
CA TYR G 37 -47.09 11.15 54.34
C TYR G 37 -48.59 11.00 54.56
N GLN G 38 -49.22 10.21 53.69
CA GLN G 38 -50.63 9.89 53.81
C GLN G 38 -50.82 8.39 53.78
N GLN G 39 -51.60 7.86 54.72
CA GLN G 39 -51.97 6.45 54.74
C GLN G 39 -53.47 6.33 54.65
N LYS G 40 -53.94 5.59 53.67
CA LYS G 40 -55.34 5.23 53.56
C LYS G 40 -55.59 3.96 54.37
N PRO G 41 -56.83 3.71 54.79
CA PRO G 41 -57.10 2.59 55.71
C PRO G 41 -56.63 1.26 55.14
N GLY G 42 -55.61 0.69 55.77
CA GLY G 42 -55.15 -0.64 55.48
C GLY G 42 -53.94 -0.75 54.56
N GLN G 43 -53.62 0.29 53.81
CA GLN G 43 -52.53 0.24 52.84
C GLN G 43 -51.26 0.82 53.42
N ALA G 44 -50.18 0.71 52.66
CA ALA G 44 -48.93 1.34 53.03
C ALA G 44 -48.99 2.83 52.72
N PRO G 45 -48.42 3.67 53.58
CA PRO G 45 -48.47 5.11 53.33
C PRO G 45 -47.68 5.51 52.11
N ARG G 46 -48.12 6.59 51.47
CA ARG G 46 -47.45 7.12 50.28
C ARG G 46 -46.97 8.53 50.56
N LEU G 47 -45.75 8.83 50.16
CA LEU G 47 -45.18 10.14 50.41
C LEU G 47 -46.01 11.21 49.72
N LEU G 48 -46.24 12.33 50.42
CA LEU G 48 -46.92 13.47 49.84
C LEU G 48 -46.01 14.67 49.63
N ILE G 49 -45.33 15.14 50.67
CA ILE G 49 -44.56 16.37 50.58
C ILE G 49 -43.17 16.14 51.14
N TYR G 50 -42.15 16.45 50.35
CA TYR G 50 -40.77 16.38 50.82
C TYR G 50 -40.16 17.77 50.80
N GLY G 51 -39.25 18.01 51.75
CA GLY G 51 -38.65 19.32 51.89
C GLY G 51 -39.57 20.37 52.47
N ALA G 52 -40.74 19.97 52.97
CA ALA G 52 -41.68 20.81 53.69
C ALA G 52 -42.42 21.80 52.80
N SER G 53 -42.01 21.90 51.52
CA SER G 53 -42.62 22.89 50.60
C SER G 53 -42.62 22.38 49.16
N SER G 54 -41.93 21.28 48.90
CA SER G 54 -41.85 20.74 47.53
C SER G 54 -42.79 19.55 47.38
N ARG G 55 -43.65 19.57 46.36
CA ARG G 55 -44.54 18.46 46.12
C ARG G 55 -43.75 17.23 45.71
N ALA G 56 -44.43 16.08 45.71
CA ALA G 56 -43.85 14.86 45.19
C ALA G 56 -44.29 14.65 43.74
N THR G 57 -44.00 13.47 43.20
CA THR G 57 -44.32 13.14 41.82
C THR G 57 -45.55 12.25 41.76
N GLY G 58 -46.54 12.66 40.97
CA GLY G 58 -47.80 11.98 40.88
C GLY G 58 -48.88 12.52 41.77
N ILE G 59 -48.50 13.16 42.88
CA ILE G 59 -49.47 13.83 43.75
C ILE G 59 -50.18 14.90 42.94
N PRO G 60 -51.47 15.16 43.15
CA PRO G 60 -52.15 16.21 42.38
C PRO G 60 -51.54 17.58 42.65
N ASP G 61 -51.92 18.55 41.81
CA ASP G 61 -51.46 19.91 42.01
C ASP G 61 -52.22 20.61 43.12
N ARG G 62 -53.38 20.09 43.52
CA ARG G 62 -54.13 20.72 44.60
C ARG G 62 -53.34 20.70 45.89
N PHE G 63 -52.75 19.56 46.23
CA PHE G 63 -51.99 19.43 47.46
C PHE G 63 -50.78 20.34 47.44
N SER G 64 -50.50 20.97 48.58
CA SER G 64 -49.37 21.87 48.74
C SER G 64 -49.08 22.10 50.22
N GLY G 65 -47.86 21.80 50.64
CA GLY G 65 -47.45 22.09 51.99
C GLY G 65 -46.92 23.51 52.06
N SER G 66 -46.52 23.99 53.24
CA SER G 66 -45.90 25.29 53.32
C SER G 66 -44.48 25.24 53.84
N GLY G 67 -44.31 24.76 55.08
CA GLY G 67 -43.02 24.52 55.70
C GLY G 67 -42.16 25.69 56.15
N SER G 68 -42.61 26.39 57.21
CA SER G 68 -41.86 27.55 57.76
C SER G 68 -40.65 27.09 58.59
N GLY G 69 -40.16 27.95 59.50
CA GLY G 69 -38.94 27.65 60.27
C GLY G 69 -38.99 26.33 61.03
N THR G 70 -39.74 26.25 62.13
CA THR G 70 -39.78 25.06 62.98
C THR G 70 -41.23 24.59 63.11
N ASP G 71 -42.13 25.30 62.43
CA ASP G 71 -43.56 25.21 62.70
C ASP G 71 -44.24 24.96 61.37
N PHE G 72 -44.43 23.69 61.04
CA PHE G 72 -44.71 23.33 59.65
C PHE G 72 -46.21 23.15 59.44
N THR G 73 -46.64 23.35 58.19
CA THR G 73 -48.06 23.43 57.88
C THR G 73 -48.35 22.54 56.67
N LEU G 74 -49.63 22.26 56.45
CA LEU G 74 -50.08 21.48 55.29
C LEU G 74 -51.48 21.89 54.90
N THR G 75 -51.61 22.61 53.79
CA THR G 75 -52.89 23.12 53.33
C THR G 75 -53.44 22.21 52.24
N ILE G 76 -54.57 21.58 52.51
CA ILE G 76 -55.34 20.86 51.50
C ILE G 76 -56.42 21.81 51.05
N SER G 77 -56.32 22.28 49.80
CA SER G 77 -57.09 23.43 49.36
C SER G 77 -58.42 23.03 48.75
N ARG G 78 -58.73 21.73 48.74
CA ARG G 78 -60.10 21.26 48.50
C ARG G 78 -60.14 19.77 48.83
N LEU G 79 -61.22 19.36 49.47
CA LEU G 79 -61.31 18.01 50.00
C LEU G 79 -62.22 17.17 49.12
N GLU G 80 -61.72 16.02 48.67
CA GLU G 80 -62.50 15.06 47.91
C GLU G 80 -62.89 13.89 48.81
N SER G 81 -63.67 12.97 48.25
CA SER G 81 -63.91 11.67 48.88
C SER G 81 -62.68 10.80 48.89
N GLU G 82 -61.78 10.98 47.93
CA GLU G 82 -60.48 10.36 47.93
C GLU G 82 -59.62 10.79 49.11
N ASP G 83 -59.86 11.97 49.67
CA ASP G 83 -58.91 12.66 50.53
C ASP G 83 -58.92 12.22 51.98
N PHE G 84 -59.92 11.46 52.40
CA PHE G 84 -60.06 11.14 53.81
C PHE G 84 -59.12 9.98 54.14
N ALA G 85 -58.14 10.25 54.98
CA ALA G 85 -57.08 9.31 55.33
C ALA G 85 -56.45 9.79 56.62
N VAL G 86 -55.29 9.25 56.96
CA VAL G 86 -54.49 9.76 58.07
C VAL G 86 -53.20 10.33 57.52
N TYR G 87 -52.68 11.37 58.16
CA TYR G 87 -51.51 12.08 57.67
C TYR G 87 -50.47 12.21 58.78
N TYR G 88 -49.20 12.02 58.42
CA TYR G 88 -48.12 12.03 59.39
C TYR G 88 -47.00 12.96 58.95
N CYS G 89 -46.28 13.51 59.93
CA CYS G 89 -45.09 14.33 59.70
C CYS G 89 -43.88 13.63 60.29
N GLN G 90 -42.82 13.52 59.51
CA GLN G 90 -41.57 12.90 59.96
C GLN G 90 -40.42 13.88 59.73
N GLN G 91 -39.44 13.86 60.63
CA GLN G 91 -38.26 14.71 60.52
C GLN G 91 -37.01 13.86 60.33
N TYR G 92 -36.12 14.32 59.46
CA TYR G 92 -34.93 13.54 59.09
C TYR G 92 -33.66 14.04 59.76
N ASP G 93 -33.75 14.95 60.73
CA ASP G 93 -32.56 15.49 61.38
C ASP G 93 -31.92 14.42 62.23
N ASN G 94 -30.57 14.46 62.31
CA ASN G 94 -29.71 13.43 62.96
C ASN G 94 -30.25 12.80 64.24
N SER G 95 -31.01 13.54 65.05
CA SER G 95 -31.66 13.01 66.24
C SER G 95 -32.52 11.81 65.85
N PRO G 96 -32.97 10.99 66.80
CA PRO G 96 -33.87 9.89 66.43
C PRO G 96 -35.01 10.38 65.54
N TRP G 97 -35.16 9.80 64.35
CA TRP G 97 -36.21 10.26 63.46
C TRP G 97 -37.58 9.89 64.03
N THR G 98 -38.41 10.88 64.28
CA THR G 98 -39.68 10.67 64.97
C THR G 98 -40.83 10.91 64.01
N PHE G 99 -42.01 10.43 64.40
CA PHE G 99 -43.26 10.68 63.72
C PHE G 99 -44.20 11.43 64.65
N GLY G 100 -45.21 12.07 64.06
CA GLY G 100 -46.27 12.65 64.84
C GLY G 100 -47.32 11.63 65.21
N GLN G 101 -48.30 12.06 66.01
CA GLN G 101 -49.41 11.19 66.34
C GLN G 101 -50.20 10.83 65.09
N GLY G 102 -50.36 11.78 64.19
CA GLY G 102 -51.13 11.56 62.98
C GLY G 102 -52.54 12.08 63.10
N THR G 103 -52.96 12.91 62.14
CA THR G 103 -54.30 13.47 62.14
C THR G 103 -55.19 12.63 61.22
N LYS G 104 -56.39 12.32 61.70
CA LYS G 104 -57.39 11.64 60.92
C LYS G 104 -58.45 12.65 60.49
N VAL G 105 -58.87 12.52 59.22
CA VAL G 105 -59.94 13.38 58.64
C VAL G 105 -61.19 12.50 58.45
N GLU G 106 -62.36 12.97 58.91
CA GLU G 106 -63.64 12.23 58.71
C GLU G 106 -64.60 13.15 57.96
N ILE G 107 -65.62 12.57 57.31
CA ILE G 107 -66.55 13.41 56.48
C ILE G 107 -67.68 13.93 57.37
N LYS G 108 -67.89 15.25 57.36
CA LYS G 108 -68.99 15.86 58.15
C LYS G 108 -70.34 15.34 57.62
N ARG G 109 -71.05 14.54 58.41
CA ARG G 109 -72.36 13.99 58.00
C ARG G 109 -73.43 14.46 59.01
N THR G 110 -74.64 13.88 58.94
CA THR G 110 -75.75 14.30 59.83
C THR G 110 -75.75 13.44 61.10
N VAL G 111 -76.10 14.03 62.25
CA VAL G 111 -76.13 13.28 63.54
C VAL G 111 -77.21 12.19 63.45
N ALA G 112 -76.80 10.92 63.41
CA ALA G 112 -77.79 9.83 63.26
C ALA G 112 -78.05 9.15 64.61
N ALA G 113 -79.08 8.29 64.67
CA ALA G 113 -79.47 7.67 65.97
C ALA G 113 -78.82 6.29 66.14
N PRO G 114 -78.17 6.00 67.28
CA PRO G 114 -77.61 4.68 67.56
C PRO G 114 -78.68 3.73 68.10
N SER G 115 -79.50 3.16 67.21
CA SER G 115 -80.58 2.23 67.63
C SER G 115 -79.98 1.16 68.56
N VAL G 116 -80.39 1.16 69.83
CA VAL G 116 -79.90 0.12 70.78
C VAL G 116 -80.49 -1.23 70.35
N PHE G 117 -79.66 -2.27 70.32
CA PHE G 117 -80.16 -3.62 70.01
C PHE G 117 -79.59 -4.56 71.07
N ILE G 118 -80.20 -5.72 71.25
CA ILE G 118 -79.64 -6.70 72.17
C ILE G 118 -79.74 -8.08 71.52
N PHE G 119 -78.86 -8.99 71.93
CA PHE G 119 -78.95 -10.38 71.53
C PHE G 119 -78.72 -11.26 72.74
N PRO G 120 -79.62 -12.19 73.04
CA PRO G 120 -79.45 -13.05 74.20
C PRO G 120 -78.37 -14.08 73.94
N PRO G 121 -78.06 -14.94 74.90
CA PRO G 121 -77.13 -16.03 74.61
C PRO G 121 -77.78 -17.09 73.72
N SER G 122 -77.03 -18.15 73.47
CA SER G 122 -77.53 -19.27 72.67
C SER G 122 -77.23 -20.60 73.36
N ASP G 123 -78.16 -21.53 73.14
CA ASP G 123 -78.03 -22.88 73.76
C ASP G 123 -76.74 -23.52 73.25
N GLU G 124 -76.33 -23.22 72.02
CA GLU G 124 -75.04 -23.75 71.49
C GLU G 124 -73.92 -23.29 72.44
N GLN G 125 -73.93 -22.01 72.82
CA GLN G 125 -72.94 -21.49 73.78
C GLN G 125 -73.21 -22.09 75.17
N LEU G 126 -74.48 -22.17 75.58
CA LEU G 126 -74.77 -22.64 76.93
C LEU G 126 -74.69 -24.16 77.03
N LYS G 127 -74.35 -24.84 75.91
CA LYS G 127 -73.82 -26.20 76.01
C LYS G 127 -72.33 -26.20 76.31
N SER G 128 -71.61 -25.19 75.83
CA SER G 128 -70.17 -25.10 76.06
C SER G 128 -69.82 -24.71 77.49
N GLY G 129 -70.80 -24.34 78.30
CA GLY G 129 -70.57 -23.89 79.64
C GLY G 129 -70.13 -22.45 79.77
N THR G 130 -70.71 -21.53 79.00
CA THR G 130 -70.28 -20.15 78.95
C THR G 130 -71.47 -19.22 79.06
N ALA G 131 -71.20 -17.93 78.81
CA ALA G 131 -72.21 -16.87 78.83
C ALA G 131 -71.67 -15.66 78.09
N SER G 132 -72.55 -15.01 77.31
CA SER G 132 -72.20 -13.83 76.54
C SER G 132 -73.45 -13.11 76.08
N VAL G 133 -73.47 -11.79 76.26
CA VAL G 133 -74.58 -10.94 75.85
C VAL G 133 -74.01 -9.78 75.07
N VAL G 134 -74.61 -9.46 73.93
CA VAL G 134 -74.11 -8.41 73.07
C VAL G 134 -75.18 -7.35 72.83
N CYS G 135 -74.78 -6.10 72.98
CA CYS G 135 -75.65 -4.94 72.76
C CYS G 135 -75.10 -4.20 71.55
N LEU G 136 -75.95 -3.94 70.56
CA LEU G 136 -75.52 -3.47 69.26
C LEU G 136 -75.97 -2.04 69.02
N LEU G 137 -75.10 -1.24 68.40
CA LEU G 137 -75.41 0.11 67.93
C LEU G 137 -75.05 0.15 66.44
N ASN G 138 -75.96 0.66 65.61
CA ASN G 138 -75.75 0.65 64.17
C ASN G 138 -76.22 1.94 63.51
N ASN G 139 -75.42 2.41 62.57
CA ASN G 139 -75.74 3.54 61.70
C ASN G 139 -76.08 4.80 62.52
N PHE G 140 -75.05 5.27 63.23
CA PHE G 140 -75.12 6.51 63.99
C PHE G 140 -73.93 7.39 63.62
N TYR G 141 -74.06 8.68 63.95
CA TYR G 141 -73.00 9.64 63.67
C TYR G 141 -73.11 10.77 64.69
N PRO G 142 -71.99 11.32 65.17
CA PRO G 142 -70.61 10.88 64.92
C PRO G 142 -70.23 9.61 65.67
N ARG G 143 -68.93 9.26 65.69
CA ARG G 143 -68.52 8.00 66.29
C ARG G 143 -68.79 7.96 67.79
N GLU G 144 -68.49 9.06 68.49
CA GLU G 144 -68.46 9.05 69.94
C GLU G 144 -69.82 8.69 70.54
N ALA G 145 -69.84 7.62 71.33
CA ALA G 145 -71.02 7.12 72.02
C ALA G 145 -70.59 6.00 72.94
N LYS G 146 -71.26 5.89 74.09
CA LYS G 146 -70.81 4.96 75.12
C LYS G 146 -71.93 3.98 75.47
N VAL G 147 -71.54 2.73 75.66
CA VAL G 147 -72.44 1.66 76.06
C VAL G 147 -72.06 1.21 77.46
N GLN G 148 -73.06 0.98 78.30
CA GLN G 148 -72.84 0.49 79.66
C GLN G 148 -73.68 -0.76 79.87
N TRP G 149 -73.28 -1.57 80.83
CA TRP G 149 -73.92 -2.86 81.06
C TRP G 149 -74.65 -2.87 82.39
N LYS G 150 -75.82 -3.53 82.41
CA LYS G 150 -76.59 -3.72 83.63
C LYS G 150 -76.82 -5.20 83.84
N VAL G 151 -76.65 -5.66 85.08
CA VAL G 151 -76.81 -7.06 85.45
C VAL G 151 -77.55 -7.12 86.78
N ASP G 152 -78.87 -7.33 86.72
CA ASP G 152 -79.74 -7.09 87.87
C ASP G 152 -79.64 -5.64 88.32
N ASN G 153 -79.63 -4.73 87.32
CA ASN G 153 -79.51 -3.29 87.47
C ASN G 153 -78.17 -2.86 88.06
N ALA G 154 -77.08 -3.56 87.76
CA ALA G 154 -75.76 -3.19 88.21
C ALA G 154 -74.79 -3.20 87.04
N LEU G 155 -73.74 -2.38 87.13
CA LEU G 155 -72.75 -2.32 86.07
C LEU G 155 -71.85 -3.56 86.11
N GLN G 156 -71.18 -3.84 84.99
CA GLN G 156 -70.01 -4.71 84.99
C GLN G 156 -68.89 -4.05 84.20
N SER G 157 -67.80 -3.73 84.89
CA SER G 157 -66.66 -2.97 84.38
C SER G 157 -65.51 -3.85 83.94
N GLY G 158 -65.36 -5.03 84.55
CA GLY G 158 -64.44 -6.00 84.03
C GLY G 158 -65.13 -7.01 83.11
N ASN G 159 -64.41 -7.41 82.06
CA ASN G 159 -64.92 -8.29 81.01
C ASN G 159 -66.01 -7.62 80.17
N SER G 160 -65.67 -6.47 79.59
CA SER G 160 -66.51 -5.78 78.62
C SER G 160 -65.68 -5.46 77.40
N GLN G 161 -65.93 -6.18 76.30
CA GLN G 161 -65.21 -5.99 75.05
C GLN G 161 -66.07 -5.20 74.09
N GLU G 162 -65.55 -4.05 73.65
CA GLU G 162 -66.22 -3.19 72.69
C GLU G 162 -65.37 -3.06 71.44
N SER G 163 -66.02 -3.04 70.29
CA SER G 163 -65.34 -2.86 69.02
C SER G 163 -66.21 -1.95 68.17
N VAL G 164 -65.57 -1.25 67.22
CA VAL G 164 -66.30 -0.37 66.33
C VAL G 164 -65.73 -0.53 64.92
N THR G 165 -66.61 -0.53 63.94
CA THR G 165 -66.23 -0.64 62.55
C THR G 165 -65.86 0.74 62.00
N GLU G 166 -64.93 0.73 61.06
CA GLU G 166 -64.49 1.99 60.46
C GLU G 166 -65.62 2.58 59.62
N GLN G 167 -65.48 3.87 59.31
CA GLN G 167 -66.55 4.59 58.65
C GLN G 167 -66.92 3.95 57.32
N ASP G 168 -68.21 3.79 57.09
CA ASP G 168 -68.69 3.19 55.85
C ASP G 168 -68.46 4.15 54.70
N SER G 169 -68.81 3.71 53.49
CA SER G 169 -68.68 4.58 52.33
C SER G 169 -70.05 5.04 51.85
N LYS G 170 -71.04 4.16 51.87
CA LYS G 170 -72.34 4.48 51.28
C LYS G 170 -73.16 5.38 52.20
N ASP G 171 -73.29 5.02 53.47
CA ASP G 171 -74.01 5.87 54.41
C ASP G 171 -73.08 6.70 55.28
N SER G 172 -71.84 6.25 55.46
CA SER G 172 -70.77 6.98 56.13
C SER G 172 -70.97 7.08 57.64
N THR G 173 -71.51 6.05 58.27
CA THR G 173 -71.72 6.05 59.71
C THR G 173 -70.74 5.08 60.37
N TYR G 174 -70.90 4.92 61.68
CA TYR G 174 -70.18 3.93 62.46
C TYR G 174 -71.18 3.01 63.14
N SER G 175 -70.76 1.77 63.34
CA SER G 175 -71.59 0.80 64.04
C SER G 175 -70.70 -0.01 64.98
N LEU G 176 -71.02 0.04 66.27
CA LEU G 176 -70.20 -0.59 67.28
C LEU G 176 -71.02 -1.62 68.04
N SER G 177 -70.37 -2.74 68.36
CA SER G 177 -70.99 -3.82 69.11
C SER G 177 -70.14 -4.15 70.32
N SER G 178 -70.78 -4.24 71.48
CA SER G 178 -70.09 -4.55 72.72
C SER G 178 -70.60 -5.88 73.24
N THR G 179 -69.68 -6.75 73.63
CA THR G 179 -70.00 -8.10 74.09
C THR G 179 -69.63 -8.22 75.56
N LEU G 180 -70.50 -8.83 76.34
CA LEU G 180 -70.30 -8.98 77.77
C LEU G 180 -70.29 -10.46 78.11
N THR G 181 -69.12 -11.00 78.41
CA THR G 181 -68.93 -12.44 78.57
C THR G 181 -68.82 -12.81 80.04
N LEU G 182 -69.43 -13.94 80.40
CA LEU G 182 -69.55 -14.39 81.76
C LEU G 182 -69.21 -15.88 81.81
N SER G 183 -69.41 -16.49 82.97
CA SER G 183 -69.46 -17.94 83.03
C SER G 183 -70.91 -18.40 83.09
N LYS G 184 -71.16 -19.59 82.57
CA LYS G 184 -72.50 -20.17 82.69
C LYS G 184 -72.88 -20.38 84.16
N ALA G 185 -71.88 -20.42 85.05
CA ALA G 185 -72.19 -20.23 86.47
C ALA G 185 -72.82 -18.86 86.71
N ASP G 186 -72.15 -17.81 86.24
CA ASP G 186 -72.65 -16.47 86.46
C ASP G 186 -74.03 -16.31 85.85
N TYR G 187 -74.16 -16.64 84.56
CA TYR G 187 -75.45 -16.54 83.88
C TYR G 187 -76.48 -17.49 84.46
N GLU G 188 -76.03 -18.52 85.17
CA GLU G 188 -76.98 -19.43 85.79
C GLU G 188 -77.49 -18.87 87.11
N LYS G 189 -76.76 -17.91 87.72
CA LYS G 189 -77.28 -17.29 88.94
C LYS G 189 -77.95 -15.93 88.74
N HIS G 190 -77.72 -15.22 87.63
CA HIS G 190 -78.39 -13.93 87.45
C HIS G 190 -79.34 -13.93 86.26
N LYS G 191 -80.35 -13.05 86.36
CA LYS G 191 -81.51 -13.08 85.47
C LYS G 191 -81.47 -12.00 84.40
N VAL G 192 -81.48 -10.73 84.81
CA VAL G 192 -81.84 -9.63 83.93
C VAL G 192 -80.62 -8.79 83.60
N TYR G 193 -80.41 -8.53 82.31
CA TYR G 193 -79.26 -7.80 81.80
C TYR G 193 -79.76 -6.65 80.94
N ALA G 194 -79.04 -5.52 80.96
CA ALA G 194 -79.49 -4.33 80.26
C ALA G 194 -78.32 -3.47 79.81
N CYS G 195 -78.56 -2.68 78.76
CA CYS G 195 -77.59 -1.75 78.21
C CYS G 195 -78.33 -0.49 77.79
N GLU G 196 -77.60 0.62 77.67
CA GLU G 196 -78.15 1.88 77.19
C GLU G 196 -77.07 2.64 76.44
N VAL G 197 -77.48 3.67 75.71
CA VAL G 197 -76.58 4.45 74.86
C VAL G 197 -76.59 5.90 75.34
N THR G 198 -75.47 6.59 75.16
CA THR G 198 -75.40 8.03 75.32
C THR G 198 -74.86 8.65 74.04
N HIS G 199 -75.69 9.44 73.36
CA HIS G 199 -75.30 10.11 72.13
C HIS G 199 -75.97 11.46 72.03
N GLN G 200 -75.41 12.29 71.15
CA GLN G 200 -75.88 13.66 70.99
C GLN G 200 -77.18 13.73 70.21
N GLY G 201 -77.35 12.85 69.22
CA GLY G 201 -78.52 12.94 68.35
C GLY G 201 -79.82 12.70 69.09
N LEU G 202 -79.73 12.23 70.33
CA LEU G 202 -80.90 11.98 71.16
C LEU G 202 -80.80 12.87 72.39
N SER G 203 -81.87 12.89 73.19
CA SER G 203 -81.87 13.71 74.39
C SER G 203 -81.51 12.88 75.62
N SER G 204 -82.13 11.71 75.77
CA SER G 204 -81.91 10.85 76.92
C SER G 204 -81.47 9.46 76.47
N PRO G 205 -80.78 8.71 77.33
CA PRO G 205 -80.46 7.31 77.00
C PRO G 205 -81.71 6.48 76.75
N VAL G 206 -81.62 5.61 75.76
CA VAL G 206 -82.71 4.72 75.38
C VAL G 206 -82.30 3.28 75.65
N THR G 207 -83.24 2.50 76.19
CA THR G 207 -82.92 1.21 76.78
C THR G 207 -83.44 0.08 75.91
N LYS G 208 -82.58 -0.91 75.70
CA LYS G 208 -82.98 -2.19 75.13
C LYS G 208 -82.51 -3.29 76.06
N SER G 209 -83.45 -3.97 76.71
CA SER G 209 -83.13 -4.91 77.77
C SER G 209 -83.79 -6.24 77.48
N PHE G 210 -83.41 -7.25 78.26
CA PHE G 210 -84.10 -8.53 78.23
C PHE G 210 -83.90 -9.22 79.56
N ASN G 211 -84.72 -10.24 79.78
CA ASN G 211 -84.74 -10.99 81.04
C ASN G 211 -84.54 -12.47 80.73
N ARG G 212 -83.90 -13.18 81.64
CA ARG G 212 -83.53 -14.57 81.39
C ARG G 212 -84.77 -15.45 81.38
N GLY G 213 -84.66 -16.59 80.69
CA GLY G 213 -85.73 -17.55 80.58
C GLY G 213 -86.66 -17.32 79.43
N GLU G 214 -86.63 -16.13 78.82
CA GLU G 214 -87.48 -15.80 77.69
C GLU G 214 -86.61 -15.40 76.52
N CYS G 215 -86.45 -16.31 75.56
CA CYS G 215 -85.56 -16.11 74.43
C CYS G 215 -86.06 -15.01 73.50
N GLN H 1 -51.43 13.86 20.79
CA GLN H 1 -52.76 13.45 20.33
C GLN H 1 -53.40 14.56 19.50
N MET H 2 -54.13 14.18 18.46
CA MET H 2 -54.73 15.14 17.54
C MET H 2 -55.81 15.93 18.28
N GLN H 3 -55.53 17.19 18.59
CA GLN H 3 -56.47 18.00 19.33
C GLN H 3 -56.20 19.48 19.14
N LEU H 4 -57.24 20.26 19.41
CA LEU H 4 -57.18 21.71 19.54
C LEU H 4 -57.61 22.04 20.95
N VAL H 5 -56.81 22.83 21.65
CA VAL H 5 -57.12 23.24 23.02
C VAL H 5 -57.45 24.72 23.01
N GLN H 6 -58.60 25.08 23.54
CA GLN H 6 -59.16 26.40 23.36
C GLN H 6 -59.12 27.17 24.67
N SER H 7 -59.37 28.48 24.58
CA SER H 7 -59.23 29.37 25.73
C SER H 7 -60.45 29.24 26.63
N GLY H 8 -60.57 30.16 27.59
CA GLY H 8 -61.60 30.07 28.60
C GLY H 8 -62.80 30.96 28.33
N PRO H 9 -63.87 30.76 29.11
CA PRO H 9 -65.07 31.58 28.94
C PRO H 9 -64.80 33.04 29.26
N GLU H 10 -65.48 33.92 28.53
CA GLU H 10 -65.23 35.35 28.63
C GLU H 10 -66.55 36.11 28.77
N VAL H 11 -66.50 37.18 29.55
CA VAL H 11 -67.62 38.10 29.74
C VAL H 11 -67.16 39.49 29.31
N LYS H 12 -67.87 40.09 28.36
CA LYS H 12 -67.49 41.37 27.82
C LYS H 12 -68.70 42.29 27.83
N LYS H 13 -68.44 43.56 27.58
CA LYS H 13 -69.49 44.56 27.58
C LYS H 13 -69.69 45.11 26.17
N PRO H 14 -70.87 45.67 25.88
CA PRO H 14 -71.17 46.08 24.49
C PRO H 14 -70.24 47.18 24.01
N GLY H 15 -69.92 47.12 22.72
CA GLY H 15 -69.05 48.08 22.08
C GLY H 15 -67.58 47.75 22.13
N THR H 16 -67.18 46.82 23.00
CA THR H 16 -65.78 46.46 23.18
C THR H 16 -65.41 45.45 22.09
N SER H 17 -64.21 44.88 22.14
CA SER H 17 -63.78 43.86 21.21
C SER H 17 -63.20 42.67 21.97
N VAL H 18 -63.44 41.48 21.46
CA VAL H 18 -63.08 40.23 22.13
C VAL H 18 -62.10 39.47 21.25
N LYS H 19 -61.22 38.70 21.88
CA LYS H 19 -60.17 37.96 21.19
C LYS H 19 -60.07 36.56 21.80
N VAL H 20 -60.21 35.55 20.95
CA VAL H 20 -60.22 34.16 21.40
C VAL H 20 -59.17 33.40 20.60
N SER H 21 -58.61 32.35 21.21
CA SER H 21 -57.51 31.62 20.60
C SER H 21 -57.67 30.13 20.83
N CYS H 22 -57.13 29.33 19.93
CA CYS H 22 -57.03 27.90 20.12
C CYS H 22 -55.70 27.39 19.58
N LYS H 23 -55.05 26.54 20.37
CA LYS H 23 -53.71 26.03 20.11
C LYS H 23 -53.79 24.61 19.59
N ALA H 24 -53.03 24.33 18.54
CA ALA H 24 -53.04 23.02 17.89
C ALA H 24 -51.95 22.13 18.46
N SER H 25 -52.27 20.84 18.63
CA SER H 25 -51.26 19.90 19.06
C SER H 25 -51.62 18.51 18.56
N GLY H 26 -50.60 17.72 18.23
CA GLY H 26 -50.78 16.35 17.83
C GLY H 26 -50.72 16.08 16.34
N PHE H 27 -50.49 17.10 15.51
CA PHE H 27 -50.44 16.89 14.07
C PHE H 27 -49.65 18.03 13.42
N THR H 28 -49.42 17.90 12.12
CA THR H 28 -48.66 18.88 11.35
C THR H 28 -49.56 20.08 11.08
N PHE H 29 -49.45 21.08 11.93
CA PHE H 29 -50.32 22.24 11.85
C PHE H 29 -50.01 23.15 10.68
N SER H 30 -48.81 23.03 10.10
CA SER H 30 -48.33 24.02 9.14
C SER H 30 -48.92 23.85 7.74
N SER H 31 -49.71 22.81 7.49
CA SER H 31 -50.31 22.62 6.18
C SER H 31 -51.84 22.67 6.20
N SER H 32 -52.46 22.63 7.37
CA SER H 32 -53.91 22.53 7.47
C SER H 32 -54.55 23.92 7.32
N ALA H 33 -55.85 23.99 7.54
CA ALA H 33 -56.59 25.24 7.55
C ALA H 33 -57.58 25.20 8.70
N VAL H 34 -57.97 26.37 9.20
CA VAL H 34 -58.82 26.46 10.37
C VAL H 34 -60.05 27.30 10.04
N GLN H 35 -61.23 26.78 10.37
CA GLN H 35 -62.46 27.53 10.20
C GLN H 35 -63.11 27.78 11.55
N TRP H 36 -63.74 28.94 11.67
CA TRP H 36 -64.38 29.38 12.90
C TRP H 36 -65.88 29.49 12.69
N VAL H 37 -66.64 28.89 13.60
CA VAL H 37 -68.10 28.94 13.60
C VAL H 37 -68.58 29.26 15.01
N ARG H 38 -69.86 29.61 15.11
CA ARG H 38 -70.47 29.99 16.38
C ARG H 38 -71.86 29.41 16.47
N GLN H 39 -72.38 29.34 17.69
CA GLN H 39 -73.70 28.78 17.92
C GLN H 39 -74.32 29.41 19.15
N ALA H 40 -75.53 29.93 19.01
CA ALA H 40 -76.28 30.38 20.19
C ALA H 40 -76.74 29.16 20.99
N ARG H 41 -77.49 29.41 22.05
CA ARG H 41 -78.00 28.31 22.84
C ARG H 41 -79.20 27.69 22.14
N GLY H 42 -79.04 26.46 21.67
CA GLY H 42 -80.13 25.76 21.01
C GLY H 42 -80.42 26.19 19.60
N GLN H 43 -79.55 27.00 18.99
CA GLN H 43 -79.77 27.51 17.65
C GLN H 43 -78.88 26.77 16.66
N HIS H 44 -79.07 27.11 15.39
CA HIS H 44 -78.30 26.51 14.31
C HIS H 44 -76.86 27.03 14.32
N LEU H 45 -75.95 26.23 13.81
CA LEU H 45 -74.58 26.67 13.65
C LEU H 45 -74.51 27.76 12.59
N GLU H 46 -73.61 28.72 12.79
CA GLU H 46 -73.40 29.81 11.86
C GLU H 46 -71.93 29.88 11.49
N TRP H 47 -71.64 29.97 10.21
CA TRP H 47 -70.26 29.98 9.73
C TRP H 47 -69.71 31.39 9.83
N ILE H 48 -68.62 31.55 10.59
CA ILE H 48 -68.00 32.86 10.76
C ILE H 48 -66.98 33.09 9.66
N GLY H 49 -66.01 32.19 9.53
CA GLY H 49 -65.00 32.39 8.49
C GLY H 49 -63.99 31.27 8.46
N TRP H 50 -62.98 31.43 7.62
CA TRP H 50 -61.92 30.43 7.56
C TRP H 50 -60.63 31.06 7.09
N ILE H 51 -59.52 30.37 7.40
CA ILE H 51 -58.17 30.88 7.17
C ILE H 51 -57.26 29.71 6.86
N VAL H 52 -56.27 29.97 6.01
CA VAL H 52 -55.24 28.98 5.67
C VAL H 52 -54.04 29.20 6.56
N VAL H 53 -53.53 28.13 7.16
CA VAL H 53 -52.40 28.26 8.08
C VAL H 53 -51.16 28.73 7.33
N GLY H 54 -50.88 28.13 6.19
CA GLY H 54 -49.66 28.44 5.47
C GLY H 54 -49.58 29.86 4.95
N SER H 55 -50.43 30.20 3.97
CA SER H 55 -50.35 31.54 3.33
C SER H 55 -50.95 32.63 4.22
N GLY H 56 -52.00 32.30 5.00
CA GLY H 56 -52.68 33.29 5.81
C GLY H 56 -53.87 33.94 5.14
N ASN H 57 -54.27 33.47 3.96
CA ASN H 57 -55.45 34.02 3.30
C ASN H 57 -56.70 33.71 4.12
N THR H 58 -57.62 34.67 4.17
CA THR H 58 -58.80 34.56 4.99
C THR H 58 -60.04 34.81 4.15
N ASN H 59 -61.17 34.31 4.63
CA ASN H 59 -62.47 34.59 4.03
C ASN H 59 -63.51 34.68 5.12
N TYR H 60 -64.39 35.69 5.02
CA TYR H 60 -65.42 35.94 6.01
C TYR H 60 -66.79 35.99 5.34
N ALA H 61 -67.82 35.72 6.12
CA ALA H 61 -69.18 35.84 5.64
C ALA H 61 -69.56 37.30 5.46
N GLN H 62 -70.71 37.53 4.83
CA GLN H 62 -71.15 38.91 4.61
C GLN H 62 -71.51 39.60 5.92
N LYS H 63 -72.09 38.85 6.87
CA LYS H 63 -72.50 39.46 8.14
C LYS H 63 -71.30 39.96 8.94
N PHE H 64 -70.23 39.16 9.00
CA PHE H 64 -69.09 39.45 9.84
C PHE H 64 -67.94 40.09 9.07
N GLN H 65 -68.16 40.49 7.81
CA GLN H 65 -67.03 40.85 6.95
C GLN H 65 -66.26 42.04 7.51
N GLU H 66 -66.97 43.04 8.02
CA GLU H 66 -66.31 44.27 8.43
C GLU H 66 -65.90 44.28 9.90
N ARG H 67 -66.20 43.24 10.67
CA ARG H 67 -65.92 43.28 12.09
C ARG H 67 -65.38 41.95 12.61
N VAL H 68 -64.45 41.33 11.89
CA VAL H 68 -63.73 40.18 12.43
C VAL H 68 -62.37 40.11 11.76
N THR H 69 -61.38 39.61 12.50
CA THR H 69 -60.05 39.38 11.97
C THR H 69 -59.58 38.00 12.40
N LEU H 70 -58.96 37.26 11.49
CA LEU H 70 -58.44 35.93 11.75
C LEU H 70 -56.94 35.94 11.52
N THR H 71 -56.19 35.48 12.52
CA THR H 71 -54.74 35.47 12.42
C THR H 71 -54.19 34.17 12.99
N ARG H 72 -52.90 33.95 12.81
CA ARG H 72 -52.29 32.72 13.28
C ARG H 72 -50.80 32.96 13.57
N ASP H 73 -50.26 32.09 14.42
CA ASP H 73 -48.83 32.10 14.76
C ASP H 73 -48.29 30.69 14.59
N MET H 74 -47.38 30.52 13.64
CA MET H 74 -46.77 29.22 13.41
C MET H 74 -45.79 28.85 14.52
N SER H 75 -45.17 29.84 15.15
CA SER H 75 -44.14 29.57 16.15
C SER H 75 -44.69 28.75 17.31
N THR H 76 -45.85 29.13 17.83
CA THR H 76 -46.51 28.39 18.89
C THR H 76 -47.70 27.57 18.39
N ARG H 77 -47.99 27.62 17.08
CA ARG H 77 -49.09 26.87 16.50
C ARG H 77 -50.42 27.24 17.16
N THR H 78 -50.79 28.50 16.99
CA THR H 78 -51.99 29.05 17.61
C THR H 78 -52.80 29.82 16.59
N ALA H 79 -54.12 29.80 16.74
CA ALA H 79 -55.03 30.53 15.86
C ALA H 79 -55.85 31.51 16.69
N TYR H 80 -56.03 32.72 16.16
CA TYR H 80 -56.69 33.81 16.86
C TYR H 80 -57.84 34.36 16.04
N MET H 81 -58.93 34.68 16.72
CA MET H 81 -60.05 35.41 16.13
C MET H 81 -60.37 36.62 17.00
N GLU H 82 -60.48 37.79 16.39
CA GLU H 82 -60.89 39.00 17.08
C GLU H 82 -62.19 39.50 16.47
N LEU H 83 -63.18 39.71 17.32
CA LEU H 83 -64.47 40.24 16.91
C LEU H 83 -64.67 41.60 17.56
N SER H 84 -64.98 42.61 16.76
CA SER H 84 -65.07 43.98 17.22
C SER H 84 -66.48 44.53 17.06
N SER H 85 -66.70 45.71 17.63
CA SER H 85 -67.99 46.38 17.62
C SER H 85 -69.09 45.44 18.11
N LEU H 86 -68.98 45.03 19.36
CA LEU H 86 -69.84 43.99 19.91
C LEU H 86 -71.27 44.48 20.05
N ARG H 87 -72.18 43.51 20.16
CA ARG H 87 -73.58 43.76 20.44
C ARG H 87 -74.07 42.67 21.38
N SER H 88 -75.23 42.91 21.99
CA SER H 88 -75.82 41.90 22.86
C SER H 88 -76.27 40.66 22.12
N GLU H 89 -76.31 40.70 20.79
CA GLU H 89 -76.71 39.56 19.99
C GLU H 89 -75.54 38.67 19.60
N ASP H 90 -74.46 38.67 20.37
CA ASP H 90 -73.29 37.85 20.07
C ASP H 90 -72.92 36.89 21.19
N THR H 91 -73.78 36.72 22.19
CA THR H 91 -73.51 35.79 23.27
C THR H 91 -73.68 34.37 22.76
N ALA H 92 -72.61 33.60 22.67
CA ALA H 92 -72.70 32.30 22.02
C ALA H 92 -71.45 31.49 22.32
N VAL H 93 -71.41 30.27 21.79
CA VAL H 93 -70.29 29.36 21.92
C VAL H 93 -69.54 29.37 20.60
N TYR H 94 -68.22 29.57 20.67
CA TYR H 94 -67.39 29.66 19.47
C TYR H 94 -66.48 28.45 19.36
N TYR H 95 -66.40 27.89 18.14
CA TYR H 95 -65.62 26.70 17.85
C TYR H 95 -64.65 26.96 16.71
N CYS H 96 -63.46 26.37 16.82
CA CYS H 96 -62.48 26.32 15.74
C CYS H 96 -62.28 24.88 15.34
N ALA H 97 -62.21 24.62 14.03
CA ALA H 97 -62.11 23.26 13.52
C ALA H 97 -61.11 23.20 12.37
N ALA H 98 -60.36 22.10 12.30
CA ALA H 98 -59.30 21.94 11.31
C ALA H 98 -59.20 20.48 10.92
N PRO H 99 -58.70 20.17 9.72
CA PRO H 99 -58.47 18.78 9.36
C PRO H 99 -57.11 18.29 9.83
N ASN H 100 -57.03 16.97 10.03
CA ASN H 100 -55.79 16.33 10.47
C ASN H 100 -54.85 16.21 9.27
N CYS H 101 -53.70 16.88 9.35
CA CYS H 101 -52.74 16.86 8.27
C CYS H 101 -51.36 16.42 8.78
N ASN H 102 -50.66 15.64 7.96
CA ASN H 102 -49.26 15.33 8.26
C ASN H 102 -48.37 15.55 7.05
N SER H 103 -48.06 16.82 6.77
CA SER H 103 -46.85 17.27 6.09
C SER H 103 -46.74 16.92 4.61
N THR H 104 -47.58 16.01 4.11
CA THR H 104 -47.53 15.68 2.69
C THR H 104 -48.84 15.89 1.95
N THR H 105 -49.91 15.21 2.36
CA THR H 105 -51.26 15.38 1.87
C THR H 105 -52.16 15.01 3.03
N CYS H 106 -53.37 15.56 3.08
CA CYS H 106 -54.18 15.35 4.27
C CYS H 106 -55.67 15.31 3.98
N HIS H 107 -56.43 15.17 5.06
CA HIS H 107 -57.80 14.70 4.99
C HIS H 107 -58.70 15.70 4.29
N ASP H 108 -59.90 15.25 3.91
CA ASP H 108 -60.77 16.12 3.05
C ASP H 108 -61.97 16.67 3.82
N GLY H 109 -61.96 16.63 5.15
CA GLY H 109 -63.05 17.23 5.91
C GLY H 109 -62.58 17.62 7.29
N PHE H 110 -63.27 18.59 7.86
CA PHE H 110 -62.89 19.17 9.15
C PHE H 110 -63.21 18.15 10.24
N ASP H 111 -62.20 17.36 10.60
CA ASP H 111 -62.38 16.26 11.53
C ASP H 111 -62.10 16.65 12.97
N ILE H 112 -61.10 17.48 13.22
CA ILE H 112 -60.71 17.89 14.56
C ILE H 112 -61.53 19.10 14.96
N TRP H 113 -62.02 19.10 16.20
CA TRP H 113 -62.84 20.19 16.70
C TRP H 113 -62.36 20.62 18.08
N GLY H 114 -62.50 21.91 18.37
CA GLY H 114 -62.22 22.42 19.69
C GLY H 114 -63.37 22.16 20.65
N GLN H 115 -63.19 22.58 21.89
CA GLN H 115 -64.24 22.42 22.88
C GLN H 115 -65.14 23.63 23.03
N GLY H 116 -64.85 24.72 22.31
CA GLY H 116 -65.73 25.87 22.29
C GLY H 116 -65.59 26.77 23.50
N THR H 117 -65.53 28.07 23.27
CA THR H 117 -65.48 29.05 24.35
C THR H 117 -66.79 29.81 24.41
N VAL H 118 -67.28 30.03 25.62
CA VAL H 118 -68.55 30.71 25.83
C VAL H 118 -68.28 32.19 26.00
N VAL H 119 -68.87 33.01 25.15
CA VAL H 119 -68.70 34.46 25.19
C VAL H 119 -70.04 35.07 25.55
N THR H 120 -70.06 35.80 26.65
CA THR H 120 -71.25 36.49 27.13
C THR H 120 -71.08 37.97 26.91
N VAL H 121 -72.11 38.62 26.37
CA VAL H 121 -72.12 40.06 26.19
C VAL H 121 -73.26 40.61 27.02
N SER H 122 -72.92 41.34 28.09
CA SER H 122 -73.97 41.99 28.92
C SER H 122 -73.37 43.20 29.64
N SER H 123 -74.10 44.31 29.72
CA SER H 123 -73.62 45.52 30.43
C SER H 123 -73.97 45.40 31.92
N ALA H 124 -74.78 44.40 32.28
CA ALA H 124 -75.17 44.19 33.70
C ALA H 124 -73.91 43.87 34.52
N SER H 125 -73.88 44.31 35.78
CA SER H 125 -72.71 44.03 36.66
C SER H 125 -72.85 42.62 37.25
N THR H 126 -71.73 41.99 37.60
CA THR H 126 -71.75 40.64 38.22
C THR H 126 -72.52 40.71 39.54
N LYS H 127 -73.62 39.94 39.66
CA LYS H 127 -74.44 39.95 40.90
C LYS H 127 -74.33 38.58 41.59
N GLY H 128 -75.34 38.22 42.37
CA GLY H 128 -75.35 36.93 43.04
C GLY H 128 -76.76 36.44 43.29
N PRO H 129 -76.95 35.12 43.32
CA PRO H 129 -78.30 34.55 43.30
C PRO H 129 -79.05 34.71 44.60
N SER H 130 -80.36 34.48 44.52
CA SER H 130 -81.25 34.42 45.67
C SER H 130 -82.21 33.25 45.49
N VAL H 131 -82.48 32.54 46.58
CA VAL H 131 -83.19 31.27 46.54
C VAL H 131 -84.50 31.42 47.28
N PHE H 132 -85.60 30.97 46.66
CA PHE H 132 -86.92 31.23 47.22
C PHE H 132 -87.76 29.96 47.27
N PRO H 133 -88.67 29.86 48.23
CA PRO H 133 -89.34 28.59 48.49
C PRO H 133 -90.60 28.38 47.66
N LEU H 134 -90.54 27.34 46.82
CA LEU H 134 -91.72 26.85 46.11
C LEU H 134 -92.51 26.02 47.10
N ALA H 135 -93.47 26.65 47.75
CA ALA H 135 -94.22 25.97 48.80
C ALA H 135 -94.98 24.77 48.25
N PRO H 136 -94.79 23.58 48.80
CA PRO H 136 -95.77 22.53 48.58
C PRO H 136 -97.05 22.84 49.32
N SER H 137 -98.11 23.08 48.56
CA SER H 137 -99.43 23.34 49.15
C SER H 137 -99.89 22.09 49.90
N SER H 138 -100.47 22.29 51.08
CA SER H 138 -100.88 21.17 51.92
C SER H 138 -101.74 20.17 51.16
N LYS H 139 -102.73 20.63 50.38
CA LYS H 139 -103.47 19.77 49.46
C LYS H 139 -103.33 20.36 48.07
N SER H 140 -102.24 20.02 47.40
CA SER H 140 -102.09 20.28 45.98
C SER H 140 -102.24 18.94 45.26
N THR H 141 -101.80 17.89 45.93
CA THR H 141 -101.97 16.51 45.48
C THR H 141 -102.67 15.66 46.54
N SER H 142 -103.60 14.82 46.11
CA SER H 142 -103.97 13.65 46.91
C SER H 142 -102.72 12.78 46.95
N GLY H 143 -102.56 12.05 48.06
CA GLY H 143 -101.36 11.23 48.31
C GLY H 143 -100.86 10.43 47.13
N GLY H 144 -100.41 11.09 46.06
CA GLY H 144 -99.79 10.37 44.98
C GLY H 144 -98.31 10.67 44.92
N THR H 145 -97.90 11.50 43.99
CA THR H 145 -96.57 12.10 44.04
C THR H 145 -96.73 13.60 43.81
N ALA H 146 -96.20 14.39 44.73
CA ALA H 146 -96.47 15.81 44.78
C ALA H 146 -95.21 16.59 44.42
N ALA H 147 -95.42 17.82 43.97
CA ALA H 147 -94.35 18.69 43.50
C ALA H 147 -93.88 19.63 44.60
N LEU H 148 -92.56 19.79 44.70
CA LEU H 148 -91.93 20.75 45.59
C LEU H 148 -90.57 21.07 45.01
N GLY H 149 -90.15 22.33 45.13
CA GLY H 149 -88.93 22.73 44.48
C GLY H 149 -88.42 24.06 44.97
N CYS H 150 -87.50 24.63 44.20
CA CYS H 150 -86.85 25.88 44.54
C CYS H 150 -86.85 26.87 43.38
N LEU H 151 -87.19 28.12 43.68
CA LEU H 151 -86.99 29.23 42.76
C LEU H 151 -85.57 29.73 42.97
N VAL H 152 -84.92 30.11 41.89
CA VAL H 152 -83.68 30.87 41.95
C VAL H 152 -83.84 32.06 41.02
N LYS H 153 -83.66 33.25 41.56
CA LYS H 153 -83.87 34.48 40.80
C LYS H 153 -82.67 35.40 40.98
N ASP H 154 -82.42 36.23 39.97
CA ASP H 154 -81.48 37.33 40.08
C ASP H 154 -80.05 36.83 40.36
N TYR H 155 -79.51 36.13 39.38
CA TYR H 155 -78.10 35.78 39.40
C TYR H 155 -77.47 36.04 38.05
N PHE H 156 -76.23 36.56 38.09
CA PHE H 156 -75.49 36.92 36.91
C PHE H 156 -74.02 37.00 37.29
N PRO H 157 -73.12 36.41 36.50
CA PRO H 157 -73.44 35.62 35.32
C PRO H 157 -73.45 34.12 35.58
N GLU H 158 -73.70 33.36 34.54
CA GLU H 158 -73.87 31.91 34.58
C GLU H 158 -72.57 31.22 34.90
N PRO H 159 -72.62 29.99 35.44
CA PRO H 159 -73.79 29.22 35.82
C PRO H 159 -73.96 29.01 37.32
N VAL H 160 -75.11 28.47 37.69
CA VAL H 160 -75.45 28.16 39.08
C VAL H 160 -75.69 26.67 39.18
N THR H 161 -75.04 26.03 40.15
CA THR H 161 -75.09 24.60 40.34
C THR H 161 -75.95 24.28 41.56
N VAL H 162 -76.87 23.34 41.41
CA VAL H 162 -77.92 23.10 42.39
C VAL H 162 -77.86 21.64 42.83
N SER H 163 -78.35 21.37 44.04
CA SER H 163 -78.37 20.03 44.59
C SER H 163 -79.30 19.99 45.80
N TRP H 164 -79.54 18.78 46.30
CA TRP H 164 -80.39 18.55 47.47
C TRP H 164 -79.72 17.50 48.36
N ASN H 165 -79.88 17.63 49.67
CA ASN H 165 -79.31 16.68 50.64
C ASN H 165 -77.79 16.62 50.57
N SER H 166 -77.15 17.77 50.30
CA SER H 166 -75.70 17.83 50.03
C SER H 166 -75.35 17.04 48.78
N GLY H 167 -76.31 16.90 47.87
CA GLY H 167 -76.20 16.08 46.67
C GLY H 167 -76.73 14.67 46.79
N ALA H 168 -77.11 14.22 47.98
CA ALA H 168 -77.32 12.79 48.21
C ALA H 168 -78.50 12.23 47.44
N LEU H 169 -79.69 12.81 47.58
CA LEU H 169 -80.90 12.24 46.97
C LEU H 169 -81.10 12.86 45.60
N THR H 170 -80.98 12.06 44.55
CA THR H 170 -81.05 12.58 43.20
C THR H 170 -82.22 12.00 42.39
N SER H 171 -82.96 11.07 42.95
CA SER H 171 -84.04 10.44 42.23
C SER H 171 -85.21 11.40 42.04
N GLY H 172 -85.60 11.62 40.78
CA GLY H 172 -86.86 12.27 40.46
C GLY H 172 -86.83 13.77 40.33
N VAL H 173 -85.68 14.38 40.09
CA VAL H 173 -85.55 15.83 40.08
C VAL H 173 -85.34 16.33 38.65
N HIS H 174 -85.76 17.57 38.41
CA HIS H 174 -85.58 18.22 37.11
C HIS H 174 -85.01 19.61 37.34
N THR H 175 -83.79 19.83 36.88
CA THR H 175 -83.16 21.15 36.95
C THR H 175 -83.30 21.81 35.58
N PHE H 176 -84.09 22.88 35.52
CA PHE H 176 -84.51 23.61 34.33
C PHE H 176 -83.39 24.50 33.80
N PRO H 177 -83.39 24.76 32.50
CA PRO H 177 -82.39 25.68 31.94
C PRO H 177 -82.63 27.11 32.37
N ALA H 178 -81.56 27.91 32.35
CA ALA H 178 -81.66 29.31 32.73
C ALA H 178 -82.49 30.08 31.71
N VAL H 179 -83.09 31.18 32.18
CA VAL H 179 -83.94 32.02 31.35
C VAL H 179 -83.43 33.45 31.45
N LEU H 180 -83.18 34.08 30.31
CA LEU H 180 -82.66 35.44 30.27
C LEU H 180 -83.82 36.40 30.11
N GLN H 181 -83.97 37.29 31.07
CA GLN H 181 -85.10 38.20 31.13
C GLN H 181 -84.69 39.64 30.78
N SER H 182 -85.62 40.57 30.99
CA SER H 182 -85.32 41.98 30.81
C SER H 182 -84.24 42.48 31.74
N SER H 183 -84.31 42.11 33.02
CA SER H 183 -83.37 42.65 34.06
C SER H 183 -81.95 42.14 33.93
N GLY H 184 -81.65 41.34 32.91
CA GLY H 184 -80.30 40.86 32.70
C GLY H 184 -79.89 39.71 33.58
N LEU H 185 -80.61 39.45 34.65
CA LEU H 185 -80.32 38.37 35.56
C LEU H 185 -80.99 37.11 35.05
N TYR H 186 -80.30 35.98 35.20
CA TYR H 186 -80.90 34.72 34.79
C TYR H 186 -81.80 34.17 35.89
N SER H 187 -82.49 33.09 35.58
CA SER H 187 -83.46 32.54 36.52
C SER H 187 -83.74 31.10 36.17
N LEU H 188 -83.34 30.17 37.02
CA LEU H 188 -83.68 28.77 36.83
C LEU H 188 -84.34 28.25 38.09
N SER H 189 -85.12 27.18 37.93
CA SER H 189 -85.83 26.57 39.04
C SER H 189 -85.61 25.07 39.02
N SER H 190 -85.58 24.48 40.21
CA SER H 190 -85.37 23.05 40.35
C SER H 190 -86.53 22.49 41.17
N VAL H 191 -87.04 21.33 40.76
CA VAL H 191 -88.27 20.79 41.30
C VAL H 191 -88.06 19.30 41.57
N VAL H 192 -88.88 18.76 42.48
CA VAL H 192 -88.83 17.36 42.85
C VAL H 192 -90.24 16.85 43.05
N THR H 193 -90.46 15.56 42.79
CA THR H 193 -91.75 14.93 42.97
C THR H 193 -91.71 14.03 44.20
N VAL H 194 -92.42 14.44 45.26
CA VAL H 194 -92.59 13.60 46.45
C VAL H 194 -93.99 13.80 47.02
N PRO H 195 -94.66 12.70 47.36
CA PRO H 195 -96.05 12.78 47.83
C PRO H 195 -96.23 13.69 49.05
N SER H 196 -97.48 14.11 49.28
CA SER H 196 -97.79 14.91 50.46
C SER H 196 -97.53 14.13 51.75
N SER H 197 -97.64 12.81 51.70
CA SER H 197 -97.21 12.00 52.84
C SER H 197 -95.74 12.23 53.15
N SER H 198 -94.95 12.57 52.13
CA SER H 198 -93.55 12.86 52.35
C SER H 198 -93.33 14.24 52.95
N LEU H 199 -94.05 15.27 52.47
CA LEU H 199 -93.76 16.64 52.86
C LEU H 199 -93.89 16.84 54.37
N GLY H 200 -94.74 16.05 55.02
CA GLY H 200 -94.88 16.13 56.47
C GLY H 200 -94.06 15.09 57.22
N THR H 201 -93.53 14.10 56.50
CA THR H 201 -92.81 13.00 57.11
C THR H 201 -91.41 12.82 56.53
N GLN H 202 -91.12 13.40 55.38
CA GLN H 202 -89.76 13.38 54.83
C GLN H 202 -89.18 14.79 54.92
N THR H 203 -87.86 14.85 55.02
CA THR H 203 -87.11 16.10 55.20
C THR H 203 -86.29 16.42 53.95
N TYR H 204 -86.31 17.68 53.54
CA TYR H 204 -85.53 18.17 52.41
C TYR H 204 -85.01 19.57 52.72
N ILE H 205 -83.74 19.83 52.41
CA ILE H 205 -83.19 21.18 52.33
C ILE H 205 -82.62 21.37 50.93
N CYS H 206 -82.68 22.60 50.45
CA CYS H 206 -82.30 22.98 49.09
C CYS H 206 -80.92 23.59 49.10
N ASN H 207 -80.08 23.20 48.14
CA ASN H 207 -78.68 23.64 48.06
C ASN H 207 -78.49 24.44 46.78
N VAL H 208 -77.85 25.60 46.90
CA VAL H 208 -77.60 26.47 45.77
C VAL H 208 -76.12 26.85 45.87
N ASN H 209 -75.53 27.30 44.77
CA ASN H 209 -74.10 27.47 44.67
C ASN H 209 -73.79 28.57 43.66
N HIS H 210 -72.85 29.44 43.97
CA HIS H 210 -72.30 30.39 43.00
C HIS H 210 -70.93 30.81 43.52
N LYS H 211 -69.89 30.40 42.80
CA LYS H 211 -68.53 30.61 43.28
C LYS H 211 -68.00 32.01 42.98
N PRO H 212 -68.22 32.61 41.81
CA PRO H 212 -67.73 33.98 41.59
C PRO H 212 -68.20 34.98 42.65
N SER H 213 -69.17 34.62 43.48
CA SER H 213 -69.47 35.34 44.70
C SER H 213 -69.40 34.43 45.93
N ASN H 214 -68.98 33.18 45.76
CA ASN H 214 -68.83 32.19 46.87
C ASN H 214 -70.15 32.14 47.62
N THR H 215 -71.18 31.56 46.97
CA THR H 215 -72.48 31.66 47.62
C THR H 215 -73.07 30.30 47.94
N LYS H 216 -73.20 29.99 49.22
CA LYS H 216 -73.75 28.71 49.67
C LYS H 216 -74.86 29.00 50.67
N VAL H 217 -76.08 28.60 50.32
CA VAL H 217 -77.28 29.01 51.04
C VAL H 217 -78.20 27.80 51.17
N ASP H 218 -79.03 27.80 52.22
CA ASP H 218 -80.00 26.74 52.46
C ASP H 218 -81.34 27.32 52.93
N LYS H 219 -82.43 26.88 52.31
CA LYS H 219 -83.75 27.45 52.50
C LYS H 219 -84.75 26.37 52.90
N LYS H 220 -85.13 26.33 54.17
CA LYS H 220 -86.15 25.38 54.61
C LYS H 220 -87.49 25.69 53.95
N VAL H 221 -88.12 24.67 53.38
CA VAL H 221 -89.45 24.84 52.80
C VAL H 221 -90.31 23.62 53.11
N GLU I 1 -75.45 32.72 -0.42
CA GLU I 1 -75.20 32.39 -1.82
C GLU I 1 -75.50 30.93 -2.11
N ILE I 2 -76.10 30.24 -1.14
CA ILE I 2 -76.51 28.85 -1.30
C ILE I 2 -77.60 28.56 -0.28
N VAL I 3 -78.69 27.95 -0.73
CA VAL I 3 -79.85 27.66 0.11
C VAL I 3 -79.89 26.16 0.36
N LEU I 4 -79.66 25.75 1.60
CA LEU I 4 -79.64 24.35 1.98
C LEU I 4 -80.82 24.09 2.91
N THR I 5 -81.98 23.83 2.33
CA THR I 5 -83.14 23.45 3.14
C THR I 5 -82.99 21.99 3.54
N GLN I 6 -83.21 21.69 4.81
CA GLN I 6 -82.98 20.35 5.32
C GLN I 6 -84.31 19.71 5.67
N SER I 7 -84.43 18.42 5.38
CA SER I 7 -85.62 17.65 5.70
C SER I 7 -85.23 16.36 6.38
N PRO I 8 -86.08 15.82 7.27
CA PRO I 8 -87.35 16.40 7.73
C PRO I 8 -87.11 17.44 8.83
N GLY I 9 -88.15 18.17 9.22
CA GLY I 9 -87.99 19.13 10.30
C GLY I 9 -87.58 18.47 11.61
N THR I 10 -88.27 17.40 11.99
CA THR I 10 -87.87 16.57 13.12
C THR I 10 -88.10 15.12 12.75
N LEU I 11 -87.43 14.23 13.47
CA LEU I 11 -87.48 12.81 13.21
C LEU I 11 -87.84 12.11 14.50
N SER I 12 -88.88 11.28 14.47
CA SER I 12 -89.44 10.68 15.67
C SER I 12 -89.58 9.17 15.46
N LEU I 13 -88.54 8.41 15.82
CA LEU I 13 -88.54 6.97 15.66
C LEU I 13 -87.91 6.29 16.86
N SER I 14 -88.25 5.01 17.03
CA SER I 14 -87.82 4.14 18.11
C SER I 14 -86.43 3.57 17.83
N PRO I 15 -85.76 3.03 18.84
CA PRO I 15 -84.40 2.50 18.60
C PRO I 15 -84.42 1.17 17.85
N GLY I 16 -83.97 1.20 16.60
CA GLY I 16 -83.97 0.07 15.70
C GLY I 16 -84.45 0.39 14.29
N GLU I 17 -85.42 1.30 14.17
CA GLU I 17 -85.99 1.67 12.88
C GLU I 17 -84.98 2.51 12.09
N ARG I 18 -85.28 2.72 10.81
CA ARG I 18 -84.31 3.33 9.91
C ARG I 18 -84.77 4.72 9.47
N ALA I 19 -83.80 5.60 9.20
CA ALA I 19 -84.09 7.00 8.93
C ALA I 19 -83.35 7.46 7.70
N THR I 20 -83.94 8.46 7.03
CA THR I 20 -83.36 9.03 5.82
C THR I 20 -83.45 10.54 5.88
N LEU I 21 -82.38 11.19 6.32
CA LEU I 21 -82.30 12.63 6.29
C LEU I 21 -81.93 13.06 4.87
N SER I 22 -82.16 14.34 4.58
CA SER I 22 -81.78 14.87 3.29
C SER I 22 -81.49 16.36 3.39
N CYS I 23 -80.55 16.82 2.59
CA CYS I 23 -80.18 18.23 2.47
C CYS I 23 -80.37 18.62 1.01
N ARG I 24 -81.17 19.64 0.75
CA ARG I 24 -81.50 20.03 -0.61
C ARG I 24 -80.94 21.43 -0.87
N ALA I 25 -80.12 21.56 -1.91
CA ALA I 25 -79.54 22.83 -2.28
C ALA I 25 -80.32 23.45 -3.43
N SER I 26 -80.41 24.78 -3.42
CA SER I 26 -81.17 25.49 -4.44
C SER I 26 -80.34 25.79 -5.67
N GLN I 27 -79.09 25.37 -5.68
CA GLN I 27 -78.22 25.44 -6.86
C GLN I 27 -77.32 24.21 -6.83
N SER I 28 -76.57 24.03 -7.91
CA SER I 28 -75.72 22.86 -8.02
C SER I 28 -74.54 22.94 -7.07
N VAL I 29 -74.17 21.80 -6.48
CA VAL I 29 -72.93 21.64 -5.74
C VAL I 29 -72.30 20.31 -6.11
N ARG I 30 -70.99 20.21 -5.89
CA ARG I 30 -70.25 19.02 -6.23
C ARG I 30 -70.12 18.12 -5.01
N SER I 31 -70.32 16.81 -5.22
CA SER I 31 -70.39 15.88 -4.11
C SER I 31 -69.09 15.80 -3.33
N SER I 32 -67.99 16.27 -3.89
CA SER I 32 -66.73 16.21 -3.18
C SER I 32 -66.62 17.24 -2.07
N TYR I 33 -67.59 18.13 -1.93
CA TYR I 33 -67.50 19.22 -0.96
C TYR I 33 -68.76 19.37 -0.12
N LEU I 34 -69.35 18.27 0.35
CA LEU I 34 -70.47 18.34 1.26
C LEU I 34 -70.25 17.37 2.42
N GLY I 35 -70.48 17.84 3.63
CA GLY I 35 -70.20 17.04 4.80
C GLY I 35 -71.37 17.05 5.76
N TRP I 36 -71.56 15.91 6.42
CA TRP I 36 -72.59 15.75 7.45
C TRP I 36 -71.91 15.59 8.80
N TYR I 37 -72.36 16.39 9.76
CA TYR I 37 -71.86 16.38 11.14
C TYR I 37 -72.97 16.00 12.10
N GLN I 38 -72.57 15.51 13.27
CA GLN I 38 -73.50 15.17 14.34
C GLN I 38 -73.08 15.85 15.62
N GLN I 39 -74.04 16.50 16.29
CA GLN I 39 -73.80 17.10 17.59
C GLN I 39 -74.74 16.47 18.61
N LYS I 40 -74.17 15.93 19.67
CA LYS I 40 -74.93 15.45 20.80
C LYS I 40 -75.17 16.60 21.77
N PRO I 41 -76.20 16.51 22.60
CA PRO I 41 -76.57 17.67 23.44
C PRO I 41 -75.43 18.15 24.31
N GLY I 42 -74.94 19.35 24.01
CA GLY I 42 -73.96 20.03 24.83
C GLY I 42 -72.53 19.92 24.39
N GLN I 43 -72.18 18.95 23.55
CA GLN I 43 -70.79 18.72 23.15
C GLN I 43 -70.50 19.39 21.81
N ALA I 44 -69.24 19.33 21.43
CA ALA I 44 -68.85 19.80 20.11
C ALA I 44 -69.21 18.77 19.06
N PRO I 45 -69.66 19.20 17.89
CA PRO I 45 -70.05 18.24 16.85
C PRO I 45 -68.86 17.46 16.34
N ARG I 46 -69.13 16.23 15.89
CA ARG I 46 -68.09 15.37 15.33
C ARG I 46 -68.44 15.03 13.90
N LEU I 47 -67.45 15.10 13.03
CA LEU I 47 -67.69 14.83 11.61
C LEU I 47 -68.18 13.40 11.42
N LEU I 48 -69.17 13.24 10.54
CA LEU I 48 -69.67 11.92 10.19
C LEU I 48 -69.33 11.53 8.76
N ILE I 49 -69.70 12.33 7.77
CA ILE I 49 -69.55 11.93 6.38
C ILE I 49 -68.87 13.06 5.62
N TYR I 50 -67.78 12.75 4.92
CA TYR I 50 -67.11 13.71 4.06
C TYR I 50 -67.18 13.23 2.62
N GLY I 51 -67.24 14.18 1.70
CA GLY I 51 -67.39 13.85 0.30
C GLY I 51 -68.75 13.34 -0.09
N ALA I 52 -69.72 13.42 0.81
CA ALA I 52 -71.14 13.11 0.57
C ALA I 52 -71.40 11.62 0.43
N SER I 53 -70.34 10.81 0.38
CA SER I 53 -70.52 9.35 0.17
C SER I 53 -69.42 8.54 0.87
N SER I 54 -68.39 9.23 1.37
CA SER I 54 -67.25 8.53 2.03
C SER I 54 -67.41 8.66 3.54
N ARG I 55 -67.35 7.53 4.25
CA ARG I 55 -67.40 7.55 5.70
C ARG I 55 -66.17 8.24 6.26
N ALA I 56 -66.24 8.54 7.55
CA ALA I 56 -65.07 9.05 8.27
C ALA I 56 -64.39 7.90 9.00
N THR I 57 -63.42 8.25 9.86
CA THR I 57 -62.64 7.26 10.59
C THR I 57 -63.13 7.17 12.04
N GLY I 58 -63.45 5.96 12.46
CA GLY I 58 -64.01 5.72 13.77
C GLY I 58 -65.51 5.63 13.80
N ILE I 59 -66.19 6.28 12.85
CA ILE I 59 -67.64 6.15 12.71
C ILE I 59 -67.99 4.69 12.48
N PRO I 60 -69.09 4.16 12.99
CA PRO I 60 -69.43 2.76 12.75
C PRO I 60 -69.66 2.49 11.27
N ASP I 61 -69.72 1.21 10.93
CA ASP I 61 -70.01 0.83 9.56
C ASP I 61 -71.48 0.96 9.23
N ARG I 62 -72.35 1.04 10.24
CA ARG I 62 -73.78 1.19 9.98
C ARG I 62 -74.06 2.49 9.24
N PHE I 63 -73.47 3.58 9.70
CA PHE I 63 -73.69 4.88 9.09
C PHE I 63 -73.17 4.91 7.66
N SER I 64 -73.94 5.53 6.78
CA SER I 64 -73.57 5.66 5.37
C SER I 64 -74.41 6.74 4.71
N GLY I 65 -73.75 7.73 4.13
CA GLY I 65 -74.43 8.75 3.36
C GLY I 65 -74.60 8.28 1.94
N SER I 66 -75.26 9.07 1.09
CA SER I 66 -75.34 8.70 -0.32
C SER I 66 -74.69 9.72 -1.23
N GLY I 67 -75.20 10.95 -1.22
CA GLY I 67 -74.63 12.08 -1.95
C GLY I 67 -74.74 12.16 -3.46
N SER I 68 -75.97 12.39 -3.94
CA SER I 68 -76.22 12.50 -5.41
C SER I 68 -75.75 13.87 -5.96
N GLY I 69 -76.31 14.29 -7.11
CA GLY I 69 -75.86 15.54 -7.76
C GLY I 69 -75.91 16.77 -6.87
N THR I 70 -77.11 17.30 -6.60
CA THR I 70 -77.27 18.54 -5.82
C THR I 70 -78.18 18.26 -4.63
N ASP I 71 -78.61 17.01 -4.50
CA ASP I 71 -79.71 16.66 -3.63
C ASP I 71 -79.25 15.51 -2.75
N PHE I 72 -78.72 15.86 -1.59
CA PHE I 72 -77.90 14.91 -0.84
C PHE I 72 -78.73 14.21 0.24
N THR I 73 -78.30 13.01 0.60
CA THR I 73 -79.08 12.12 1.45
C THR I 73 -78.20 11.59 2.56
N LEU I 74 -78.83 11.03 3.59
CA LEU I 74 -78.13 10.40 4.70
C LEU I 74 -78.98 9.30 5.31
N THR I 75 -78.60 8.06 5.06
CA THR I 75 -79.36 6.90 5.53
C THR I 75 -78.72 6.34 6.79
N ILE I 76 -79.45 6.38 7.90
CA ILE I 76 -79.07 5.70 9.11
C ILE I 76 -79.86 4.41 9.12
N SER I 77 -79.16 3.29 8.96
CA SER I 77 -79.80 2.03 8.62
C SER I 77 -80.19 1.23 9.86
N ARG I 78 -79.93 1.77 11.05
CA ARG I 78 -80.55 1.27 12.27
C ARG I 78 -80.27 2.27 13.38
N LEU I 79 -81.27 2.51 14.21
CA LEU I 79 -81.21 3.57 15.21
C LEU I 79 -80.96 2.98 16.59
N GLU I 80 -79.93 3.46 17.27
CA GLU I 80 -79.64 3.08 18.64
C GLU I 80 -80.08 4.19 19.58
N SER I 81 -79.92 3.93 20.88
CA SER I 81 -80.05 4.98 21.90
C SER I 81 -78.90 5.96 21.84
N GLU I 82 -77.74 5.53 21.37
CA GLU I 82 -76.63 6.42 21.07
C GLU I 82 -76.94 7.42 19.98
N ASP I 83 -77.88 7.11 19.09
CA ASP I 83 -78.03 7.79 17.80
C ASP I 83 -78.80 9.08 17.85
N PHE I 84 -79.50 9.37 18.94
CA PHE I 84 -80.37 10.52 18.98
C PHE I 84 -79.54 11.77 19.25
N ALA I 85 -79.50 12.67 18.28
CA ALA I 85 -78.68 13.87 18.31
C ALA I 85 -79.24 14.83 17.27
N VAL I 86 -78.48 15.86 16.94
CA VAL I 86 -78.82 16.75 15.83
C VAL I 86 -77.77 16.58 14.74
N TYR I 87 -78.20 16.73 13.49
CA TYR I 87 -77.34 16.49 12.34
C TYR I 87 -77.38 17.68 11.39
N TYR I 88 -76.22 18.05 10.85
CA TYR I 88 -76.10 19.22 10.00
C TYR I 88 -75.39 18.88 8.70
N CYS I 89 -75.71 19.62 7.64
CA CYS I 89 -75.04 19.51 6.35
C CYS I 89 -74.35 20.83 6.05
N GLN I 90 -73.07 20.77 5.66
CA GLN I 90 -72.29 21.95 5.29
C GLN I 90 -71.71 21.75 3.91
N GLN I 91 -71.61 22.83 3.15
CA GLN I 91 -71.02 22.80 1.82
C GLN I 91 -69.75 23.65 1.77
N TYR I 92 -68.75 23.14 1.07
CA TYR I 92 -67.43 23.76 1.04
C TYR I 92 -67.16 24.55 -0.25
N ASP I 93 -68.16 24.73 -1.10
CA ASP I 93 -67.96 25.43 -2.37
C ASP I 93 -67.70 26.91 -2.10
N ASN I 94 -66.84 27.51 -2.95
CA ASN I 94 -66.30 28.90 -2.80
C ASN I 94 -67.28 29.95 -2.26
N SER I 95 -68.57 29.83 -2.55
CA SER I 95 -69.59 30.72 -2.00
C SER I 95 -69.50 30.70 -0.48
N PRO I 96 -70.13 31.63 0.23
CA PRO I 96 -70.13 31.56 1.69
C PRO I 96 -70.51 30.17 2.18
N TRP I 97 -69.66 29.53 2.96
CA TRP I 97 -69.95 28.18 3.43
C TRP I 97 -71.12 28.22 4.40
N THR I 98 -72.21 27.53 4.08
CA THR I 98 -73.43 27.61 4.85
C THR I 98 -73.69 26.29 5.55
N PHE I 99 -74.57 26.34 6.55
CA PHE I 99 -75.09 25.18 7.24
C PHE I 99 -76.59 25.06 7.02
N GLY I 100 -77.12 23.88 7.25
CA GLY I 100 -78.56 23.69 7.26
C GLY I 100 -79.15 24.06 8.61
N GLN I 101 -80.48 24.02 8.68
CA GLN I 101 -81.15 24.24 9.95
C GLN I 101 -80.76 23.18 10.97
N GLY I 102 -80.63 21.94 10.51
CA GLY I 102 -80.30 20.84 11.40
C GLY I 102 -81.53 20.06 11.80
N THR I 103 -81.48 18.74 11.62
CA THR I 103 -82.59 17.87 11.99
C THR I 103 -82.33 17.27 13.35
N LYS I 104 -83.34 17.28 14.20
CA LYS I 104 -83.28 16.63 15.50
C LYS I 104 -84.09 15.34 15.44
N VAL I 105 -83.51 14.29 16.06
CA VAL I 105 -84.17 12.96 16.15
C VAL I 105 -84.60 12.75 17.61
N GLU I 106 -85.86 12.35 17.85
CA GLU I 106 -86.35 12.05 19.22
C GLU I 106 -86.85 10.61 19.26
N ILE I 107 -86.92 10.00 20.43
CA ILE I 107 -87.32 8.55 20.53
C ILE I 107 -88.85 8.45 20.60
N LYS I 108 -89.45 7.67 19.70
CA LYS I 108 -90.92 7.47 19.72
C LYS I 108 -91.32 6.78 21.03
N ARG I 109 -92.03 7.50 21.91
CA ARG I 109 -92.48 6.91 23.20
C ARG I 109 -94.01 6.97 23.27
N THR I 110 -94.58 6.71 24.45
CA THR I 110 -96.06 6.68 24.60
C THR I 110 -96.58 8.07 24.99
N VAL I 111 -97.76 8.45 24.51
CA VAL I 111 -98.34 9.79 24.83
C VAL I 111 -98.65 9.84 26.33
N ALA I 112 -97.90 10.65 27.08
CA ALA I 112 -98.09 10.69 28.55
C ALA I 112 -98.90 11.94 28.95
N ALA I 113 -99.34 12.01 30.21
CA ALA I 113 -100.22 13.11 30.65
C ALA I 113 -99.41 14.25 31.29
N PRO I 114 -99.59 15.52 30.88
CA PRO I 114 -98.91 16.65 31.53
C PRO I 114 -99.67 17.09 32.78
N SER I 115 -99.45 16.40 33.90
CA SER I 115 -100.14 16.75 35.17
C SER I 115 -99.95 18.24 35.46
N VAL I 116 -101.05 19.01 35.43
CA VAL I 116 -100.96 20.47 35.74
C VAL I 116 -100.61 20.61 37.23
N PHE I 117 -99.66 21.47 37.55
CA PHE I 117 -99.32 21.74 38.96
C PHE I 117 -99.29 23.26 39.12
N ILE I 118 -99.42 23.76 40.35
CA ILE I 118 -99.27 25.19 40.58
C ILE I 118 -98.45 25.39 41.84
N PHE I 119 -97.79 26.54 41.94
CA PHE I 119 -97.10 26.94 43.16
C PHE I 119 -97.42 28.40 43.45
N PRO I 120 -97.90 28.72 44.64
CA PRO I 120 -98.23 30.10 44.96
C PRO I 120 -96.96 30.90 45.18
N PRO I 121 -97.06 32.21 45.46
CA PRO I 121 -95.86 32.96 45.81
C PRO I 121 -95.36 32.58 47.20
N SER I 122 -94.33 33.28 47.63
CA SER I 122 -93.76 33.05 48.95
C SER I 122 -93.53 34.39 49.66
N ASP I 123 -93.71 34.33 50.99
CA ASP I 123 -93.53 35.55 51.82
C ASP I 123 -92.10 36.05 51.66
N GLU I 124 -91.13 35.16 51.44
CA GLU I 124 -89.74 35.60 51.19
C GLU I 124 -89.74 36.52 49.97
N GLN I 125 -90.44 36.12 48.91
CA GLN I 125 -90.55 36.98 47.70
C GLN I 125 -91.42 38.21 48.05
N LEU I 126 -92.52 38.02 48.78
CA LEU I 126 -93.42 39.13 49.03
C LEU I 126 -92.89 40.04 50.14
N LYS I 127 -91.71 39.72 50.70
CA LYS I 127 -90.94 40.73 51.42
C LYS I 127 -90.11 41.58 50.47
N SER I 128 -89.67 41.00 49.35
CA SER I 128 -88.86 41.73 48.38
C SER I 128 -89.67 42.74 47.57
N GLY I 129 -90.99 42.72 47.70
CA GLY I 129 -91.85 43.57 46.92
C GLY I 129 -92.13 43.09 45.51
N THR I 130 -92.37 41.80 45.32
CA THR I 130 -92.52 41.21 44.00
C THR I 130 -93.73 40.30 43.95
N ALA I 131 -93.83 39.56 42.85
CA ALA I 131 -94.91 38.60 42.64
C ALA I 131 -94.49 37.62 41.54
N SER I 132 -94.83 36.35 41.71
CA SER I 132 -94.49 35.30 40.75
C SER I 132 -95.31 34.05 41.04
N VAL I 133 -95.90 33.49 39.99
CA VAL I 133 -96.70 32.27 40.08
C VAL I 133 -96.21 31.32 38.99
N VAL I 134 -96.00 30.06 39.35
CA VAL I 134 -95.47 29.08 38.42
C VAL I 134 -96.42 27.90 38.29
N CYS I 135 -96.69 27.51 37.04
CA CYS I 135 -97.54 26.38 36.72
C CYS I 135 -96.66 25.33 36.07
N LEU I 136 -96.69 24.10 36.59
CA LEU I 136 -95.72 23.07 36.24
C LEU I 136 -96.38 21.96 35.45
N LEU I 137 -95.67 21.45 34.44
CA LEU I 137 -96.05 20.26 33.68
C LEU I 137 -94.88 19.29 33.74
N ASN I 138 -95.14 18.03 34.07
CA ASN I 138 -94.07 17.06 34.26
C ASN I 138 -94.42 15.70 33.68
N ASN I 139 -93.44 15.09 33.03
CA ASN I 139 -93.49 13.72 32.53
C ASN I 139 -94.69 13.53 31.59
N PHE I 140 -94.60 14.23 30.45
CA PHE I 140 -95.57 14.10 29.38
C PHE I 140 -94.84 13.87 28.06
N TYR I 141 -95.58 13.39 27.08
CA TYR I 141 -95.03 13.13 25.76
C TYR I 141 -96.14 13.23 24.73
N PRO I 142 -95.87 13.78 23.54
CA PRO I 142 -94.61 14.40 23.10
C PRO I 142 -94.39 15.79 23.70
N ARG I 143 -93.40 16.53 23.20
CA ARG I 143 -93.06 17.81 23.81
C ARG I 143 -94.19 18.82 23.68
N GLU I 144 -94.82 18.88 22.51
CA GLU I 144 -95.72 19.99 22.19
C GLU I 144 -96.91 20.03 23.15
N ALA I 145 -97.05 21.18 23.82
CA ALA I 145 -98.14 21.44 24.76
C ALA I 145 -98.03 22.90 25.18
N LYS I 146 -99.18 23.52 25.43
CA LYS I 146 -99.22 24.95 25.66
C LYS I 146 -99.86 25.26 27.01
N VAL I 147 -99.28 26.22 27.71
CA VAL I 147 -99.78 26.70 28.99
C VAL I 147 -100.25 28.13 28.81
N GLN I 148 -101.39 28.46 29.41
CA GLN I 148 -101.95 29.80 29.37
C GLN I 148 -102.22 30.26 30.80
N TRP I 149 -102.27 31.57 30.99
CA TRP I 149 -102.41 32.14 32.31
C TRP I 149 -103.76 32.83 32.48
N LYS I 150 -104.33 32.70 33.68
CA LYS I 150 -105.58 33.36 34.02
C LYS I 150 -105.35 34.21 35.27
N VAL I 151 -105.87 35.43 35.26
CA VAL I 151 -105.72 36.38 36.37
C VAL I 151 -107.07 37.07 36.57
N ASP I 152 -107.85 36.57 37.53
CA ASP I 152 -109.27 36.94 37.62
C ASP I 152 -109.99 36.54 36.34
N ASN I 153 -109.66 35.34 35.84
CA ASN I 153 -110.18 34.74 34.62
C ASN I 153 -109.80 35.51 33.36
N ALA I 154 -108.62 36.12 33.32
CA ALA I 154 -108.13 36.82 32.15
C ALA I 154 -106.72 36.38 31.82
N LEU I 155 -106.35 36.44 30.55
CA LEU I 155 -105.00 36.05 30.14
C LEU I 155 -103.99 37.11 30.56
N GLN I 156 -102.71 36.72 30.62
CA GLN I 156 -101.61 37.67 30.59
C GLN I 156 -100.57 37.21 29.58
N SER I 157 -100.38 38.02 28.53
CA SER I 157 -99.54 37.71 27.37
C SER I 157 -98.16 38.35 27.47
N GLY I 158 -98.03 39.47 28.16
CA GLY I 158 -96.73 39.99 28.49
C GLY I 158 -96.26 39.56 29.87
N ASN I 159 -94.96 39.30 29.96
CA ASN I 159 -94.32 38.76 31.18
C ASN I 159 -94.76 37.33 31.48
N SER I 160 -94.57 36.45 30.51
CA SER I 160 -94.76 35.02 30.68
C SER I 160 -93.52 34.28 30.20
N GLN I 161 -92.74 33.76 31.14
CA GLN I 161 -91.52 33.03 30.83
C GLN I 161 -91.76 31.54 30.93
N GLU I 162 -91.53 30.83 29.83
CA GLU I 162 -91.66 29.39 29.77
C GLU I 162 -90.33 28.77 29.41
N SER I 163 -90.05 27.63 30.03
CA SER I 163 -88.84 26.88 29.75
C SER I 163 -89.20 25.40 29.74
N VAL I 164 -88.40 24.61 29.03
CA VAL I 164 -88.63 23.17 28.97
C VAL I 164 -87.28 22.47 29.05
N THR I 165 -87.27 21.37 29.78
CA THR I 165 -86.07 20.56 29.94
C THR I 165 -85.95 19.59 28.77
N GLU I 166 -84.72 19.28 28.41
CA GLU I 166 -84.46 18.37 27.30
C GLU I 166 -84.91 16.97 27.69
N GLN I 167 -85.06 16.11 26.68
CA GLN I 167 -85.62 14.80 26.90
C GLN I 167 -84.80 14.00 27.90
N ASP I 168 -85.48 13.36 28.84
CA ASP I 168 -84.81 12.56 29.85
C ASP I 168 -84.24 11.30 29.21
N SER I 169 -83.55 10.50 30.02
CA SER I 169 -83.03 9.24 29.51
C SER I 169 -83.81 8.06 30.06
N LYS I 170 -84.20 8.12 31.34
CA LYS I 170 -84.82 6.97 31.98
C LYS I 170 -86.29 6.82 31.59
N ASP I 171 -87.06 7.90 31.67
CA ASP I 171 -88.45 7.84 31.24
C ASP I 171 -88.67 8.43 29.86
N SER I 172 -87.78 9.33 29.43
CA SER I 172 -87.74 9.89 28.09
C SER I 172 -88.86 10.87 27.81
N THR I 173 -89.28 11.65 28.80
CA THR I 173 -90.34 12.63 28.62
C THR I 173 -89.76 14.04 28.64
N TYR I 174 -90.65 15.02 28.58
CA TYR I 174 -90.32 16.42 28.75
C TYR I 174 -91.11 16.99 29.93
N SER I 175 -90.52 17.97 30.60
CA SER I 175 -91.19 18.64 31.69
C SER I 175 -90.90 20.13 31.60
N LEU I 176 -91.97 20.92 31.47
CA LEU I 176 -91.82 22.35 31.26
C LEU I 176 -92.52 23.11 32.38
N SER I 177 -91.89 24.21 32.80
CA SER I 177 -92.41 25.07 33.84
C SER I 177 -92.49 26.49 33.32
N SER I 178 -93.64 27.13 33.55
CA SER I 178 -93.85 28.49 33.11
C SER I 178 -94.08 29.36 34.33
N THR I 179 -93.39 30.50 34.38
CA THR I 179 -93.43 31.41 35.51
C THR I 179 -94.07 32.72 35.07
N LEU I 180 -94.95 33.25 35.91
CA LEU I 180 -95.69 34.47 35.60
C LEU I 180 -95.38 35.49 36.68
N THR I 181 -94.58 36.51 36.33
CA THR I 181 -94.05 37.45 37.30
C THR I 181 -94.79 38.78 37.22
N LEU I 182 -95.03 39.38 38.38
CA LEU I 182 -95.84 40.58 38.51
C LEU I 182 -95.11 41.53 39.44
N SER I 183 -95.78 42.62 39.79
CA SER I 183 -95.33 43.42 40.93
C SER I 183 -96.22 43.09 42.14
N LYS I 184 -95.63 43.22 43.34
CA LYS I 184 -96.42 43.05 44.55
C LYS I 184 -97.55 44.08 44.62
N ALA I 185 -97.44 45.18 43.87
CA ALA I 185 -98.61 46.00 43.61
C ALA I 185 -99.67 45.20 42.86
N ASP I 186 -99.28 44.58 41.75
CA ASP I 186 -100.24 43.83 40.96
C ASP I 186 -100.84 42.71 41.80
N TYR I 187 -99.99 41.88 42.41
CA TYR I 187 -100.47 40.77 43.23
C TYR I 187 -101.21 41.26 44.47
N GLU I 188 -101.01 42.52 44.85
CA GLU I 188 -101.74 43.06 45.98
C GLU I 188 -103.12 43.53 45.57
N LYS I 189 -103.34 43.78 44.26
CA LYS I 189 -104.70 44.13 43.83
C LYS I 189 -105.51 42.98 43.22
N HIS I 190 -104.89 41.90 42.77
CA HIS I 190 -105.68 40.80 42.20
C HIS I 190 -105.57 39.52 43.02
N LYS I 191 -106.64 38.70 42.92
CA LYS I 191 -106.84 37.57 43.83
C LYS I 191 -106.51 36.23 43.18
N VAL I 192 -107.22 35.85 42.12
CA VAL I 192 -107.30 34.47 41.66
C VAL I 192 -106.54 34.31 40.36
N TYR I 193 -105.66 33.30 40.31
CA TYR I 193 -104.81 33.04 39.17
C TYR I 193 -104.99 31.58 38.76
N ALA I 194 -104.92 31.31 37.45
CA ALA I 194 -105.20 29.97 36.94
C ALA I 194 -104.40 29.69 35.67
N CYS I 195 -104.17 28.40 35.43
CA CYS I 195 -103.47 27.90 34.24
C CYS I 195 -104.16 26.63 33.79
N GLU I 196 -103.97 26.26 32.52
CA GLU I 196 -104.48 25.01 31.98
C GLU I 196 -103.53 24.51 30.91
N VAL I 197 -103.70 23.25 30.50
CA VAL I 197 -102.81 22.60 29.54
C VAL I 197 -103.63 22.19 28.33
N THR I 198 -103.00 22.16 27.17
CA THR I 198 -103.56 21.56 25.97
C THR I 198 -102.59 20.51 25.43
N HIS I 199 -103.00 19.24 25.46
CA HIS I 199 -102.17 18.15 24.98
C HIS I 199 -103.03 17.08 24.35
N GLN I 200 -102.38 16.22 23.55
CA GLN I 200 -103.08 15.19 22.80
C GLN I 200 -103.49 14.03 23.69
N GLY I 201 -102.68 13.69 24.68
CA GLY I 201 -102.94 12.51 25.49
C GLY I 201 -104.22 12.63 26.30
N LEU I 202 -104.78 13.83 26.35
CA LEU I 202 -106.03 14.08 27.06
C LEU I 202 -107.07 14.56 26.05
N SER I 203 -108.31 14.69 26.50
CA SER I 203 -109.37 15.15 25.62
C SER I 203 -109.62 16.64 25.79
N SER I 204 -109.73 17.11 27.03
CA SER I 204 -110.02 18.50 27.32
C SER I 204 -108.94 19.09 28.24
N PRO I 205 -108.76 20.41 28.23
CA PRO I 205 -107.84 21.03 29.18
C PRO I 205 -108.25 20.75 30.62
N VAL I 206 -107.23 20.53 31.45
CA VAL I 206 -107.43 20.25 32.87
C VAL I 206 -106.83 21.38 33.69
N THR I 207 -107.53 21.79 34.73
CA THR I 207 -107.25 23.03 35.43
C THR I 207 -106.65 22.78 36.79
N LYS I 208 -105.58 23.50 37.10
CA LYS I 208 -105.03 23.58 38.45
C LYS I 208 -104.93 25.05 38.82
N SER I 209 -105.74 25.49 39.77
CA SER I 209 -105.88 26.90 40.08
C SER I 209 -105.68 27.11 41.58
N PHE I 210 -105.57 28.38 41.95
CA PHE I 210 -105.56 28.73 43.37
C PHE I 210 -106.03 30.16 43.51
N ASN I 211 -106.38 30.53 44.74
CA ASN I 211 -106.94 31.83 45.06
C ASN I 211 -106.09 32.47 46.16
N ARG I 212 -105.99 33.79 46.13
CA ARG I 212 -105.09 34.48 47.04
C ARG I 212 -105.62 34.41 48.47
N GLY I 213 -104.71 34.55 49.43
CA GLY I 213 -105.03 34.54 50.84
C GLY I 213 -105.02 33.16 51.46
N GLU I 214 -105.02 32.10 50.65
CA GLU I 214 -104.99 30.73 51.13
C GLU I 214 -103.78 30.02 50.54
N CYS I 215 -102.75 29.86 51.36
CA CYS I 215 -101.48 29.30 50.91
C CYS I 215 -101.60 27.82 50.56
C1 NAG J . 26.64 22.87 48.90
C2 NAG J . 26.79 22.57 50.38
C3 NAG J . 26.23 21.19 50.68
C4 NAG J . 24.78 21.10 50.23
C5 NAG J . 24.63 21.53 48.77
C6 NAG J . 23.19 21.66 48.35
C7 NAG J . 28.57 23.45 51.82
C8 NAG J . 30.03 23.43 52.12
N2 NAG J . 28.17 22.67 50.80
O3 NAG J . 26.34 20.92 52.07
O4 NAG J . 24.31 19.77 50.39
O5 NAG J . 25.25 22.80 48.54
O6 NAG J . 22.92 22.96 47.81
O7 NAG J . 27.77 24.12 52.46
C1 NAG K . 12.84 24.23 22.73
C2 NAG K . 12.47 23.01 21.92
C3 NAG K . 11.98 23.42 20.54
C4 NAG K . 10.83 24.43 20.67
C5 NAG K . 11.22 25.58 21.57
C6 NAG K . 10.08 26.51 21.88
C7 NAG K . 13.76 21.04 22.62
C8 NAG K . 14.97 20.20 22.35
N2 NAG K . 13.58 22.09 21.81
O3 NAG K . 11.54 22.28 19.83
O4 NAG K . 10.47 24.92 19.38
O5 NAG K . 11.72 25.10 22.84
O6 NAG K . 10.52 27.86 22.04
O7 NAG K . 12.98 20.78 23.53
C1 NAG L . 54.77 10.84 24.50
C2 NAG L . 55.52 12.14 24.76
C3 NAG L . 56.88 11.85 25.41
C4 NAG L . 56.68 11.01 26.65
C5 NAG L . 55.90 9.75 26.32
C6 NAG L . 55.59 8.90 27.54
C7 NAG L . 56.39 12.50 22.47
C8 NAG L . 56.42 13.45 21.31
N2 NAG L . 55.68 12.91 23.53
O3 NAG L . 57.52 13.07 25.73
O4 NAG L . 57.96 10.64 27.20
O5 NAG L . 54.64 10.09 25.72
O6 NAG L . 55.38 9.71 28.68
O7 NAG L . 56.97 11.42 22.43
C1 NAG M . 63.77 24.45 3.87
C2 NAG M . 64.77 25.60 4.03
C3 NAG M . 66.01 25.13 4.76
C4 NAG M . 65.63 24.55 6.12
C5 NAG M . 64.65 23.40 5.91
C6 NAG M . 64.14 22.81 7.20
C7 NAG M . 64.57 27.27 2.24
C8 NAG M . 65.04 27.71 0.88
N2 NAG M . 65.12 26.16 2.73
O3 NAG M . 66.90 26.23 4.95
O4 NAG M . 66.79 24.07 6.79
O5 NAG M . 63.50 23.85 5.18
O6 NAG M . 63.75 21.46 7.03
O7 NAG M . 63.71 27.89 2.85
C1 NAG N . 34.45 44.98 -16.87
C2 NAG N . 34.71 45.13 -18.37
C3 NAG N . 34.80 46.60 -18.75
C4 NAG N . 33.55 47.34 -18.29
C5 NAG N . 33.35 47.14 -16.79
C6 NAG N . 32.08 47.75 -16.28
C7 NAG N . 36.00 43.67 -19.86
C8 NAG N . 37.34 43.03 -20.11
N2 NAG N . 35.92 44.43 -18.76
O3 NAG N . 34.94 46.72 -20.16
O4 NAG N . 33.68 48.74 -18.56
O5 NAG N . 33.28 45.74 -16.50
O6 NAG N . 30.97 46.89 -16.48
O7 NAG N . 35.05 43.49 -20.59
C1 NAG O . 80.18 36.30 -50.87
C2 NAG O . 80.66 36.07 -52.29
C3 NAG O . 81.49 37.25 -52.76
C4 NAG O . 80.71 38.54 -52.60
C5 NAG O . 80.21 38.68 -51.15
C6 NAG O . 79.32 39.88 -50.93
C7 NAG O . 80.96 33.74 -52.99
C8 NAG O . 81.88 32.56 -52.99
N2 NAG O . 81.42 34.83 -52.39
O3 NAG O . 81.85 37.08 -54.12
O4 NAG O . 81.54 39.67 -52.90
O5 NAG O . 79.44 37.52 -50.81
O6 NAG O . 79.55 40.86 -51.94
O7 NAG O . 79.85 33.70 -53.51
C1 NAG P . 34.35 -45.77 4.38
C2 NAG P . 34.30 -47.17 5.00
C3 NAG P . 35.64 -47.52 5.65
C4 NAG P . 36.78 -47.32 4.66
C5 NAG P . 36.73 -45.91 4.11
C6 NAG P . 37.79 -45.65 3.06
C7 NAG P . 33.10 -46.53 7.07
C8 NAG P . 31.91 -46.82 7.93
N2 NAG P . 33.21 -47.29 5.97
O3 NAG P . 35.60 -48.89 6.08
O4 NAG P . 38.03 -47.53 5.31
O5 NAG P . 35.47 -45.69 3.48
O6 NAG P . 37.54 -44.44 2.36
O7 NAG P . 33.92 -45.68 7.37
C1 NAG Q . 1.00 -59.65 -9.66
C2 NAG Q . 0.21 -60.80 -10.24
C3 NAG Q . -0.93 -60.26 -11.09
C4 NAG Q . -1.82 -59.35 -10.24
C5 NAG Q . -0.98 -58.26 -9.57
C6 NAG Q . -1.77 -57.46 -8.56
C7 NAG Q . 0.85 -63.00 -11.10
C8 NAG Q . 1.83 -63.77 -11.96
N2 NAG Q . 1.06 -61.69 -11.03
O3 NAG Q . -1.71 -61.35 -11.59
O4 NAG Q . -2.81 -58.74 -11.06
O5 NAG Q . 0.13 -58.84 -8.86
O6 NAG Q . -1.34 -57.72 -7.23
O7 NAG Q . -0.08 -63.55 -10.53
C1 NAG R . 7.75 -34.47 4.85
C2 NAG R . 7.00 -33.31 5.47
C3 NAG R . 7.96 -32.41 6.22
C4 NAG R . 8.74 -33.23 7.26
C5 NAG R . 9.39 -34.44 6.60
C6 NAG R . 10.02 -35.39 7.59
C7 NAG R . 4.94 -32.56 4.36
C8 NAG R . 4.36 -31.73 3.26
N2 NAG R . 6.28 -32.55 4.46
O3 NAG R . 7.23 -31.37 6.87
O4 NAG R . 9.74 -32.42 7.85
O5 NAG R . 8.42 -35.20 5.86
O6 NAG R . 10.86 -36.33 6.95
O7 NAG R . 4.24 -33.21 5.12
C1 NAG S . 27.45 -42.59 -32.93
C2 NAG S . 28.37 -43.78 -32.65
C3 NAG S . 28.64 -44.55 -33.93
C4 NAG S . 27.33 -44.94 -34.61
C5 NAG S . 26.47 -43.71 -34.82
C6 NAG S . 25.10 -44.02 -35.39
C7 NAG S . 30.53 -42.58 -32.62
C8 NAG S . 31.74 -42.26 -31.81
N2 NAG S . 29.62 -43.35 -32.03
O3 NAG S . 29.40 -45.72 -33.65
O4 NAG S . 27.59 -45.56 -35.86
O5 NAG S . 26.25 -43.04 -33.58
O6 NAG S . 24.56 -45.19 -34.80
O7 NAG S . 30.38 -42.14 -33.76
C1 NAG T . 51.79 -35.78 -25.28
C2 NAG T . 53.08 -36.61 -25.18
C3 NAG T . 53.35 -37.30 -26.51
C4 NAG T . 52.16 -38.17 -26.89
C5 NAG T . 50.91 -37.31 -26.96
C6 NAG T . 49.66 -38.13 -27.21
C7 NAG T . 54.67 -35.76 -23.53
C8 NAG T . 55.85 -34.87 -23.28
N2 NAG T . 54.21 -35.79 -24.78
O3 NAG T . 54.53 -38.10 -26.39
O4 NAG T . 52.39 -38.79 -28.15
O5 NAG T . 50.70 -36.62 -25.72
O6 NAG T . 49.46 -39.10 -26.20
O7 NAG T . 54.17 -36.44 -22.63
C1 NAG U . 54.16 -19.22 12.16
C2 NAG U . 54.98 -17.93 12.28
C3 NAG U . 56.17 -18.14 13.22
C4 NAG U . 55.69 -18.67 14.56
C5 NAG U . 54.88 -19.94 14.35
C6 NAG U . 54.29 -20.48 15.63
C7 NAG U . 55.02 -16.32 10.44
C8 NAG U . 55.58 -15.98 9.09
N2 NAG U . 55.42 -17.46 10.98
O3 NAG U . 56.85 -16.91 13.39
O4 NAG U . 56.81 -18.96 15.39
O5 NAG U . 53.77 -19.68 13.47
O6 NAG U . 54.15 -19.45 16.61
O7 NAG U . 54.23 -15.57 11.02
C1 NAG V . 99.60 -3.78 -19.38
C2 NAG V . 100.41 -2.51 -19.27
C3 NAG V . 101.85 -2.84 -18.88
C4 NAG V . 101.87 -3.68 -17.62
C5 NAG V . 100.98 -4.90 -17.79
C6 NAG V . 100.86 -5.72 -16.53
C7 NAG V . 100.08 -0.47 -20.60
C8 NAG V . 100.09 0.14 -21.97
N2 NAG V . 100.39 -1.76 -20.52
O3 NAG V . 102.57 -1.63 -18.68
O4 NAG V . 103.20 -4.09 -17.32
O5 NAG V . 99.65 -4.49 -18.16
O6 NAG V . 100.43 -4.92 -15.43
O7 NAG V . 99.79 0.19 -19.60
C1 NAG W . -1.70 7.98 -55.16
C2 NAG W . -2.57 8.23 -56.40
C3 NAG W . -2.07 7.41 -57.59
C4 NAG W . -0.57 7.63 -57.80
C5 NAG W . 0.19 7.35 -56.52
C6 NAG W . 1.66 7.63 -56.63
C7 NAG W . -4.45 6.73 -55.80
C8 NAG W . -5.92 6.65 -55.57
N2 NAG W . -3.97 7.94 -56.14
O3 NAG W . -2.79 7.78 -58.76
O4 NAG W . -0.10 6.76 -58.82
O5 NAG W . -0.32 8.21 -55.48
O6 NAG W . 2.16 8.26 -55.46
O7 NAG W . -3.71 5.76 -55.67
C1 NAG X . -22.33 38.23 -40.26
C2 NAG X . -23.16 39.49 -40.45
C3 NAG X . -23.20 40.28 -39.15
C4 NAG X . -23.73 39.42 -38.03
C5 NAG X . -22.96 38.10 -37.92
C6 NAG X . -23.58 37.12 -36.97
C7 NAG X . -23.32 40.60 -42.63
C8 NAG X . -22.61 41.44 -43.64
N2 NAG X . -22.62 40.29 -41.53
O3 NAG X . -24.02 41.43 -39.33
O4 NAG X . -23.64 40.12 -36.79
O5 NAG X . -22.90 37.44 -39.21
O6 NAG X . -24.84 36.67 -37.43
O7 NAG X . -24.47 40.21 -42.79
C1 NAG Y . -14.30 11.71 -28.84
C2 NAG Y . -13.95 11.26 -27.43
C3 NAG Y . -13.13 9.99 -27.48
C4 NAG Y . -13.88 8.92 -28.28
C5 NAG Y . -14.30 9.46 -29.64
C6 NAG Y . -15.19 8.51 -30.41
C7 NAG Y . -13.86 13.27 -26.01
C8 NAG Y . -12.98 14.25 -25.33
N2 NAG Y . -13.24 12.30 -26.71
O3 NAG Y . -12.89 9.52 -26.15
O4 NAG Y . -13.04 7.78 -28.46
O5 NAG Y . -15.02 10.68 -29.51
O6 NAG Y . -15.73 9.13 -31.56
O7 NAG Y . -15.09 13.34 -25.95
C1 NAG Z . 16.47 38.97 -43.20
C2 NAG Z . 16.36 38.94 -44.74
C3 NAG Z . 16.87 40.25 -45.34
C4 NAG Z . 16.17 41.44 -44.71
C5 NAG Z . 16.33 41.38 -43.20
C6 NAG Z . 15.57 42.47 -42.48
C7 NAG Z . 18.38 37.62 -45.24
C8 NAG Z . 18.90 36.37 -45.88
N2 NAG Z . 17.06 37.79 -45.30
O3 NAG Z . 16.65 40.24 -46.75
O4 NAG Z . 16.72 42.65 -45.19
O5 NAG Z . 15.81 40.13 -42.70
O6 NAG Z . 15.12 43.47 -43.39
O7 NAG Z . 19.13 38.43 -44.69
C1 NAG AA . 31.00 21.46 -55.93
C2 NAG AA . 31.58 21.30 -57.32
C3 NAG AA . 32.08 22.64 -57.85
C4 NAG AA . 30.94 23.64 -57.85
C5 NAG AA . 30.39 23.78 -56.43
C6 NAG AA . 29.19 24.69 -56.36
C7 NAG AA . 32.45 19.01 -57.56
C8 NAG AA . 33.67 18.14 -57.53
N2 NAG AA . 32.66 20.32 -57.33
O3 NAG AA . 32.58 22.47 -59.17
O4 NAG AA . 31.41 24.92 -58.28
O5 NAG AA . 29.97 22.49 -55.94
O6 NAG AA . 28.49 24.72 -57.60
O7 NAG AA . 31.33 18.56 -57.78
C1 NAG BA . 18.53 -17.63 -51.63
C2 NAG BA . 19.70 -18.61 -51.57
C3 NAG BA . 19.54 -19.71 -52.61
C4 NAG BA . 18.20 -20.40 -52.43
C5 NAG BA . 17.07 -19.35 -52.49
C6 NAG BA . 15.71 -19.95 -52.22
C7 NAG BA . 22.13 -18.35 -51.26
C8 NAG BA . 23.34 -17.51 -51.56
N2 NAG BA . 20.97 -17.92 -51.76
O3 NAG BA . 20.59 -20.66 -52.46
O4 NAG BA . 18.00 -21.35 -53.46
O5 NAG BA . 17.30 -18.35 -51.48
O6 NAG BA . 15.42 -19.97 -50.84
O7 NAG BA . 22.20 -19.38 -50.59
C1 NAG CA . 74.71 -16.26 -66.36
C2 NAG CA . 75.54 -17.53 -66.19
C3 NAG CA . 76.01 -18.02 -67.55
C4 NAG CA . 74.83 -18.19 -68.50
C5 NAG CA . 74.03 -16.89 -68.56
C6 NAG CA . 72.77 -17.01 -69.39
C7 NAG CA . 76.57 -17.18 -63.98
C8 NAG CA . 77.84 -16.95 -63.24
N2 NAG CA . 76.67 -17.29 -65.32
O3 NAG CA . 76.69 -19.27 -67.38
O4 NAG CA . 75.30 -18.52 -69.80
O5 NAG CA . 73.62 -16.51 -67.24
O6 NAG CA . 72.16 -15.75 -69.58
O7 NAG CA . 75.48 -17.28 -63.41
#